data_5TRM
#
_entry.id   5TRM
#
_cell.length_a   173.474
_cell.length_b   173.474
_cell.length_c   347.637
_cell.angle_alpha   90.000
_cell.angle_beta   90.000
_cell.angle_gamma   90.000
#
_symmetry.space_group_name_H-M   'P 41 21 2'
#
_entity_poly.entity_id   1
_entity_poly.type   'polypeptide(L)'
_entity_poly.pdbx_seq_one_letter_code
;GSGIIEFHVIGNSLTPKANRRVLLWLVGLQNVFSHQLPRMPKEYIARLVFDPKHKTLALIKDGRVIGGICFRMFPTQGFT
EIVFCAVTSNEQVKGYGTHLMNHLKEYHIKHNILYFLTYADEYAIGYFKKQGFSKDIKVPKSRYLGYIKDYEGATLMECE
LNPRIPYT
;
_entity_poly.pdbx_strand_id   A,W,V,U,T,S,R,Q,P,O,N,M,L,K,J,F,C,B,D,E,G,H,I,X
#
# COMPACT_ATOMS: atom_id res chain seq x y z
N ILE A 4 23.23 7.33 48.35
CA ILE A 4 23.33 7.38 46.89
C ILE A 4 22.51 8.54 46.35
N ILE A 5 23.20 9.49 45.72
CA ILE A 5 22.57 10.75 45.30
C ILE A 5 22.68 10.89 43.80
N GLU A 6 21.55 11.09 43.14
CA GLU A 6 21.47 11.32 41.71
C GLU A 6 20.88 12.71 41.45
N PHE A 7 21.24 13.29 40.32
CA PHE A 7 20.63 14.52 39.83
C PHE A 7 19.96 14.24 38.51
N HIS A 8 18.67 14.57 38.40
CA HIS A 8 17.93 14.36 37.17
C HIS A 8 17.16 15.62 36.82
N VAL A 9 17.33 16.11 35.61
CA VAL A 9 16.45 17.13 35.07
C VAL A 9 15.25 16.42 34.47
N ILE A 10 14.06 16.67 35.03
CA ILE A 10 12.85 15.98 34.64
C ILE A 10 11.78 17.01 34.34
N GLY A 11 10.68 16.54 33.75
CA GLY A 11 9.55 17.40 33.52
C GLY A 11 8.41 16.62 32.89
N ASN A 12 7.22 17.19 33.02
CA ASN A 12 6.05 16.71 32.30
C ASN A 12 6.13 17.24 30.87
N SER A 13 5.73 16.42 29.91
CA SER A 13 5.88 16.82 28.52
C SER A 13 4.63 16.46 27.73
N LEU A 14 4.61 16.94 26.48
CA LEU A 14 3.48 16.83 25.56
C LEU A 14 2.26 17.61 26.06
N ALA A 18 4.12 10.86 31.80
CA ALA A 18 5.49 10.53 31.45
C ALA A 18 5.84 9.11 31.86
N ASN A 19 7.04 8.94 32.38
CA ASN A 19 7.38 7.74 33.11
C ASN A 19 6.73 7.81 34.48
N ARG A 20 6.22 6.67 34.95
CA ARG A 20 5.67 6.65 36.30
C ARG A 20 6.73 7.04 37.32
N ARG A 21 7.95 6.51 37.18
CA ARG A 21 9.02 6.91 38.08
C ARG A 21 9.22 8.41 38.06
N VAL A 22 9.19 9.02 36.88
CA VAL A 22 9.30 10.47 36.80
C VAL A 22 8.03 11.11 37.36
N LEU A 23 6.88 10.57 37.01
CA LEU A 23 5.63 11.13 37.50
C LEU A 23 5.61 11.19 39.02
N LEU A 24 6.03 10.11 39.68
CA LEU A 24 6.06 10.13 41.14
C LEU A 24 7.09 11.11 41.66
N TRP A 25 8.19 11.30 40.93
CA TRP A 25 9.18 12.29 41.34
C TRP A 25 8.64 13.70 41.28
N LEU A 26 7.78 13.96 40.30
CA LEU A 26 7.13 15.25 40.21
C LEU A 26 6.13 15.44 41.35
N VAL A 27 5.46 14.36 41.75
CA VAL A 27 4.62 14.48 42.91
C VAL A 27 5.45 14.73 44.16
N GLY A 28 6.60 14.07 44.25
CA GLY A 28 7.46 14.27 45.40
C GLY A 28 8.08 15.66 45.42
N LEU A 29 8.39 16.20 44.24
CA LEU A 29 8.90 17.56 44.20
C LEU A 29 7.82 18.55 44.59
N GLN A 30 6.62 18.41 44.02
CA GLN A 30 5.52 19.29 44.38
C GLN A 30 5.25 19.26 45.88
N ASN A 31 5.36 18.08 46.50
CA ASN A 31 5.17 17.96 47.94
C ASN A 31 6.19 18.76 48.71
N VAL A 32 7.47 18.61 48.35
CA VAL A 32 8.52 19.36 49.02
C VAL A 32 8.31 20.85 48.85
N PHE A 33 8.06 21.29 47.62
CA PHE A 33 7.86 22.72 47.38
C PHE A 33 6.67 23.25 48.18
N SER A 34 5.60 22.46 48.28
CA SER A 34 4.44 22.90 49.05
C SER A 34 4.76 23.05 50.54
N HIS A 35 5.67 22.24 51.05
CA HIS A 35 5.92 22.24 52.47
C HIS A 35 6.80 23.42 52.89
N GLN A 36 7.82 23.75 52.09
CA GLN A 36 8.74 24.82 52.44
C GLN A 36 8.29 26.18 51.92
N LEU A 37 7.10 26.25 51.34
CA LEU A 37 6.54 27.48 50.80
C LEU A 37 5.05 27.49 51.06
N PRO A 38 4.66 27.41 52.33
CA PRO A 38 3.30 26.96 52.67
C PRO A 38 2.22 27.96 52.34
N ARG A 39 2.55 29.19 51.97
CA ARG A 39 1.49 30.14 51.70
C ARG A 39 1.01 30.07 50.27
N MET A 40 1.93 29.85 49.33
CA MET A 40 1.54 29.67 47.95
C MET A 40 0.66 28.43 47.82
N PRO A 41 -0.36 28.47 46.97
CA PRO A 41 -1.33 27.38 46.93
C PRO A 41 -0.71 26.08 46.43
N LYS A 42 -1.30 24.97 46.89
CA LYS A 42 -0.93 23.66 46.37
C LYS A 42 -1.15 23.58 44.87
N GLU A 43 -2.32 24.05 44.42
CA GLU A 43 -2.69 23.92 43.01
C GLU A 43 -1.74 24.68 42.12
N TYR A 44 -1.25 25.84 42.58
CA TYR A 44 -0.36 26.64 41.78
C TYR A 44 0.99 25.95 41.62
N ILE A 45 1.56 25.43 42.70
CA ILE A 45 2.82 24.72 42.59
C ILE A 45 2.67 23.53 41.65
N ALA A 46 1.60 22.76 41.80
CA ALA A 46 1.45 21.59 40.96
C ALA A 46 1.29 22.01 39.50
N ARG A 47 0.64 23.13 39.27
CA ARG A 47 0.43 23.59 37.91
C ARG A 47 1.75 23.93 37.23
N LEU A 48 2.66 24.60 37.95
CA LEU A 48 3.93 24.97 37.35
C LEU A 48 4.88 23.78 37.27
N VAL A 49 4.95 22.98 38.34
CA VAL A 49 5.80 21.80 38.34
C VAL A 49 5.43 20.86 37.21
N PHE A 50 4.13 20.73 36.92
CA PHE A 50 3.66 19.84 35.87
C PHE A 50 3.43 20.53 34.52
N ASP A 51 3.68 21.84 34.42
CA ASP A 51 3.52 22.52 33.14
C ASP A 51 4.62 22.08 32.17
N PRO A 52 4.29 21.84 30.90
CA PRO A 52 5.31 21.29 29.98
C PRO A 52 6.50 22.19 29.75
N LYS A 53 6.35 23.50 29.85
CA LYS A 53 7.47 24.40 29.66
C LYS A 53 8.33 24.56 30.91
N HIS A 54 7.96 23.97 32.03
CA HIS A 54 8.81 24.00 33.21
C HIS A 54 9.59 22.71 33.32
N LYS A 55 10.76 22.79 33.93
CA LYS A 55 11.60 21.63 34.17
C LYS A 55 12.11 21.71 35.61
N THR A 56 12.48 20.57 36.16
CA THR A 56 12.92 20.53 37.54
C THR A 56 14.19 19.72 37.64
N LEU A 57 15.21 20.30 38.25
CA LEU A 57 16.40 19.55 38.58
C LEU A 57 16.13 18.85 39.90
N ALA A 58 15.92 17.54 39.86
CA ALA A 58 15.52 16.79 41.03
C ALA A 58 16.73 16.23 41.75
N LEU A 59 16.75 16.35 43.08
CA LEU A 59 17.79 15.79 43.93
C LEU A 59 17.25 14.50 44.54
N ILE A 60 17.70 13.37 43.99
CA ILE A 60 17.23 12.05 44.40
C ILE A 60 18.24 11.41 45.33
N LYS A 61 17.79 10.94 46.49
CA LYS A 61 18.62 10.14 47.37
C LYS A 61 17.87 8.87 47.74
N ASP A 62 18.50 7.73 47.47
CA ASP A 62 17.88 6.42 47.71
C ASP A 62 16.52 6.34 47.03
N GLY A 63 16.46 6.82 45.79
CA GLY A 63 15.28 6.68 44.96
C GLY A 63 14.15 7.62 45.25
N ARG A 64 14.32 8.57 46.17
CA ARG A 64 13.25 9.50 46.50
C ARG A 64 13.78 10.93 46.51
N VAL A 65 12.89 11.86 46.16
CA VAL A 65 13.25 13.26 46.04
C VAL A 65 13.47 13.87 47.41
N ILE A 66 14.62 14.51 47.59
CA ILE A 66 14.90 15.29 48.79
C ILE A 66 15.07 16.78 48.49
N GLY A 67 15.04 17.17 47.23
CA GLY A 67 15.25 18.56 46.88
C GLY A 67 15.06 18.77 45.40
N GLY A 68 15.03 20.03 45.01
CA GLY A 68 14.88 20.34 43.62
C GLY A 68 14.93 21.83 43.37
N ILE A 69 15.13 22.17 42.11
CA ILE A 69 14.96 23.53 41.62
C ILE A 69 14.08 23.45 40.39
N CYS A 70 12.88 24.03 40.49
CA CYS A 70 11.96 24.11 39.35
C CYS A 70 12.26 25.40 38.60
N PHE A 71 12.59 25.29 37.32
CA PHE A 71 12.97 26.42 36.50
C PHE A 71 12.21 26.40 35.19
N ARG A 72 12.16 27.56 34.53
CA ARG A 72 11.55 27.70 33.22
C ARG A 72 12.51 28.48 32.32
N MET A 73 13.03 27.81 31.31
CA MET A 73 13.94 28.45 30.39
C MET A 73 13.20 29.36 29.44
N PHE A 74 13.75 30.56 29.22
CA PHE A 74 13.24 31.53 28.27
C PHE A 74 14.32 31.78 27.22
N PRO A 75 14.53 30.83 26.31
CA PRO A 75 15.70 30.93 25.43
C PRO A 75 15.60 32.08 24.43
N THR A 76 14.41 32.49 24.05
CA THR A 76 14.30 33.67 23.20
C THR A 76 14.76 34.92 23.93
N GLN A 77 14.61 34.94 25.26
CA GLN A 77 14.93 36.10 26.07
C GLN A 77 16.31 36.03 26.69
N GLY A 78 16.96 34.87 26.66
CA GLY A 78 18.32 34.73 27.09
C GLY A 78 18.51 34.37 28.54
N PHE A 79 17.46 33.97 29.24
CA PHE A 79 17.59 33.70 30.66
C PHE A 79 16.65 32.56 31.05
N THR A 80 16.83 32.10 32.28
CA THR A 80 15.98 31.12 32.92
C THR A 80 15.39 31.73 34.18
N GLU A 81 14.10 31.55 34.36
CA GLU A 81 13.41 31.92 35.59
C GLU A 81 13.50 30.77 36.58
N ILE A 82 13.98 31.06 37.77
CA ILE A 82 13.96 30.07 38.84
C ILE A 82 12.68 30.25 39.64
N VAL A 83 11.89 29.19 39.70
CA VAL A 83 10.53 29.27 40.20
C VAL A 83 10.49 28.74 41.62
N PHE A 84 10.94 27.52 41.80
CA PHE A 84 10.87 26.84 43.07
C PHE A 84 12.24 26.29 43.39
N CYS A 85 12.62 26.38 44.65
CA CYS A 85 13.94 25.95 45.09
C CYS A 85 13.80 25.45 46.51
N ALA A 86 14.11 24.18 46.76
CA ALA A 86 13.89 23.65 48.10
C ALA A 86 14.73 22.41 48.34
N VAL A 87 15.08 22.19 49.61
CA VAL A 87 15.67 20.95 50.07
C VAL A 87 14.93 20.53 51.33
N THR A 88 14.53 19.26 51.40
CA THR A 88 13.68 18.82 52.50
C THR A 88 14.43 18.98 53.83
N SER A 89 13.63 19.10 54.90
CA SER A 89 14.17 19.51 56.20
C SER A 89 15.22 18.53 56.71
N ASN A 90 14.92 17.22 56.67
CA ASN A 90 15.84 16.23 57.20
C ASN A 90 17.17 16.20 56.45
N GLU A 91 17.30 16.91 55.34
CA GLU A 91 18.51 16.85 54.55
C GLU A 91 19.16 18.21 54.35
N GLN A 92 18.71 19.24 55.05
CA GLN A 92 19.32 20.56 54.93
C GLN A 92 20.69 20.57 55.59
N VAL A 93 21.28 21.76 55.66
CA VAL A 93 22.61 22.04 56.21
C VAL A 93 23.57 20.89 55.91
N LYS A 94 23.58 20.45 54.65
CA LYS A 94 24.58 19.48 54.20
C LYS A 94 25.17 19.89 52.85
N GLY A 95 25.02 21.15 52.46
CA GLY A 95 25.54 21.60 51.19
C GLY A 95 24.83 21.05 49.98
N TYR A 96 23.63 20.49 50.17
CA TYR A 96 22.89 20.01 49.02
C TYR A 96 22.38 21.16 48.18
N GLY A 97 21.91 22.24 48.81
CA GLY A 97 21.44 23.39 48.07
C GLY A 97 22.47 23.94 47.11
N THR A 98 23.74 23.87 47.49
CA THR A 98 24.81 24.36 46.62
C THR A 98 25.06 23.41 45.45
N HIS A 99 25.09 22.11 45.70
CA HIS A 99 25.26 21.15 44.60
C HIS A 99 24.10 21.22 43.63
N LEU A 100 22.89 21.47 44.14
CA LEU A 100 21.75 21.67 43.27
C LEU A 100 21.97 22.86 42.34
N MET A 101 22.42 23.98 42.92
CA MET A 101 22.58 25.19 42.13
C MET A 101 23.70 25.04 41.10
N ASN A 102 24.76 24.32 41.44
CA ASN A 102 25.86 24.18 40.50
C ASN A 102 25.52 23.19 39.40
N HIS A 103 24.69 22.19 39.68
CA HIS A 103 24.19 21.37 38.59
C HIS A 103 23.23 22.17 37.71
N LEU A 104 22.47 23.09 38.29
CA LEU A 104 21.62 23.94 37.47
C LEU A 104 22.45 24.87 36.61
N LYS A 105 23.58 25.34 37.14
CA LYS A 105 24.42 26.25 36.38
C LYS A 105 25.10 25.53 35.24
N GLU A 106 25.63 24.34 35.50
CA GLU A 106 26.26 23.56 34.45
C GLU A 106 25.27 23.21 33.36
N TYR A 107 24.06 22.79 33.74
CA TYR A 107 23.04 22.43 32.75
C TYR A 107 22.72 23.61 31.85
N HIS A 108 22.77 24.82 32.39
CA HIS A 108 22.41 25.99 31.63
C HIS A 108 23.53 26.49 30.72
N ILE A 109 24.78 26.50 31.19
CA ILE A 109 25.84 26.90 30.27
C ILE A 109 25.91 25.95 29.10
N LYS A 110 25.78 24.65 29.37
CA LYS A 110 25.70 23.69 28.28
C LYS A 110 24.47 23.86 27.42
N HIS A 111 23.55 24.77 27.76
CA HIS A 111 22.36 25.01 26.95
C HIS A 111 22.28 26.46 26.49
N ASN A 112 23.39 27.20 26.56
CA ASN A 112 23.51 28.52 25.98
C ASN A 112 22.64 29.53 26.69
N ILE A 113 22.46 29.36 28.00
CA ILE A 113 21.74 30.32 28.83
C ILE A 113 22.65 30.73 29.97
N LEU A 114 22.86 32.03 30.12
CA LEU A 114 23.89 32.56 31.00
C LEU A 114 23.37 33.49 32.10
N TYR A 115 22.06 33.63 32.26
CA TYR A 115 21.50 34.49 33.29
C TYR A 115 20.30 33.79 33.93
N PHE A 116 20.23 33.88 35.25
CA PHE A 116 19.10 33.42 36.04
C PHE A 116 18.38 34.63 36.62
N LEU A 117 17.07 34.59 36.65
CA LEU A 117 16.28 35.58 37.35
C LEU A 117 15.34 34.84 38.28
N THR A 118 15.17 35.35 39.48
CA THR A 118 14.30 34.71 40.44
C THR A 118 13.73 35.78 41.34
N TYR A 119 12.48 35.61 41.75
CA TYR A 119 11.89 36.51 42.74
C TYR A 119 12.07 35.86 44.10
N ALA A 120 13.09 36.31 44.84
CA ALA A 120 13.47 35.67 46.08
C ALA A 120 12.62 36.20 47.24
N ASP A 121 11.94 35.29 47.93
CA ASP A 121 11.29 35.60 49.18
C ASP A 121 12.33 36.02 50.21
N GLU A 122 11.91 36.86 51.16
CA GLU A 122 12.81 37.38 52.19
C GLU A 122 13.47 36.25 52.98
N TYR A 123 12.77 35.13 53.16
CA TYR A 123 13.40 33.99 53.80
C TYR A 123 14.37 33.27 52.87
N ALA A 124 14.41 33.61 51.58
CA ALA A 124 15.26 32.94 50.64
C ALA A 124 16.49 33.74 50.23
N ILE A 125 16.48 35.06 50.44
CA ILE A 125 17.51 35.92 49.86
C ILE A 125 18.91 35.41 50.19
N GLY A 126 19.13 35.07 51.46
CA GLY A 126 20.47 34.70 51.90
C GLY A 126 21.03 33.51 51.15
N TYR A 127 20.17 32.56 50.79
CA TYR A 127 20.61 31.43 50.00
C TYR A 127 21.08 31.88 48.62
N PHE A 128 20.28 32.73 47.97
CA PHE A 128 20.64 33.16 46.62
C PHE A 128 21.89 34.02 46.64
N LYS A 129 22.08 34.84 47.68
CA LYS A 129 23.31 35.61 47.73
C LYS A 129 24.50 34.71 47.99
N LYS A 130 24.31 33.65 48.78
CA LYS A 130 25.38 32.67 48.93
C LYS A 130 25.67 31.97 47.62
N GLN A 131 24.67 31.81 46.76
CA GLN A 131 24.86 31.14 45.49
C GLN A 131 25.30 32.07 44.37
N GLY A 132 25.45 33.35 44.65
CA GLY A 132 26.00 34.28 43.69
C GLY A 132 25.02 35.26 43.11
N PHE A 133 23.83 35.39 43.69
CA PHE A 133 22.82 36.27 43.15
C PHE A 133 23.03 37.70 43.66
N SER A 134 22.44 38.65 42.95
CA SER A 134 22.58 40.06 43.26
C SER A 134 21.24 40.76 43.05
N LYS A 135 21.02 41.83 43.81
CA LYS A 135 19.83 42.65 43.64
C LYS A 135 19.94 43.62 42.50
N ASP A 136 21.11 43.77 41.89
CA ASP A 136 21.31 44.68 40.77
C ASP A 136 21.07 43.92 39.47
N ILE A 137 19.99 44.25 38.78
CA ILE A 137 19.54 43.51 37.61
C ILE A 137 20.16 44.14 36.37
N LYS A 138 21.13 43.45 35.77
CA LYS A 138 21.76 43.95 34.55
C LYS A 138 20.79 43.91 33.37
N VAL A 139 20.04 42.82 33.26
CA VAL A 139 19.10 42.63 32.15
C VAL A 139 18.02 43.71 32.20
N PRO A 140 17.65 44.31 31.08
CA PRO A 140 16.66 45.38 31.13
C PRO A 140 15.26 44.87 31.40
N LYS A 141 14.46 45.73 32.02
CA LYS A 141 13.10 45.38 32.39
C LYS A 141 12.29 44.90 31.19
N SER A 142 12.58 45.44 30.01
CA SER A 142 11.91 45.00 28.79
C SER A 142 12.20 43.56 28.43
N ARG A 143 13.18 42.93 29.08
CA ARG A 143 13.48 41.56 28.72
C ARG A 143 12.85 40.56 29.66
N TYR A 144 12.51 40.96 30.87
CA TYR A 144 11.92 40.02 31.81
C TYR A 144 10.51 40.36 32.24
N LEU A 145 10.12 41.63 32.25
CA LEU A 145 8.82 41.99 32.79
C LEU A 145 7.70 41.43 31.93
N GLY A 146 6.81 40.66 32.53
CA GLY A 146 5.75 40.06 31.77
C GLY A 146 6.11 38.74 31.13
N TYR A 147 7.33 38.27 31.35
CA TYR A 147 7.69 36.88 31.08
C TYR A 147 7.88 36.10 32.36
N ILE A 148 8.67 36.61 33.28
CA ILE A 148 8.74 36.03 34.61
C ILE A 148 7.57 36.54 35.43
N LYS A 149 7.12 35.71 36.35
CA LYS A 149 5.98 36.04 37.18
C LYS A 149 6.45 36.88 38.35
N ASP A 150 5.81 38.02 38.54
CA ASP A 150 6.13 38.88 39.67
C ASP A 150 5.53 38.27 40.93
N TYR A 151 6.35 38.15 41.96
CA TYR A 151 5.89 37.74 43.29
C TYR A 151 5.99 38.97 44.19
N GLU A 152 4.85 39.59 44.43
CA GLU A 152 4.81 40.83 45.20
C GLU A 152 5.33 40.58 46.60
N GLY A 153 6.24 41.44 47.06
CA GLY A 153 6.92 41.20 48.31
C GLY A 153 8.32 40.68 48.12
N ALA A 154 8.51 39.79 47.16
CA ALA A 154 9.84 39.28 46.90
C ALA A 154 10.68 40.34 46.19
N THR A 155 11.99 40.14 46.22
CA THR A 155 12.91 41.04 45.57
C THR A 155 13.53 40.30 44.39
N LEU A 156 13.48 40.92 43.22
CA LEU A 156 14.07 40.34 42.03
C LEU A 156 15.56 40.20 42.21
N MET A 157 16.09 39.02 41.93
CA MET A 157 17.51 38.75 42.02
C MET A 157 17.96 38.09 40.75
N GLU A 158 19.26 38.17 40.50
CA GLU A 158 19.80 37.76 39.23
C GLU A 158 21.14 37.12 39.45
N CYS A 159 21.46 36.11 38.66
CA CYS A 159 22.78 35.51 38.69
C CYS A 159 23.32 35.43 37.28
N GLU A 160 24.56 35.89 37.10
CA GLU A 160 25.24 35.82 35.82
C GLU A 160 26.20 34.64 35.83
N LEU A 161 26.14 33.82 34.79
CA LEU A 161 26.87 32.57 34.75
C LEU A 161 28.11 32.72 33.87
N ASN A 162 29.13 31.95 34.19
CA ASN A 162 30.39 32.02 33.46
C ASN A 162 30.65 30.72 32.71
N PRO A 163 30.57 30.71 31.38
CA PRO A 163 30.64 29.47 30.62
C PRO A 163 31.96 28.75 30.75
N ARG A 164 33.03 29.46 31.06
CA ARG A 164 34.34 28.85 31.14
C ARG A 164 34.59 28.20 32.48
N ILE A 165 33.72 28.41 33.47
CA ILE A 165 33.91 27.84 34.80
C ILE A 165 33.34 26.42 34.86
N PRO A 166 34.09 25.46 35.38
CA PRO A 166 33.53 24.15 35.72
C PRO A 166 32.73 24.25 36.99
N TYR A 167 31.40 24.21 36.87
CA TYR A 167 30.56 24.32 38.04
C TYR A 167 30.40 22.99 38.76
N THR A 168 30.18 21.90 38.03
CA THR A 168 30.06 20.59 38.67
C THR A 168 31.42 20.10 39.15
N ILE B 5 14.64 -47.70 9.09
CA ILE B 5 14.13 -47.57 7.72
C ILE B 5 12.88 -46.70 7.66
N GLU B 6 12.82 -45.79 6.69
CA GLU B 6 11.63 -44.99 6.43
C GLU B 6 11.14 -45.21 5.00
N PHE B 7 9.90 -44.80 4.75
CA PHE B 7 9.30 -44.83 3.42
C PHE B 7 8.84 -43.43 3.07
N HIS B 8 9.36 -42.88 1.99
CA HIS B 8 9.00 -41.54 1.57
C HIS B 8 8.44 -41.58 0.15
N VAL B 9 7.30 -40.95 -0.04
CA VAL B 9 6.75 -40.73 -1.38
C VAL B 9 7.31 -39.38 -1.85
N ILE B 10 8.26 -39.44 -2.77
CA ILE B 10 8.98 -38.25 -3.22
C ILE B 10 8.84 -38.11 -4.72
N GLY B 11 9.11 -36.89 -5.19
CA GLY B 11 8.97 -36.59 -6.60
C GLY B 11 9.65 -35.28 -6.92
N ASN B 12 9.28 -34.71 -8.05
CA ASN B 12 9.91 -33.47 -8.50
C ASN B 12 8.84 -32.63 -9.20
N SER B 13 8.19 -31.76 -8.44
CA SER B 13 7.27 -30.78 -9.01
C SER B 13 7.96 -29.44 -9.12
N LEU B 14 7.76 -28.76 -10.26
CA LEU B 14 8.32 -27.44 -10.56
C LEU B 14 9.65 -27.15 -9.85
N ASN B 19 14.67 -28.15 -1.70
CA ASN B 19 15.17 -29.21 -0.85
C ASN B 19 16.17 -30.08 -1.59
N ARG B 20 17.40 -30.10 -1.08
CA ARG B 20 18.44 -30.92 -1.68
C ARG B 20 18.29 -32.38 -1.28
N ARG B 21 17.66 -32.64 -0.14
CA ARG B 21 17.60 -34.00 0.36
C ARG B 21 16.84 -34.91 -0.61
N VAL B 22 15.66 -34.49 -1.05
CA VAL B 22 14.92 -35.36 -1.94
C VAL B 22 15.60 -35.43 -3.30
N LEU B 23 16.31 -34.38 -3.70
CA LEU B 23 16.94 -34.37 -5.02
C LEU B 23 18.06 -35.41 -5.12
N LEU B 24 18.94 -35.45 -4.12
CA LEU B 24 20.01 -36.45 -4.14
C LEU B 24 19.44 -37.85 -3.96
N TRP B 25 18.28 -37.96 -3.33
CA TRP B 25 17.63 -39.26 -3.20
C TRP B 25 17.07 -39.71 -4.53
N LEU B 26 16.53 -38.77 -5.31
CA LEU B 26 16.13 -39.10 -6.66
C LEU B 26 17.31 -39.58 -7.48
N VAL B 27 18.44 -38.88 -7.38
CA VAL B 27 19.65 -39.34 -8.08
C VAL B 27 20.04 -40.73 -7.61
N GLY B 28 20.01 -40.95 -6.29
CA GLY B 28 20.29 -42.28 -5.79
C GLY B 28 19.29 -43.29 -6.29
N LEU B 29 18.04 -42.88 -6.43
CA LEU B 29 17.02 -43.79 -6.97
C LEU B 29 17.32 -44.13 -8.42
N GLN B 30 17.52 -43.11 -9.25
CA GLN B 30 17.82 -43.40 -10.64
C GLN B 30 19.16 -44.10 -10.81
N ASN B 31 20.03 -44.04 -9.80
CA ASN B 31 21.27 -44.82 -9.86
C ASN B 31 20.97 -46.29 -9.59
N VAL B 32 20.19 -46.57 -8.55
CA VAL B 32 19.81 -47.96 -8.26
C VAL B 32 18.96 -48.50 -9.39
N PHE B 33 18.08 -47.67 -9.95
CA PHE B 33 17.23 -48.13 -11.03
C PHE B 33 18.06 -48.50 -12.25
N SER B 34 19.06 -47.70 -12.58
CA SER B 34 19.89 -48.05 -13.73
C SER B 34 20.84 -49.18 -13.42
N HIS B 35 21.28 -49.30 -12.17
CA HIS B 35 22.13 -50.45 -11.84
C HIS B 35 21.33 -51.73 -11.73
N GLN B 36 20.10 -51.68 -11.23
CA GLN B 36 19.47 -52.94 -10.87
C GLN B 36 19.14 -53.77 -12.10
N LEU B 37 18.79 -53.14 -13.23
CA LEU B 37 19.09 -53.80 -14.50
C LEU B 37 19.47 -52.76 -15.55
N PRO B 38 20.66 -52.89 -16.14
CA PRO B 38 21.18 -51.85 -17.06
C PRO B 38 20.50 -51.87 -18.40
N ARG B 39 19.52 -52.76 -18.58
CA ARG B 39 18.83 -52.95 -19.85
C ARG B 39 18.46 -51.64 -20.53
N MET B 40 17.77 -50.78 -19.83
CA MET B 40 17.37 -49.57 -20.52
C MET B 40 18.40 -48.46 -20.33
N PRO B 41 18.46 -47.54 -21.28
CA PRO B 41 19.43 -46.43 -21.20
C PRO B 41 19.32 -45.66 -19.89
N LYS B 42 20.49 -45.35 -19.32
CA LYS B 42 20.53 -44.61 -18.06
C LYS B 42 19.81 -43.27 -18.18
N GLU B 43 19.98 -42.60 -19.31
CA GLU B 43 19.34 -41.30 -19.48
C GLU B 43 17.83 -41.42 -19.50
N TYR B 44 17.31 -42.53 -20.01
CA TYR B 44 15.87 -42.75 -20.04
C TYR B 44 15.31 -42.82 -18.64
N ILE B 45 15.98 -43.57 -17.76
CA ILE B 45 15.55 -43.63 -16.37
C ILE B 45 15.58 -42.25 -15.75
N ALA B 46 16.62 -41.47 -16.04
CA ALA B 46 16.73 -40.15 -15.45
C ALA B 46 15.53 -39.29 -15.84
N ARG B 47 15.18 -39.28 -17.13
CA ARG B 47 14.11 -38.41 -17.59
C ARG B 47 12.80 -38.76 -16.90
N LEU B 48 12.56 -40.04 -16.64
CA LEU B 48 11.29 -40.44 -16.05
C LEU B 48 11.28 -40.27 -14.53
N VAL B 49 12.40 -40.54 -13.87
CA VAL B 49 12.44 -40.37 -12.43
C VAL B 49 12.25 -38.91 -12.05
N PHE B 50 12.72 -37.99 -12.88
CA PHE B 50 12.55 -36.57 -12.63
C PHE B 50 11.35 -35.97 -13.35
N ASP B 51 10.51 -36.80 -13.96
CA ASP B 51 9.28 -36.32 -14.56
C ASP B 51 8.38 -35.75 -13.47
N PRO B 52 7.79 -34.58 -13.67
CA PRO B 52 6.85 -34.05 -12.66
C PRO B 52 5.77 -35.02 -12.26
N LYS B 53 5.07 -35.61 -13.23
CA LYS B 53 3.92 -36.44 -12.91
C LYS B 53 4.28 -37.84 -12.47
N HIS B 54 5.56 -38.18 -12.44
CA HIS B 54 6.01 -39.44 -11.87
C HIS B 54 6.41 -39.23 -10.41
N LYS B 55 6.06 -40.18 -9.57
CA LYS B 55 6.38 -40.12 -8.16
C LYS B 55 7.08 -41.41 -7.77
N THR B 56 7.94 -41.31 -6.77
CA THR B 56 8.71 -42.47 -6.34
C THR B 56 8.55 -42.68 -4.85
N LEU B 57 8.27 -43.92 -4.46
CA LEU B 57 8.25 -44.32 -3.05
C LEU B 57 9.66 -44.80 -2.72
N ALA B 58 10.40 -43.98 -2.01
CA ALA B 58 11.79 -44.28 -1.71
C ALA B 58 11.89 -45.16 -0.48
N LEU B 59 12.61 -46.26 -0.60
CA LEU B 59 12.80 -47.16 0.52
C LEU B 59 14.18 -46.90 1.09
N ILE B 60 14.21 -46.50 2.36
CA ILE B 60 15.34 -45.78 2.91
C ILE B 60 15.91 -46.50 4.11
N LYS B 61 17.23 -46.38 4.24
CA LYS B 61 17.96 -46.77 5.43
C LYS B 61 19.22 -45.92 5.46
N ASP B 62 19.80 -45.77 6.65
CA ASP B 62 21.02 -45.02 6.86
C ASP B 62 20.88 -43.57 6.40
N GLY B 63 19.71 -43.21 5.85
CA GLY B 63 19.63 -42.07 4.97
C GLY B 63 20.00 -42.35 3.53
N ARG B 64 20.33 -43.60 3.18
CA ARG B 64 20.54 -43.95 1.78
C ARG B 64 19.22 -44.24 1.10
N VAL B 65 19.18 -43.94 -0.20
CA VAL B 65 18.28 -44.71 -1.03
C VAL B 65 18.77 -46.15 -1.05
N ILE B 66 17.96 -47.07 -0.54
CA ILE B 66 18.29 -48.48 -0.68
C ILE B 66 17.24 -49.25 -1.46
N GLY B 67 16.18 -48.57 -1.91
CA GLY B 67 15.20 -49.19 -2.77
C GLY B 67 14.22 -48.15 -3.25
N GLY B 68 13.27 -48.60 -4.07
CA GLY B 68 12.26 -47.68 -4.52
C GLY B 68 11.35 -48.29 -5.55
N ILE B 69 10.18 -47.67 -5.68
CA ILE B 69 9.23 -47.97 -6.74
C ILE B 69 8.85 -46.66 -7.40
N CYS B 70 9.17 -46.51 -8.68
CA CYS B 70 8.75 -45.35 -9.45
C CYS B 70 7.44 -45.67 -10.15
N PHE B 71 6.45 -44.81 -9.94
CA PHE B 71 5.11 -45.10 -10.42
C PHE B 71 4.48 -43.85 -11.04
N ARG B 72 3.45 -44.08 -11.85
CA ARG B 72 2.77 -43.01 -12.56
C ARG B 72 1.28 -43.12 -12.29
N MET B 73 0.75 -42.20 -11.49
CA MET B 73 -0.67 -42.22 -11.17
C MET B 73 -1.47 -41.60 -12.29
N PHE B 74 -2.51 -42.31 -12.73
CA PHE B 74 -3.49 -41.80 -13.70
C PHE B 74 -4.85 -41.69 -13.02
N PRO B 75 -5.02 -40.75 -12.09
CA PRO B 75 -6.30 -40.64 -11.38
C PRO B 75 -7.46 -40.34 -12.30
N THR B 76 -7.21 -39.70 -13.43
CA THR B 76 -8.26 -39.56 -14.43
C THR B 76 -8.68 -40.91 -14.98
N GLN B 77 -7.70 -41.78 -15.28
CA GLN B 77 -7.99 -43.08 -15.83
C GLN B 77 -8.16 -44.16 -14.76
N GLY B 78 -7.96 -43.82 -13.49
CA GLY B 78 -8.29 -44.74 -12.42
C GLY B 78 -7.28 -45.82 -12.13
N PHE B 79 -6.02 -45.64 -12.51
CA PHE B 79 -5.01 -46.65 -12.22
C PHE B 79 -3.65 -45.99 -12.06
N THR B 80 -2.67 -46.78 -11.63
CA THR B 80 -1.30 -46.33 -11.50
C THR B 80 -0.39 -47.28 -12.26
N GLU B 81 0.53 -46.73 -13.04
CA GLU B 81 1.54 -47.53 -13.72
C GLU B 81 2.73 -47.76 -12.79
N ILE B 82 3.22 -48.98 -12.76
CA ILE B 82 4.46 -49.31 -12.07
C ILE B 82 5.58 -49.28 -13.09
N VAL B 83 6.48 -48.32 -12.95
CA VAL B 83 7.49 -48.06 -13.97
C VAL B 83 8.81 -48.72 -13.60
N PHE B 84 9.31 -48.42 -12.41
CA PHE B 84 10.58 -48.93 -11.94
C PHE B 84 10.41 -49.49 -10.54
N CYS B 85 11.08 -50.62 -10.29
CA CYS B 85 10.93 -51.32 -9.03
C CYS B 85 12.26 -51.97 -8.66
N ALA B 86 12.90 -51.52 -7.59
CA ALA B 86 14.24 -52.00 -7.29
C ALA B 86 14.55 -51.96 -5.80
N VAL B 87 15.36 -52.93 -5.35
CA VAL B 87 15.96 -52.95 -4.03
C VAL B 87 17.44 -53.22 -4.21
N THR B 88 18.29 -52.43 -3.52
CA THR B 88 19.74 -52.47 -3.76
C THR B 88 20.34 -53.87 -3.66
N SER B 89 21.58 -54.01 -4.16
CA SER B 89 22.16 -55.34 -4.32
C SER B 89 22.43 -56.01 -2.98
N ASN B 90 22.77 -55.23 -1.95
CA ASN B 90 23.14 -55.83 -0.68
C ASN B 90 21.91 -56.25 0.13
N GLU B 91 20.90 -55.36 0.25
CA GLU B 91 19.75 -55.69 1.08
C GLU B 91 18.80 -56.66 0.38
N GLN B 92 19.33 -57.40 -0.59
CA GLN B 92 18.65 -58.51 -1.27
C GLN B 92 18.10 -59.51 -0.26
N VAL B 93 17.16 -60.35 -0.69
CA VAL B 93 16.56 -61.45 0.08
C VAL B 93 16.24 -61.07 1.53
N LYS B 94 15.74 -59.85 1.74
CA LYS B 94 15.25 -59.47 3.06
C LYS B 94 13.80 -59.01 3.03
N GLY B 95 13.07 -59.35 1.97
CA GLY B 95 11.66 -59.02 1.90
C GLY B 95 11.37 -57.54 1.83
N TYR B 96 12.33 -56.73 1.41
CA TYR B 96 12.08 -55.30 1.37
C TYR B 96 11.16 -54.92 0.22
N GLY B 97 11.17 -55.68 -0.87
CA GLY B 97 10.27 -55.38 -1.97
C GLY B 97 8.82 -55.45 -1.57
N THR B 98 8.47 -56.46 -0.77
CA THR B 98 7.09 -56.62 -0.34
C THR B 98 6.68 -55.51 0.62
N HIS B 99 7.56 -55.15 1.56
CA HIS B 99 7.23 -54.03 2.44
C HIS B 99 7.03 -52.75 1.63
N LEU B 100 7.83 -52.57 0.58
CA LEU B 100 7.63 -51.43 -0.31
C LEU B 100 6.28 -51.51 -0.98
N MET B 101 6.02 -52.62 -1.67
CA MET B 101 4.76 -52.77 -2.40
C MET B 101 3.57 -52.55 -1.49
N ASN B 102 3.61 -53.06 -0.27
CA ASN B 102 2.46 -52.93 0.62
C ASN B 102 2.28 -51.50 1.08
N HIS B 103 3.36 -50.75 1.24
CA HIS B 103 3.23 -49.33 1.55
C HIS B 103 2.76 -48.55 0.33
N LEU B 104 3.18 -48.98 -0.86
CA LEU B 104 2.63 -48.41 -2.09
C LEU B 104 1.14 -48.69 -2.19
N LYS B 105 0.72 -49.87 -1.73
CA LYS B 105 -0.69 -50.22 -1.81
C LYS B 105 -1.53 -49.39 -0.85
N GLU B 106 -1.06 -49.18 0.37
CA GLU B 106 -1.89 -48.40 1.29
C GLU B 106 -1.90 -46.93 0.89
N TYR B 107 -0.78 -46.43 0.37
CA TYR B 107 -0.76 -45.05 -0.12
C TYR B 107 -1.79 -44.84 -1.21
N HIS B 108 -2.02 -45.86 -2.03
CA HIS B 108 -2.88 -45.68 -3.19
C HIS B 108 -4.36 -45.78 -2.85
N ILE B 109 -4.74 -46.67 -1.93
CA ILE B 109 -6.15 -46.77 -1.63
C ILE B 109 -6.62 -45.59 -0.78
N LYS B 110 -5.71 -44.91 -0.09
CA LYS B 110 -6.10 -43.66 0.54
C LYS B 110 -6.35 -42.57 -0.48
N HIS B 111 -5.91 -42.76 -1.73
CA HIS B 111 -6.16 -41.83 -2.82
C HIS B 111 -7.24 -42.34 -3.77
N ASN B 112 -7.90 -43.45 -3.42
CA ASN B 112 -8.93 -44.07 -4.24
C ASN B 112 -8.41 -44.39 -5.64
N ILE B 113 -7.34 -45.16 -5.67
CA ILE B 113 -6.83 -45.78 -6.88
C ILE B 113 -6.57 -47.23 -6.52
N LEU B 114 -7.32 -48.14 -7.14
CA LEU B 114 -7.32 -49.53 -6.71
C LEU B 114 -6.79 -50.47 -7.78
N TYR B 115 -6.11 -49.95 -8.79
CA TYR B 115 -5.61 -50.81 -9.85
C TYR B 115 -4.19 -50.40 -10.21
N PHE B 116 -3.29 -51.38 -10.17
CA PHE B 116 -1.92 -51.24 -10.63
C PHE B 116 -1.79 -51.91 -11.98
N LEU B 117 -0.99 -51.33 -12.86
CA LEU B 117 -0.68 -51.90 -14.15
C LEU B 117 0.82 -51.76 -14.40
N THR B 118 1.46 -52.84 -14.85
CA THR B 118 2.88 -52.79 -15.13
C THR B 118 3.23 -53.78 -16.21
N TYR B 119 4.42 -53.60 -16.78
CA TYR B 119 5.03 -54.55 -17.71
C TYR B 119 6.24 -55.19 -17.02
N ALA B 120 6.43 -56.48 -17.25
CA ALA B 120 7.41 -57.26 -16.49
C ALA B 120 8.27 -58.11 -17.42
N ASP B 121 9.57 -58.18 -17.11
CA ASP B 121 10.44 -59.16 -17.75
C ASP B 121 10.07 -60.56 -17.30
N GLU B 122 10.54 -61.55 -18.04
CA GLU B 122 10.14 -62.92 -17.73
C GLU B 122 10.66 -63.37 -16.38
N TYR B 123 11.76 -62.78 -15.90
CA TYR B 123 12.25 -63.11 -14.58
C TYR B 123 11.88 -62.07 -13.53
N ALA B 124 11.89 -60.79 -13.91
CA ALA B 124 11.31 -59.76 -13.07
C ALA B 124 9.83 -60.02 -12.79
N ILE B 125 9.22 -60.96 -13.51
CA ILE B 125 7.83 -61.30 -13.26
C ILE B 125 7.66 -61.88 -11.87
N GLY B 126 8.63 -62.72 -11.42
CA GLY B 126 8.41 -63.54 -10.24
C GLY B 126 7.92 -62.75 -9.05
N TYR B 127 8.39 -61.52 -8.93
CA TYR B 127 8.07 -60.66 -7.80
C TYR B 127 6.62 -60.19 -7.81
N PHE B 128 6.02 -60.06 -9.00
CA PHE B 128 4.71 -59.42 -9.08
C PHE B 128 3.59 -60.34 -8.57
N LYS B 129 3.60 -61.62 -8.96
CA LYS B 129 2.58 -62.50 -8.40
C LYS B 129 2.78 -62.69 -6.91
N LYS B 130 4.02 -62.64 -6.44
CA LYS B 130 4.24 -62.62 -5.01
C LYS B 130 3.57 -61.40 -4.37
N GLN B 131 3.32 -60.36 -5.16
CA GLN B 131 2.63 -59.17 -4.67
C GLN B 131 1.17 -59.13 -5.03
N GLY B 132 0.67 -60.13 -5.76
CA GLY B 132 -0.73 -60.23 -6.08
C GLY B 132 -1.08 -59.90 -7.51
N PHE B 133 -0.10 -59.57 -8.34
CA PHE B 133 -0.39 -59.25 -9.72
C PHE B 133 -0.76 -60.50 -10.51
N SER B 134 -1.49 -60.29 -11.60
CA SER B 134 -1.96 -61.40 -12.43
C SER B 134 -1.95 -60.97 -13.88
N LYS B 135 -1.99 -61.96 -14.77
CA LYS B 135 -2.04 -61.67 -16.20
C LYS B 135 -3.46 -61.44 -16.71
N ASP B 136 -4.49 -61.65 -15.89
CA ASP B 136 -5.87 -61.38 -16.30
C ASP B 136 -6.16 -59.91 -16.06
N ILE B 137 -6.21 -59.13 -17.12
CA ILE B 137 -6.31 -57.67 -17.02
C ILE B 137 -7.79 -57.30 -16.97
N LYS B 138 -8.24 -56.81 -15.81
CA LYS B 138 -9.63 -56.40 -15.68
C LYS B 138 -9.85 -55.00 -16.24
N VAL B 139 -8.86 -54.12 -16.16
CA VAL B 139 -9.00 -52.75 -16.65
C VAL B 139 -9.09 -52.76 -18.17
N PRO B 140 -10.09 -52.12 -18.75
CA PRO B 140 -10.30 -52.22 -20.20
C PRO B 140 -9.13 -51.69 -21.00
N LYS B 141 -8.85 -52.35 -22.13
CA LYS B 141 -7.76 -51.91 -22.98
C LYS B 141 -7.96 -50.47 -23.42
N SER B 142 -9.21 -50.05 -23.57
CA SER B 142 -9.50 -48.69 -23.99
C SER B 142 -9.14 -47.65 -22.96
N ARG B 143 -8.71 -48.05 -21.76
CA ARG B 143 -8.38 -47.09 -20.72
C ARG B 143 -6.89 -46.99 -20.39
N TYR B 144 -6.08 -48.00 -20.72
CA TYR B 144 -4.65 -47.93 -20.47
C TYR B 144 -3.80 -47.77 -21.71
N LEU B 145 -4.27 -48.20 -22.88
CA LEU B 145 -3.44 -48.17 -24.07
C LEU B 145 -3.11 -46.72 -24.43
N GLY B 146 -1.83 -46.46 -24.67
CA GLY B 146 -1.39 -45.12 -24.94
C GLY B 146 -1.09 -44.29 -23.72
N TYR B 147 -1.51 -44.75 -22.54
CA TYR B 147 -1.13 -44.08 -21.29
C TYR B 147 0.06 -44.75 -20.64
N ILE B 148 0.07 -46.05 -20.56
CA ILE B 148 1.24 -46.76 -20.05
C ILE B 148 2.15 -47.10 -21.21
N LYS B 149 3.45 -46.96 -20.99
CA LYS B 149 4.43 -47.20 -22.03
C LYS B 149 4.58 -48.70 -22.23
N ASP B 150 4.21 -49.17 -23.41
CA ASP B 150 4.28 -50.61 -23.71
C ASP B 150 5.73 -51.01 -23.95
N TYR B 151 6.16 -52.03 -23.20
CA TYR B 151 7.41 -52.73 -23.45
C TYR B 151 7.04 -54.08 -24.02
N GLU B 152 7.38 -54.33 -25.28
CA GLU B 152 7.11 -55.66 -25.82
C GLU B 152 8.34 -56.54 -25.67
N GLY B 153 8.08 -57.82 -25.50
CA GLY B 153 9.03 -58.71 -24.85
C GLY B 153 8.53 -58.89 -23.43
N ALA B 154 8.08 -57.80 -22.83
CA ALA B 154 7.56 -57.84 -21.46
C ALA B 154 6.13 -58.35 -21.47
N THR B 155 5.45 -58.24 -20.33
CA THR B 155 4.09 -58.74 -20.21
C THR B 155 3.29 -57.88 -19.25
N LEU B 156 2.04 -57.61 -19.61
CA LEU B 156 1.20 -56.71 -18.83
C LEU B 156 0.58 -57.45 -17.66
N MET B 157 0.68 -56.85 -16.47
CA MET B 157 0.16 -57.44 -15.26
C MET B 157 -0.58 -56.39 -14.44
N GLU B 158 -1.47 -56.86 -13.59
CA GLU B 158 -2.42 -55.99 -12.92
C GLU B 158 -2.65 -56.49 -11.50
N CYS B 159 -2.80 -55.54 -10.57
CA CYS B 159 -3.13 -55.85 -9.19
C CYS B 159 -4.37 -55.07 -8.79
N GLU B 160 -5.33 -55.74 -8.18
CA GLU B 160 -6.53 -55.09 -7.67
C GLU B 160 -6.43 -55.01 -6.16
N LEU B 161 -6.66 -53.82 -5.62
CA LEU B 161 -6.47 -53.52 -4.21
C LEU B 161 -7.81 -53.54 -3.46
N ASN B 162 -7.76 -54.00 -2.22
CA ASN B 162 -8.94 -54.00 -1.39
C ASN B 162 -8.96 -52.75 -0.53
N PRO B 163 -9.97 -51.89 -0.66
CA PRO B 163 -9.98 -50.65 0.11
C PRO B 163 -10.26 -50.83 1.59
N ARG B 164 -11.07 -51.82 1.95
CA ARG B 164 -11.39 -52.02 3.36
C ARG B 164 -10.18 -52.52 4.15
N ILE B 165 -9.30 -53.28 3.51
CA ILE B 165 -8.15 -53.88 4.19
C ILE B 165 -7.05 -52.84 4.31
N PRO B 166 -6.49 -52.61 5.50
CA PRO B 166 -5.22 -51.89 5.58
C PRO B 166 -4.06 -52.79 5.15
N TYR B 167 -3.23 -52.28 4.25
CA TYR B 167 -2.10 -53.05 3.75
C TYR B 167 -0.86 -52.91 4.63
N THR B 168 -0.68 -51.77 5.30
CA THR B 168 0.43 -51.59 6.23
C THR B 168 0.11 -50.54 7.30
N ILE C 5 -31.47 -8.81 -38.67
CA ILE C 5 -31.46 -9.87 -37.69
C ILE C 5 -30.14 -9.93 -36.96
N GLU C 6 -30.18 -10.57 -35.79
CA GLU C 6 -28.99 -10.84 -35.00
C GLU C 6 -29.00 -12.28 -34.48
N PHE C 7 -27.83 -12.90 -34.50
CA PHE C 7 -27.57 -14.17 -33.86
C PHE C 7 -26.60 -13.92 -32.72
N HIS C 8 -27.01 -14.25 -31.50
CA HIS C 8 -26.18 -14.05 -30.32
C HIS C 8 -26.10 -15.35 -29.54
N VAL C 9 -24.87 -15.83 -29.31
CA VAL C 9 -24.67 -16.93 -28.39
C VAL C 9 -24.63 -16.31 -26.99
N ILE C 10 -25.71 -16.47 -26.24
CA ILE C 10 -25.80 -15.96 -24.88
C ILE C 10 -25.87 -17.15 -23.94
N GLY C 11 -25.86 -16.84 -22.66
CA GLY C 11 -25.96 -17.87 -21.65
C GLY C 11 -25.76 -17.28 -20.28
N ASN C 12 -26.38 -17.89 -19.27
CA ASN C 12 -26.26 -17.35 -17.93
C ASN C 12 -24.89 -17.71 -17.35
N SER C 13 -24.15 -16.71 -16.93
CA SER C 13 -22.87 -16.92 -16.25
C SER C 13 -23.09 -16.86 -14.75
N LEU C 14 -22.41 -17.73 -14.02
CA LEU C 14 -22.57 -17.89 -12.57
C LEU C 14 -22.68 -16.57 -11.82
N ALA C 18 -26.73 -9.71 -13.79
CA ALA C 18 -25.63 -9.02 -14.43
C ALA C 18 -26.12 -8.11 -15.56
N ASN C 19 -26.39 -8.71 -16.71
CA ASN C 19 -26.70 -7.96 -17.94
C ASN C 19 -28.21 -8.02 -18.17
N ARG C 20 -28.92 -7.01 -17.63
CA ARG C 20 -30.38 -6.89 -17.65
C ARG C 20 -31.03 -7.41 -18.93
N ARG C 21 -30.40 -7.12 -20.06
CA ARG C 21 -30.97 -7.46 -21.37
C ARG C 21 -30.87 -8.95 -21.65
N VAL C 22 -29.68 -9.53 -21.46
CA VAL C 22 -29.49 -10.92 -21.87
C VAL C 22 -30.35 -11.85 -21.04
N LEU C 23 -30.57 -11.53 -19.76
CA LEU C 23 -31.44 -12.37 -18.97
C LEU C 23 -32.88 -12.30 -19.48
N LEU C 24 -33.35 -11.10 -19.81
CA LEU C 24 -34.68 -10.98 -20.37
C LEU C 24 -34.79 -11.77 -21.67
N TRP C 25 -33.74 -11.75 -22.49
CA TRP C 25 -33.69 -12.64 -23.64
C TRP C 25 -33.81 -14.09 -23.20
N LEU C 26 -33.01 -14.49 -22.20
CA LEU C 26 -33.07 -15.86 -21.71
C LEU C 26 -34.47 -16.21 -21.23
N VAL C 27 -35.17 -15.26 -20.62
CA VAL C 27 -36.54 -15.54 -20.23
C VAL C 27 -37.40 -15.76 -21.46
N GLY C 28 -37.14 -14.99 -22.51
CA GLY C 28 -37.88 -15.19 -23.75
C GLY C 28 -37.66 -16.56 -24.35
N LEU C 29 -36.38 -16.98 -24.44
CA LEU C 29 -36.09 -18.31 -24.97
C LEU C 29 -36.75 -19.39 -24.12
N GLN C 30 -36.72 -19.24 -22.80
CA GLN C 30 -37.44 -20.16 -21.95
C GLN C 30 -38.92 -20.19 -22.33
N ASN C 31 -39.47 -19.06 -22.73
CA ASN C 31 -40.89 -19.04 -23.05
C ASN C 31 -41.16 -19.75 -24.36
N VAL C 32 -40.42 -19.42 -25.41
CA VAL C 32 -40.68 -20.04 -26.70
C VAL C 32 -40.37 -21.54 -26.65
N PHE C 33 -39.33 -21.94 -25.90
CA PHE C 33 -39.08 -23.36 -25.72
C PHE C 33 -40.25 -24.04 -25.05
N SER C 34 -40.84 -23.39 -24.05
CA SER C 34 -41.90 -24.01 -23.27
C SER C 34 -43.22 -24.01 -24.00
N HIS C 35 -43.41 -23.10 -24.95
CA HIS C 35 -44.69 -22.99 -25.64
C HIS C 35 -44.68 -23.69 -27.00
N GLN C 36 -43.51 -24.01 -27.56
CA GLN C 36 -43.42 -24.99 -28.61
C GLN C 36 -43.24 -26.40 -28.09
N LEU C 37 -43.12 -26.57 -26.78
CA LEU C 37 -43.06 -27.89 -26.15
C LEU C 37 -43.89 -27.79 -24.88
N PRO C 38 -45.21 -27.66 -25.00
CA PRO C 38 -46.00 -27.12 -23.90
C PRO C 38 -46.30 -28.09 -22.76
N ARG C 39 -45.64 -29.24 -22.67
CA ARG C 39 -45.91 -30.12 -21.54
C ARG C 39 -44.66 -30.58 -20.81
N MET C 40 -43.48 -30.26 -21.30
CA MET C 40 -42.32 -30.30 -20.43
C MET C 40 -42.48 -29.29 -19.30
N PRO C 41 -42.19 -29.68 -18.06
CA PRO C 41 -42.27 -28.75 -16.95
C PRO C 41 -41.43 -27.52 -17.22
N LYS C 42 -42.09 -26.35 -17.24
CA LYS C 42 -41.38 -25.09 -17.48
C LYS C 42 -40.26 -24.91 -16.48
N GLU C 43 -40.42 -25.49 -15.28
CA GLU C 43 -39.36 -25.50 -14.30
C GLU C 43 -38.12 -26.19 -14.85
N TYR C 44 -38.30 -27.25 -15.64
CA TYR C 44 -37.17 -27.96 -16.21
C TYR C 44 -36.52 -27.17 -17.32
N ILE C 45 -37.32 -26.56 -18.18
CA ILE C 45 -36.76 -25.71 -19.23
C ILE C 45 -36.00 -24.55 -18.61
N ALA C 46 -36.53 -23.96 -17.54
CA ALA C 46 -35.88 -22.80 -16.93
C ALA C 46 -34.51 -23.17 -16.36
N ARG C 47 -34.42 -24.33 -15.70
CA ARG C 47 -33.17 -24.70 -15.07
C ARG C 47 -32.08 -24.97 -16.09
N LEU C 48 -32.44 -25.49 -17.26
CA LEU C 48 -31.42 -25.74 -18.26
C LEU C 48 -31.06 -24.48 -19.02
N VAL C 49 -32.04 -23.64 -19.34
CA VAL C 49 -31.76 -22.40 -20.04
C VAL C 49 -30.85 -21.50 -19.21
N PHE C 50 -31.06 -21.49 -17.90
CA PHE C 50 -30.24 -20.65 -17.01
C PHE C 50 -29.08 -21.41 -16.36
N ASP C 51 -28.78 -22.62 -16.83
CA ASP C 51 -27.65 -23.36 -16.30
C ASP C 51 -26.32 -22.80 -16.82
N PRO C 52 -25.33 -22.67 -15.95
CA PRO C 52 -24.07 -22.04 -16.37
C PRO C 52 -23.33 -22.81 -17.44
N LYS C 53 -23.62 -24.09 -17.62
CA LYS C 53 -22.92 -24.86 -18.64
C LYS C 53 -23.73 -25.07 -19.91
N HIS C 54 -25.02 -24.72 -19.90
CA HIS C 54 -25.79 -24.62 -21.12
C HIS C 54 -25.67 -23.21 -21.68
N LYS C 55 -25.57 -23.09 -22.99
CA LYS C 55 -25.69 -21.80 -23.64
C LYS C 55 -26.67 -21.92 -24.80
N THR C 56 -27.04 -20.78 -25.37
CA THR C 56 -28.10 -20.76 -26.36
C THR C 56 -27.74 -19.80 -27.49
N LEU C 57 -27.77 -20.29 -28.72
CA LEU C 57 -27.69 -19.41 -29.88
C LEU C 57 -29.05 -18.76 -30.05
N ALA C 58 -29.16 -17.50 -29.66
CA ALA C 58 -30.44 -16.81 -29.71
C ALA C 58 -30.63 -16.14 -31.06
N LEU C 59 -31.80 -16.34 -31.65
CA LEU C 59 -32.18 -15.63 -32.87
C LEU C 59 -33.06 -14.46 -32.45
N ILE C 60 -32.53 -13.24 -32.57
CA ILE C 60 -33.20 -12.05 -32.04
C ILE C 60 -33.48 -11.08 -33.19
N LYS C 61 -34.69 -10.49 -33.20
CA LYS C 61 -35.05 -9.48 -34.20
C LYS C 61 -35.61 -8.23 -33.54
N ASP C 62 -34.92 -7.10 -33.73
CA ASP C 62 -35.30 -5.80 -33.19
C ASP C 62 -35.32 -5.85 -31.67
N GLY C 63 -34.46 -6.70 -31.13
CA GLY C 63 -34.32 -6.91 -29.71
C GLY C 63 -35.27 -7.92 -29.11
N ARG C 64 -36.01 -8.66 -29.94
CA ARG C 64 -36.97 -9.65 -29.45
C ARG C 64 -36.48 -11.05 -29.77
N VAL C 65 -36.65 -11.95 -28.81
CA VAL C 65 -36.31 -13.35 -29.01
C VAL C 65 -37.41 -14.00 -29.84
N ILE C 66 -37.05 -14.49 -31.02
CA ILE C 66 -37.98 -15.21 -31.85
C ILE C 66 -37.57 -16.67 -32.03
N GLY C 67 -36.34 -17.03 -31.73
CA GLY C 67 -35.95 -18.43 -31.83
C GLY C 67 -34.59 -18.63 -31.19
N GLY C 68 -34.25 -19.89 -31.03
CA GLY C 68 -32.97 -20.23 -30.48
C GLY C 68 -32.76 -21.72 -30.48
N ILE C 69 -31.50 -22.10 -30.21
CA ILE C 69 -31.11 -23.48 -29.98
C ILE C 69 -30.35 -23.50 -28.66
N CYS C 70 -30.89 -24.18 -27.66
CA CYS C 70 -30.20 -24.36 -26.40
C CYS C 70 -29.35 -25.63 -26.44
N PHE C 71 -28.06 -25.50 -26.12
CA PHE C 71 -27.14 -26.62 -26.28
C PHE C 71 -26.18 -26.72 -25.09
N ARG C 72 -25.46 -27.84 -25.05
CA ARG C 72 -24.54 -28.17 -23.96
C ARG C 72 -23.31 -28.81 -24.58
N MET C 73 -22.18 -28.12 -24.49
CA MET C 73 -20.96 -28.58 -25.13
C MET C 73 -20.19 -29.51 -24.21
N PHE C 74 -19.67 -30.59 -24.77
CA PHE C 74 -18.85 -31.56 -24.05
C PHE C 74 -17.49 -31.67 -24.71
N PRO C 75 -16.65 -30.64 -24.59
CA PRO C 75 -15.34 -30.69 -25.27
C PRO C 75 -14.48 -31.85 -24.81
N THR C 76 -14.52 -32.22 -23.54
CA THR C 76 -13.78 -33.41 -23.12
C THR C 76 -14.28 -34.65 -23.86
N GLN C 77 -15.57 -34.70 -24.16
CA GLN C 77 -16.15 -35.88 -24.80
C GLN C 77 -16.17 -35.78 -26.32
N GLY C 78 -16.04 -34.57 -26.87
CA GLY C 78 -15.90 -34.41 -28.30
C GLY C 78 -17.19 -34.13 -29.05
N PHE C 79 -18.23 -33.67 -28.37
CA PHE C 79 -19.49 -33.46 -29.05
C PHE C 79 -20.28 -32.41 -28.29
N THR C 80 -21.40 -32.00 -28.89
CA THR C 80 -22.30 -31.06 -28.25
C THR C 80 -23.70 -31.62 -28.29
N GLU C 81 -24.44 -31.42 -27.20
CA GLU C 81 -25.83 -31.84 -27.10
C GLU C 81 -26.74 -30.73 -27.60
N ILE C 82 -27.65 -31.05 -28.49
CA ILE C 82 -28.75 -30.15 -28.84
C ILE C 82 -29.90 -30.45 -27.90
N VAL C 83 -30.32 -29.46 -27.13
CA VAL C 83 -31.29 -29.72 -26.08
C VAL C 83 -32.65 -29.18 -26.47
N PHE C 84 -32.70 -27.89 -26.82
CA PHE C 84 -33.92 -27.21 -27.24
C PHE C 84 -33.67 -26.49 -28.56
N CYS C 85 -34.67 -26.56 -29.43
CA CYS C 85 -34.56 -26.06 -30.80
C CYS C 85 -35.94 -25.59 -31.24
N ALA C 86 -36.09 -24.29 -31.52
CA ALA C 86 -37.42 -23.78 -31.80
C ALA C 86 -37.38 -22.40 -32.44
N VAL C 87 -38.44 -22.09 -33.19
CA VAL C 87 -38.65 -20.77 -33.78
C VAL C 87 -40.10 -20.40 -33.56
N THR C 88 -40.35 -19.19 -33.06
CA THR C 88 -41.70 -18.79 -32.67
C THR C 88 -42.67 -19.00 -33.83
N SER C 89 -43.93 -19.28 -33.48
CA SER C 89 -44.88 -19.81 -34.45
C SER C 89 -45.18 -18.81 -35.57
N ASN C 90 -45.06 -17.52 -35.28
CA ASN C 90 -45.20 -16.51 -36.33
C ASN C 90 -44.08 -16.65 -37.36
N GLU C 91 -42.83 -16.59 -36.91
CA GLU C 91 -41.68 -16.48 -37.80
C GLU C 91 -41.27 -17.81 -38.41
N GLN C 92 -42.12 -18.85 -38.36
CA GLN C 92 -41.78 -20.12 -38.99
C GLN C 92 -41.88 -20.00 -40.51
N VAL C 93 -41.47 -21.08 -41.18
CA VAL C 93 -41.51 -21.22 -42.64
C VAL C 93 -40.96 -19.94 -43.27
N LYS C 94 -39.73 -19.58 -42.89
CA LYS C 94 -38.97 -18.54 -43.60
C LYS C 94 -37.48 -18.86 -43.62
N GLY C 95 -37.09 -20.09 -43.27
CA GLY C 95 -35.69 -20.47 -43.25
C GLY C 95 -34.92 -20.01 -42.03
N TYR C 96 -35.59 -19.68 -40.93
CA TYR C 96 -34.90 -19.26 -39.73
C TYR C 96 -34.28 -20.43 -38.96
N GLY C 97 -34.92 -21.59 -38.98
CA GLY C 97 -34.36 -22.74 -38.29
C GLY C 97 -33.11 -23.28 -38.95
N THR C 98 -32.97 -23.09 -40.25
CA THR C 98 -31.76 -23.54 -40.90
C THR C 98 -30.62 -22.55 -40.67
N HIS C 99 -30.91 -21.26 -40.74
CA HIS C 99 -29.88 -20.27 -40.45
C HIS C 99 -29.44 -20.36 -38.99
N LEU C 100 -30.37 -20.64 -38.08
CA LEU C 100 -29.97 -20.89 -36.70
C LEU C 100 -29.06 -22.10 -36.61
N MET C 101 -29.43 -23.19 -37.27
CA MET C 101 -28.59 -24.37 -37.24
C MET C 101 -27.24 -24.13 -37.90
N ASN C 102 -27.20 -23.28 -38.93
CA ASN C 102 -25.95 -23.05 -39.64
C ASN C 102 -24.98 -22.19 -38.81
N HIS C 103 -25.50 -21.18 -38.12
CA HIS C 103 -24.64 -20.40 -37.24
C HIS C 103 -24.13 -21.25 -36.09
N LEU C 104 -24.96 -22.17 -35.60
CA LEU C 104 -24.52 -23.08 -34.56
C LEU C 104 -23.38 -23.97 -35.04
N LYS C 105 -23.49 -24.49 -36.27
CA LYS C 105 -22.41 -25.30 -36.79
C LYS C 105 -21.14 -24.48 -36.98
N GLU C 106 -21.27 -23.24 -37.45
CA GLU C 106 -20.09 -22.40 -37.62
C GLU C 106 -19.42 -22.14 -36.28
N TYR C 107 -20.21 -21.86 -35.25
CA TYR C 107 -19.67 -21.67 -33.92
C TYR C 107 -18.86 -22.89 -33.49
N HIS C 108 -19.42 -24.07 -33.68
CA HIS C 108 -18.79 -25.26 -33.13
C HIS C 108 -17.55 -25.68 -33.90
N ILE C 109 -17.52 -25.47 -35.21
CA ILE C 109 -16.35 -25.84 -35.98
C ILE C 109 -15.17 -24.99 -35.59
N LYS C 110 -15.43 -23.71 -35.30
CA LYS C 110 -14.40 -22.84 -34.79
C LYS C 110 -13.96 -23.24 -33.38
N HIS C 111 -14.76 -24.03 -32.67
CA HIS C 111 -14.39 -24.52 -31.35
C HIS C 111 -13.92 -25.97 -31.37
N ASN C 112 -13.66 -26.53 -32.56
CA ASN C 112 -13.10 -27.87 -32.72
C ASN C 112 -14.04 -28.96 -32.20
N ILE C 113 -15.35 -28.71 -32.22
CA ILE C 113 -16.35 -29.72 -31.89
C ILE C 113 -17.08 -30.06 -33.18
N LEU C 114 -16.98 -31.31 -33.61
CA LEU C 114 -17.44 -31.66 -34.94
C LEU C 114 -18.55 -32.69 -34.92
N TYR C 115 -19.17 -32.93 -33.76
CA TYR C 115 -20.28 -33.86 -33.69
C TYR C 115 -21.39 -33.32 -32.80
N PHE C 116 -22.60 -33.27 -33.35
CA PHE C 116 -23.81 -32.96 -32.60
C PHE C 116 -24.56 -34.26 -32.29
N LEU C 117 -25.13 -34.33 -31.09
CA LEU C 117 -25.98 -35.43 -30.65
C LEU C 117 -27.26 -34.84 -30.08
N THR C 118 -28.38 -35.52 -30.31
CA THR C 118 -29.66 -35.00 -29.83
C THR C 118 -30.66 -36.14 -29.72
N TYR C 119 -31.68 -35.91 -28.93
CA TYR C 119 -32.85 -36.79 -28.83
C TYR C 119 -34.05 -36.03 -29.37
N ALA C 120 -34.71 -36.61 -30.37
CA ALA C 120 -35.74 -35.90 -31.13
C ALA C 120 -37.12 -36.48 -30.87
N ASP C 121 -38.12 -35.61 -30.80
CA ASP C 121 -39.48 -36.04 -30.55
C ASP C 121 -40.22 -36.16 -31.88
N GLU C 122 -41.55 -36.26 -31.79
CA GLU C 122 -42.38 -36.43 -32.98
C GLU C 122 -42.04 -35.39 -34.02
N TYR C 123 -41.99 -34.14 -33.60
CA TYR C 123 -42.03 -32.99 -34.48
C TYR C 123 -40.65 -32.55 -34.94
N ALA C 124 -39.60 -33.09 -34.32
CA ALA C 124 -38.25 -32.62 -34.58
C ALA C 124 -37.49 -33.50 -35.56
N ILE C 125 -37.94 -34.73 -35.81
CA ILE C 125 -37.17 -35.64 -36.65
C ILE C 125 -36.95 -35.03 -38.04
N GLY C 126 -38.03 -34.61 -38.69
CA GLY C 126 -37.90 -34.06 -40.03
C GLY C 126 -37.03 -32.83 -40.07
N TYR C 127 -37.06 -32.02 -39.02
CA TYR C 127 -36.18 -30.86 -38.94
C TYR C 127 -34.73 -31.29 -38.89
N PHE C 128 -34.42 -32.27 -38.03
CA PHE C 128 -33.02 -32.68 -37.92
C PHE C 128 -32.57 -33.39 -39.18
N LYS C 129 -33.45 -34.15 -39.82
CA LYS C 129 -33.11 -34.71 -41.12
C LYS C 129 -32.77 -33.61 -42.11
N LYS C 130 -33.63 -32.59 -42.18
CA LYS C 130 -33.38 -31.42 -43.03
C LYS C 130 -31.98 -30.88 -42.83
N GLN C 131 -31.58 -30.71 -41.58
CA GLN C 131 -30.34 -30.02 -41.25
C GLN C 131 -29.12 -30.91 -41.30
N GLY C 132 -29.27 -32.17 -41.73
CA GLY C 132 -28.12 -33.03 -41.91
C GLY C 132 -27.92 -34.09 -40.85
N PHE C 133 -28.91 -34.35 -40.01
CA PHE C 133 -28.78 -35.32 -38.94
C PHE C 133 -29.12 -36.72 -39.42
N SER C 134 -28.61 -37.71 -38.70
CA SER C 134 -28.76 -39.10 -39.11
C SER C 134 -29.03 -39.96 -37.90
N LYS C 135 -29.75 -41.05 -38.12
CA LYS C 135 -30.01 -41.97 -37.03
C LYS C 135 -28.91 -43.00 -36.86
N ASP C 136 -27.90 -42.97 -37.73
CA ASP C 136 -26.74 -43.84 -37.62
C ASP C 136 -25.69 -43.09 -36.82
N ILE C 137 -25.40 -43.59 -35.63
CA ILE C 137 -24.62 -42.87 -34.63
C ILE C 137 -23.17 -43.33 -34.75
N LYS C 138 -22.30 -42.43 -35.20
CA LYS C 138 -20.87 -42.73 -35.26
C LYS C 138 -20.21 -42.67 -33.89
N VAL C 139 -20.69 -41.78 -33.02
CA VAL C 139 -20.07 -41.57 -31.71
C VAL C 139 -20.36 -42.76 -30.80
N PRO C 140 -19.35 -43.38 -30.21
CA PRO C 140 -19.58 -44.60 -29.42
C PRO C 140 -20.45 -44.35 -28.21
N LYS C 141 -21.21 -45.39 -27.83
CA LYS C 141 -22.11 -45.29 -26.69
C LYS C 141 -21.34 -44.98 -25.41
N SER C 142 -20.09 -45.43 -25.33
CA SER C 142 -19.27 -45.10 -24.17
C SER C 142 -18.94 -43.63 -24.10
N ARG C 143 -19.10 -42.89 -25.18
CA ARG C 143 -18.70 -41.49 -25.15
C ARG C 143 -19.84 -40.55 -24.79
N TYR C 144 -21.09 -40.94 -24.97
CA TYR C 144 -22.21 -40.04 -24.74
C TYR C 144 -23.17 -40.47 -23.65
N LEU C 145 -23.20 -41.76 -23.30
CA LEU C 145 -24.17 -42.21 -22.33
C LEU C 145 -23.82 -41.67 -20.96
N GLY C 146 -24.81 -41.12 -20.27
CA GLY C 146 -24.59 -40.50 -18.99
C GLY C 146 -24.20 -39.03 -19.07
N TYR C 147 -23.70 -38.58 -20.21
CA TYR C 147 -23.40 -37.16 -20.39
C TYR C 147 -24.60 -36.41 -20.97
N ILE C 148 -25.21 -36.92 -22.03
CA ILE C 148 -26.40 -36.32 -22.59
C ILE C 148 -27.64 -36.87 -21.89
N LYS C 149 -28.65 -36.01 -21.77
CA LYS C 149 -29.90 -36.38 -21.13
C LYS C 149 -30.70 -37.31 -22.04
N ASP C 150 -30.90 -38.54 -21.56
CA ASP C 150 -31.51 -39.60 -22.33
C ASP C 150 -33.03 -39.54 -22.25
N TYR C 151 -33.69 -40.01 -23.32
CA TYR C 151 -35.10 -40.38 -23.34
C TYR C 151 -35.29 -41.77 -23.93
N GLU C 152 -36.27 -42.48 -23.43
CA GLU C 152 -36.81 -43.61 -24.16
C GLU C 152 -37.96 -43.09 -25.01
N GLY C 153 -38.14 -43.69 -26.18
CA GLY C 153 -39.17 -43.26 -27.09
C GLY C 153 -38.69 -42.24 -28.08
N ALA C 154 -37.89 -41.29 -27.63
CA ALA C 154 -37.28 -40.34 -28.54
C ALA C 154 -36.16 -41.02 -29.32
N THR C 155 -35.78 -40.38 -30.42
CA THR C 155 -34.81 -40.96 -31.36
C THR C 155 -33.51 -40.19 -31.28
N LEU C 156 -32.44 -40.89 -30.93
CA LEU C 156 -31.11 -40.30 -30.97
C LEU C 156 -30.76 -39.98 -32.41
N MET C 157 -30.20 -38.80 -32.63
CA MET C 157 -29.74 -38.42 -33.96
C MET C 157 -28.41 -37.72 -33.86
N GLU C 158 -27.61 -37.85 -34.92
CA GLU C 158 -26.26 -37.33 -34.96
C GLU C 158 -26.02 -36.51 -36.22
N CYS C 159 -25.19 -35.49 -36.08
CA CYS C 159 -24.72 -34.69 -37.20
C CYS C 159 -23.20 -34.57 -37.14
N GLU C 160 -22.54 -34.86 -38.23
CA GLU C 160 -21.10 -34.65 -38.33
C GLU C 160 -20.84 -33.39 -39.15
N LEU C 161 -19.94 -32.54 -38.65
CA LEU C 161 -19.65 -31.26 -39.29
C LEU C 161 -18.36 -31.34 -40.08
N ASN C 162 -18.35 -30.70 -41.24
CA ASN C 162 -17.14 -30.64 -42.04
C ASN C 162 -16.43 -29.33 -41.75
N PRO C 163 -15.22 -29.36 -41.18
CA PRO C 163 -14.60 -28.12 -40.66
C PRO C 163 -14.03 -27.22 -41.73
N ARG C 164 -14.08 -27.60 -43.00
CA ARG C 164 -13.41 -26.84 -44.03
C ARG C 164 -14.34 -26.03 -44.91
N ILE C 165 -15.61 -26.42 -45.02
CA ILE C 165 -16.60 -25.60 -45.72
C ILE C 165 -17.08 -24.53 -44.74
N PRO C 166 -17.44 -23.35 -45.22
CA PRO C 166 -18.09 -22.37 -44.33
C PRO C 166 -19.58 -22.59 -44.31
N TYR C 167 -20.18 -22.61 -43.13
CA TYR C 167 -21.59 -22.96 -43.02
C TYR C 167 -22.51 -21.76 -43.13
N THR C 168 -22.08 -20.58 -42.68
CA THR C 168 -22.89 -19.38 -42.80
C THR C 168 -23.18 -19.04 -44.26
N GLY D 3 -20.63 28.06 42.94
CA GLY D 3 -19.81 26.89 43.22
C GLY D 3 -20.33 25.61 42.58
N ILE D 4 -19.89 25.34 41.35
CA ILE D 4 -20.28 24.13 40.63
C ILE D 4 -19.47 22.97 41.20
N ILE D 5 -20.13 22.04 41.90
CA ILE D 5 -19.47 20.84 42.41
C ILE D 5 -19.76 19.68 41.47
N GLU D 6 -18.75 18.83 41.28
CA GLU D 6 -18.78 17.78 40.27
C GLU D 6 -18.03 16.56 40.79
N PHE D 7 -18.43 15.38 40.29
CA PHE D 7 -17.86 14.11 40.69
C PHE D 7 -17.26 13.44 39.47
N HIS D 8 -16.00 13.01 39.57
CA HIS D 8 -15.30 12.43 38.44
C HIS D 8 -14.53 11.22 38.92
N VAL D 9 -14.79 10.07 38.30
CA VAL D 9 -13.97 8.89 38.57
C VAL D 9 -12.77 8.96 37.64
N ILE D 10 -11.59 9.17 38.22
CA ILE D 10 -10.37 9.39 37.47
C ILE D 10 -9.30 8.42 37.95
N GLY D 11 -8.23 8.34 37.18
CA GLY D 11 -7.14 7.45 37.53
C GLY D 11 -6.08 7.52 36.46
N ASN D 12 -4.98 6.84 36.75
CA ASN D 12 -3.86 6.79 35.83
C ASN D 12 -4.03 5.58 34.92
N SER D 13 -4.22 5.83 33.62
CA SER D 13 -4.13 4.78 32.63
C SER D 13 -2.67 4.32 32.52
N LEU D 14 -2.42 3.28 31.74
CA LEU D 14 -1.04 2.84 31.56
C LEU D 14 -0.36 3.55 30.40
N THR D 15 -1.11 3.88 29.35
CA THR D 15 -0.74 4.92 28.40
C THR D 15 -1.85 5.96 28.43
N PRO D 16 -1.56 7.23 28.75
CA PRO D 16 -2.60 8.20 29.13
C PRO D 16 -3.67 8.42 28.07
N ASN D 19 -4.17 13.06 30.44
CA ASN D 19 -5.03 14.22 30.63
C ASN D 19 -4.41 15.16 31.64
N ARG D 20 -4.24 16.43 31.25
CA ARG D 20 -3.53 17.38 32.10
C ARG D 20 -4.31 17.63 33.39
N ARG D 21 -5.60 17.97 33.26
CA ARG D 21 -6.36 18.30 34.45
C ARG D 21 -6.68 17.08 35.29
N VAL D 22 -6.55 15.88 34.73
CA VAL D 22 -6.70 14.69 35.55
C VAL D 22 -5.45 14.48 36.38
N LEU D 23 -4.29 14.65 35.77
CA LEU D 23 -3.05 14.53 36.51
C LEU D 23 -2.99 15.53 37.66
N LEU D 24 -3.41 16.77 37.42
CA LEU D 24 -3.40 17.75 38.50
C LEU D 24 -4.40 17.42 39.58
N TRP D 25 -5.52 16.79 39.22
CA TRP D 25 -6.50 16.36 40.21
C TRP D 25 -5.95 15.21 41.04
N LEU D 26 -5.17 14.33 40.43
CA LEU D 26 -4.48 13.29 41.18
C LEU D 26 -3.50 13.89 42.18
N VAL D 27 -2.79 14.94 41.78
CA VAL D 27 -1.86 15.59 42.69
C VAL D 27 -2.60 16.19 43.87
N GLY D 28 -3.74 16.84 43.61
CA GLY D 28 -4.50 17.43 44.69
C GLY D 28 -5.09 16.39 45.62
N LEU D 29 -5.50 15.25 45.07
CA LEU D 29 -6.04 14.18 45.89
C LEU D 29 -4.96 13.59 46.77
N GLN D 30 -3.78 13.37 46.22
CA GLN D 30 -2.70 12.88 47.06
C GLN D 30 -2.31 13.92 48.09
N ASN D 31 -2.43 15.21 47.76
CA ASN D 31 -2.20 16.24 48.76
C ASN D 31 -3.18 16.13 49.92
N VAL D 32 -4.46 15.94 49.60
CA VAL D 32 -5.48 15.84 50.64
C VAL D 32 -5.25 14.60 51.49
N PHE D 33 -5.07 13.45 50.84
CA PHE D 33 -4.86 12.22 51.59
C PHE D 33 -3.62 12.33 52.46
N SER D 34 -2.57 12.99 51.95
CA SER D 34 -1.35 13.07 52.72
C SER D 34 -1.50 13.97 53.93
N HIS D 35 -2.31 15.02 53.81
CA HIS D 35 -2.52 15.91 54.94
C HIS D 35 -3.35 15.24 56.02
N GLN D 36 -4.29 14.40 55.62
CA GLN D 36 -5.16 13.70 56.55
C GLN D 36 -4.39 12.67 57.35
N LEU D 37 -3.42 12.01 56.72
CA LEU D 37 -2.67 10.92 57.32
C LEU D 37 -1.20 11.30 57.36
N PRO D 38 -0.81 12.22 58.24
CA PRO D 38 0.59 12.68 58.25
C PRO D 38 1.58 11.61 58.66
N ARG D 39 1.13 10.54 59.29
CA ARG D 39 2.04 9.49 59.68
C ARG D 39 2.20 8.44 58.60
N MET D 40 1.41 8.50 57.55
CA MET D 40 1.75 7.63 56.44
C MET D 40 2.72 8.32 55.51
N PRO D 41 3.62 7.57 54.89
CA PRO D 41 4.56 8.17 53.96
C PRO D 41 3.86 8.81 52.78
N LYS D 42 4.24 10.06 52.47
CA LYS D 42 3.74 10.75 51.28
C LYS D 42 3.94 9.91 50.03
N GLU D 43 5.12 9.29 49.92
CA GLU D 43 5.47 8.52 48.74
C GLU D 43 4.52 7.35 48.54
N TYR D 44 4.14 6.71 49.64
CA TYR D 44 3.19 5.60 49.59
C TYR D 44 1.83 6.06 49.07
N ILE D 45 1.34 7.19 49.58
CA ILE D 45 0.03 7.67 49.16
C ILE D 45 0.04 8.04 47.69
N ALA D 46 1.11 8.69 47.23
CA ALA D 46 1.23 9.03 45.82
C ALA D 46 1.27 7.77 44.97
N ARG D 47 2.09 6.80 45.37
CA ARG D 47 2.23 5.57 44.60
C ARG D 47 0.90 4.83 44.45
N LEU D 48 0.01 4.97 45.43
CA LEU D 48 -1.31 4.34 45.31
C LEU D 48 -2.25 5.18 44.47
N VAL D 49 -2.32 6.48 44.75
CA VAL D 49 -3.23 7.33 43.99
C VAL D 49 -2.89 7.27 42.52
N PHE D 50 -1.61 7.14 42.18
CA PHE D 50 -1.17 7.05 40.80
C PHE D 50 -1.03 5.61 40.31
N ASP D 51 -1.36 4.62 41.11
CA ASP D 51 -1.37 3.25 40.61
C ASP D 51 -2.53 3.08 39.63
N PRO D 52 -2.30 2.38 38.51
CA PRO D 52 -3.38 2.27 37.52
C PRO D 52 -4.54 1.43 38.02
N LYS D 53 -4.28 0.35 38.74
CA LYS D 53 -5.34 -0.48 39.28
C LYS D 53 -6.16 0.23 40.36
N HIS D 54 -5.76 1.41 40.79
CA HIS D 54 -6.56 2.20 41.72
C HIS D 54 -7.28 3.30 40.96
N LYS D 55 -8.40 3.73 41.50
CA LYS D 55 -9.16 4.81 40.92
C LYS D 55 -9.55 5.73 42.05
N THR D 56 -10.01 6.92 41.68
CA THR D 56 -10.42 7.86 42.70
C THR D 56 -11.65 8.59 42.19
N LEU D 57 -12.67 8.62 43.04
CA LEU D 57 -13.83 9.47 42.83
C LEU D 57 -13.50 10.81 43.45
N ALA D 58 -13.09 11.76 42.63
CA ALA D 58 -12.68 13.07 43.11
C ALA D 58 -13.89 13.98 43.19
N LEU D 59 -13.94 14.76 44.26
CA LEU D 59 -14.99 15.76 44.47
C LEU D 59 -14.42 17.11 44.06
N ILE D 60 -14.97 17.68 42.99
CA ILE D 60 -14.47 18.91 42.40
C ILE D 60 -15.44 20.04 42.69
N LYS D 61 -14.93 21.18 43.14
CA LYS D 61 -15.74 22.40 43.20
C LYS D 61 -14.92 23.55 42.65
N ASP D 62 -15.53 24.34 41.77
CA ASP D 62 -14.85 25.41 41.08
C ASP D 62 -13.52 24.93 40.49
N GLY D 63 -13.54 23.71 39.97
CA GLY D 63 -12.41 23.16 39.25
C GLY D 63 -11.30 22.55 40.07
N ARG D 64 -11.33 22.68 41.39
CA ARG D 64 -10.23 22.18 42.21
C ARG D 64 -10.70 21.03 43.12
N VAL D 65 -9.73 20.28 43.62
CA VAL D 65 -9.98 19.05 44.35
C VAL D 65 -10.25 19.36 45.80
N ILE D 66 -11.45 19.05 46.27
CA ILE D 66 -11.80 19.26 47.67
C ILE D 66 -12.07 17.97 48.42
N GLY D 67 -12.15 16.84 47.74
CA GLY D 67 -12.35 15.58 48.44
C GLY D 67 -12.22 14.43 47.47
N GLY D 68 -12.32 13.22 48.01
CA GLY D 68 -12.26 12.05 47.16
C GLY D 68 -12.27 10.77 47.95
N ILE D 69 -12.54 9.69 47.23
CA ILE D 69 -12.46 8.32 47.73
C ILE D 69 -11.55 7.54 46.79
N CYS D 70 -10.45 7.02 47.31
CA CYS D 70 -9.55 6.17 46.53
C CYS D 70 -9.91 4.71 46.75
N PHE D 71 -10.09 3.96 45.66
CA PHE D 71 -10.56 2.60 45.78
C PHE D 71 -9.90 1.71 44.72
N ARG D 72 -9.85 0.41 45.00
CA ARG D 72 -9.40 -0.59 44.04
C ARG D 72 -10.48 -1.64 43.83
N MET D 73 -10.96 -1.75 42.59
CA MET D 73 -11.96 -2.76 42.24
C MET D 73 -11.31 -4.10 42.01
N PHE D 74 -11.91 -5.13 42.60
CA PHE D 74 -11.51 -6.52 42.41
C PHE D 74 -12.67 -7.26 41.76
N PRO D 75 -12.92 -7.03 40.47
CA PRO D 75 -14.09 -7.65 39.85
C PRO D 75 -14.06 -9.15 39.85
N THR D 76 -12.89 -9.76 39.79
CA THR D 76 -12.84 -11.22 39.91
C THR D 76 -13.27 -11.66 41.29
N GLN D 77 -13.07 -10.83 42.31
CA GLN D 77 -13.41 -11.20 43.68
C GLN D 77 -14.77 -10.70 44.09
N GLY D 78 -15.33 -9.73 43.37
CA GLY D 78 -16.68 -9.28 43.61
C GLY D 78 -16.82 -8.09 44.52
N PHE D 79 -15.72 -7.43 44.87
CA PHE D 79 -15.79 -6.32 45.81
C PHE D 79 -14.81 -5.22 45.40
N THR D 80 -14.86 -4.14 46.15
CA THR D 80 -13.93 -3.03 46.02
C THR D 80 -13.41 -2.67 47.39
N GLU D 81 -12.13 -2.37 47.47
CA GLU D 81 -11.52 -1.91 48.71
C GLU D 81 -11.55 -0.39 48.72
N ILE D 82 -12.14 0.17 49.77
CA ILE D 82 -12.02 1.60 50.01
C ILE D 82 -10.67 1.84 50.66
N VAL D 83 -9.84 2.63 50.02
CA VAL D 83 -8.46 2.83 50.43
C VAL D 83 -8.34 4.13 51.20
N PHE D 84 -8.70 5.23 50.57
CA PHE D 84 -8.56 6.56 51.14
C PHE D 84 -9.87 7.29 51.01
N CYS D 85 -10.18 8.09 52.02
CA CYS D 85 -11.49 8.72 52.11
C CYS D 85 -11.29 10.02 52.86
N ALA D 86 -11.62 11.14 52.24
CA ALA D 86 -11.30 12.40 52.87
C ALA D 86 -12.00 13.54 52.16
N VAL D 87 -12.51 14.47 52.95
CA VAL D 87 -12.97 15.77 52.48
C VAL D 87 -12.05 16.81 53.11
N THR D 88 -11.63 17.78 52.31
CA THR D 88 -10.67 18.75 52.80
C THR D 88 -11.26 19.57 53.94
N SER D 89 -10.38 20.00 54.84
CA SER D 89 -10.82 20.45 56.15
C SER D 89 -11.82 21.60 56.07
N ASN D 90 -11.66 22.49 55.08
CA ASN D 90 -12.55 23.63 54.96
C ASN D 90 -13.91 23.29 54.38
N GLU D 91 -14.09 22.12 53.78
CA GLU D 91 -15.35 21.78 53.13
C GLU D 91 -16.09 20.64 53.84
N GLN D 92 -15.71 20.35 55.08
CA GLN D 92 -16.38 19.33 55.88
C GLN D 92 -17.67 19.88 56.48
N VAL D 93 -18.41 19.01 57.18
CA VAL D 93 -19.78 19.21 57.64
C VAL D 93 -20.58 20.08 56.66
N LYS D 94 -20.52 19.72 55.38
CA LYS D 94 -21.39 20.32 54.36
C LYS D 94 -22.15 19.25 53.59
N GLY D 95 -22.17 18.01 54.08
CA GLY D 95 -22.83 16.90 53.43
C GLY D 95 -22.04 16.25 52.32
N TYR D 96 -20.80 16.65 52.11
CA TYR D 96 -20.07 16.19 50.93
C TYR D 96 -19.64 14.74 51.07
N GLY D 97 -19.33 14.30 52.29
CA GLY D 97 -18.87 12.93 52.49
C GLY D 97 -19.95 11.90 52.20
N THR D 98 -21.20 12.24 52.45
CA THR D 98 -22.29 11.35 52.10
C THR D 98 -22.52 11.32 50.60
N HIS D 99 -22.45 12.49 49.95
CA HIS D 99 -22.59 12.52 48.50
C HIS D 99 -21.47 11.75 47.82
N LEU D 100 -20.25 11.88 48.33
CA LEU D 100 -19.13 11.14 47.75
C LEU D 100 -19.37 9.64 47.80
N MET D 101 -19.73 9.13 48.98
CA MET D 101 -20.01 7.72 49.12
C MET D 101 -21.23 7.29 48.31
N ASN D 102 -22.22 8.16 48.16
CA ASN D 102 -23.38 7.78 47.33
C ASN D 102 -22.99 7.66 45.86
N HIS D 103 -22.25 8.63 45.34
CA HIS D 103 -21.82 8.55 43.94
C HIS D 103 -20.95 7.33 43.72
N LEU D 104 -20.11 7.01 44.70
CA LEU D 104 -19.30 5.80 44.63
C LEU D 104 -20.18 4.56 44.59
N LYS D 105 -21.26 4.54 45.37
CA LYS D 105 -22.16 3.40 45.38
C LYS D 105 -22.85 3.25 44.04
N GLU D 106 -23.35 4.36 43.49
CA GLU D 106 -23.99 4.29 42.18
C GLU D 106 -23.02 3.80 41.13
N TYR D 107 -21.76 4.21 41.21
CA TYR D 107 -20.79 3.83 40.18
C TYR D 107 -20.54 2.34 40.21
N HIS D 108 -20.43 1.76 41.40
CA HIS D 108 -20.16 0.33 41.49
C HIS D 108 -21.40 -0.50 41.13
N ILE D 109 -22.59 0.01 41.40
CA ILE D 109 -23.79 -0.69 40.95
C ILE D 109 -23.81 -0.77 39.43
N LYS D 110 -23.51 0.35 38.77
CA LYS D 110 -23.44 0.32 37.32
C LYS D 110 -22.35 -0.60 36.81
N HIS D 111 -21.37 -0.94 37.65
CA HIS D 111 -20.28 -1.83 37.25
C HIS D 111 -20.39 -3.20 37.90
N ASN D 112 -21.57 -3.53 38.43
CA ASN D 112 -21.88 -4.88 38.89
C ASN D 112 -20.94 -5.33 40.01
N ILE D 113 -20.67 -4.45 40.94
CA ILE D 113 -19.94 -4.79 42.16
C ILE D 113 -20.80 -4.35 43.32
N LEU D 114 -21.07 -5.27 44.25
CA LEU D 114 -22.07 -5.01 45.27
C LEU D 114 -21.55 -5.02 46.69
N TYR D 115 -20.26 -5.23 46.92
CA TYR D 115 -19.70 -5.25 48.27
C TYR D 115 -18.50 -4.34 48.36
N PHE D 116 -18.52 -3.46 49.35
CA PHE D 116 -17.39 -2.64 49.74
C PHE D 116 -16.74 -3.30 50.95
N LEU D 117 -15.40 -3.35 50.94
CA LEU D 117 -14.66 -3.69 52.14
C LEU D 117 -13.69 -2.57 52.44
N THR D 118 -13.42 -2.33 53.71
CA THR D 118 -12.44 -1.33 54.08
C THR D 118 -11.73 -1.78 55.35
N TYR D 119 -10.48 -1.38 55.49
CA TYR D 119 -9.75 -1.49 56.75
C TYR D 119 -9.61 -0.10 57.33
N ALA D 120 -10.48 0.23 58.28
CA ALA D 120 -10.61 1.58 58.82
C ALA D 120 -9.81 1.77 60.11
N ASP D 121 -9.35 2.99 60.32
CA ASP D 121 -8.75 3.42 61.58
C ASP D 121 -9.84 3.96 62.50
N GLU D 122 -9.45 4.22 63.76
CA GLU D 122 -10.45 4.67 64.73
C GLU D 122 -11.16 5.92 64.24
N TYR D 123 -10.43 6.82 63.62
CA TYR D 123 -10.99 8.11 63.26
C TYR D 123 -11.95 8.03 62.10
N ALA D 124 -11.98 6.92 61.36
CA ALA D 124 -12.87 6.76 60.21
C ALA D 124 -14.08 5.88 60.49
N ILE D 125 -14.03 5.08 61.55
CA ILE D 125 -15.11 4.13 61.84
C ILE D 125 -16.44 4.85 61.90
N GLY D 126 -16.48 5.96 62.63
CA GLY D 126 -17.72 6.71 62.72
C GLY D 126 -18.26 7.11 61.36
N TYR D 127 -17.38 7.56 60.48
CA TYR D 127 -17.83 7.94 59.14
C TYR D 127 -18.41 6.73 58.41
N PHE D 128 -17.72 5.60 58.46
CA PHE D 128 -18.21 4.44 57.71
C PHE D 128 -19.53 3.93 58.26
N LYS D 129 -19.79 4.12 59.56
CA LYS D 129 -21.08 3.71 60.10
C LYS D 129 -22.21 4.56 59.55
N LYS D 130 -22.03 5.88 59.49
CA LYS D 130 -23.06 6.74 58.92
C LYS D 130 -23.38 6.37 57.48
N GLN D 131 -22.40 5.81 56.78
CA GLN D 131 -22.56 5.42 55.39
C GLN D 131 -23.04 3.98 55.23
N GLY D 132 -23.32 3.29 56.32
CA GLY D 132 -23.91 1.98 56.25
C GLY D 132 -22.95 0.82 56.30
N PHE D 133 -21.69 1.04 56.67
CA PHE D 133 -20.77 -0.06 56.78
C PHE D 133 -20.96 -0.79 58.11
N SER D 134 -20.50 -2.03 58.15
CA SER D 134 -20.73 -2.88 59.31
C SER D 134 -19.50 -3.69 59.62
N LYS D 135 -19.31 -3.98 60.91
CA LYS D 135 -18.26 -4.88 61.35
C LYS D 135 -18.57 -6.35 61.09
N ASP D 136 -19.76 -6.67 60.58
CA ASP D 136 -20.14 -8.05 60.29
C ASP D 136 -19.87 -8.31 58.82
N ILE D 137 -18.87 -9.13 58.54
CA ILE D 137 -18.37 -9.31 57.18
C ILE D 137 -19.03 -10.54 56.60
N LYS D 138 -19.94 -10.33 55.65
CA LYS D 138 -20.59 -11.45 55.00
C LYS D 138 -19.75 -12.07 53.89
N VAL D 139 -18.68 -11.41 53.47
CA VAL D 139 -17.77 -11.98 52.48
C VAL D 139 -16.88 -13.00 53.18
N PRO D 140 -16.71 -14.20 52.63
CA PRO D 140 -15.82 -15.18 53.27
C PRO D 140 -14.37 -14.76 53.19
N LYS D 141 -13.59 -15.22 54.17
CA LYS D 141 -12.24 -14.70 54.34
C LYS D 141 -11.36 -15.05 53.16
N SER D 142 -11.60 -16.20 52.53
CA SER D 142 -10.81 -16.58 51.36
C SER D 142 -11.04 -15.64 50.19
N ARG D 143 -12.03 -14.77 50.24
CA ARG D 143 -12.33 -13.94 49.10
C ARG D 143 -11.56 -12.63 49.11
N TYR D 144 -11.16 -12.16 50.28
CA TYR D 144 -10.48 -10.89 50.37
C TYR D 144 -9.11 -10.96 51.00
N LEU D 145 -8.80 -12.01 51.75
CA LEU D 145 -7.54 -12.06 52.46
C LEU D 145 -6.38 -12.06 51.49
N GLY D 146 -5.30 -11.39 51.88
CA GLY D 146 -4.16 -11.24 51.01
C GLY D 146 -4.40 -10.36 49.80
N TYR D 147 -5.65 -10.07 49.45
CA TYR D 147 -5.89 -9.15 48.35
C TYR D 147 -5.88 -7.72 48.85
N ILE D 148 -6.72 -7.43 49.82
CA ILE D 148 -6.74 -6.11 50.43
C ILE D 148 -5.72 -6.08 51.54
N LYS D 149 -5.04 -4.95 51.63
CA LYS D 149 -3.94 -4.75 52.56
C LYS D 149 -4.51 -4.72 53.96
N ASP D 150 -4.41 -5.83 54.65
CA ASP D 150 -4.76 -5.88 56.06
C ASP D 150 -3.70 -5.16 56.88
N TYR D 151 -4.11 -4.57 58.01
CA TYR D 151 -3.18 -3.89 58.90
C TYR D 151 -3.55 -4.07 60.36
N GLU D 152 -2.54 -4.34 61.18
CA GLU D 152 -2.73 -4.55 62.59
C GLU D 152 -3.33 -3.29 63.23
N GLY D 153 -4.47 -3.44 63.89
CA GLY D 153 -5.11 -2.30 64.50
C GLY D 153 -6.28 -1.74 63.74
N ALA D 154 -6.44 -2.11 62.48
CA ALA D 154 -7.52 -1.61 61.68
C ALA D 154 -8.71 -2.55 61.75
N THR D 155 -9.89 -1.98 61.54
CA THR D 155 -11.14 -2.71 61.66
C THR D 155 -11.72 -2.96 60.28
N LEU D 156 -11.92 -4.22 59.93
CA LEU D 156 -12.54 -4.60 58.68
C LEU D 156 -14.01 -4.28 58.74
N MET D 157 -14.48 -3.51 57.76
CA MET D 157 -15.87 -3.09 57.70
C MET D 157 -16.38 -3.29 56.29
N GLU D 158 -17.68 -3.51 56.18
CA GLU D 158 -18.26 -3.98 54.94
C GLU D 158 -19.54 -3.22 54.65
N CYS D 159 -19.76 -2.93 53.38
CA CYS D 159 -21.02 -2.33 52.97
C CYS D 159 -21.63 -3.18 51.86
N GLU D 160 -22.89 -3.53 52.04
CA GLU D 160 -23.63 -4.27 51.03
C GLU D 160 -24.52 -3.32 50.26
N LEU D 161 -24.51 -3.43 48.94
CA LEU D 161 -25.15 -2.48 48.05
C LEU D 161 -26.40 -3.07 47.44
N ASN D 162 -27.39 -2.22 47.20
CA ASN D 162 -28.66 -2.68 46.67
C ASN D 162 -28.85 -2.13 45.26
N PRO D 163 -28.90 -2.98 44.23
CA PRO D 163 -28.98 -2.44 42.86
C PRO D 163 -30.32 -1.81 42.55
N ARG D 164 -31.35 -2.04 43.36
CA ARG D 164 -32.65 -1.47 43.08
C ARG D 164 -32.76 -0.06 43.61
N ILE D 165 -32.01 0.25 44.65
CA ILE D 165 -32.05 1.57 45.29
C ILE D 165 -31.30 2.56 44.41
N PRO D 166 -31.90 3.69 44.05
CA PRO D 166 -31.15 4.78 43.43
C PRO D 166 -30.39 5.56 44.50
N TYR D 167 -29.07 5.56 44.41
CA TYR D 167 -28.24 6.22 45.41
C TYR D 167 -28.03 7.70 45.08
N THR D 168 -27.97 8.06 43.81
CA THR D 168 -27.83 9.44 43.38
C THR D 168 -29.19 10.13 43.34
N ILE E 4 -34.21 20.71 37.52
CA ILE E 4 -32.99 20.15 36.96
C ILE E 4 -33.35 19.45 35.64
N ILE E 5 -33.71 20.23 34.63
CA ILE E 5 -34.29 19.68 33.41
C ILE E 5 -33.37 19.91 32.22
N GLU E 6 -33.48 19.02 31.24
CA GLU E 6 -32.71 19.08 30.01
C GLU E 6 -33.61 18.70 28.85
N PHE E 7 -33.14 18.95 27.63
CA PHE E 7 -33.85 18.56 26.41
C PHE E 7 -32.84 17.95 25.46
N HIS E 8 -33.20 16.81 24.87
CA HIS E 8 -32.28 16.11 23.97
C HIS E 8 -33.05 15.55 22.79
N VAL E 9 -32.54 15.80 21.59
CA VAL E 9 -33.10 15.21 20.38
C VAL E 9 -32.33 13.94 20.10
N ILE E 10 -32.98 12.79 20.25
CA ILE E 10 -32.30 11.51 20.15
C ILE E 10 -33.07 10.61 19.19
N GLY E 11 -32.43 9.53 18.77
CA GLY E 11 -33.07 8.59 17.87
C GLY E 11 -32.16 7.40 17.60
N ASN E 12 -32.58 6.56 16.65
CA ASN E 12 -31.83 5.37 16.31
C ASN E 12 -31.05 5.56 15.01
N ALA E 18 -27.77 4.83 20.00
CA ALA E 18 -26.52 4.25 19.53
C ALA E 18 -25.54 3.99 20.68
N ASN E 19 -25.59 4.81 21.72
CA ASN E 19 -24.81 4.54 22.92
C ASN E 19 -25.77 4.13 24.04
N ARG E 20 -25.22 4.00 25.26
CA ARG E 20 -26.02 3.44 26.35
C ARG E 20 -27.17 4.38 26.74
N ARG E 21 -26.84 5.62 27.12
CA ARG E 21 -27.83 6.51 27.71
C ARG E 21 -29.06 6.65 26.83
N VAL E 22 -28.86 6.85 25.54
CA VAL E 22 -30.00 7.08 24.67
C VAL E 22 -30.91 5.87 24.68
N LEU E 23 -30.34 4.67 24.55
CA LEU E 23 -31.16 3.47 24.45
C LEU E 23 -32.03 3.30 25.68
N LEU E 24 -31.46 3.49 26.87
CA LEU E 24 -32.28 3.49 28.07
C LEU E 24 -33.29 4.62 28.04
N TRP E 25 -32.90 5.76 27.47
CA TRP E 25 -33.81 6.89 27.35
C TRP E 25 -34.97 6.57 26.41
N LEU E 26 -34.66 6.07 25.20
CA LEU E 26 -35.72 5.69 24.28
C LEU E 26 -36.62 4.62 24.87
N VAL E 27 -36.06 3.72 25.68
CA VAL E 27 -36.88 2.72 26.35
C VAL E 27 -37.80 3.38 27.36
N GLY E 28 -37.27 4.35 28.11
CA GLY E 28 -38.13 5.11 29.00
C GLY E 28 -39.18 5.88 28.25
N LEU E 29 -38.83 6.46 27.11
CA LEU E 29 -39.80 7.17 26.29
C LEU E 29 -40.86 6.21 25.77
N GLN E 30 -40.46 5.02 25.36
CA GLN E 30 -41.43 4.00 24.99
C GLN E 30 -42.30 3.62 26.19
N ASN E 31 -41.74 3.61 27.40
CA ASN E 31 -42.54 3.33 28.59
C ASN E 31 -43.55 4.44 28.83
N VAL E 32 -43.10 5.69 28.79
CA VAL E 32 -44.00 6.82 29.01
C VAL E 32 -45.07 6.86 27.94
N PHE E 33 -44.67 6.69 26.68
CA PHE E 33 -45.66 6.72 25.60
C PHE E 33 -46.66 5.59 25.73
N SER E 34 -46.21 4.40 26.15
CA SER E 34 -47.13 3.29 26.30
C SER E 34 -48.06 3.50 27.47
N HIS E 35 -47.54 4.01 28.59
CA HIS E 35 -48.33 4.17 29.79
C HIS E 35 -49.41 5.24 29.60
N GLN E 36 -49.09 6.32 28.90
CA GLN E 36 -50.04 7.40 28.71
C GLN E 36 -50.96 7.18 27.51
N LEU E 37 -50.72 6.12 26.74
CA LEU E 37 -51.52 5.83 25.55
C LEU E 37 -51.72 4.32 25.49
N PRO E 38 -52.41 3.75 26.47
CA PRO E 38 -52.40 2.30 26.63
C PRO E 38 -53.27 1.58 25.63
N ARG E 39 -54.13 2.30 24.90
CA ARG E 39 -54.93 1.63 23.89
C ARG E 39 -54.07 1.14 22.74
N MET E 40 -53.00 1.86 22.44
CA MET E 40 -52.12 1.49 21.33
C MET E 40 -51.07 0.48 21.78
N PRO E 41 -50.79 -0.51 20.94
CA PRO E 41 -49.91 -1.61 21.35
C PRO E 41 -48.51 -1.13 21.69
N LYS E 42 -47.92 -1.76 22.71
CA LYS E 42 -46.54 -1.44 23.08
C LYS E 42 -45.59 -1.69 21.91
N GLU E 43 -45.78 -2.78 21.17
CA GLU E 43 -44.85 -3.11 20.10
C GLU E 43 -44.82 -2.02 19.04
N TYR E 44 -45.99 -1.47 18.70
CA TYR E 44 -46.05 -0.44 17.67
C TYR E 44 -45.38 0.84 18.13
N ILE E 45 -45.55 1.21 19.40
CA ILE E 45 -44.89 2.41 19.91
C ILE E 45 -43.39 2.22 19.88
N ALA E 46 -42.90 1.07 20.33
CA ALA E 46 -41.47 0.83 20.34
C ALA E 46 -40.90 0.80 18.94
N ARG E 47 -41.67 0.30 17.98
CA ARG E 47 -41.19 0.25 16.61
C ARG E 47 -40.91 1.65 16.08
N LEU E 48 -41.89 2.55 16.19
CA LEU E 48 -41.71 3.91 15.70
C LEU E 48 -40.65 4.66 16.50
N VAL E 49 -40.68 4.54 17.83
CA VAL E 49 -39.67 5.21 18.64
C VAL E 49 -38.28 4.78 18.23
N PHE E 50 -38.10 3.50 17.89
CA PHE E 50 -36.82 2.98 17.44
C PHE E 50 -36.67 2.98 15.92
N ASP E 51 -37.68 3.46 15.19
CA ASP E 51 -37.55 3.60 13.75
C ASP E 51 -36.51 4.69 13.45
N PRO E 52 -35.58 4.44 12.53
CA PRO E 52 -34.51 5.43 12.32
C PRO E 52 -34.99 6.72 11.70
N LYS E 53 -36.08 6.68 10.93
CA LYS E 53 -36.63 7.90 10.32
C LYS E 53 -37.51 8.68 11.27
N HIS E 54 -37.66 8.24 12.52
CA HIS E 54 -38.30 8.98 13.60
C HIS E 54 -37.24 9.46 14.59
N LYS E 55 -37.47 10.63 15.17
CA LYS E 55 -36.67 11.13 16.28
C LYS E 55 -37.59 11.63 17.38
N THR E 56 -37.00 11.88 18.54
CA THR E 56 -37.76 12.19 19.73
C THR E 56 -37.05 13.27 20.51
N LEU E 57 -37.78 14.34 20.80
CA LEU E 57 -37.30 15.35 21.73
C LEU E 57 -37.61 14.84 23.13
N ALA E 58 -36.57 14.56 23.91
CA ALA E 58 -36.74 13.94 25.21
C ALA E 58 -36.62 14.99 26.31
N LEU E 59 -37.52 14.92 27.28
CA LEU E 59 -37.49 15.77 28.45
C LEU E 59 -36.86 14.99 29.60
N ILE E 60 -35.70 15.45 30.06
CA ILE E 60 -34.87 14.72 31.01
C ILE E 60 -34.80 15.51 32.31
N LYS E 61 -35.16 14.86 33.41
CA LYS E 61 -34.99 15.42 34.74
C LYS E 61 -34.43 14.33 35.63
N ASP E 62 -33.31 14.63 36.29
CA ASP E 62 -32.58 13.71 37.15
C ASP E 62 -32.01 12.52 36.40
N GLY E 63 -31.99 12.56 35.07
CA GLY E 63 -31.37 11.54 34.26
C GLY E 63 -32.34 10.56 33.62
N ARG E 64 -33.51 10.38 34.21
CA ARG E 64 -34.54 9.51 33.63
C ARG E 64 -35.50 10.36 32.81
N VAL E 65 -35.99 9.80 31.70
CA VAL E 65 -36.89 10.58 30.86
C VAL E 65 -38.18 10.86 31.62
N ILE E 66 -38.62 12.10 31.56
CA ILE E 66 -39.86 12.51 32.21
C ILE E 66 -40.92 12.96 31.22
N GLY E 67 -40.55 13.18 29.97
CA GLY E 67 -41.47 13.53 28.91
C GLY E 67 -40.76 13.39 27.58
N GLY E 68 -41.51 13.65 26.51
CA GLY E 68 -40.96 13.55 25.18
C GLY E 68 -41.96 13.77 24.07
N ILE E 69 -41.49 14.20 22.91
CA ILE E 69 -42.30 14.31 21.71
C ILE E 69 -41.59 13.53 20.62
N CYS E 70 -42.21 12.45 20.16
CA CYS E 70 -41.68 11.68 19.05
C CYS E 70 -42.25 12.22 17.75
N PHE E 71 -41.37 12.58 16.81
CA PHE E 71 -41.81 13.20 15.58
C PHE E 71 -41.12 12.58 14.37
N ARG E 72 -41.74 12.76 13.21
CA ARG E 72 -41.30 12.20 11.94
C ARG E 72 -41.20 13.34 10.92
N MET E 73 -39.99 13.72 10.56
CA MET E 73 -39.82 14.80 9.61
C MET E 73 -40.04 14.33 8.18
N PHE E 74 -40.63 15.19 7.37
CA PHE E 74 -40.85 14.94 5.95
C PHE E 74 -40.29 16.12 5.15
N PRO E 75 -38.96 16.30 5.16
CA PRO E 75 -38.39 17.51 4.55
C PRO E 75 -38.63 17.64 3.07
N THR E 76 -39.12 16.60 2.40
CA THR E 76 -39.49 16.73 1.00
C THR E 76 -40.92 17.19 0.83
N GLN E 77 -41.80 16.89 1.79
CA GLN E 77 -43.17 17.36 1.72
C GLN E 77 -43.40 18.66 2.47
N GLY E 78 -42.43 19.12 3.25
CA GLY E 78 -42.49 20.41 3.89
C GLY E 78 -43.11 20.46 5.26
N PHE E 79 -43.34 19.32 5.91
CA PHE E 79 -43.96 19.30 7.22
C PHE E 79 -43.34 18.21 8.08
N THR E 80 -43.68 18.24 9.37
CA THR E 80 -43.29 17.22 10.31
C THR E 80 -44.53 16.55 10.87
N GLU E 81 -44.46 15.23 11.02
CA GLU E 81 -45.50 14.48 11.69
C GLU E 81 -45.19 14.45 13.19
N ILE E 82 -46.16 14.85 14.01
CA ILE E 82 -46.09 14.66 15.45
C ILE E 82 -46.75 13.33 15.77
N VAL E 83 -45.96 12.35 16.20
CA VAL E 83 -46.44 10.99 16.38
C VAL E 83 -46.88 10.74 17.80
N PHE E 84 -45.98 10.93 18.76
CA PHE E 84 -46.22 10.68 20.18
C PHE E 84 -45.81 11.90 20.98
N CYS E 85 -46.53 12.13 22.07
CA CYS E 85 -46.43 13.40 22.79
C CYS E 85 -46.93 13.14 24.21
N ALA E 86 -46.03 13.17 25.18
CA ALA E 86 -46.45 12.76 26.51
C ALA E 86 -45.56 13.38 27.58
N VAL E 87 -46.18 13.79 28.69
CA VAL E 87 -45.48 14.13 29.92
C VAL E 87 -45.96 13.15 30.98
N THR E 88 -45.02 12.54 31.70
CA THR E 88 -45.38 11.49 32.64
C THR E 88 -46.31 12.03 33.72
N SER E 89 -47.13 11.12 34.28
CA SER E 89 -48.29 11.49 35.06
C SER E 89 -47.95 12.42 36.22
N ASN E 90 -47.00 12.00 37.06
CA ASN E 90 -46.66 12.75 38.27
C ASN E 90 -46.25 14.19 37.98
N GLU E 91 -45.92 14.50 36.73
CA GLU E 91 -45.24 15.75 36.41
C GLU E 91 -46.03 16.59 35.40
N GLN E 92 -47.34 16.36 35.30
CA GLN E 92 -48.06 16.81 34.11
C GLN E 92 -48.36 18.31 34.13
N VAL E 93 -48.97 18.82 35.19
CA VAL E 93 -49.30 20.24 35.17
C VAL E 93 -48.20 20.97 35.93
N LYS E 94 -47.07 21.15 35.26
CA LYS E 94 -46.04 22.07 35.66
C LYS E 94 -45.57 22.89 34.46
N GLY E 95 -46.32 22.88 33.37
CA GLY E 95 -45.95 23.58 32.15
C GLY E 95 -44.85 22.92 31.35
N TYR E 96 -44.54 21.66 31.64
CA TYR E 96 -43.49 20.99 30.89
C TYR E 96 -43.93 20.64 29.47
N GLY E 97 -45.22 20.37 29.28
CA GLY E 97 -45.70 20.04 27.95
C GLY E 97 -45.54 21.17 26.96
N THR E 98 -45.60 22.41 27.44
CA THR E 98 -45.45 23.56 26.56
C THR E 98 -43.99 23.90 26.29
N HIS E 99 -43.14 23.78 27.31
CA HIS E 99 -41.70 23.90 27.07
C HIS E 99 -41.23 22.88 26.07
N LEU E 100 -41.81 21.68 26.11
CA LEU E 100 -41.47 20.65 25.14
C LEU E 100 -41.81 21.11 23.74
N MET E 101 -43.05 21.56 23.54
CA MET E 101 -43.51 21.97 22.23
C MET E 101 -42.72 23.16 21.71
N ASN E 102 -42.47 24.17 22.56
CA ASN E 102 -41.77 25.35 22.07
C ASN E 102 -40.33 25.03 21.69
N HIS E 103 -39.69 24.13 22.43
CA HIS E 103 -38.36 23.68 22.06
C HIS E 103 -38.40 22.83 20.80
N LEU E 104 -39.51 22.13 20.55
CA LEU E 104 -39.66 21.41 19.29
C LEU E 104 -39.90 22.38 18.14
N LYS E 105 -40.61 23.47 18.40
CA LYS E 105 -40.85 24.47 17.35
C LYS E 105 -39.56 25.16 16.95
N GLU E 106 -38.71 25.50 17.92
CA GLU E 106 -37.45 26.15 17.59
C GLU E 106 -36.53 25.23 16.80
N TYR E 107 -36.47 23.96 17.17
CA TYR E 107 -35.67 23.01 16.41
C TYR E 107 -36.08 23.00 14.95
N HIS E 108 -37.38 22.99 14.68
CA HIS E 108 -37.84 22.82 13.31
C HIS E 108 -37.70 24.10 12.51
N ILE E 109 -37.80 25.24 13.17
CA ILE E 109 -37.56 26.52 12.50
C ILE E 109 -36.16 26.52 11.90
N LYS E 110 -35.16 26.17 12.69
CA LYS E 110 -33.79 26.18 12.20
C LYS E 110 -33.51 25.10 11.17
N HIS E 111 -34.51 24.32 10.77
CA HIS E 111 -34.34 23.31 9.73
C HIS E 111 -35.24 23.59 8.53
N ASN E 112 -35.86 24.77 8.48
CA ASN E 112 -36.79 25.16 7.41
C ASN E 112 -37.92 24.14 7.26
N ILE E 113 -38.51 23.77 8.38
CA ILE E 113 -39.75 23.01 8.40
C ILE E 113 -40.67 23.77 9.32
N LEU E 114 -41.74 24.33 8.77
CA LEU E 114 -42.55 25.27 9.53
C LEU E 114 -43.99 24.80 9.68
N TYR E 115 -44.30 23.57 9.30
CA TYR E 115 -45.62 23.00 9.49
C TYR E 115 -45.52 21.72 10.29
N PHE E 116 -46.24 21.66 11.41
CA PHE E 116 -46.46 20.43 12.14
C PHE E 116 -47.81 19.87 11.72
N LEU E 117 -47.86 18.57 11.51
CA LEU E 117 -49.13 17.87 11.33
C LEU E 117 -49.19 16.74 12.34
N THR E 118 -50.41 16.43 12.77
CA THR E 118 -50.61 15.34 13.72
C THR E 118 -52.08 14.95 13.70
N TYR E 119 -52.34 13.70 14.09
CA TYR E 119 -53.68 13.21 14.36
C TYR E 119 -53.83 13.08 15.87
N ALA E 120 -54.80 13.79 16.44
CA ALA E 120 -54.98 13.89 17.88
C ALA E 120 -56.30 13.23 18.25
N ASP E 121 -56.23 12.06 18.89
CA ASP E 121 -57.42 11.61 19.59
C ASP E 121 -57.76 12.65 20.64
N GLU E 122 -59.05 12.77 20.88
CA GLU E 122 -59.57 14.02 21.36
C GLU E 122 -59.01 14.42 22.73
N TYR E 123 -58.55 13.44 23.52
CA TYR E 123 -57.75 13.74 24.71
C TYR E 123 -56.70 14.81 24.43
N ALA E 124 -55.95 14.62 23.34
CA ALA E 124 -54.85 15.51 23.00
C ALA E 124 -55.30 16.81 22.38
N ILE E 125 -56.52 16.87 21.83
CA ILE E 125 -56.96 18.05 21.08
C ILE E 125 -56.81 19.31 21.93
N GLY E 126 -57.19 19.24 23.20
CA GLY E 126 -57.06 20.41 24.05
C GLY E 126 -55.63 20.87 24.18
N TYR E 127 -54.70 19.91 24.26
CA TYR E 127 -53.29 20.25 24.36
C TYR E 127 -52.79 20.92 23.08
N PHE E 128 -53.09 20.32 21.93
CA PHE E 128 -52.66 20.90 20.67
C PHE E 128 -53.30 22.25 20.42
N LYS E 129 -54.59 22.40 20.75
CA LYS E 129 -55.22 23.70 20.66
C LYS E 129 -54.45 24.74 21.47
N LYS E 130 -54.15 24.41 22.73
CA LYS E 130 -53.40 25.32 23.58
C LYS E 130 -52.02 25.63 23.00
N GLN E 131 -51.39 24.67 22.34
CA GLN E 131 -50.07 24.83 21.77
C GLN E 131 -50.07 25.51 20.42
N GLY E 132 -51.22 25.98 19.94
CA GLY E 132 -51.30 26.72 18.70
C GLY E 132 -51.76 25.95 17.48
N PHE E 133 -52.22 24.72 17.63
CA PHE E 133 -52.67 23.94 16.50
C PHE E 133 -54.09 24.33 16.12
N SER E 134 -54.45 24.02 14.88
CA SER E 134 -55.77 24.34 14.35
C SER E 134 -56.27 23.19 13.51
N LYS E 135 -57.60 23.11 13.37
CA LYS E 135 -58.21 22.06 12.58
C LYS E 135 -58.27 22.38 11.09
N ASP E 136 -57.91 23.61 10.71
CA ASP E 136 -57.95 24.01 9.31
C ASP E 136 -56.58 23.75 8.70
N ILE E 137 -56.51 22.77 7.81
CA ILE E 137 -55.25 22.27 7.31
C ILE E 137 -54.88 23.04 6.04
N LYS E 138 -53.82 23.84 6.13
CA LYS E 138 -53.34 24.57 4.97
C LYS E 138 -52.53 23.68 4.03
N VAL E 139 -51.78 22.71 4.54
CA VAL E 139 -51.06 21.79 3.66
C VAL E 139 -52.07 21.02 2.82
N PRO E 140 -51.92 20.96 1.50
CA PRO E 140 -52.94 20.31 0.67
C PRO E 140 -53.01 18.82 0.92
N LYS E 141 -54.18 18.25 0.63
CA LYS E 141 -54.39 16.83 0.84
C LYS E 141 -53.34 16.01 0.10
N SER E 142 -53.02 16.41 -1.12
CA SER E 142 -52.06 15.70 -1.95
C SER E 142 -50.64 15.73 -1.40
N ARG E 143 -50.41 16.38 -0.26
CA ARG E 143 -49.06 16.57 0.25
C ARG E 143 -48.78 15.83 1.55
N TYR E 144 -49.82 15.49 2.32
CA TYR E 144 -49.64 14.69 3.53
C TYR E 144 -50.27 13.31 3.43
N LEU E 145 -51.28 13.13 2.58
CA LEU E 145 -52.06 11.90 2.54
C LEU E 145 -51.18 10.74 2.09
N GLY E 146 -51.12 9.69 2.91
CA GLY E 146 -50.28 8.55 2.62
C GLY E 146 -48.87 8.65 3.14
N TYR E 147 -48.52 9.71 3.86
CA TYR E 147 -47.21 9.83 4.49
C TYR E 147 -47.31 9.79 6.00
N ILE E 148 -48.27 10.52 6.56
CA ILE E 148 -48.60 10.42 7.97
C ILE E 148 -49.60 9.30 8.12
N LYS E 149 -49.42 8.49 9.17
CA LYS E 149 -50.33 7.39 9.42
C LYS E 149 -51.66 7.93 9.94
N ASP E 150 -52.74 7.63 9.23
CA ASP E 150 -54.06 8.11 9.64
C ASP E 150 -54.53 7.36 10.87
N TYR E 151 -54.85 8.09 11.93
CA TYR E 151 -55.53 7.54 13.10
C TYR E 151 -56.98 7.99 13.02
N GLU E 152 -57.87 7.06 12.67
CA GLU E 152 -59.28 7.43 12.61
C GLU E 152 -59.86 7.51 14.02
N GLY E 153 -60.87 8.35 14.16
CA GLY E 153 -61.35 8.71 15.48
C GLY E 153 -60.68 9.99 15.90
N ALA E 154 -59.44 10.16 15.45
CA ALA E 154 -58.69 11.36 15.76
C ALA E 154 -59.05 12.48 14.79
N THR E 155 -58.51 13.65 15.07
CA THR E 155 -58.69 14.82 14.21
C THR E 155 -57.35 15.27 13.70
N LEU E 156 -57.25 15.48 12.39
CA LEU E 156 -56.05 16.06 11.82
C LEU E 156 -55.91 17.51 12.27
N MET E 157 -54.74 17.85 12.79
CA MET E 157 -54.48 19.20 13.25
C MET E 157 -53.14 19.68 12.73
N GLU E 158 -53.06 20.99 12.50
CA GLU E 158 -51.89 21.59 11.92
C GLU E 158 -51.42 22.70 12.82
N CYS E 159 -50.12 22.96 12.78
CA CYS E 159 -49.53 24.13 13.41
C CYS E 159 -48.57 24.78 12.43
N GLU E 160 -48.73 26.08 12.22
CA GLU E 160 -47.84 26.84 11.36
C GLU E 160 -46.88 27.63 12.23
N LEU E 161 -45.58 27.49 11.94
CA LEU E 161 -44.52 28.15 12.69
C LEU E 161 -44.08 29.43 11.99
N ASN E 162 -43.70 30.43 12.78
CA ASN E 162 -43.24 31.69 12.21
C ASN E 162 -41.73 31.73 12.29
N PRO E 163 -41.01 31.66 11.17
CA PRO E 163 -39.55 31.50 11.23
C PRO E 163 -38.83 32.70 11.82
N ARG E 164 -39.53 33.81 12.07
CA ARG E 164 -38.92 35.00 12.65
C ARG E 164 -39.14 35.10 14.15
N ILE E 165 -40.03 34.29 14.71
CA ILE E 165 -40.26 34.26 16.16
C ILE E 165 -39.42 33.13 16.73
N PRO E 166 -38.35 33.43 17.46
CA PRO E 166 -37.69 32.39 18.26
C PRO E 166 -38.61 31.91 19.38
N TYR E 167 -38.76 30.59 19.48
CA TYR E 167 -39.53 29.98 20.55
C TYR E 167 -38.68 29.62 21.75
N THR E 168 -37.36 29.67 21.62
CA THR E 168 -36.43 29.33 22.69
C THR E 168 -35.42 30.44 22.91
N ILE F 5 -43.75 -20.73 17.46
CA ILE F 5 -42.89 -20.59 18.63
C ILE F 5 -41.45 -20.72 18.19
N GLU F 6 -40.53 -20.14 18.95
CA GLU F 6 -39.10 -20.13 18.63
C GLU F 6 -38.34 -19.67 19.86
N PHE F 7 -37.03 -19.96 19.89
CA PHE F 7 -36.20 -19.64 21.05
C PHE F 7 -34.91 -18.97 20.59
N HIS F 8 -34.55 -17.88 21.26
CA HIS F 8 -33.36 -17.11 20.91
C HIS F 8 -32.67 -16.63 22.17
N VAL F 9 -31.35 -16.83 22.20
CA VAL F 9 -30.52 -16.26 23.24
C VAL F 9 -29.99 -14.94 22.70
N ILE F 10 -30.58 -13.84 23.13
CA ILE F 10 -30.24 -12.54 22.62
C ILE F 10 -29.63 -11.70 23.73
N GLY F 11 -28.93 -10.67 23.34
CA GLY F 11 -28.25 -9.83 24.30
C GLY F 11 -27.95 -8.48 23.72
N ASN F 12 -27.01 -7.79 24.35
CA ASN F 12 -26.76 -6.39 24.03
C ASN F 12 -25.34 -6.04 24.45
N SER F 13 -24.41 -6.08 23.50
CA SER F 13 -23.03 -5.76 23.84
C SER F 13 -22.41 -4.71 22.94
N LEU F 14 -22.66 -4.77 21.63
CA LEU F 14 -22.10 -3.77 20.73
C LEU F 14 -22.95 -2.50 20.82
N ALA F 18 -26.10 -5.77 18.91
CA ALA F 18 -27.48 -5.33 18.87
C ALA F 18 -27.86 -4.98 17.43
N ASN F 19 -29.15 -5.13 17.09
CA ASN F 19 -29.57 -5.38 15.72
C ASN F 19 -31.02 -4.91 15.59
N ARG F 20 -31.64 -5.09 14.45
CA ARG F 20 -33.03 -4.69 14.36
C ARG F 20 -33.90 -5.44 15.36
N ARG F 21 -33.67 -6.74 15.53
CA ARG F 21 -34.69 -7.46 16.27
C ARG F 21 -34.33 -7.60 17.75
N VAL F 22 -33.05 -7.80 18.08
CA VAL F 22 -32.73 -7.88 19.50
C VAL F 22 -33.17 -6.62 20.22
N LEU F 23 -32.98 -5.46 19.58
CA LEU F 23 -33.33 -4.22 20.26
C LEU F 23 -34.82 -4.17 20.56
N LEU F 24 -35.65 -4.40 19.53
CA LEU F 24 -37.08 -4.51 19.76
C LEU F 24 -37.39 -5.57 20.81
N TRP F 25 -36.82 -6.75 20.63
CA TRP F 25 -37.12 -7.87 21.51
C TRP F 25 -36.80 -7.53 22.96
N LEU F 26 -35.62 -6.95 23.22
CA LEU F 26 -35.30 -6.58 24.59
C LEU F 26 -36.23 -5.51 25.12
N VAL F 27 -36.75 -4.65 24.25
CA VAL F 27 -37.79 -3.71 24.69
C VAL F 27 -39.05 -4.46 25.09
N GLY F 28 -39.51 -5.39 24.24
CA GLY F 28 -40.62 -6.23 24.62
C GLY F 28 -40.37 -6.91 25.95
N LEU F 29 -39.19 -7.55 26.07
CA LEU F 29 -38.80 -8.20 27.31
C LEU F 29 -38.89 -7.27 28.49
N GLN F 30 -38.40 -6.03 28.32
CA GLN F 30 -38.40 -5.08 29.42
C GLN F 30 -39.81 -4.79 29.88
N ASN F 31 -40.78 -4.76 28.97
CA ASN F 31 -42.14 -4.47 29.40
C ASN F 31 -42.79 -5.66 30.06
N VAL F 32 -42.58 -6.86 29.52
CA VAL F 32 -43.09 -8.06 30.17
C VAL F 32 -42.57 -8.15 31.59
N PHE F 33 -41.25 -8.04 31.76
CA PHE F 33 -40.66 -8.11 33.09
C PHE F 33 -41.17 -7.00 33.98
N SER F 34 -41.35 -5.81 33.42
CA SER F 34 -41.74 -4.67 34.24
C SER F 34 -43.17 -4.79 34.72
N HIS F 35 -44.04 -5.36 33.90
CA HIS F 35 -45.42 -5.50 34.34
C HIS F 35 -45.64 -6.71 35.22
N GLN F 36 -44.74 -7.68 35.21
CA GLN F 36 -44.78 -8.70 36.26
C GLN F 36 -44.25 -8.16 37.58
N LEU F 37 -43.57 -7.02 37.58
CA LEU F 37 -42.94 -6.46 38.78
C LEU F 37 -43.10 -4.95 38.80
N PRO F 38 -44.30 -4.47 39.11
CA PRO F 38 -44.52 -3.02 39.10
C PRO F 38 -43.79 -2.31 40.20
N ARG F 39 -43.63 -2.95 41.36
CA ARG F 39 -42.95 -2.32 42.47
C ARG F 39 -41.45 -2.22 42.26
N MET F 40 -40.92 -2.81 41.21
CA MET F 40 -39.54 -2.55 40.87
C MET F 40 -39.45 -1.48 39.79
N PRO F 41 -38.53 -0.54 39.91
CA PRO F 41 -38.45 0.55 38.94
C PRO F 41 -38.19 0.03 37.54
N LYS F 42 -38.93 0.59 36.58
CA LYS F 42 -38.83 0.15 35.19
C LYS F 42 -37.45 0.42 34.61
N GLU F 43 -36.76 1.43 35.13
CA GLU F 43 -35.41 1.73 34.65
C GLU F 43 -34.42 0.65 35.05
N TYR F 44 -34.48 0.21 36.31
CA TYR F 44 -33.60 -0.84 36.79
C TYR F 44 -33.75 -2.10 35.95
N ILE F 45 -34.98 -2.51 35.68
CA ILE F 45 -35.19 -3.64 34.79
C ILE F 45 -34.57 -3.36 33.44
N ALA F 46 -34.69 -2.12 32.97
CA ALA F 46 -34.12 -1.76 31.67
C ALA F 46 -32.59 -1.87 31.67
N ARG F 47 -31.94 -1.32 32.70
CA ARG F 47 -30.48 -1.44 32.76
C ARG F 47 -30.06 -2.90 32.78
N LEU F 48 -30.84 -3.78 33.42
CA LEU F 48 -30.48 -5.18 33.47
C LEU F 48 -30.64 -5.84 32.10
N VAL F 49 -31.81 -5.71 31.50
CA VAL F 49 -32.04 -6.35 30.22
C VAL F 49 -31.06 -5.84 29.17
N PHE F 50 -30.75 -4.54 29.20
CA PHE F 50 -29.86 -3.95 28.21
C PHE F 50 -28.44 -3.87 28.76
N ASP F 51 -27.92 -5.02 29.17
CA ASP F 51 -26.58 -5.07 29.70
C ASP F 51 -25.78 -6.11 28.94
N PRO F 52 -24.48 -5.88 28.73
CA PRO F 52 -23.68 -6.92 28.10
C PRO F 52 -23.50 -8.13 29.00
N LYS F 53 -23.25 -7.93 30.29
CA LYS F 53 -23.07 -9.05 31.18
C LYS F 53 -24.32 -9.91 31.28
N HIS F 54 -25.48 -9.37 30.95
CA HIS F 54 -26.74 -10.11 31.02
C HIS F 54 -27.23 -10.49 29.63
N LYS F 55 -27.70 -11.71 29.49
CA LYS F 55 -28.34 -12.20 28.29
C LYS F 55 -29.72 -12.72 28.67
N THR F 56 -30.62 -12.77 27.71
CA THR F 56 -31.94 -13.28 28.00
C THR F 56 -32.35 -14.27 26.92
N LEU F 57 -32.85 -15.43 27.34
CA LEU F 57 -33.45 -16.39 26.42
C LEU F 57 -34.89 -15.99 26.19
N ALA F 58 -35.18 -15.47 25.00
CA ALA F 58 -36.49 -14.91 24.71
C ALA F 58 -37.43 -15.99 24.19
N LEU F 59 -38.56 -16.17 24.89
CA LEU F 59 -39.66 -16.97 24.37
C LEU F 59 -40.43 -16.15 23.36
N ILE F 60 -40.40 -16.58 22.11
CA ILE F 60 -40.84 -15.72 21.02
C ILE F 60 -41.94 -16.42 20.23
N LYS F 61 -43.06 -15.73 20.05
CA LYS F 61 -44.25 -16.30 19.47
C LYS F 61 -44.21 -16.13 17.95
N ASP F 62 -45.29 -16.48 17.26
CA ASP F 62 -45.57 -15.84 15.98
C ASP F 62 -45.51 -14.32 16.13
N GLY F 63 -46.05 -13.81 17.22
CA GLY F 63 -45.88 -12.40 17.52
C GLY F 63 -44.59 -12.15 18.28
N ARG F 64 -44.25 -10.89 18.56
CA ARG F 64 -42.84 -10.55 18.74
C ARG F 64 -42.21 -11.22 19.97
N VAL F 65 -42.85 -11.17 21.14
CA VAL F 65 -42.25 -11.72 22.36
C VAL F 65 -43.36 -12.02 23.35
N ILE F 66 -43.34 -13.19 23.97
CA ILE F 66 -44.39 -13.50 24.94
C ILE F 66 -43.78 -13.93 26.26
N GLY F 67 -42.46 -14.10 26.27
CA GLY F 67 -41.81 -14.53 27.50
C GLY F 67 -40.32 -14.58 27.32
N GLY F 68 -39.64 -14.90 28.42
CA GLY F 68 -38.19 -14.90 28.38
C GLY F 68 -37.60 -15.19 29.75
N ILE F 69 -36.31 -15.48 29.73
CA ILE F 69 -35.53 -15.70 30.93
C ILE F 69 -34.27 -14.86 30.83
N CYS F 70 -34.10 -13.91 31.75
CA CYS F 70 -32.92 -13.05 31.78
C CYS F 70 -31.94 -13.60 32.81
N PHE F 71 -30.73 -13.94 32.34
CA PHE F 71 -29.72 -14.59 33.16
C PHE F 71 -28.36 -13.93 32.97
N ARG F 72 -27.46 -14.18 33.92
CA ARG F 72 -26.08 -13.70 33.85
C ARG F 72 -25.16 -14.88 34.10
N MET F 73 -24.37 -15.24 33.09
CA MET F 73 -23.44 -16.34 33.25
C MET F 73 -22.24 -15.90 34.05
N PHE F 74 -21.76 -16.77 34.92
CA PHE F 74 -20.52 -16.55 35.65
C PHE F 74 -19.57 -17.69 35.30
N PRO F 75 -18.95 -17.66 34.13
CA PRO F 75 -18.09 -18.78 33.72
C PRO F 75 -16.92 -19.02 34.67
N THR F 76 -16.32 -17.96 35.23
CA THR F 76 -15.22 -18.13 36.17
C THR F 76 -15.65 -18.86 37.44
N GLN F 77 -16.91 -18.76 37.83
CA GLN F 77 -17.38 -19.37 39.07
C GLN F 77 -18.25 -20.60 38.87
N GLY F 78 -18.64 -20.91 37.64
CA GLY F 78 -19.30 -22.16 37.36
C GLY F 78 -20.79 -22.16 37.53
N PHE F 79 -21.43 -21.00 37.57
CA PHE F 79 -22.88 -20.96 37.62
C PHE F 79 -23.40 -19.80 36.79
N THR F 80 -24.72 -19.82 36.60
CA THR F 80 -25.48 -18.76 35.96
C THR F 80 -26.56 -18.29 36.94
N GLU F 81 -26.75 -16.97 37.01
CA GLU F 81 -27.79 -16.38 37.83
C GLU F 81 -29.05 -16.22 37.01
N ILE F 82 -30.16 -16.76 37.51
CA ILE F 82 -31.45 -16.44 36.93
C ILE F 82 -31.92 -15.12 37.54
N VAL F 83 -32.07 -14.10 36.71
CA VAL F 83 -32.50 -12.80 37.20
C VAL F 83 -34.00 -12.66 37.03
N PHE F 84 -34.46 -12.57 35.80
CA PHE F 84 -35.87 -12.39 35.50
C PHE F 84 -36.38 -13.63 34.76
N CYS F 85 -37.61 -14.00 35.08
CA CYS F 85 -38.22 -15.19 34.49
C CYS F 85 -39.72 -14.95 34.43
N ALA F 86 -40.27 -14.81 33.23
CA ALA F 86 -41.68 -14.45 33.12
C ALA F 86 -42.24 -14.74 31.74
N VAL F 87 -43.55 -14.95 31.71
CA VAL F 87 -44.32 -15.07 30.47
C VAL F 87 -45.52 -14.15 30.60
N THR F 88 -45.94 -13.53 29.49
CA THR F 88 -47.06 -12.61 29.52
C THR F 88 -48.36 -13.36 29.83
N SER F 89 -49.28 -12.65 30.49
CA SER F 89 -50.43 -13.30 31.12
C SER F 89 -51.24 -14.12 30.13
N ASN F 90 -51.43 -13.59 28.91
CA ASN F 90 -52.25 -14.29 27.94
C ASN F 90 -51.66 -15.63 27.52
N GLU F 91 -50.38 -15.86 27.79
CA GLU F 91 -49.72 -17.09 27.37
C GLU F 91 -49.31 -17.97 28.54
N GLN F 92 -49.75 -17.64 29.77
CA GLN F 92 -49.44 -18.48 30.91
C GLN F 92 -50.33 -19.71 30.91
N VAL F 93 -49.97 -20.67 31.76
CA VAL F 93 -50.57 -22.00 31.79
C VAL F 93 -50.73 -22.49 30.35
N LYS F 94 -49.61 -22.70 29.69
CA LYS F 94 -49.57 -23.33 28.37
C LYS F 94 -48.34 -24.22 28.19
N GLY F 95 -47.52 -24.41 29.23
CA GLY F 95 -46.32 -25.19 29.12
C GLY F 95 -45.08 -24.43 28.71
N TYR F 96 -45.18 -23.12 28.50
CA TYR F 96 -44.05 -22.38 27.98
C TYR F 96 -42.96 -22.21 29.02
N GLY F 97 -43.32 -22.17 30.30
CA GLY F 97 -42.31 -22.04 31.35
C GLY F 97 -41.32 -23.19 31.33
N THR F 98 -41.79 -24.40 31.04
CA THR F 98 -40.88 -25.54 31.00
C THR F 98 -40.06 -25.56 29.73
N HIS F 99 -40.65 -25.18 28.61
CA HIS F 99 -39.87 -25.13 27.38
C HIS F 99 -38.77 -24.08 27.51
N LEU F 100 -39.08 -22.93 28.11
CA LEU F 100 -38.08 -21.89 28.31
C LEU F 100 -36.93 -22.40 29.16
N MET F 101 -37.24 -22.96 30.33
CA MET F 101 -36.19 -23.44 31.22
C MET F 101 -35.41 -24.57 30.59
N ASN F 102 -36.07 -25.40 29.78
CA ASN F 102 -35.35 -26.53 29.20
C ASN F 102 -34.39 -26.06 28.12
N HIS F 103 -34.85 -25.16 27.24
CA HIS F 103 -33.94 -24.56 26.26
C HIS F 103 -32.78 -23.85 26.92
N LEU F 104 -32.99 -23.32 28.13
CA LEU F 104 -31.89 -22.70 28.87
C LEU F 104 -30.92 -23.74 29.39
N LYS F 105 -31.42 -24.89 29.82
CA LYS F 105 -30.53 -25.93 30.34
C LYS F 105 -29.68 -26.52 29.22
N GLU F 106 -30.28 -26.82 28.06
CA GLU F 106 -29.51 -27.34 26.95
C GLU F 106 -28.48 -26.33 26.50
N TYR F 107 -28.83 -25.04 26.50
CA TYR F 107 -27.87 -24.00 26.15
C TYR F 107 -26.71 -23.99 27.12
N HIS F 108 -26.99 -24.15 28.41
CA HIS F 108 -25.94 -24.06 29.41
C HIS F 108 -25.10 -25.32 29.47
N ILE F 109 -25.64 -26.45 29.04
CA ILE F 109 -24.83 -27.65 29.01
C ILE F 109 -23.85 -27.61 27.86
N LYS F 110 -24.28 -27.07 26.73
CA LYS F 110 -23.35 -26.93 25.61
C LYS F 110 -22.33 -25.83 25.86
N HIS F 111 -22.44 -25.09 26.96
CA HIS F 111 -21.45 -24.11 27.37
C HIS F 111 -20.73 -24.51 28.66
N ASN F 112 -20.91 -25.75 29.10
CA ASN F 112 -20.18 -26.29 30.24
C ASN F 112 -20.45 -25.51 31.51
N ILE F 113 -21.72 -25.17 31.72
CA ILE F 113 -22.18 -24.57 32.95
C ILE F 113 -23.31 -25.44 33.48
N LEU F 114 -23.14 -25.95 34.70
CA LEU F 114 -24.01 -26.99 35.22
C LEU F 114 -24.83 -26.55 36.42
N TYR F 115 -24.68 -25.32 36.89
CA TYR F 115 -25.39 -24.87 38.09
C TYR F 115 -26.12 -23.58 37.81
N PHE F 116 -27.43 -23.58 38.01
CA PHE F 116 -28.19 -22.35 38.08
C PHE F 116 -28.32 -21.91 39.52
N LEU F 117 -28.35 -20.61 39.72
CA LEU F 117 -28.67 -20.02 41.02
C LEU F 117 -29.66 -18.89 40.83
N THR F 118 -30.54 -18.73 41.80
CA THR F 118 -31.47 -17.61 41.73
C THR F 118 -31.92 -17.26 43.14
N TYR F 119 -32.25 -15.99 43.33
CA TYR F 119 -32.92 -15.52 44.54
C TYR F 119 -34.36 -15.24 44.13
N ALA F 120 -35.26 -16.11 44.53
CA ALA F 120 -36.63 -16.07 44.02
C ALA F 120 -37.60 -15.42 44.99
N ASP F 121 -38.65 -14.79 44.43
CA ASP F 121 -39.84 -14.35 45.17
C ASP F 121 -40.42 -15.50 45.97
N GLU F 122 -41.26 -15.18 46.95
CA GLU F 122 -42.17 -16.21 47.46
C GLU F 122 -43.10 -16.67 46.34
N TYR F 123 -43.34 -15.80 45.36
CA TYR F 123 -44.24 -16.11 44.26
C TYR F 123 -43.59 -17.00 43.21
N ALA F 124 -42.27 -16.89 43.02
CA ALA F 124 -41.58 -17.63 41.98
C ALA F 124 -41.09 -18.99 42.43
N ILE F 125 -41.14 -19.29 43.73
CA ILE F 125 -40.58 -20.55 44.22
C ILE F 125 -41.25 -21.73 43.57
N GLY F 126 -42.58 -21.70 43.48
CA GLY F 126 -43.29 -22.84 42.93
C GLY F 126 -42.81 -23.20 41.55
N TYR F 127 -42.73 -22.21 40.66
CA TYR F 127 -42.31 -22.49 39.29
C TYR F 127 -40.91 -23.07 39.26
N PHE F 128 -40.01 -22.54 40.08
CA PHE F 128 -38.67 -23.09 40.10
C PHE F 128 -38.66 -24.52 40.62
N LYS F 129 -39.46 -24.80 41.65
CA LYS F 129 -39.47 -26.15 42.18
C LYS F 129 -39.98 -27.12 41.12
N LYS F 130 -40.97 -26.70 40.35
CA LYS F 130 -41.41 -27.47 39.19
C LYS F 130 -40.24 -27.78 38.28
N GLN F 131 -39.40 -26.78 38.01
CA GLN F 131 -38.28 -26.94 37.11
C GLN F 131 -37.09 -27.62 37.76
N GLY F 132 -37.23 -28.15 38.96
CA GLY F 132 -36.18 -28.99 39.51
C GLY F 132 -35.21 -28.29 40.42
N PHE F 133 -35.49 -27.05 40.81
CA PHE F 133 -34.64 -26.33 41.71
C PHE F 133 -34.88 -26.80 43.14
N SER F 134 -33.89 -26.53 43.99
CA SER F 134 -33.95 -26.95 45.38
C SER F 134 -33.45 -25.80 46.25
N LYS F 135 -33.78 -25.88 47.53
CA LYS F 135 -33.26 -24.93 48.51
C LYS F 135 -31.95 -25.40 49.13
N ASP F 136 -31.55 -26.63 48.88
CA ASP F 136 -30.25 -27.13 49.32
C ASP F 136 -29.18 -26.63 48.36
N ILE F 137 -28.33 -25.72 48.83
CA ILE F 137 -27.31 -25.11 48.00
C ILE F 137 -26.03 -25.87 48.21
N LYS F 138 -25.53 -26.52 47.17
CA LYS F 138 -24.28 -27.25 47.27
C LYS F 138 -23.09 -26.41 46.86
N VAL F 139 -23.29 -25.48 45.93
CA VAL F 139 -22.26 -24.50 45.58
C VAL F 139 -21.87 -23.79 46.87
N PRO F 140 -20.60 -23.80 47.27
CA PRO F 140 -20.22 -23.18 48.54
C PRO F 140 -20.46 -21.67 48.53
N LYS F 141 -20.66 -21.13 49.74
CA LYS F 141 -21.04 -19.73 49.87
C LYS F 141 -19.97 -18.83 49.27
N SER F 142 -18.70 -19.23 49.42
CA SER F 142 -17.59 -18.46 48.87
C SER F 142 -17.65 -18.30 47.37
N ARG F 143 -18.52 -19.04 46.68
CA ARG F 143 -18.53 -19.04 45.23
C ARG F 143 -19.57 -18.13 44.62
N TYR F 144 -20.64 -17.81 45.34
CA TYR F 144 -21.68 -16.98 44.78
C TYR F 144 -21.91 -15.68 45.54
N LEU F 145 -21.57 -15.62 46.83
CA LEU F 145 -21.83 -14.41 47.60
C LEU F 145 -21.13 -13.22 46.98
N GLY F 146 -21.85 -12.12 46.85
CA GLY F 146 -21.31 -10.91 46.30
C GLY F 146 -21.25 -10.84 44.80
N TYR F 147 -21.41 -11.96 44.10
CA TYR F 147 -21.58 -11.91 42.67
C TYR F 147 -23.05 -11.75 42.30
N ILE F 148 -23.91 -12.52 42.95
CA ILE F 148 -25.34 -12.36 42.87
C ILE F 148 -25.79 -11.66 44.14
N LYS F 149 -26.83 -10.83 44.02
CA LYS F 149 -27.27 -10.00 45.13
C LYS F 149 -28.22 -10.77 46.01
N ASP F 150 -27.88 -10.85 47.30
CA ASP F 150 -28.64 -11.57 48.30
C ASP F 150 -29.75 -10.64 48.80
N TYR F 151 -30.81 -10.57 48.02
CA TYR F 151 -31.94 -9.73 48.42
C TYR F 151 -32.61 -10.31 49.65
N GLU F 152 -33.00 -9.42 50.55
CA GLU F 152 -33.63 -9.83 51.80
C GLU F 152 -35.09 -10.16 51.53
N GLY F 153 -35.52 -11.34 51.95
CA GLY F 153 -36.85 -11.83 51.65
C GLY F 153 -36.91 -12.77 50.47
N ALA F 154 -35.80 -12.95 49.77
CA ALA F 154 -35.72 -13.89 48.67
C ALA F 154 -35.15 -15.22 49.17
N THR F 155 -35.44 -16.27 48.42
CA THR F 155 -34.96 -17.60 48.76
C THR F 155 -33.94 -18.00 47.71
N LEU F 156 -32.75 -18.34 48.16
CA LEU F 156 -31.72 -18.82 47.25
C LEU F 156 -32.05 -20.25 46.83
N MET F 157 -32.19 -20.47 45.54
CA MET F 157 -32.54 -21.76 45.00
C MET F 157 -31.55 -22.15 43.91
N GLU F 158 -31.26 -23.45 43.87
CA GLU F 158 -30.21 -24.01 43.04
C GLU F 158 -30.80 -25.05 42.10
N CYS F 159 -30.18 -25.23 40.93
CA CYS F 159 -30.57 -26.30 40.04
C CYS F 159 -29.30 -26.90 39.44
N GLU F 160 -29.12 -28.19 39.63
CA GLU F 160 -27.95 -28.90 39.14
C GLU F 160 -28.29 -29.62 37.85
N LEU F 161 -27.50 -29.39 36.81
CA LEU F 161 -27.81 -29.89 35.48
C LEU F 161 -27.11 -31.21 35.20
N ASN F 162 -27.70 -32.01 34.32
CA ASN F 162 -27.06 -33.26 33.95
C ASN F 162 -26.62 -33.21 32.51
N PRO F 163 -25.32 -33.22 32.22
CA PRO F 163 -24.86 -33.05 30.84
C PRO F 163 -25.21 -34.22 29.95
N ARG F 164 -25.53 -35.37 30.53
CA ARG F 164 -25.84 -36.54 29.74
C ARG F 164 -27.27 -36.50 29.22
N ILE F 165 -28.16 -35.85 29.95
CA ILE F 165 -29.59 -35.89 29.66
C ILE F 165 -29.94 -34.91 28.55
N PRO F 166 -30.77 -35.32 27.56
CA PRO F 166 -31.19 -34.38 26.52
C PRO F 166 -32.43 -33.58 26.92
N TYR F 167 -32.24 -32.31 27.28
CA TYR F 167 -33.36 -31.53 27.77
C TYR F 167 -34.31 -31.08 26.67
N THR F 168 -33.85 -31.04 25.42
CA THR F 168 -34.71 -30.65 24.30
C THR F 168 -34.87 -31.79 23.31
N GLY G 3 33.38 -4.70 42.29
CA GLY G 3 32.43 -5.04 43.34
C GLY G 3 31.14 -4.26 43.24
N ILE G 4 30.65 -4.09 42.02
CA ILE G 4 29.43 -3.31 41.75
C ILE G 4 28.24 -4.25 41.72
N ILE G 5 27.33 -4.07 42.66
CA ILE G 5 26.21 -4.98 42.89
C ILE G 5 24.99 -4.48 42.11
N GLU G 6 24.25 -5.41 41.52
CA GLU G 6 23.00 -5.10 40.85
C GLU G 6 21.97 -6.17 41.22
N PHE G 7 20.70 -5.83 40.99
CA PHE G 7 19.57 -6.74 41.17
C PHE G 7 18.69 -6.67 39.93
N HIS G 8 18.25 -7.81 39.44
CA HIS G 8 17.50 -7.85 38.19
C HIS G 8 16.47 -8.96 38.23
N VAL G 9 15.20 -8.62 38.07
CA VAL G 9 14.16 -9.62 37.81
C VAL G 9 14.25 -9.97 36.34
N ILE G 10 14.59 -11.22 36.04
CA ILE G 10 14.77 -11.69 34.67
C ILE G 10 13.97 -12.96 34.48
N GLY G 11 13.79 -13.34 33.22
CA GLY G 11 12.95 -14.48 32.90
C GLY G 11 12.92 -14.84 31.43
N ASN G 12 11.74 -15.20 30.91
CA ASN G 12 11.57 -15.50 29.50
C ASN G 12 10.27 -14.92 29.00
N SER G 13 10.25 -14.59 27.70
CA SER G 13 9.05 -14.02 27.10
C SER G 13 8.08 -15.11 26.67
N LEU G 14 8.44 -15.87 25.64
CA LEU G 14 7.54 -16.85 25.04
C LEU G 14 7.89 -18.26 25.45
N ASN G 19 17.97 -11.28 24.51
CA ASN G 19 19.16 -10.85 25.24
C ASN G 19 19.95 -12.09 25.59
N ARG G 20 21.27 -11.95 25.71
CA ARG G 20 22.14 -13.06 26.07
C ARG G 20 22.83 -12.86 27.40
N ARG G 21 23.03 -11.62 27.84
CA ARG G 21 23.42 -11.38 29.23
C ARG G 21 22.47 -12.11 30.15
N VAL G 22 21.17 -12.08 29.83
CA VAL G 22 20.17 -12.68 30.68
C VAL G 22 20.28 -14.20 30.63
N LEU G 23 20.49 -14.76 29.46
CA LEU G 23 20.49 -16.22 29.37
C LEU G 23 21.73 -16.81 30.04
N LEU G 24 22.88 -16.16 29.93
CA LEU G 24 24.03 -16.66 30.69
C LEU G 24 23.82 -16.47 32.18
N TRP G 25 22.98 -15.51 32.57
CA TRP G 25 22.59 -15.38 33.96
C TRP G 25 21.67 -16.52 34.39
N LEU G 26 20.68 -16.86 33.56
CA LEU G 26 19.79 -17.97 33.87
C LEU G 26 20.54 -19.29 33.99
N VAL G 27 21.58 -19.48 33.19
CA VAL G 27 22.40 -20.69 33.31
C VAL G 27 23.20 -20.64 34.59
N GLY G 28 23.68 -19.47 34.98
CA GLY G 28 24.38 -19.34 36.23
C GLY G 28 23.48 -19.63 37.41
N LEU G 29 22.24 -19.18 37.35
CA LEU G 29 21.30 -19.47 38.41
C LEU G 29 20.99 -20.97 38.45
N GLN G 30 20.72 -21.58 37.31
CA GLN G 30 20.51 -23.01 37.30
C GLN G 30 21.72 -23.76 37.86
N ASN G 31 22.94 -23.29 37.59
CA ASN G 31 24.11 -23.92 38.17
C ASN G 31 24.14 -23.74 39.67
N VAL G 32 23.82 -22.53 40.14
CA VAL G 32 23.85 -22.25 41.57
C VAL G 32 22.83 -23.10 42.30
N PHE G 33 21.59 -23.11 41.81
CA PHE G 33 20.54 -23.86 42.48
C PHE G 33 20.86 -25.34 42.49
N SER G 34 21.24 -25.87 41.34
CA SER G 34 21.55 -27.29 41.26
C SER G 34 22.72 -27.66 42.16
N HIS G 35 23.65 -26.74 42.39
CA HIS G 35 24.75 -27.06 43.29
C HIS G 35 24.29 -27.12 44.74
N GLN G 36 23.39 -26.23 45.14
CA GLN G 36 22.95 -26.22 46.52
C GLN G 36 21.82 -27.21 46.76
N LEU G 37 21.41 -27.95 45.75
CA LEU G 37 20.37 -28.96 45.87
C LEU G 37 20.76 -30.14 45.00
N PRO G 38 21.82 -30.86 45.34
CA PRO G 38 22.35 -31.85 44.41
C PRO G 38 21.46 -33.07 44.24
N ARG G 39 20.45 -33.25 45.07
CA ARG G 39 19.63 -34.43 44.95
C ARG G 39 18.41 -34.20 44.06
N MET G 40 18.06 -32.95 43.77
CA MET G 40 17.03 -32.67 42.78
C MET G 40 17.60 -32.82 41.37
N PRO G 41 16.80 -33.31 40.43
CA PRO G 41 17.29 -33.47 39.06
C PRO G 41 17.65 -32.12 38.43
N LYS G 42 18.81 -32.07 37.78
CA LYS G 42 19.26 -30.82 37.15
C LYS G 42 18.28 -30.36 36.10
N GLU G 43 17.65 -31.31 35.42
CA GLU G 43 16.67 -31.01 34.38
C GLU G 43 15.42 -30.39 34.96
N TYR G 44 15.10 -30.70 36.21
CA TYR G 44 13.97 -30.07 36.87
C TYR G 44 14.28 -28.61 37.17
N ILE G 45 15.42 -28.34 37.80
CA ILE G 45 15.78 -26.96 38.11
C ILE G 45 15.85 -26.13 36.85
N ALA G 46 16.42 -26.69 35.78
CA ALA G 46 16.50 -25.97 34.53
C ALA G 46 15.12 -25.72 33.94
N ARG G 47 14.26 -26.74 33.97
CA ARG G 47 12.92 -26.57 33.46
C ARG G 47 12.16 -25.43 34.19
N LEU G 48 12.42 -25.23 35.48
CA LEU G 48 11.73 -24.16 36.20
C LEU G 48 12.41 -22.82 35.99
N VAL G 49 13.74 -22.78 36.11
CA VAL G 49 14.45 -21.53 35.92
C VAL G 49 14.17 -20.93 34.54
N PHE G 50 14.01 -21.76 33.52
CA PHE G 50 13.69 -21.28 32.19
C PHE G 50 12.20 -21.29 31.89
N ASP G 51 11.37 -21.55 32.88
CA ASP G 51 9.93 -21.56 32.67
C ASP G 51 9.41 -20.14 32.51
N PRO G 52 8.54 -19.89 31.53
CA PRO G 52 8.11 -18.49 31.31
C PRO G 52 7.32 -17.93 32.47
N LYS G 53 6.57 -18.78 33.17
CA LYS G 53 5.77 -18.36 34.32
C LYS G 53 6.60 -18.17 35.59
N HIS G 54 7.90 -18.46 35.56
CA HIS G 54 8.78 -18.25 36.69
C HIS G 54 9.71 -17.09 36.40
N LYS G 55 10.10 -16.38 37.45
CA LYS G 55 11.04 -15.26 37.34
C LYS G 55 12.11 -15.44 38.40
N THR G 56 13.22 -14.74 38.22
CA THR G 56 14.30 -14.83 39.17
C THR G 56 14.85 -13.44 39.41
N LEU G 57 14.92 -13.05 40.67
CA LEU G 57 15.64 -11.86 41.05
C LEU G 57 17.11 -12.26 41.19
N ALA G 58 17.88 -12.05 40.12
CA ALA G 58 19.29 -12.41 40.11
C ALA G 58 20.13 -11.39 40.84
N LEU G 59 21.07 -11.87 41.63
CA LEU G 59 22.02 -11.02 42.33
C LEU G 59 23.32 -11.04 41.54
N ILE G 60 23.67 -9.91 40.96
CA ILE G 60 24.79 -9.78 40.03
C ILE G 60 25.90 -8.99 40.72
N LYS G 61 27.15 -9.48 40.58
CA LYS G 61 28.32 -8.74 41.02
C LYS G 61 29.38 -8.81 39.93
N ASP G 62 29.77 -7.65 39.41
CA ASP G 62 30.77 -7.58 38.34
C ASP G 62 30.37 -8.46 37.18
N GLY G 63 29.09 -8.40 36.82
CA GLY G 63 28.57 -9.13 35.67
C GLY G 63 28.19 -10.57 35.92
N ARG G 64 28.73 -11.19 36.97
CA ARG G 64 28.48 -12.59 37.29
C ARG G 64 27.27 -12.75 38.20
N VAL G 65 26.53 -13.84 38.00
CA VAL G 65 25.50 -14.25 38.95
C VAL G 65 26.17 -14.80 40.19
N ILE G 66 25.82 -14.24 41.35
CA ILE G 66 26.29 -14.77 42.63
C ILE G 66 25.15 -15.21 43.53
N GLY G 67 23.91 -15.04 43.12
CA GLY G 67 22.78 -15.52 43.90
C GLY G 67 21.48 -15.09 43.25
N GLY G 68 20.38 -15.59 43.79
CA GLY G 68 19.10 -15.25 43.22
C GLY G 68 17.97 -15.88 43.99
N ILE G 69 16.76 -15.47 43.64
CA ILE G 69 15.53 -16.01 44.22
C ILE G 69 14.60 -16.29 43.06
N CYS G 70 14.33 -17.56 42.81
CA CYS G 70 13.39 -17.97 41.77
C CYS G 70 12.01 -18.09 42.37
N PHE G 71 11.03 -17.39 41.79
CA PHE G 71 9.69 -17.33 42.33
C PHE G 71 8.66 -17.42 41.21
N ARG G 72 7.42 -17.72 41.58
CA ARG G 72 6.30 -17.72 40.65
C ARG G 72 5.15 -16.89 41.19
N MET G 73 4.79 -15.83 40.48
CA MET G 73 3.71 -14.97 40.91
C MET G 73 2.37 -15.57 40.56
N PHE G 74 1.47 -15.60 41.54
CA PHE G 74 0.08 -15.97 41.31
C PHE G 74 -0.78 -14.74 41.61
N PRO G 75 -0.84 -13.79 40.69
CA PRO G 75 -1.59 -12.56 40.98
C PRO G 75 -3.07 -12.80 41.18
N THR G 76 -3.67 -13.73 40.44
CA THR G 76 -5.06 -14.07 40.65
C THR G 76 -5.31 -14.63 42.05
N GLN G 77 -4.33 -15.33 42.63
CA GLN G 77 -4.51 -15.93 43.95
C GLN G 77 -3.99 -15.05 45.07
N GLY G 78 -3.24 -14.00 44.74
CA GLY G 78 -2.81 -13.03 45.71
C GLY G 78 -1.49 -13.32 46.38
N PHE G 79 -0.74 -14.31 45.91
CA PHE G 79 0.53 -14.64 46.55
C PHE G 79 1.58 -14.97 45.51
N THR G 80 2.81 -15.09 45.99
CA THR G 80 3.96 -15.54 45.22
C THR G 80 4.60 -16.69 45.97
N GLU G 81 5.04 -17.72 45.24
CA GLU G 81 5.75 -18.84 45.83
C GLU G 81 7.25 -18.65 45.64
N ILE G 82 8.00 -18.65 46.73
CA ILE G 82 9.45 -18.72 46.66
C ILE G 82 9.84 -20.15 46.33
N VAL G 83 10.55 -20.34 45.25
CA VAL G 83 10.86 -21.69 44.80
C VAL G 83 12.31 -22.01 45.17
N PHE G 84 13.24 -21.20 44.69
CA PHE G 84 14.66 -21.39 44.90
C PHE G 84 15.26 -20.13 45.49
N CYS G 85 16.34 -20.31 46.24
CA CYS G 85 16.83 -19.23 47.09
C CYS G 85 18.26 -19.57 47.48
N ALA G 86 19.23 -18.89 46.91
CA ALA G 86 20.61 -19.23 47.21
C ALA G 86 21.52 -18.05 46.91
N VAL G 87 22.62 -18.01 47.65
CA VAL G 87 23.77 -17.19 47.33
C VAL G 87 24.97 -18.12 47.27
N THR G 88 25.78 -17.98 46.22
CA THR G 88 26.88 -18.92 46.01
C THR G 88 27.81 -18.92 47.21
N SER G 89 28.45 -20.07 47.46
CA SER G 89 29.17 -20.26 48.71
C SER G 89 30.25 -19.21 48.93
N ASN G 90 30.94 -18.80 47.87
CA ASN G 90 32.04 -17.85 48.03
C ASN G 90 31.56 -16.50 48.57
N GLU G 91 30.29 -16.16 48.35
CA GLU G 91 29.79 -14.84 48.69
C GLU G 91 28.80 -14.87 49.86
N GLN G 92 28.74 -15.96 50.62
CA GLN G 92 27.80 -16.01 51.73
C GLN G 92 28.35 -15.25 52.93
N VAL G 93 27.46 -15.05 53.92
CA VAL G 93 27.71 -14.29 55.13
C VAL G 93 28.29 -12.93 54.77
N LYS G 94 27.73 -12.28 53.76
CA LYS G 94 28.05 -10.90 53.44
C LYS G 94 26.83 -10.00 53.47
N GLY G 95 25.68 -10.50 53.93
CA GLY G 95 24.47 -9.73 53.92
C GLY G 95 23.65 -9.82 52.66
N TYR G 96 24.05 -10.67 51.71
CA TYR G 96 23.38 -10.66 50.42
C TYR G 96 22.02 -11.33 50.48
N GLY G 97 21.87 -12.33 51.35
CA GLY G 97 20.57 -13.00 51.47
C GLY G 97 19.47 -12.06 51.94
N THR G 98 19.80 -11.16 52.86
CA THR G 98 18.80 -10.19 53.31
C THR G 98 18.51 -9.16 52.24
N HIS G 99 19.54 -8.67 51.56
CA HIS G 99 19.29 -7.68 50.50
C HIS G 99 18.47 -8.29 49.37
N LEU G 100 18.70 -9.57 49.07
CA LEU G 100 17.95 -10.24 48.02
C LEU G 100 16.48 -10.34 48.37
N MET G 101 16.18 -10.74 49.61
CA MET G 101 14.79 -10.84 50.03
C MET G 101 14.15 -9.45 50.13
N ASN G 102 14.89 -8.41 50.51
CA ASN G 102 14.26 -7.11 50.60
C ASN G 102 13.91 -6.56 49.22
N HIS G 103 14.79 -6.76 48.24
CA HIS G 103 14.47 -6.35 46.88
C HIS G 103 13.28 -7.11 46.35
N LEU G 104 13.15 -8.38 46.73
CA LEU G 104 11.98 -9.14 46.29
C LEU G 104 10.72 -8.61 46.94
N LYS G 105 10.79 -8.27 48.22
CA LYS G 105 9.62 -7.75 48.90
C LYS G 105 9.19 -6.43 48.28
N GLU G 106 10.15 -5.56 47.97
CA GLU G 106 9.78 -4.29 47.36
C GLU G 106 9.26 -4.48 45.96
N TYR G 107 9.82 -5.42 45.21
CA TYR G 107 9.30 -5.72 43.88
C TYR G 107 7.83 -6.12 43.94
N HIS G 108 7.45 -6.86 44.97
CA HIS G 108 6.07 -7.35 45.05
C HIS G 108 5.13 -6.30 45.62
N ILE G 109 5.62 -5.41 46.47
CA ILE G 109 4.76 -4.33 46.95
C ILE G 109 4.33 -3.45 45.78
N LYS G 110 5.26 -3.15 44.88
CA LYS G 110 4.94 -2.33 43.73
C LYS G 110 4.13 -3.07 42.69
N HIS G 111 3.97 -4.38 42.84
CA HIS G 111 3.10 -5.15 41.96
C HIS G 111 1.86 -5.65 42.69
N ASN G 112 1.60 -5.16 43.89
CA ASN G 112 0.34 -5.41 44.59
C ASN G 112 0.19 -6.88 44.94
N ILE G 113 1.27 -7.48 45.42
CA ILE G 113 1.24 -8.83 45.95
C ILE G 113 1.84 -8.81 47.35
N LEU G 114 1.08 -9.31 48.32
CA LEU G 114 1.38 -9.04 49.72
C LEU G 114 1.73 -10.24 50.56
N TYR G 115 1.63 -11.45 50.02
CA TYR G 115 1.99 -12.66 50.75
C TYR G 115 2.99 -13.47 49.93
N PHE G 116 4.05 -13.94 50.59
CA PHE G 116 4.89 -15.01 50.08
C PHE G 116 4.49 -16.31 50.76
N LEU G 117 4.52 -17.38 49.99
CA LEU G 117 4.44 -18.73 50.52
C LEU G 117 5.63 -19.51 50.04
N THR G 118 6.09 -20.47 50.84
CA THR G 118 7.21 -21.29 50.42
C THR G 118 7.13 -22.62 51.17
N TYR G 119 7.58 -23.69 50.51
CA TYR G 119 7.80 -24.98 51.14
C TYR G 119 9.31 -25.16 51.29
N ALA G 120 9.79 -25.14 52.53
CA ALA G 120 11.21 -25.03 52.84
C ALA G 120 11.81 -26.33 53.38
N ASP G 121 13.09 -26.56 53.07
CA ASP G 121 13.89 -27.61 53.70
C ASP G 121 14.16 -27.29 55.15
N GLU G 122 14.76 -28.26 55.84
CA GLU G 122 15.31 -27.98 57.15
C GLU G 122 16.35 -26.87 57.09
N TYR G 123 17.06 -26.78 55.98
CA TYR G 123 18.19 -25.87 55.88
C TYR G 123 17.78 -24.46 55.52
N ALA G 124 16.57 -24.25 55.03
CA ALA G 124 16.13 -22.91 54.69
C ALA G 124 15.28 -22.25 55.78
N ILE G 125 14.76 -23.04 56.73
CA ILE G 125 13.84 -22.50 57.74
C ILE G 125 14.49 -21.34 58.49
N GLY G 126 15.74 -21.52 58.89
CA GLY G 126 16.42 -20.47 59.62
C GLY G 126 16.58 -19.21 58.80
N TYR G 127 16.92 -19.37 57.53
CA TYR G 127 16.98 -18.22 56.64
C TYR G 127 15.61 -17.56 56.51
N PHE G 128 14.56 -18.33 56.28
CA PHE G 128 13.24 -17.71 56.13
C PHE G 128 12.77 -17.07 57.43
N LYS G 129 13.00 -17.74 58.56
CA LYS G 129 12.62 -17.11 59.83
C LYS G 129 13.32 -15.77 60.01
N LYS G 130 14.59 -15.69 59.64
CA LYS G 130 15.32 -14.44 59.74
C LYS G 130 14.78 -13.37 58.82
N GLN G 131 14.04 -13.76 57.77
CA GLN G 131 13.49 -12.82 56.81
C GLN G 131 12.04 -12.50 57.06
N GLY G 132 11.45 -12.98 58.15
CA GLY G 132 10.11 -12.62 58.51
C GLY G 132 9.07 -13.67 58.24
N PHE G 133 9.47 -14.86 57.84
CA PHE G 133 8.52 -15.91 57.53
C PHE G 133 8.10 -16.65 58.78
N SER G 134 6.86 -17.11 58.78
CA SER G 134 6.27 -17.76 59.93
C SER G 134 5.70 -19.10 59.51
N LYS G 135 5.49 -19.99 60.50
CA LYS G 135 4.83 -21.26 60.24
C LYS G 135 3.32 -21.16 60.33
N ASP G 136 2.80 -20.02 60.79
CA ASP G 136 1.38 -19.79 60.92
C ASP G 136 0.87 -19.15 59.64
N ILE G 137 0.09 -19.90 58.87
CA ILE G 137 -0.30 -19.50 57.53
C ILE G 137 -1.66 -18.84 57.61
N LYS G 138 -1.73 -17.59 57.13
CA LYS G 138 -2.98 -16.84 57.18
C LYS G 138 -3.81 -17.00 55.92
N VAL G 139 -3.17 -17.06 54.75
CA VAL G 139 -3.90 -17.31 53.51
C VAL G 139 -4.66 -18.62 53.65
N PRO G 140 -5.96 -18.65 53.36
CA PRO G 140 -6.72 -19.88 53.52
C PRO G 140 -6.20 -20.99 52.63
N LYS G 141 -6.38 -22.21 53.11
CA LYS G 141 -5.85 -23.38 52.42
C LYS G 141 -6.39 -23.51 51.01
N SER G 142 -7.65 -23.14 50.79
CA SER G 142 -8.28 -23.27 49.49
C SER G 142 -7.65 -22.39 48.42
N ARG G 143 -6.79 -21.44 48.80
CA ARG G 143 -6.24 -20.53 47.81
C ARG G 143 -4.83 -20.88 47.34
N TYR G 144 -4.07 -21.65 48.11
CA TYR G 144 -2.76 -22.07 47.65
C TYR G 144 -2.66 -23.55 47.34
N LEU G 145 -3.49 -24.38 47.97
CA LEU G 145 -3.40 -25.81 47.77
C LEU G 145 -3.52 -26.17 46.29
N GLY G 146 -2.60 -27.01 45.82
CA GLY G 146 -2.63 -27.43 44.44
C GLY G 146 -2.04 -26.45 43.46
N TYR G 147 -1.95 -25.18 43.79
CA TYR G 147 -1.19 -24.27 42.94
C TYR G 147 0.31 -24.41 43.19
N ILE G 148 0.71 -24.40 44.43
CA ILE G 148 2.07 -24.72 44.81
C ILE G 148 2.08 -26.16 45.29
N LYS G 149 3.20 -26.84 45.06
CA LYS G 149 3.33 -28.26 45.41
C LYS G 149 3.88 -28.41 46.81
N ASP G 150 3.21 -29.19 47.63
CA ASP G 150 3.64 -29.44 49.00
C ASP G 150 4.32 -30.80 49.07
N TYR G 151 5.60 -30.79 49.38
CA TYR G 151 6.38 -32.01 49.40
C TYR G 151 6.45 -32.54 50.82
N GLU G 152 6.29 -33.85 50.95
CA GLU G 152 6.45 -34.51 52.23
C GLU G 152 7.73 -34.06 52.90
N GLY G 153 7.61 -33.61 54.14
CA GLY G 153 8.77 -33.14 54.87
C GLY G 153 9.15 -31.71 54.63
N ALA G 154 8.47 -31.00 53.76
CA ALA G 154 8.69 -29.57 53.64
C ALA G 154 7.80 -28.85 54.63
N THR G 155 8.26 -27.70 55.08
CA THR G 155 7.49 -26.87 56.02
C THR G 155 6.97 -25.67 55.26
N LEU G 156 5.64 -25.54 55.22
CA LEU G 156 5.03 -24.37 54.62
C LEU G 156 5.30 -23.16 55.51
N MET G 157 5.80 -22.09 54.89
CA MET G 157 6.07 -20.85 55.60
C MET G 157 5.56 -19.69 54.77
N GLU G 158 5.24 -18.61 55.47
CA GLU G 158 4.51 -17.50 54.89
C GLU G 158 5.13 -16.21 55.38
N CYS G 159 5.11 -15.20 54.53
CA CYS G 159 5.56 -13.88 54.90
C CYS G 159 4.56 -12.86 54.37
N GLU G 160 3.98 -12.08 55.27
CA GLU G 160 3.04 -11.05 54.89
C GLU G 160 3.77 -9.71 54.80
N LEU G 161 3.59 -9.03 53.67
CA LEU G 161 4.35 -7.84 53.37
C LEU G 161 3.61 -6.58 53.80
N ASN G 162 4.37 -5.54 54.13
CA ASN G 162 3.77 -4.29 54.52
C ASN G 162 3.97 -3.24 53.43
N PRO G 163 2.90 -2.78 52.77
CA PRO G 163 3.07 -1.84 51.66
C PRO G 163 3.56 -0.47 52.10
N ARG G 164 3.47 -0.14 53.39
CA ARG G 164 3.95 1.15 53.86
C ARG G 164 5.38 1.10 54.33
N ILE G 165 5.98 -0.08 54.38
CA ILE G 165 7.34 -0.24 54.86
C ILE G 165 8.26 -0.16 53.65
N PRO G 166 9.25 0.75 53.67
CA PRO G 166 10.25 0.76 52.60
C PRO G 166 11.26 -0.35 52.89
N TYR G 167 11.32 -1.33 52.01
CA TYR G 167 12.19 -2.47 52.24
C TYR G 167 13.59 -2.23 51.70
N THR G 168 13.72 -1.42 50.65
CA THR G 168 15.03 -1.05 50.14
C THR G 168 15.22 0.45 50.14
N ILE H 5 -15.38 42.29 -23.43
CA ILE H 5 -14.87 41.47 -24.52
C ILE H 5 -13.66 40.72 -24.01
N GLU H 6 -13.62 39.42 -24.27
CA GLU H 6 -12.46 38.61 -23.94
C GLU H 6 -11.98 37.90 -25.19
N PHE H 7 -10.68 37.68 -25.26
CA PHE H 7 -10.07 36.89 -26.32
C PHE H 7 -9.50 35.63 -25.69
N HIS H 8 -9.84 34.48 -26.27
CA HIS H 8 -9.38 33.20 -25.77
C HIS H 8 -8.90 32.34 -26.92
N VAL H 9 -7.69 31.81 -26.80
CA VAL H 9 -7.16 30.83 -27.73
C VAL H 9 -7.54 29.46 -27.16
N ILE H 10 -8.57 28.85 -27.76
CA ILE H 10 -9.17 27.64 -27.23
C ILE H 10 -9.17 26.56 -28.30
N GLY H 11 -9.74 25.42 -27.93
CA GLY H 11 -9.82 24.28 -28.81
C GLY H 11 -10.14 23.04 -28.00
N ASN H 12 -10.25 21.93 -28.71
CA ASN H 12 -10.41 20.64 -28.05
C ASN H 12 -9.04 20.01 -27.84
N SER H 13 -8.84 19.41 -26.67
CA SER H 13 -7.50 18.98 -26.29
C SER H 13 -7.31 17.48 -26.47
N LEU H 14 -7.94 16.69 -25.59
CA LEU H 14 -7.77 15.24 -25.55
C LEU H 14 -7.98 14.59 -26.91
N ASN H 19 -14.92 22.09 -18.66
CA ASN H 19 -14.57 22.24 -20.07
C ASN H 19 -15.78 22.55 -20.94
N ARG H 20 -16.94 22.76 -20.31
CA ARG H 20 -18.14 22.93 -21.12
C ARG H 20 -18.34 24.38 -21.50
N ARG H 21 -17.95 25.29 -20.61
CA ARG H 21 -17.85 26.69 -20.99
C ARG H 21 -17.10 26.82 -22.31
N VAL H 22 -15.99 26.10 -22.42
CA VAL H 22 -15.28 26.01 -23.70
C VAL H 22 -16.14 25.29 -24.72
N LEU H 23 -16.81 24.22 -24.32
CA LEU H 23 -17.50 23.35 -25.28
C LEU H 23 -18.61 24.10 -26.01
N LEU H 24 -19.48 24.80 -25.27
CA LEU H 24 -20.52 25.56 -25.93
C LEU H 24 -19.91 26.72 -26.73
N TRP H 25 -18.73 27.18 -26.34
CA TRP H 25 -18.03 28.17 -27.15
C TRP H 25 -17.60 27.57 -28.48
N LEU H 26 -17.18 26.31 -28.47
CA LEU H 26 -16.80 25.65 -29.73
C LEU H 26 -17.99 25.51 -30.64
N VAL H 27 -19.11 25.00 -30.11
CA VAL H 27 -20.34 24.88 -30.87
C VAL H 27 -20.78 26.24 -31.37
N GLY H 28 -20.69 27.25 -30.51
CA GLY H 28 -21.01 28.61 -30.96
C GLY H 28 -20.16 29.03 -32.13
N LEU H 29 -18.85 28.85 -32.02
CA LEU H 29 -17.95 29.13 -33.13
C LEU H 29 -18.36 28.36 -34.37
N GLN H 30 -18.63 27.06 -34.21
CA GLN H 30 -19.03 26.24 -35.34
C GLN H 30 -20.31 26.76 -35.99
N ASN H 31 -21.20 27.36 -35.20
CA ASN H 31 -22.42 27.92 -35.80
C ASN H 31 -22.10 29.20 -36.55
N VAL H 32 -21.24 30.05 -36.01
CA VAL H 32 -20.92 31.31 -36.68
C VAL H 32 -20.20 31.03 -37.99
N PHE H 33 -19.24 30.10 -37.97
CA PHE H 33 -18.61 29.69 -39.21
C PHE H 33 -19.61 29.02 -40.14
N SER H 34 -20.54 28.25 -39.59
CA SER H 34 -21.56 27.62 -40.42
C SER H 34 -22.47 28.65 -41.09
N HIS H 35 -22.86 29.69 -40.36
CA HIS H 35 -23.85 30.63 -40.90
C HIS H 35 -23.22 31.55 -41.94
N GLN H 36 -22.01 32.05 -41.68
CA GLN H 36 -21.40 33.00 -42.59
C GLN H 36 -20.91 32.33 -43.86
N LEU H 37 -20.54 31.07 -43.76
CA LEU H 37 -20.07 30.26 -44.87
C LEU H 37 -21.13 29.21 -45.15
N PRO H 38 -22.26 29.59 -45.73
CA PRO H 38 -23.50 28.84 -45.49
C PRO H 38 -23.71 27.63 -46.38
N ARG H 39 -22.82 27.34 -47.33
CA ARG H 39 -22.97 26.12 -48.12
C ARG H 39 -21.77 25.20 -48.01
N MET H 40 -20.87 25.47 -47.10
CA MET H 40 -19.86 24.49 -46.80
C MET H 40 -20.46 23.43 -45.88
N PRO H 41 -20.28 22.16 -46.17
CA PRO H 41 -20.87 21.13 -45.31
C PRO H 41 -20.49 21.31 -43.86
N LYS H 42 -21.49 21.54 -43.01
CA LYS H 42 -21.22 21.79 -41.60
C LYS H 42 -20.56 20.62 -40.91
N GLU H 43 -20.67 19.41 -41.46
CA GLU H 43 -19.89 18.30 -40.92
C GLU H 43 -18.40 18.59 -41.03
N TYR H 44 -17.99 19.26 -42.11
CA TYR H 44 -16.61 19.65 -42.31
C TYR H 44 -16.20 20.76 -41.35
N ILE H 45 -17.02 21.81 -41.24
CA ILE H 45 -16.70 22.88 -40.32
C ILE H 45 -16.56 22.36 -38.91
N ALA H 46 -17.50 21.50 -38.49
CA ALA H 46 -17.42 20.93 -37.16
C ALA H 46 -16.20 20.03 -37.01
N ARG H 47 -15.91 19.23 -38.04
CA ARG H 47 -14.78 18.32 -37.97
C ARG H 47 -13.49 19.09 -37.71
N LEU H 48 -13.36 20.28 -38.27
CA LEU H 48 -12.12 21.03 -38.06
C LEU H 48 -12.16 21.79 -36.74
N VAL H 49 -13.26 22.49 -36.46
CA VAL H 49 -13.32 23.28 -35.24
C VAL H 49 -13.07 22.39 -34.02
N PHE H 50 -13.54 21.15 -34.08
CA PHE H 50 -13.35 20.23 -32.97
C PHE H 50 -12.17 19.31 -33.16
N ASP H 51 -11.40 19.49 -34.23
CA ASP H 51 -10.18 18.73 -34.36
C ASP H 51 -9.19 19.16 -33.28
N PRO H 52 -8.56 18.22 -32.59
CA PRO H 52 -7.76 18.61 -31.42
C PRO H 52 -6.53 19.43 -31.73
N LYS H 53 -6.08 19.49 -32.98
CA LYS H 53 -4.92 20.31 -33.30
C LYS H 53 -5.26 21.58 -34.08
N HIS H 54 -6.52 21.78 -34.47
CA HIS H 54 -6.97 23.11 -34.85
C HIS H 54 -7.33 23.88 -33.59
N LYS H 55 -7.04 25.17 -33.58
CA LYS H 55 -7.40 26.03 -32.47
C LYS H 55 -8.17 27.22 -33.00
N THR H 56 -8.85 27.90 -32.08
CA THR H 56 -9.65 29.05 -32.44
C THR H 56 -9.45 30.16 -31.42
N LEU H 57 -9.17 31.36 -31.91
CA LEU H 57 -9.18 32.56 -31.08
C LEU H 57 -10.63 33.04 -31.01
N ALA H 58 -11.25 32.85 -29.84
CA ALA H 58 -12.65 33.19 -29.67
C ALA H 58 -12.79 34.65 -29.25
N LEU H 59 -13.59 35.40 -30.01
CA LEU H 59 -13.89 36.77 -29.66
C LEU H 59 -15.25 36.74 -28.95
N ILE H 60 -15.24 37.04 -27.65
CA ILE H 60 -16.34 36.69 -26.77
C ILE H 60 -16.84 37.95 -26.08
N LYS H 61 -17.97 38.48 -26.55
CA LYS H 61 -18.74 39.41 -25.76
C LYS H 61 -19.66 38.64 -24.82
N ASP H 62 -20.07 39.30 -23.74
CA ASP H 62 -20.85 38.66 -22.68
C ASP H 62 -20.00 37.49 -22.19
N GLY H 63 -20.52 36.27 -22.16
CA GLY H 63 -19.70 35.09 -22.09
C GLY H 63 -20.02 34.21 -23.28
N ARG H 64 -20.52 34.83 -24.35
CA ARG H 64 -21.02 34.12 -25.52
C ARG H 64 -20.19 34.49 -26.75
N VAL H 65 -20.24 33.61 -27.75
CA VAL H 65 -19.37 33.73 -28.91
C VAL H 65 -19.99 34.70 -29.89
N ILE H 66 -19.27 35.76 -30.23
CA ILE H 66 -19.70 36.66 -31.28
C ILE H 66 -18.69 36.78 -32.41
N GLY H 67 -17.62 36.01 -32.37
CA GLY H 67 -16.67 35.98 -33.47
C GLY H 67 -15.54 35.04 -33.12
N GLY H 68 -14.69 34.78 -34.11
CA GLY H 68 -13.58 33.89 -33.88
C GLY H 68 -12.76 33.65 -35.14
N ILE H 69 -11.54 33.18 -34.91
CA ILE H 69 -10.64 32.79 -36.00
C ILE H 69 -10.18 31.36 -35.71
N CYS H 70 -10.53 30.43 -36.59
CA CYS H 70 -10.03 29.08 -36.50
C CYS H 70 -8.78 28.96 -37.35
N PHE H 71 -7.70 28.46 -36.75
CA PHE H 71 -6.43 28.39 -37.43
C PHE H 71 -5.74 27.09 -37.07
N ARG H 72 -4.68 26.80 -37.81
CA ARG H 72 -4.03 25.50 -37.74
C ARG H 72 -2.53 25.72 -37.88
N MET H 73 -1.80 25.58 -36.79
CA MET H 73 -0.38 25.95 -36.76
C MET H 73 0.47 24.84 -37.37
N PHE H 74 1.37 25.24 -38.28
CA PHE H 74 2.29 24.33 -38.96
C PHE H 74 3.71 24.87 -38.80
N PRO H 75 4.36 24.57 -37.66
CA PRO H 75 5.67 25.16 -37.38
C PRO H 75 6.80 24.88 -38.36
N THR H 76 7.07 23.59 -38.61
CA THR H 76 8.23 23.15 -39.40
C THR H 76 8.20 23.78 -40.78
N GLN H 77 7.06 24.28 -41.19
CA GLN H 77 6.90 24.91 -42.48
C GLN H 77 6.83 26.42 -42.38
N GLY H 78 6.77 26.95 -41.16
CA GLY H 78 6.87 28.37 -40.93
C GLY H 78 5.63 29.16 -41.25
N PHE H 79 4.45 28.55 -41.12
CA PHE H 79 3.21 29.29 -41.39
C PHE H 79 2.03 28.59 -40.73
N THR H 80 1.00 29.38 -40.46
CA THR H 80 -0.27 28.91 -39.93
C THR H 80 -1.34 29.02 -40.99
N GLU H 81 -2.19 28.00 -41.06
CA GLU H 81 -3.31 28.00 -41.97
C GLU H 81 -4.47 28.69 -41.28
N ILE H 82 -5.03 29.71 -41.94
CA ILE H 82 -6.30 30.29 -41.51
C ILE H 82 -7.38 29.56 -42.26
N VAL H 83 -8.26 28.87 -41.53
CA VAL H 83 -9.39 28.19 -42.14
C VAL H 83 -10.66 29.01 -42.03
N PHE H 84 -10.96 29.53 -40.84
CA PHE H 84 -12.24 30.18 -40.59
C PHE H 84 -12.05 31.51 -39.89
N CYS H 85 -12.76 32.52 -40.40
CA CYS H 85 -12.79 33.86 -39.82
C CYS H 85 -14.19 34.39 -40.00
N ALA H 86 -14.82 34.80 -38.90
CA ALA H 86 -16.18 35.30 -38.98
C ALA H 86 -16.53 36.07 -37.72
N VAL H 87 -17.18 37.22 -37.91
CA VAL H 87 -17.85 37.94 -36.86
C VAL H 87 -19.33 37.92 -37.17
N THR H 88 -20.15 37.58 -36.17
CA THR H 88 -21.58 37.47 -36.42
C THR H 88 -22.17 38.85 -36.76
N SER H 89 -23.30 38.81 -37.47
CA SER H 89 -23.79 40.00 -38.19
C SER H 89 -24.07 41.18 -37.26
N ASN H 90 -24.49 40.92 -36.01
CA ASN H 90 -24.87 42.02 -35.12
C ASN H 90 -23.68 42.91 -34.80
N GLU H 91 -22.51 42.31 -34.57
CA GLU H 91 -21.33 43.06 -34.20
C GLU H 91 -20.41 43.34 -35.38
N GLN H 92 -20.88 43.11 -36.59
CA GLN H 92 -20.14 43.52 -37.78
C GLN H 92 -20.06 45.04 -37.85
N VAL H 93 -19.06 45.53 -38.57
CA VAL H 93 -18.82 46.96 -38.79
C VAL H 93 -18.67 47.67 -37.44
N LYS H 94 -17.82 47.10 -36.59
CA LYS H 94 -17.21 47.80 -35.49
C LYS H 94 -15.71 47.53 -35.48
N GLY H 95 -15.23 46.79 -36.48
CA GLY H 95 -13.84 46.46 -36.61
C GLY H 95 -13.39 45.29 -35.76
N TYR H 96 -14.33 44.52 -35.21
CA TYR H 96 -13.98 43.35 -34.43
C TYR H 96 -13.13 42.38 -35.25
N GLY H 97 -13.43 42.25 -36.54
CA GLY H 97 -12.63 41.40 -37.40
C GLY H 97 -11.17 41.81 -37.44
N THR H 98 -10.92 43.11 -37.42
CA THR H 98 -9.55 43.60 -37.41
C THR H 98 -8.91 43.43 -36.04
N HIS H 99 -9.67 43.61 -34.96
CA HIS H 99 -9.14 43.35 -33.62
C HIS H 99 -8.76 41.89 -33.47
N LEU H 100 -9.59 40.99 -34.02
CA LEU H 100 -9.30 39.57 -33.95
C LEU H 100 -7.96 39.25 -34.59
N MET H 101 -7.77 39.70 -35.84
CA MET H 101 -6.54 39.41 -36.56
C MET H 101 -5.33 39.99 -35.84
N ASN H 102 -5.49 41.12 -35.15
CA ASN H 102 -4.38 41.69 -34.39
C ASN H 102 -4.03 40.81 -33.20
N HIS H 103 -5.04 40.30 -32.48
CA HIS H 103 -4.76 39.39 -31.37
C HIS H 103 -4.19 38.07 -31.86
N LEU H 104 -4.62 37.63 -33.04
CA LEU H 104 -4.03 36.44 -33.64
C LEU H 104 -2.57 36.67 -33.96
N LYS H 105 -2.27 37.74 -34.72
CA LYS H 105 -0.89 38.03 -35.09
C LYS H 105 0.00 38.11 -33.85
N GLU H 106 -0.40 38.91 -32.85
CA GLU H 106 0.45 39.05 -31.69
C GLU H 106 0.59 37.73 -30.94
N TYR H 107 -0.49 36.95 -30.87
CA TYR H 107 -0.35 35.60 -30.30
C TYR H 107 0.65 34.79 -31.09
N HIS H 108 0.78 35.07 -32.38
CA HIS H 108 1.68 34.33 -33.22
C HIS H 108 3.11 34.85 -33.19
N ILE H 109 3.33 36.09 -32.75
CA ILE H 109 4.70 36.54 -32.55
C ILE H 109 5.30 35.87 -31.33
N LYS H 110 4.54 35.81 -30.25
CA LYS H 110 4.98 35.07 -29.07
C LYS H 110 5.03 33.56 -29.33
N HIS H 111 4.49 33.10 -30.45
CA HIS H 111 4.34 31.67 -30.77
C HIS H 111 4.82 31.38 -32.19
N ASN H 112 6.12 31.20 -32.37
CA ASN H 112 6.63 30.30 -33.38
C ASN H 112 6.52 30.77 -34.82
N ILE H 113 5.94 31.91 -35.14
CA ILE H 113 5.44 31.98 -36.52
C ILE H 113 5.31 33.40 -37.02
N LEU H 114 5.54 33.56 -38.34
CA LEU H 114 5.55 34.86 -38.99
C LEU H 114 4.86 34.85 -40.36
N TYR H 115 4.06 33.85 -40.68
CA TYR H 115 3.38 33.82 -41.96
C TYR H 115 1.94 33.32 -41.83
N PHE H 116 1.06 33.89 -42.65
CA PHE H 116 -0.34 33.48 -42.74
C PHE H 116 -0.63 33.10 -44.18
N LEU H 117 -1.26 31.95 -44.37
CA LEU H 117 -1.78 31.57 -45.67
C LEU H 117 -3.23 31.15 -45.52
N THR H 118 -4.03 31.44 -46.54
CA THR H 118 -5.46 31.18 -46.48
C THR H 118 -5.97 31.05 -47.90
N TYR H 119 -6.97 30.22 -48.07
CA TYR H 119 -7.70 30.16 -49.32
C TYR H 119 -9.00 30.93 -49.10
N ALA H 120 -9.11 32.08 -49.76
CA ALA H 120 -10.22 33.00 -49.57
C ALA H 120 -11.20 32.89 -50.74
N ASP H 121 -12.47 32.67 -50.42
CA ASP H 121 -13.49 32.64 -51.45
C ASP H 121 -13.81 34.07 -51.91
N GLU H 122 -14.74 34.18 -52.86
CA GLU H 122 -15.02 35.47 -53.50
C GLU H 122 -15.41 36.55 -52.51
N TYR H 123 -15.91 36.18 -51.33
CA TYR H 123 -16.38 37.17 -50.38
C TYR H 123 -15.34 37.53 -49.32
N ALA H 124 -14.26 36.77 -49.20
CA ALA H 124 -13.27 37.01 -48.16
C ALA H 124 -12.12 37.90 -48.61
N ILE H 125 -12.10 38.29 -49.88
CA ILE H 125 -10.97 39.05 -50.42
C ILE H 125 -10.76 40.33 -49.61
N GLY H 126 -11.83 41.09 -49.40
CA GLY H 126 -11.67 42.41 -48.81
C GLY H 126 -11.07 42.36 -47.43
N TYR H 127 -11.58 41.47 -46.56
CA TYR H 127 -11.09 41.41 -45.20
C TYR H 127 -9.59 41.16 -45.16
N PHE H 128 -9.12 40.19 -45.94
CA PHE H 128 -7.70 39.85 -45.89
C PHE H 128 -6.84 40.98 -46.43
N LYS H 129 -7.29 41.62 -47.51
CA LYS H 129 -6.53 42.75 -48.05
C LYS H 129 -6.29 43.81 -46.98
N LYS H 130 -7.35 44.20 -46.26
CA LYS H 130 -7.19 45.21 -45.22
C LYS H 130 -6.36 44.70 -44.05
N GLN H 131 -6.33 43.39 -43.84
CA GLN H 131 -5.40 42.84 -42.87
C GLN H 131 -3.98 42.74 -43.43
N GLY H 132 -3.79 43.09 -44.69
CA GLY H 132 -2.48 43.08 -45.30
C GLY H 132 -2.18 41.89 -46.19
N PHE H 133 -3.18 41.08 -46.52
CA PHE H 133 -2.93 39.90 -47.34
C PHE H 133 -2.77 40.30 -48.80
N SER H 134 -1.92 39.55 -49.52
CA SER H 134 -1.59 39.85 -50.90
C SER H 134 -1.76 38.61 -51.75
N LYS H 135 -1.97 38.82 -53.05
CA LYS H 135 -2.14 37.73 -53.98
C LYS H 135 -0.83 37.21 -54.56
N ASP H 136 0.31 37.76 -54.13
CA ASP H 136 1.59 37.22 -54.59
C ASP H 136 2.09 36.19 -53.59
N ILE H 137 2.55 35.07 -54.11
CA ILE H 137 2.81 33.90 -53.26
C ILE H 137 4.31 33.73 -53.07
N LYS H 138 4.83 34.29 -51.97
CA LYS H 138 6.25 34.25 -51.66
C LYS H 138 6.63 33.02 -50.86
N VAL H 139 5.65 32.21 -50.48
CA VAL H 139 5.92 30.84 -50.01
C VAL H 139 5.93 29.94 -51.22
N PRO H 140 7.00 29.18 -51.45
CA PRO H 140 7.01 28.27 -52.60
C PRO H 140 6.01 27.14 -52.39
N LYS H 141 5.41 26.70 -53.49
CA LYS H 141 4.50 25.57 -53.46
C LYS H 141 5.12 24.36 -52.79
N SER H 142 6.45 24.29 -52.73
CA SER H 142 7.17 23.19 -52.12
C SER H 142 6.86 23.02 -50.64
N ARG H 143 6.08 23.91 -50.05
CA ARG H 143 5.80 23.76 -48.63
C ARG H 143 4.34 23.87 -48.24
N TYR H 144 3.55 24.76 -48.81
CA TYR H 144 2.18 24.73 -48.33
C TYR H 144 1.42 23.54 -48.88
N LEU H 145 1.85 22.99 -50.03
CA LEU H 145 1.25 21.79 -50.59
C LEU H 145 1.24 20.65 -49.58
N GLY H 146 0.05 20.12 -49.29
CA GLY H 146 -0.09 18.97 -48.44
C GLY H 146 -0.27 19.26 -46.95
N TYR H 147 -0.13 20.51 -46.53
CA TYR H 147 -0.43 20.87 -45.15
C TYR H 147 -1.66 21.77 -45.04
N ILE H 148 -1.67 22.89 -45.75
CA ILE H 148 -2.92 23.64 -45.86
C ILE H 148 -3.85 22.88 -46.79
N LYS H 149 -5.14 22.96 -46.51
CA LYS H 149 -6.13 22.24 -47.30
C LYS H 149 -6.43 23.07 -48.53
N ASP H 150 -5.97 22.61 -49.68
CA ASP H 150 -6.19 23.32 -50.92
C ASP H 150 -7.69 23.44 -51.20
N TYR H 151 -8.11 24.64 -51.56
CA TYR H 151 -9.45 24.90 -52.05
C TYR H 151 -9.32 25.23 -53.53
N GLU H 152 -10.19 24.64 -54.36
CA GLU H 152 -10.00 24.73 -55.80
C GLU H 152 -10.14 26.16 -56.33
N GLY H 153 -11.37 26.68 -56.34
CA GLY H 153 -11.59 27.98 -56.95
C GLY H 153 -11.06 29.15 -56.16
N ALA H 154 -10.79 28.96 -54.86
CA ALA H 154 -10.42 30.08 -54.02
C ALA H 154 -9.08 30.67 -54.45
N THR H 155 -8.74 31.78 -53.81
CA THR H 155 -7.50 32.50 -54.09
C THR H 155 -6.58 32.39 -52.89
N LEU H 156 -5.37 31.89 -53.11
CA LEU H 156 -4.40 31.82 -52.03
C LEU H 156 -3.89 33.23 -51.73
N MET H 157 -3.88 33.59 -50.45
CA MET H 157 -3.46 34.90 -50.03
C MET H 157 -2.51 34.76 -48.85
N GLU H 158 -1.55 35.67 -48.80
CA GLU H 158 -0.42 35.59 -47.88
C GLU H 158 -0.34 36.87 -47.05
N CYS H 159 0.08 36.72 -45.81
CA CYS H 159 0.36 37.87 -44.97
C CYS H 159 1.68 37.65 -44.26
N GLU H 160 2.64 38.53 -44.52
CA GLU H 160 3.91 38.56 -43.83
C GLU H 160 3.78 39.30 -42.52
N LEU H 161 4.50 38.84 -41.50
CA LEU H 161 4.26 39.28 -40.14
C LEU H 161 5.04 40.55 -39.79
N ASN H 162 4.58 41.20 -38.71
CA ASN H 162 5.37 42.18 -37.98
C ASN H 162 6.14 41.48 -36.87
N PRO H 163 7.45 41.61 -36.80
CA PRO H 163 8.21 40.90 -35.76
C PRO H 163 8.56 41.78 -34.56
N ARG H 164 8.92 41.17 -33.45
CA ARG H 164 9.27 41.97 -32.26
C ARG H 164 10.32 41.29 -31.41
N ILE I 5 17.58 -43.01 20.73
CA ILE I 5 18.85 -42.30 20.57
C ILE I 5 18.79 -41.39 19.35
N GLU I 6 18.97 -40.10 19.58
CA GLU I 6 18.93 -39.12 18.51
C GLU I 6 20.23 -38.32 18.51
N PHE I 7 20.55 -37.76 17.34
CA PHE I 7 21.65 -36.83 17.19
C PHE I 7 21.11 -35.53 16.59
N HIS I 8 21.41 -34.43 17.25
CA HIS I 8 20.94 -33.12 16.84
C HIS I 8 22.10 -32.14 16.91
N VAL I 9 22.30 -31.36 15.86
CA VAL I 9 23.22 -30.23 15.92
C VAL I 9 22.40 -29.01 16.27
N ILE I 10 22.70 -28.41 17.41
CA ILE I 10 21.91 -27.32 17.95
C ILE I 10 22.85 -26.17 18.30
N GLY I 11 22.25 -25.02 18.56
CA GLY I 11 23.03 -23.85 18.92
C GLY I 11 22.11 -22.71 19.28
N ASN I 12 22.73 -21.62 19.71
CA ASN I 12 22.04 -20.38 20.04
C ASN I 12 22.12 -19.47 18.81
N SER I 13 20.97 -19.28 18.15
CA SER I 13 20.96 -18.66 16.83
C SER I 13 21.45 -17.22 16.86
N LEU I 14 20.92 -16.42 17.79
CA LEU I 14 21.35 -15.03 17.96
C LEU I 14 21.37 -14.64 19.45
N ALA I 18 16.85 -19.80 22.13
CA ALA I 18 16.61 -20.06 20.72
C ALA I 18 15.28 -20.78 20.47
N ASN I 19 15.02 -21.82 21.25
CA ASN I 19 13.84 -22.64 21.06
C ASN I 19 13.51 -23.33 22.37
N ARG I 20 12.27 -23.81 22.50
CA ARG I 20 11.83 -24.46 23.71
C ARG I 20 12.82 -25.54 24.15
N ARG I 21 12.91 -26.63 23.40
CA ARG I 21 13.68 -27.78 23.83
C ARG I 21 15.18 -27.59 23.68
N VAL I 22 15.63 -26.72 22.78
CA VAL I 22 17.07 -26.61 22.58
C VAL I 22 17.69 -25.74 23.65
N LEU I 23 16.96 -24.73 24.12
CA LEU I 23 17.43 -24.00 25.29
C LEU I 23 17.75 -24.96 26.42
N LEU I 24 16.82 -25.85 26.75
CA LEU I 24 17.06 -26.78 27.85
C LEU I 24 18.17 -27.76 27.48
N TRP I 25 18.20 -28.20 26.23
CA TRP I 25 19.28 -29.09 25.78
C TRP I 25 20.64 -28.42 25.90
N LEU I 26 20.73 -27.15 25.54
CA LEU I 26 21.98 -26.43 25.74
C LEU I 26 22.35 -26.41 27.22
N VAL I 27 21.35 -26.25 28.09
CA VAL I 27 21.65 -26.23 29.51
C VAL I 27 22.07 -27.60 30.00
N GLY I 28 21.41 -28.65 29.51
CA GLY I 28 21.86 -29.99 29.82
C GLY I 28 23.26 -30.25 29.33
N LEU I 29 23.60 -29.73 28.14
CA LEU I 29 24.95 -29.93 27.63
C LEU I 29 25.97 -29.19 28.48
N GLN I 30 25.63 -27.98 28.91
CA GLN I 30 26.48 -27.25 29.83
C GLN I 30 26.66 -28.01 31.14
N ASN I 31 25.60 -28.62 31.67
CA ASN I 31 25.74 -29.36 32.91
C ASN I 31 26.68 -30.55 32.74
N VAL I 32 26.50 -31.31 31.66
CA VAL I 32 27.28 -32.53 31.47
C VAL I 32 28.73 -32.20 31.19
N PHE I 33 28.98 -31.26 30.29
CA PHE I 33 30.35 -30.81 30.05
C PHE I 33 31.01 -30.39 31.35
N SER I 34 30.28 -29.64 32.18
CA SER I 34 30.86 -29.10 33.40
C SER I 34 31.18 -30.18 34.42
N HIS I 35 30.40 -31.25 34.42
CA HIS I 35 30.61 -32.36 35.35
C HIS I 35 31.75 -33.27 34.91
N GLN I 36 31.96 -33.45 33.61
CA GLN I 36 33.03 -34.33 33.14
C GLN I 36 34.33 -33.59 32.84
N LEU I 37 34.33 -32.26 32.81
CA LEU I 37 35.53 -31.48 32.48
C LEU I 37 35.80 -30.47 33.58
N PRO I 38 36.14 -30.93 34.78
CA PRO I 38 36.30 -30.00 35.90
C PRO I 38 37.40 -28.99 35.69
N ARG I 39 38.32 -29.24 34.75
CA ARG I 39 39.37 -28.30 34.40
C ARG I 39 38.85 -27.10 33.63
N MET I 40 37.56 -27.07 33.32
CA MET I 40 36.96 -25.94 32.66
C MET I 40 35.97 -25.27 33.61
N PRO I 41 36.05 -23.95 33.77
CA PRO I 41 35.07 -23.27 34.61
C PRO I 41 33.65 -23.38 34.06
N LYS I 42 32.68 -23.48 34.98
CA LYS I 42 31.27 -23.54 34.62
C LYS I 42 30.88 -22.38 33.71
N GLU I 43 31.37 -21.18 33.99
CA GLU I 43 30.90 -20.02 33.25
C GLU I 43 31.50 -20.01 31.85
N TYR I 44 32.75 -20.42 31.73
CA TYR I 44 33.40 -20.51 30.43
C TYR I 44 32.68 -21.52 29.54
N ILE I 45 32.22 -22.62 30.12
CA ILE I 45 31.50 -23.61 29.33
C ILE I 45 30.17 -23.04 28.86
N ALA I 46 29.48 -22.32 29.74
CA ALA I 46 28.22 -21.70 29.35
C ALA I 46 28.44 -20.67 28.26
N ARG I 47 29.52 -19.88 28.36
CA ARG I 47 29.73 -18.82 27.39
C ARG I 47 29.94 -19.37 25.99
N LEU I 48 30.73 -20.45 25.86
CA LEU I 48 30.98 -21.01 24.54
C LEU I 48 29.81 -21.87 24.07
N VAL I 49 29.20 -22.68 24.96
CA VAL I 49 28.05 -23.47 24.55
C VAL I 49 26.95 -22.56 24.01
N PHE I 50 26.80 -21.37 24.57
CA PHE I 50 25.77 -20.43 24.14
C PHE I 50 26.30 -19.39 23.16
N ASP I 51 27.58 -19.40 22.87
CA ASP I 51 28.14 -18.47 21.90
C ASP I 51 27.55 -18.74 20.53
N PRO I 52 27.10 -17.71 19.81
CA PRO I 52 26.33 -17.95 18.58
C PRO I 52 27.13 -18.59 17.47
N LYS I 53 28.47 -18.50 17.50
CA LYS I 53 29.31 -19.12 16.49
C LYS I 53 29.75 -20.54 16.86
N HIS I 54 29.33 -21.04 18.02
CA HIS I 54 29.55 -22.43 18.39
C HIS I 54 28.27 -23.21 18.14
N LYS I 55 28.43 -24.49 17.87
CA LYS I 55 27.34 -25.43 17.71
C LYS I 55 27.71 -26.70 18.47
N THR I 56 26.71 -27.50 18.79
CA THR I 56 26.94 -28.71 19.56
C THR I 56 26.16 -29.85 18.94
N LEU I 57 26.87 -30.91 18.56
CA LEU I 57 26.23 -32.17 18.22
C LEU I 57 25.83 -32.84 19.52
N ALA I 58 24.53 -32.84 19.81
CA ALA I 58 24.02 -33.36 21.06
C ALA I 58 23.51 -34.78 20.90
N LEU I 59 23.85 -35.62 21.87
CA LEU I 59 23.35 -36.99 21.94
C LEU I 59 22.15 -37.01 22.88
N ILE I 60 20.99 -37.34 22.34
CA ILE I 60 19.72 -37.32 23.07
C ILE I 60 19.27 -38.76 23.27
N LYS I 61 18.87 -39.07 24.50
CA LYS I 61 18.33 -40.38 24.85
C LYS I 61 17.04 -40.17 25.63
N ASP I 62 15.91 -40.58 25.05
CA ASP I 62 14.62 -40.44 25.69
C ASP I 62 14.39 -39.00 26.15
N GLY I 63 14.87 -38.04 25.37
CA GLY I 63 14.67 -36.63 25.64
C GLY I 63 15.73 -35.97 26.50
N ARG I 64 16.61 -36.74 27.13
CA ARG I 64 17.65 -36.20 28.00
C ARG I 64 18.98 -36.10 27.28
N VAL I 65 19.68 -34.99 27.50
CA VAL I 65 21.06 -34.87 27.04
C VAL I 65 21.91 -35.84 27.83
N ILE I 66 22.54 -36.80 27.14
CA ILE I 66 23.49 -37.70 27.78
C ILE I 66 24.90 -37.53 27.26
N GLY I 67 25.10 -36.84 26.15
CA GLY I 67 26.44 -36.59 25.67
C GLY I 67 26.41 -35.53 24.59
N GLY I 68 27.60 -35.08 24.20
CA GLY I 68 27.67 -34.10 23.15
C GLY I 68 29.10 -33.76 22.81
N ILE I 69 29.25 -33.07 21.67
CA ILE I 69 30.49 -32.45 21.25
C ILE I 69 30.20 -31.01 20.87
N CYS I 70 30.75 -30.07 21.61
CA CYS I 70 30.68 -28.66 21.27
C CYS I 70 31.81 -28.31 20.34
N PHE I 71 31.50 -27.69 19.20
CA PHE I 71 32.53 -27.36 18.23
C PHE I 71 32.29 -25.97 17.67
N ARG I 72 33.34 -25.40 17.08
CA ARG I 72 33.26 -24.12 16.39
C ARG I 72 33.88 -24.27 15.01
N MET I 73 33.05 -24.16 13.97
CA MET I 73 33.55 -24.20 12.61
C MET I 73 34.22 -22.87 12.28
N PHE I 74 35.39 -22.97 11.67
CA PHE I 74 36.08 -21.88 10.99
C PHE I 74 36.08 -22.15 9.48
N PRO I 75 34.96 -21.92 8.79
CA PRO I 75 34.89 -22.30 7.37
C PRO I 75 35.81 -21.51 6.46
N THR I 76 36.22 -20.31 6.80
CA THR I 76 37.20 -19.62 5.98
C THR I 76 38.59 -20.16 6.18
N GLN I 77 38.86 -20.79 7.32
CA GLN I 77 40.18 -21.32 7.60
C GLN I 77 40.32 -22.78 7.20
N GLY I 78 39.21 -23.48 7.00
CA GLY I 78 39.29 -24.84 6.55
C GLY I 78 39.36 -25.87 7.65
N PHE I 79 38.98 -25.52 8.88
CA PHE I 79 38.96 -26.52 9.92
C PHE I 79 37.80 -26.23 10.85
N THR I 80 37.54 -27.19 11.73
CA THR I 80 36.62 -27.02 12.83
C THR I 80 37.38 -27.32 14.11
N GLU I 81 37.21 -26.46 15.10
CA GLU I 81 37.79 -26.66 16.43
C GLU I 81 36.84 -27.53 17.26
N ILE I 82 37.36 -28.62 17.81
CA ILE I 82 36.61 -29.43 18.78
C ILE I 82 36.86 -28.85 20.17
N VAL I 83 35.78 -28.47 20.84
CA VAL I 83 35.88 -27.65 22.05
C VAL I 83 35.64 -28.49 23.29
N PHE I 84 34.47 -29.13 23.38
CA PHE I 84 34.06 -29.89 24.54
C PHE I 84 33.58 -31.25 24.09
N CYS I 85 34.06 -32.30 24.76
CA CYS I 85 33.73 -33.68 24.43
C CYS I 85 33.40 -34.43 25.71
N ALA I 86 32.21 -35.03 25.77
CA ALA I 86 31.84 -35.71 26.99
C ALA I 86 30.59 -36.53 26.78
N VAL I 87 30.55 -37.67 27.47
CA VAL I 87 29.36 -38.46 27.66
C VAL I 87 29.18 -38.66 29.15
N THR I 88 27.94 -38.54 29.62
CA THR I 88 27.68 -38.71 31.03
C THR I 88 28.13 -40.08 31.51
N SER I 89 28.44 -40.18 32.80
CA SER I 89 29.06 -41.40 33.32
C SER I 89 28.11 -42.58 33.25
N ASN I 90 26.83 -42.36 33.50
CA ASN I 90 25.84 -43.44 33.44
C ASN I 90 25.64 -43.98 32.05
N GLU I 91 26.38 -43.49 31.04
CA GLU I 91 26.22 -43.95 29.68
C GLU I 91 27.57 -44.04 28.96
N GLN I 92 28.68 -44.10 29.69
CA GLN I 92 29.98 -43.89 29.11
C GLN I 92 30.45 -45.08 28.25
N VAL I 93 30.48 -46.27 28.83
CA VAL I 93 31.15 -47.39 28.16
C VAL I 93 30.19 -48.17 27.29
N LYS I 94 29.51 -47.47 26.36
CA LYS I 94 28.66 -48.12 25.38
C LYS I 94 28.99 -47.67 23.96
N GLY I 95 30.19 -47.13 23.75
CA GLY I 95 30.58 -46.68 22.43
C GLY I 95 29.84 -45.46 21.92
N TYR I 96 29.15 -44.74 22.80
CA TYR I 96 28.45 -43.54 22.34
C TYR I 96 29.43 -42.45 21.93
N GLY I 97 30.63 -42.43 22.52
CA GLY I 97 31.64 -41.48 22.10
C GLY I 97 32.07 -41.66 20.66
N THR I 98 32.10 -42.91 20.19
CA THR I 98 32.45 -43.15 18.80
C THR I 98 31.32 -42.74 17.88
N HIS I 99 30.08 -43.11 18.21
CA HIS I 99 28.96 -42.71 17.36
C HIS I 99 28.88 -41.19 17.26
N LEU I 100 29.09 -40.50 18.37
CA LEU I 100 29.08 -39.05 18.37
C LEU I 100 30.08 -38.50 17.37
N MET I 101 31.33 -38.96 17.43
CA MET I 101 32.36 -38.44 16.56
C MET I 101 32.08 -38.75 15.09
N ASN I 102 31.57 -39.94 14.81
CA ASN I 102 31.25 -40.28 13.41
C ASN I 102 30.16 -39.38 12.87
N HIS I 103 29.14 -39.08 13.68
CA HIS I 103 28.13 -38.14 13.25
C HIS I 103 28.73 -36.76 13.03
N LEU I 104 29.75 -36.40 13.80
CA LEU I 104 30.38 -35.10 13.61
C LEU I 104 31.18 -35.09 12.32
N LYS I 105 31.82 -36.21 12.01
CA LYS I 105 32.57 -36.31 10.78
C LYS I 105 31.66 -36.24 9.57
N GLU I 106 30.54 -36.96 9.59
CA GLU I 106 29.61 -36.88 8.47
C GLU I 106 29.06 -35.47 8.33
N TYR I 107 28.75 -34.82 9.45
CA TYR I 107 28.21 -33.47 9.37
C TYR I 107 29.20 -32.53 8.68
N HIS I 108 30.47 -32.65 8.99
CA HIS I 108 31.47 -31.75 8.44
C HIS I 108 31.83 -32.11 7.01
N ILE I 109 31.84 -33.39 6.68
CA ILE I 109 32.02 -33.80 5.29
C ILE I 109 30.95 -33.17 4.41
N LYS I 110 29.70 -33.24 4.84
CA LYS I 110 28.63 -32.61 4.08
C LYS I 110 28.77 -31.10 4.00
N HIS I 111 29.66 -30.50 4.79
CA HIS I 111 29.88 -29.07 4.77
C HIS I 111 31.27 -28.70 4.25
N ASN I 112 31.97 -29.66 3.65
CA ASN I 112 33.27 -29.40 3.03
C ASN I 112 34.25 -28.83 4.05
N ILE I 113 34.28 -29.47 5.23
CA ILE I 113 35.33 -29.22 6.21
C ILE I 113 35.95 -30.56 6.52
N LEU I 114 37.24 -30.69 6.26
CA LEU I 114 37.88 -32.01 6.30
C LEU I 114 38.96 -32.09 7.35
N TYR I 115 39.09 -31.09 8.22
CA TYR I 115 40.11 -31.10 9.25
C TYR I 115 39.51 -30.70 10.58
N PHE I 116 39.76 -31.51 11.59
CA PHE I 116 39.48 -31.18 12.97
C PHE I 116 40.79 -30.78 13.64
N LEU I 117 40.71 -29.80 14.53
CA LEU I 117 41.81 -29.46 15.39
C LEU I 117 41.28 -29.41 16.82
N THR I 118 42.06 -29.93 17.75
CA THR I 118 41.62 -30.00 19.14
C THR I 118 42.83 -29.91 20.04
N TYR I 119 42.60 -29.38 21.25
CA TYR I 119 43.57 -29.42 22.34
C TYR I 119 43.07 -30.42 23.38
N ALA I 120 43.72 -31.57 23.45
CA ALA I 120 43.26 -32.67 24.30
C ALA I 120 44.15 -32.76 25.54
N ASP I 121 43.55 -32.69 26.72
CA ASP I 121 44.34 -32.91 27.92
C ASP I 121 44.61 -34.41 28.07
N GLU I 122 45.56 -34.73 28.96
CA GLU I 122 46.08 -36.09 29.01
C GLU I 122 45.03 -37.13 29.37
N TYR I 123 43.80 -36.69 29.64
CA TYR I 123 42.72 -37.65 29.89
C TYR I 123 41.99 -38.01 28.61
N ALA I 124 41.86 -37.07 27.68
CA ALA I 124 41.13 -37.29 26.44
C ALA I 124 42.02 -37.82 25.32
N ILE I 125 43.35 -37.75 25.47
CA ILE I 125 44.27 -38.14 24.41
C ILE I 125 43.94 -39.52 23.85
N GLY I 126 43.64 -40.47 24.73
CA GLY I 126 43.32 -41.81 24.26
C GLY I 126 42.07 -41.82 23.41
N TYR I 127 41.04 -41.08 23.83
CA TYR I 127 39.81 -41.04 23.06
C TYR I 127 40.05 -40.45 21.67
N PHE I 128 40.84 -39.39 21.59
CA PHE I 128 41.08 -38.80 20.30
C PHE I 128 41.98 -39.68 19.44
N LYS I 129 42.92 -40.40 20.05
CA LYS I 129 43.68 -41.38 19.28
C LYS I 129 42.76 -42.45 18.70
N LYS I 130 41.82 -42.95 19.51
CA LYS I 130 40.90 -43.97 19.03
C LYS I 130 40.06 -43.48 17.87
N GLN I 131 39.75 -42.19 17.84
CA GLN I 131 38.90 -41.64 16.80
C GLN I 131 39.67 -41.17 15.57
N GLY I 132 40.98 -41.40 15.53
CA GLY I 132 41.78 -41.04 14.38
C GLY I 132 42.61 -39.79 14.50
N PHE I 133 42.61 -39.14 15.65
CA PHE I 133 43.38 -37.91 15.77
C PHE I 133 44.86 -38.22 15.89
N SER I 134 45.68 -37.25 15.55
CA SER I 134 47.12 -37.45 15.51
C SER I 134 47.82 -36.20 15.99
N LYS I 135 49.02 -36.37 16.51
CA LYS I 135 49.80 -35.26 17.02
C LYS I 135 50.60 -34.55 15.94
N ASP I 136 50.61 -35.10 14.73
CA ASP I 136 51.31 -34.49 13.61
C ASP I 136 50.32 -33.62 12.86
N ILE I 137 50.56 -32.31 12.88
CA ILE I 137 49.58 -31.33 12.45
C ILE I 137 50.00 -30.84 11.07
N LYS I 138 49.29 -31.31 10.05
CA LYS I 138 49.54 -30.83 8.70
C LYS I 138 48.98 -29.42 8.46
N VAL I 139 47.95 -29.01 9.18
CA VAL I 139 47.46 -27.63 9.05
C VAL I 139 48.54 -26.67 9.51
N PRO I 140 48.92 -25.68 8.73
CA PRO I 140 50.04 -24.82 9.10
C PRO I 140 49.71 -23.93 10.29
N LYS I 141 50.76 -23.60 11.05
CA LYS I 141 50.56 -22.87 12.29
C LYS I 141 49.91 -21.52 12.02
N SER I 142 50.25 -20.91 10.88
CA SER I 142 49.64 -19.63 10.52
C SER I 142 48.14 -19.74 10.25
N ARG I 143 47.60 -20.94 10.12
CA ARG I 143 46.18 -21.09 9.81
C ARG I 143 45.31 -21.25 11.04
N TYR I 144 45.83 -21.83 12.12
CA TYR I 144 45.04 -22.01 13.32
C TYR I 144 45.45 -21.13 14.49
N LEU I 145 46.67 -20.62 14.53
CA LEU I 145 47.12 -19.88 15.70
C LEU I 145 46.30 -18.62 15.85
N GLY I 146 45.84 -18.36 17.08
CA GLY I 146 44.98 -17.24 17.32
C GLY I 146 43.58 -17.39 16.79
N TYR I 147 43.22 -18.58 16.32
CA TYR I 147 41.85 -18.93 16.03
C TYR I 147 41.35 -20.03 16.94
N ILE I 148 42.04 -21.14 17.03
CA ILE I 148 41.74 -22.08 18.10
C ILE I 148 42.34 -21.56 19.39
N LYS I 149 41.60 -21.72 20.48
CA LYS I 149 42.08 -21.35 21.79
C LYS I 149 43.09 -22.40 22.28
N ASP I 150 44.22 -21.92 22.77
CA ASP I 150 45.26 -22.78 23.32
C ASP I 150 44.95 -23.05 24.78
N TYR I 151 44.82 -24.32 25.13
CA TYR I 151 44.61 -24.72 26.52
C TYR I 151 45.88 -25.33 27.07
N GLU I 152 46.44 -24.72 28.11
CA GLU I 152 47.70 -25.22 28.64
C GLU I 152 47.50 -26.58 29.28
N GLY I 153 48.40 -27.51 28.97
CA GLY I 153 48.27 -28.87 29.44
C GLY I 153 47.66 -29.81 28.45
N ALA I 154 47.30 -29.31 27.28
CA ALA I 154 46.68 -30.11 26.25
C ALA I 154 47.68 -30.30 25.13
N THR I 155 47.58 -31.43 24.46
CA THR I 155 48.31 -31.67 23.24
C THR I 155 47.44 -31.25 22.07
N LEU I 156 48.01 -30.46 21.16
CA LEU I 156 47.32 -30.19 19.91
C LEU I 156 47.22 -31.48 19.11
N MET I 157 46.02 -31.78 18.63
CA MET I 157 45.79 -32.98 17.83
C MET I 157 44.95 -32.61 16.63
N GLU I 158 45.05 -33.45 15.60
CA GLU I 158 44.41 -33.17 14.33
C GLU I 158 43.83 -34.45 13.78
N CYS I 159 42.63 -34.36 13.26
CA CYS I 159 42.00 -35.44 12.51
C CYS I 159 41.70 -34.92 11.12
N GLU I 160 42.12 -35.68 10.11
CA GLU I 160 41.84 -35.36 8.73
C GLU I 160 40.75 -36.28 8.23
N LEU I 161 39.74 -35.72 7.60
CA LEU I 161 38.54 -36.46 7.23
C LEU I 161 38.64 -36.94 5.80
N ASN I 162 37.94 -38.04 5.50
CA ASN I 162 37.91 -38.61 4.16
C ASN I 162 36.56 -38.35 3.53
N PRO I 163 36.46 -37.50 2.51
CA PRO I 163 35.13 -37.13 2.01
C PRO I 163 34.43 -38.24 1.29
N ARG I 164 35.12 -39.35 1.02
CA ARG I 164 34.57 -40.48 0.29
C ARG I 164 34.21 -41.64 1.19
N ILE I 165 34.82 -41.70 2.38
CA ILE I 165 34.34 -42.63 3.40
C ILE I 165 32.95 -42.21 3.89
N PRO I 166 32.01 -43.11 3.99
CA PRO I 166 30.80 -42.81 4.76
C PRO I 166 30.88 -43.12 6.25
N TYR I 167 31.01 -42.08 7.07
CA TYR I 167 31.25 -42.32 8.48
C TYR I 167 30.00 -42.82 9.19
N THR I 168 28.83 -42.33 8.78
CA THR I 168 27.57 -42.89 9.27
C THR I 168 26.73 -43.34 8.10
N ILE J 5 -28.81 1.98 -41.26
CA ILE J 5 -29.46 2.98 -40.43
C ILE J 5 -29.43 2.53 -38.97
N GLU J 6 -28.94 3.40 -38.09
CA GLU J 6 -28.85 3.11 -36.67
C GLU J 6 -29.58 4.17 -35.84
N PHE J 7 -29.93 3.77 -34.61
CA PHE J 7 -30.53 4.64 -33.62
C PHE J 7 -29.68 4.60 -32.37
N HIS J 8 -29.41 5.76 -31.78
CA HIS J 8 -28.63 5.83 -30.54
C HIS J 8 -29.22 6.89 -29.63
N VAL J 9 -29.39 6.53 -28.36
CA VAL J 9 -29.75 7.50 -27.33
C VAL J 9 -28.44 8.01 -26.74
N ILE J 10 -28.14 9.28 -27.00
CA ILE J 10 -26.85 9.85 -26.65
C ILE J 10 -27.09 11.14 -25.86
N GLY J 11 -25.99 11.77 -25.47
CA GLY J 11 -26.03 13.05 -24.78
C GLY J 11 -24.86 13.18 -23.83
N ASN J 12 -24.55 14.42 -23.49
CA ASN J 12 -23.62 14.69 -22.41
C ASN J 12 -24.14 14.08 -21.12
N SER J 13 -23.31 13.28 -20.46
CA SER J 13 -23.72 12.64 -19.22
C SER J 13 -23.25 13.42 -18.00
N LEU J 14 -21.94 13.62 -17.87
CA LEU J 14 -21.40 14.40 -16.77
C LEU J 14 -21.04 15.80 -17.26
N ALA J 18 -17.77 12.59 -23.06
CA ALA J 18 -18.20 12.09 -24.36
C ALA J 18 -17.25 11.04 -24.92
N ASN J 19 -17.09 11.08 -26.23
CA ASN J 19 -16.06 10.34 -26.96
C ASN J 19 -15.98 11.03 -28.33
N ARG J 20 -15.24 10.43 -29.26
CA ARG J 20 -15.10 11.07 -30.57
C ARG J 20 -16.44 11.12 -31.29
N ARG J 21 -17.15 10.00 -31.36
CA ARG J 21 -18.39 9.91 -32.11
C ARG J 21 -19.44 10.88 -31.58
N VAL J 22 -19.79 10.73 -30.30
CA VAL J 22 -21.04 11.31 -29.79
C VAL J 22 -21.00 12.82 -29.80
N LEU J 23 -19.84 13.42 -29.54
CA LEU J 23 -19.79 14.87 -29.51
C LEU J 23 -20.08 15.45 -30.88
N LEU J 24 -19.37 14.98 -31.91
CA LEU J 24 -19.67 15.44 -33.25
C LEU J 24 -21.11 15.10 -33.65
N TRP J 25 -21.64 13.99 -33.15
CA TRP J 25 -23.04 13.66 -33.40
C TRP J 25 -23.97 14.72 -32.81
N LEU J 26 -23.66 15.19 -31.61
CA LEU J 26 -24.50 16.20 -30.97
C LEU J 26 -24.32 17.57 -31.61
N VAL J 27 -23.13 17.88 -32.09
CA VAL J 27 -22.97 19.10 -32.86
C VAL J 27 -23.79 19.02 -34.14
N GLY J 28 -23.77 17.86 -34.80
CA GLY J 28 -24.63 17.68 -35.96
C GLY J 28 -26.09 17.78 -35.61
N LEU J 29 -26.50 17.12 -34.52
CA LEU J 29 -27.89 17.22 -34.09
C LEU J 29 -28.27 18.66 -33.82
N GLN J 30 -27.38 19.42 -33.20
CA GLN J 30 -27.67 20.82 -32.95
C GLN J 30 -27.78 21.60 -34.25
N ASN J 31 -26.98 21.26 -35.26
CA ASN J 31 -27.11 21.91 -36.55
C ASN J 31 -28.44 21.57 -37.21
N VAL J 32 -28.86 20.31 -37.14
CA VAL J 32 -30.13 19.92 -37.74
C VAL J 32 -31.28 20.63 -37.06
N PHE J 33 -31.33 20.56 -35.73
CA PHE J 33 -32.36 21.25 -34.98
C PHE J 33 -32.36 22.74 -35.31
N SER J 34 -31.17 23.34 -35.40
CA SER J 34 -31.09 24.78 -35.58
C SER J 34 -31.60 25.22 -36.93
N HIS J 35 -31.37 24.43 -37.97
CA HIS J 35 -31.72 24.84 -39.31
C HIS J 35 -33.15 24.50 -39.68
N GLN J 36 -33.79 23.56 -39.00
CA GLN J 36 -35.23 23.38 -39.16
C GLN J 36 -36.01 24.15 -38.11
N LEU J 37 -35.33 24.90 -37.25
CA LEU J 37 -35.93 25.92 -36.41
C LEU J 37 -35.09 27.19 -36.56
N PRO J 38 -35.00 27.70 -37.78
CA PRO J 38 -33.89 28.60 -38.14
C PRO J 38 -33.93 29.96 -37.49
N ARG J 39 -34.92 30.27 -36.67
CA ARG J 39 -34.91 31.56 -36.00
C ARG J 39 -35.06 31.44 -34.50
N MET J 40 -35.08 30.23 -33.97
CA MET J 40 -34.80 30.05 -32.56
C MET J 40 -33.31 30.27 -32.31
N PRO J 41 -32.95 30.96 -31.23
CA PRO J 41 -31.53 31.26 -31.01
C PRO J 41 -30.69 29.99 -30.92
N LYS J 42 -29.59 29.97 -31.66
CA LYS J 42 -28.78 28.76 -31.71
C LYS J 42 -28.10 28.50 -30.37
N GLU J 43 -27.74 29.55 -29.64
CA GLU J 43 -27.17 29.36 -28.31
C GLU J 43 -28.12 28.58 -27.43
N TYR J 44 -29.43 28.83 -27.57
CA TYR J 44 -30.42 28.12 -26.80
C TYR J 44 -30.49 26.66 -27.21
N ILE J 45 -30.49 26.40 -28.52
CA ILE J 45 -30.57 25.03 -28.96
C ILE J 45 -29.33 24.26 -28.56
N ALA J 46 -28.17 24.92 -28.58
CA ALA J 46 -26.95 24.19 -28.21
C ALA J 46 -26.92 23.89 -26.72
N ARG J 47 -27.32 24.86 -25.89
CA ARG J 47 -27.34 24.64 -24.45
C ARG J 47 -28.24 23.47 -24.07
N LEU J 48 -29.40 23.36 -24.72
CA LEU J 48 -30.28 22.24 -24.40
C LEU J 48 -29.72 20.93 -24.93
N VAL J 49 -29.17 20.94 -26.14
CA VAL J 49 -28.68 19.69 -26.71
C VAL J 49 -27.55 19.12 -25.88
N PHE J 50 -26.74 19.99 -25.28
CA PHE J 50 -25.60 19.57 -24.51
C PHE J 50 -25.86 19.54 -23.02
N ASP J 51 -27.06 19.92 -22.59
CA ASP J 51 -27.40 19.84 -21.18
C ASP J 51 -27.35 18.39 -20.73
N PRO J 52 -26.78 18.10 -19.57
CA PRO J 52 -26.67 16.70 -19.14
C PRO J 52 -28.00 16.01 -18.94
N LYS J 53 -28.92 16.64 -18.23
CA LYS J 53 -30.24 16.06 -18.04
C LYS J 53 -31.04 15.95 -19.33
N HIS J 54 -30.54 16.45 -20.45
CA HIS J 54 -31.16 16.28 -21.76
C HIS J 54 -30.49 15.14 -22.52
N LYS J 55 -31.29 14.34 -23.21
CA LYS J 55 -30.81 13.27 -24.07
C LYS J 55 -31.40 13.45 -25.46
N THR J 56 -30.81 12.76 -26.43
CA THR J 56 -31.27 12.86 -27.81
C THR J 56 -31.20 11.51 -28.49
N LEU J 57 -32.33 11.07 -29.04
CA LEU J 57 -32.36 9.87 -29.85
C LEU J 57 -31.91 10.24 -31.26
N ALA J 58 -30.73 9.77 -31.66
CA ALA J 58 -30.09 10.19 -32.90
C ALA J 58 -30.36 9.20 -34.03
N LEU J 59 -30.67 9.73 -35.21
CA LEU J 59 -30.85 8.93 -36.42
C LEU J 59 -29.59 9.02 -37.25
N ILE J 60 -28.80 7.95 -37.27
CA ILE J 60 -27.49 7.91 -37.92
C ILE J 60 -27.66 7.12 -39.21
N LYS J 61 -27.67 7.79 -40.37
CA LYS J 61 -27.92 7.06 -41.61
C LYS J 61 -26.78 6.09 -41.91
N ASP J 62 -25.56 6.60 -41.91
CA ASP J 62 -24.37 5.75 -41.83
C ASP J 62 -23.44 6.26 -40.74
N GLY J 63 -22.74 7.36 -40.98
CA GLY J 63 -21.97 7.96 -39.93
C GLY J 63 -22.48 9.36 -39.62
N ARG J 64 -23.23 9.92 -40.56
CA ARG J 64 -23.85 11.23 -40.39
C ARG J 64 -25.08 11.14 -39.51
N VAL J 65 -25.33 12.23 -38.80
CA VAL J 65 -26.63 12.48 -38.22
C VAL J 65 -27.54 13.06 -39.28
N ILE J 66 -28.68 12.43 -39.49
CA ILE J 66 -29.71 12.97 -40.38
C ILE J 66 -30.98 13.35 -39.65
N GLY J 67 -31.12 12.99 -38.38
CA GLY J 67 -32.32 13.36 -37.64
C GLY J 67 -32.14 13.04 -36.18
N GLY J 68 -33.09 13.49 -35.38
CA GLY J 68 -33.05 13.23 -33.97
C GLY J 68 -34.26 13.79 -33.26
N ILE J 69 -34.44 13.33 -32.02
CA ILE J 69 -35.41 13.90 -31.10
C ILE J 69 -34.68 14.20 -29.80
N CYS J 70 -34.64 15.48 -29.42
CA CYS J 70 -34.09 15.87 -28.13
C CYS J 70 -35.22 15.87 -27.12
N PHE J 71 -35.05 15.12 -26.03
CA PHE J 71 -36.07 15.01 -25.02
C PHE J 71 -35.47 15.17 -23.64
N ARG J 72 -36.31 15.56 -22.69
CA ARG J 72 -35.94 15.74 -21.29
C ARG J 72 -36.87 14.88 -20.46
N MET J 73 -36.32 13.85 -19.83
CA MET J 73 -37.14 12.97 -19.02
C MET J 73 -37.41 13.63 -17.66
N PHE J 74 -38.66 13.55 -17.23
CA PHE J 74 -39.03 13.88 -15.86
C PHE J 74 -39.62 12.62 -15.22
N PRO J 75 -38.77 11.63 -14.90
CA PRO J 75 -39.30 10.39 -14.32
C PRO J 75 -39.95 10.59 -12.96
N THR J 76 -39.53 11.61 -12.21
CA THR J 76 -40.16 11.93 -10.94
C THR J 76 -41.58 12.46 -11.13
N GLN J 77 -41.88 13.05 -12.29
CA GLN J 77 -43.19 13.63 -12.55
C GLN J 77 -44.05 12.79 -13.48
N GLY J 78 -43.52 11.70 -14.03
CA GLY J 78 -44.34 10.82 -14.82
C GLY J 78 -44.49 11.18 -16.28
N PHE J 79 -43.56 11.93 -16.87
CA PHE J 79 -43.68 12.28 -18.27
C PHE J 79 -42.31 12.67 -18.81
N THR J 80 -42.27 12.91 -20.12
CA THR J 80 -41.07 13.35 -20.80
C THR J 80 -41.41 14.52 -21.70
N GLU J 81 -40.53 15.52 -21.70
CA GLU J 81 -40.71 16.70 -22.53
C GLU J 81 -40.01 16.45 -23.85
N ILE J 82 -40.76 16.54 -24.95
CA ILE J 82 -40.15 16.54 -26.26
C ILE J 82 -39.66 17.95 -26.54
N VAL J 83 -38.37 18.10 -26.78
CA VAL J 83 -37.77 19.42 -26.93
C VAL J 83 -37.63 19.76 -28.40
N PHE J 84 -36.84 18.99 -29.13
CA PHE J 84 -36.58 19.23 -30.53
C PHE J 84 -36.87 17.97 -31.31
N CYS J 85 -37.30 18.14 -32.56
CA CYS J 85 -37.74 17.01 -33.36
C CYS J 85 -37.52 17.36 -34.82
N ALA J 86 -36.64 16.63 -35.50
CA ALA J 86 -36.26 17.08 -36.83
C ALA J 86 -35.62 15.96 -37.64
N VAL J 87 -35.92 15.94 -38.93
CA VAL J 87 -35.22 15.12 -39.91
C VAL J 87 -34.65 16.06 -40.96
N THR J 88 -33.41 15.81 -41.37
CA THR J 88 -32.75 16.73 -42.28
C THR J 88 -33.50 16.81 -43.60
N SER J 89 -33.27 17.93 -44.32
CA SER J 89 -34.05 18.24 -45.51
C SER J 89 -33.96 17.15 -46.58
N ASN J 90 -32.80 16.49 -46.67
CA ASN J 90 -32.65 15.42 -47.65
C ASN J 90 -33.62 14.28 -47.37
N GLU J 91 -33.62 13.78 -46.13
CA GLU J 91 -34.19 12.48 -45.83
C GLU J 91 -35.64 12.53 -45.35
N GLN J 92 -36.34 13.65 -45.54
CA GLN J 92 -37.73 13.70 -45.10
C GLN J 92 -38.65 13.17 -46.20
N VAL J 93 -39.87 12.81 -45.79
CA VAL J 93 -40.82 12.08 -46.62
C VAL J 93 -40.09 10.82 -47.08
N LYS J 94 -39.41 10.19 -46.13
CA LYS J 94 -38.90 8.83 -46.30
C LYS J 94 -39.29 7.95 -45.13
N GLY J 95 -40.20 8.42 -44.27
CA GLY J 95 -40.67 7.64 -43.15
C GLY J 95 -39.75 7.63 -41.95
N TYR J 96 -38.73 8.50 -41.92
CA TYR J 96 -37.79 8.48 -40.81
C TYR J 96 -38.40 9.08 -39.56
N GLY J 97 -39.27 10.09 -39.71
CA GLY J 97 -39.85 10.73 -38.54
C GLY J 97 -40.66 9.76 -37.69
N THR J 98 -41.34 8.81 -38.32
CA THR J 98 -42.14 7.87 -37.54
C THR J 98 -41.26 6.86 -36.82
N HIS J 99 -40.26 6.32 -37.51
CA HIS J 99 -39.42 5.33 -36.88
C HIS J 99 -38.59 5.92 -35.75
N LEU J 100 -38.21 7.20 -35.87
CA LEU J 100 -37.60 7.90 -34.76
C LEU J 100 -38.53 7.92 -33.56
N MET J 101 -39.75 8.40 -33.78
CA MET J 101 -40.71 8.53 -32.69
C MET J 101 -41.02 7.17 -32.06
N ASN J 102 -41.13 6.13 -32.88
CA ASN J 102 -41.42 4.81 -32.34
C ASN J 102 -40.27 4.27 -31.49
N HIS J 103 -39.03 4.44 -31.95
CA HIS J 103 -37.89 4.05 -31.12
C HIS J 103 -37.90 4.83 -29.82
N LEU J 104 -38.31 6.10 -29.88
CA LEU J 104 -38.43 6.90 -28.68
C LEU J 104 -39.52 6.35 -27.77
N LYS J 105 -40.65 5.95 -28.37
CA LYS J 105 -41.74 5.42 -27.56
C LYS J 105 -41.33 4.14 -26.85
N GLU J 106 -40.62 3.25 -27.54
CA GLU J 106 -40.24 2.02 -26.87
C GLU J 106 -39.21 2.28 -25.79
N TYR J 107 -38.27 3.19 -26.04
CA TYR J 107 -37.30 3.54 -25.00
C TYR J 107 -38.00 3.98 -23.74
N HIS J 108 -39.07 4.75 -23.88
CA HIS J 108 -39.74 5.25 -22.69
C HIS J 108 -40.64 4.21 -22.07
N ILE J 109 -41.16 3.28 -22.87
CA ILE J 109 -41.92 2.17 -22.33
C ILE J 109 -41.04 1.31 -21.41
N LYS J 110 -39.79 1.10 -21.81
CA LYS J 110 -38.85 0.32 -21.02
C LYS J 110 -38.37 1.05 -19.78
N HIS J 111 -38.70 2.34 -19.65
CA HIS J 111 -38.35 3.12 -18.47
C HIS J 111 -39.58 3.54 -17.68
N ASN J 112 -40.75 2.98 -17.98
CA ASN J 112 -42.02 3.35 -17.37
C ASN J 112 -42.17 4.86 -17.33
N ILE J 113 -42.18 5.46 -18.51
CA ILE J 113 -42.62 6.83 -18.72
C ILE J 113 -43.55 6.77 -19.90
N LEU J 114 -44.85 6.95 -19.65
CA LEU J 114 -45.85 6.68 -20.68
C LEU J 114 -46.61 7.94 -21.09
N TYR J 115 -46.09 9.13 -20.77
CA TYR J 115 -46.68 10.37 -21.24
C TYR J 115 -45.59 11.24 -21.85
N PHE J 116 -45.84 11.72 -23.06
CA PHE J 116 -45.01 12.72 -23.71
C PHE J 116 -45.77 14.03 -23.69
N LEU J 117 -45.10 15.10 -23.27
CA LEU J 117 -45.64 16.44 -23.39
C LEU J 117 -44.72 17.23 -24.29
N THR J 118 -45.31 18.08 -25.13
CA THR J 118 -44.51 18.92 -25.98
C THR J 118 -45.27 20.19 -26.32
N TYR J 119 -44.54 21.26 -26.58
CA TYR J 119 -45.09 22.51 -27.11
C TYR J 119 -44.71 22.62 -28.58
N ALA J 120 -45.71 22.60 -29.45
CA ALA J 120 -45.53 22.49 -30.88
C ALA J 120 -45.88 23.79 -31.58
N ASP J 121 -45.05 24.19 -32.54
CA ASP J 121 -45.35 25.36 -33.36
C ASP J 121 -46.21 24.94 -34.55
N GLU J 122 -46.44 25.87 -35.47
CA GLU J 122 -47.35 25.62 -36.59
C GLU J 122 -46.84 24.50 -37.48
N TYR J 123 -45.54 24.44 -37.70
CA TYR J 123 -44.95 23.49 -38.63
C TYR J 123 -44.74 22.12 -38.00
N ALA J 124 -45.11 21.93 -36.74
CA ALA J 124 -44.94 20.65 -36.07
C ALA J 124 -46.24 20.00 -35.63
N ILE J 125 -47.35 20.73 -35.61
CA ILE J 125 -48.61 20.15 -35.14
C ILE J 125 -48.97 18.92 -35.96
N GLY J 126 -48.96 19.06 -37.29
CA GLY J 126 -49.30 17.95 -38.15
C GLY J 126 -48.52 16.70 -37.83
N TYR J 127 -47.20 16.84 -37.67
CA TYR J 127 -46.36 15.69 -37.38
C TYR J 127 -46.81 15.03 -36.09
N PHE J 128 -47.06 15.81 -35.06
CA PHE J 128 -47.39 15.22 -33.78
C PHE J 128 -48.76 14.56 -33.82
N LYS J 129 -49.70 15.13 -34.57
CA LYS J 129 -50.97 14.46 -34.77
C LYS J 129 -50.75 13.09 -35.39
N LYS J 130 -49.96 13.04 -36.46
CA LYS J 130 -49.66 11.78 -37.13
C LYS J 130 -48.95 10.79 -36.21
N GLN J 131 -48.37 11.23 -35.10
CA GLN J 131 -47.68 10.33 -34.19
C GLN J 131 -48.54 9.91 -33.00
N GLY J 132 -49.80 10.35 -32.96
CA GLY J 132 -50.70 9.97 -31.90
C GLY J 132 -50.88 11.00 -30.82
N PHE J 133 -50.40 12.22 -31.02
CA PHE J 133 -50.48 13.24 -30.01
C PHE J 133 -51.85 13.91 -30.05
N SER J 134 -52.28 14.40 -28.90
CA SER J 134 -53.59 15.00 -28.76
C SER J 134 -53.42 16.39 -28.16
N LYS J 135 -54.45 17.23 -28.35
CA LYS J 135 -54.47 18.54 -27.72
C LYS J 135 -55.12 18.53 -26.35
N ASP J 136 -55.84 17.47 -26.02
CA ASP J 136 -56.49 17.35 -24.72
C ASP J 136 -55.53 16.68 -23.75
N ILE J 137 -55.02 17.45 -22.80
CA ILE J 137 -53.93 17.01 -21.94
C ILE J 137 -54.52 16.36 -20.71
N LYS J 138 -54.23 15.06 -20.51
CA LYS J 138 -54.68 14.35 -19.32
C LYS J 138 -53.68 14.44 -18.17
N VAL J 139 -52.47 14.91 -18.43
CA VAL J 139 -51.52 15.19 -17.34
C VAL J 139 -51.95 16.48 -16.64
N PRO J 140 -52.10 16.47 -15.33
CA PRO J 140 -52.59 17.67 -14.63
C PRO J 140 -51.60 18.81 -14.71
N LYS J 141 -52.12 20.01 -15.00
CA LYS J 141 -51.27 21.20 -15.02
C LYS J 141 -50.57 21.44 -13.70
N SER J 142 -51.06 20.82 -12.63
CA SER J 142 -50.38 20.80 -11.34
C SER J 142 -49.07 20.04 -11.43
N ARG J 143 -48.75 19.48 -12.58
CA ARG J 143 -47.66 18.53 -12.63
C ARG J 143 -46.61 18.81 -13.66
N TYR J 144 -46.96 19.53 -14.71
CA TYR J 144 -45.98 19.87 -15.71
C TYR J 144 -45.54 21.31 -15.61
N LEU J 145 -46.37 22.19 -15.07
CA LEU J 145 -46.03 23.60 -15.02
C LEU J 145 -44.77 23.80 -14.19
N GLY J 146 -43.79 24.46 -14.79
CA GLY J 146 -42.52 24.67 -14.16
C GLY J 146 -41.52 23.58 -14.43
N TYR J 147 -41.92 22.52 -15.11
CA TYR J 147 -40.98 21.48 -15.49
C TYR J 147 -40.71 21.47 -17.00
N ILE J 148 -41.74 21.50 -17.83
CA ILE J 148 -41.53 21.75 -19.25
C ILE J 148 -41.43 23.25 -19.47
N LYS J 149 -40.51 23.64 -20.36
CA LYS J 149 -40.33 25.04 -20.69
C LYS J 149 -41.49 25.51 -21.55
N ASP J 150 -42.24 26.48 -21.05
CA ASP J 150 -43.40 26.94 -21.79
C ASP J 150 -42.95 27.66 -23.05
N TYR J 151 -43.93 27.95 -23.91
CA TYR J 151 -43.67 28.54 -25.22
C TYR J 151 -44.93 29.30 -25.61
N GLU J 152 -44.94 30.60 -25.32
CA GLU J 152 -46.16 31.38 -25.52
C GLU J 152 -46.52 31.38 -27.00
N GLY J 153 -47.73 30.93 -27.31
CA GLY J 153 -48.20 30.81 -28.66
C GLY J 153 -48.12 29.41 -29.23
N ALA J 154 -47.40 28.52 -28.59
CA ALA J 154 -47.29 27.16 -29.05
C ALA J 154 -48.43 26.33 -28.48
N THR J 155 -48.66 25.16 -29.05
CA THR J 155 -49.77 24.31 -28.66
C THR J 155 -49.24 23.18 -27.82
N LEU J 156 -49.77 23.05 -26.62
CA LEU J 156 -49.44 21.91 -25.78
C LEU J 156 -50.08 20.66 -26.36
N MET J 157 -49.28 19.61 -26.55
CA MET J 157 -49.78 18.37 -27.08
C MET J 157 -49.25 17.20 -26.26
N GLU J 158 -50.06 16.16 -26.14
CA GLU J 158 -49.79 15.03 -25.26
C GLU J 158 -49.95 13.72 -26.02
N CYS J 159 -49.08 12.75 -25.73
CA CYS J 159 -49.20 11.41 -26.26
C CYS J 159 -49.11 10.41 -25.12
N GLU J 160 -50.11 9.53 -25.01
CA GLU J 160 -50.12 8.48 -23.99
C GLU J 160 -49.70 7.16 -24.63
N LEU J 161 -48.78 6.48 -23.97
CA LEU J 161 -48.20 5.27 -24.53
C LEU J 161 -48.85 4.03 -23.93
N ASN J 162 -48.87 2.95 -24.71
CA ASN J 162 -49.37 1.67 -24.25
C ASN J 162 -48.21 0.73 -23.98
N PRO J 163 -47.99 0.30 -22.73
CA PRO J 163 -46.75 -0.43 -22.41
C PRO J 163 -46.67 -1.84 -22.97
N ARG J 164 -47.76 -2.40 -23.49
CA ARG J 164 -47.69 -3.70 -24.14
C ARG J 164 -47.40 -3.59 -25.64
N ILE J 165 -47.84 -2.53 -26.27
CA ILE J 165 -47.54 -2.22 -27.67
C ILE J 165 -46.04 -2.33 -27.91
N PRO J 166 -45.58 -3.19 -28.81
CA PRO J 166 -44.22 -3.07 -29.32
C PRO J 166 -44.22 -2.10 -30.50
N TYR J 167 -43.54 -0.97 -30.34
CA TYR J 167 -43.50 0.05 -31.38
C TYR J 167 -42.39 -0.21 -32.39
N THR J 168 -41.26 -0.73 -31.96
CA THR J 168 -40.21 -1.13 -32.89
C THR J 168 -40.38 -2.60 -33.25
N GLY K 3 36.56 11.39 42.29
CA GLY K 3 35.22 11.06 41.82
C GLY K 3 35.06 9.57 41.55
N ILE K 4 34.15 9.24 40.62
CA ILE K 4 33.90 7.86 40.24
C ILE K 4 34.43 7.65 38.82
N ILE K 5 34.95 6.43 38.58
CA ILE K 5 35.55 6.03 37.30
C ILE K 5 34.52 5.26 36.50
N GLU K 6 34.51 5.47 35.19
CA GLU K 6 33.76 4.63 34.25
C GLU K 6 34.69 4.19 33.13
N PHE K 7 34.40 3.03 32.55
CA PHE K 7 35.11 2.53 31.39
C PHE K 7 34.12 2.40 30.25
N HIS K 8 34.47 2.90 29.08
CA HIS K 8 33.55 2.85 27.96
C HIS K 8 34.30 2.55 26.68
N VAL K 9 33.76 1.64 25.87
CA VAL K 9 34.26 1.40 24.53
C VAL K 9 33.42 2.24 23.59
N ILE K 10 34.04 3.25 22.98
CA ILE K 10 33.33 4.21 22.13
C ILE K 10 34.03 4.31 20.78
N GLY K 11 33.41 5.07 19.87
CA GLY K 11 33.98 5.28 18.56
C GLY K 11 32.95 5.88 17.63
N ASN K 12 33.28 5.90 16.34
CA ASN K 12 32.35 6.38 15.33
C ASN K 12 31.46 5.27 14.81
N SER K 13 30.37 5.68 14.15
CA SER K 13 29.25 4.80 13.89
C SER K 13 29.16 4.31 12.45
N LEU K 14 29.16 5.22 11.49
CA LEU K 14 28.90 4.81 10.12
C LEU K 14 30.07 5.18 9.23
N ALA K 18 29.19 8.81 18.24
CA ALA K 18 28.59 9.72 17.28
C ALA K 18 27.47 10.57 17.90
N ASN K 19 27.11 10.33 19.16
CA ASN K 19 26.34 11.33 19.90
C ASN K 19 27.33 12.23 20.65
N ARG K 20 26.82 13.34 21.18
CA ARG K 20 27.73 14.42 21.54
C ARG K 20 28.61 14.06 22.73
N ARG K 21 28.06 13.38 23.74
CA ARG K 21 28.86 13.03 24.91
C ARG K 21 30.06 12.19 24.52
N VAL K 22 29.90 11.32 23.52
CA VAL K 22 31.03 10.51 23.09
C VAL K 22 31.88 11.22 22.05
N LEU K 23 31.28 12.08 21.21
CA LEU K 23 32.09 12.92 20.33
C LEU K 23 33.06 13.77 21.13
N LEU K 24 32.57 14.47 22.14
CA LEU K 24 33.44 15.26 22.99
C LEU K 24 34.39 14.37 23.79
N TRP K 25 34.01 13.13 24.04
CA TRP K 25 34.93 12.18 24.65
C TRP K 25 36.03 11.80 23.67
N LEU K 26 35.68 11.64 22.39
CA LEU K 26 36.68 11.33 21.36
C LEU K 26 37.68 12.46 21.22
N VAL K 27 37.21 13.71 21.13
CA VAL K 27 38.15 14.81 20.99
C VAL K 27 38.97 14.98 22.26
N GLY K 28 38.41 14.59 23.41
CA GLY K 28 39.19 14.64 24.63
C GLY K 28 40.28 13.58 24.63
N LEU K 29 39.95 12.38 24.15
CA LEU K 29 40.97 11.36 23.96
C LEU K 29 42.01 11.82 22.96
N GLN K 30 41.56 12.41 21.84
CA GLN K 30 42.48 12.89 20.82
C GLN K 30 43.46 13.92 21.39
N ASN K 31 43.00 14.76 22.32
CA ASN K 31 43.90 15.76 22.87
C ASN K 31 44.87 15.13 23.86
N VAL K 32 44.39 14.18 24.67
CA VAL K 32 45.28 13.52 25.62
C VAL K 32 46.30 12.67 24.88
N PHE K 33 45.87 11.93 23.86
CA PHE K 33 46.83 11.20 23.04
C PHE K 33 47.83 12.16 22.42
N SER K 34 47.33 13.24 21.82
CA SER K 34 48.22 14.18 21.16
C SER K 34 49.19 14.82 22.14
N HIS K 35 48.75 15.03 23.37
CA HIS K 35 49.62 15.67 24.35
C HIS K 35 50.75 14.74 24.78
N GLN K 36 50.42 13.49 25.11
CA GLN K 36 51.44 12.55 25.58
C GLN K 36 52.21 11.88 24.45
N LEU K 37 51.85 12.13 23.19
CA LEU K 37 52.63 11.71 22.02
C LEU K 37 52.92 12.96 21.20
N PRO K 38 53.78 13.84 21.70
CA PRO K 38 53.79 15.22 21.20
C PRO K 38 54.31 15.38 19.79
N ARG K 39 55.10 14.44 19.28
CA ARG K 39 55.69 14.62 17.96
C ARG K 39 54.87 14.00 16.85
N MET K 40 54.09 12.99 17.17
CA MET K 40 53.17 12.41 16.20
C MET K 40 52.14 13.47 15.76
N PRO K 41 51.85 13.57 14.47
CA PRO K 41 50.96 14.64 13.98
C PRO K 41 49.57 14.58 14.59
N LYS K 42 49.10 15.75 15.04
CA LYS K 42 47.76 15.86 15.62
C LYS K 42 46.70 15.40 14.63
N GLU K 43 46.87 15.74 13.35
CA GLU K 43 45.90 15.32 12.35
C GLU K 43 45.86 13.81 12.23
N TYR K 44 47.01 13.16 12.38
CA TYR K 44 47.05 11.70 12.26
C TYR K 44 46.33 11.04 13.43
N ILE K 45 46.60 11.51 14.64
CA ILE K 45 45.90 10.98 15.80
C ILE K 45 44.41 11.16 15.66
N ALA K 46 43.97 12.34 15.19
CA ALA K 46 42.54 12.55 15.02
C ALA K 46 41.98 11.62 13.96
N ARG K 47 42.73 11.40 12.88
CA ARG K 47 42.25 10.55 11.81
C ARG K 47 41.99 9.13 12.32
N LEU K 48 42.86 8.61 13.17
CA LEU K 48 42.67 7.24 13.66
C LEU K 48 41.64 7.18 14.77
N VAL K 49 41.67 8.12 15.71
CA VAL K 49 40.70 8.08 16.79
C VAL K 49 39.27 8.15 16.24
N PHE K 50 39.09 8.82 15.11
CA PHE K 50 37.78 8.98 14.50
C PHE K 50 37.56 8.00 13.36
N ASP K 51 38.49 7.08 13.15
CA ASP K 51 38.27 6.02 12.18
C ASP K 51 37.13 5.11 12.63
N PRO K 52 36.21 4.76 11.74
CA PRO K 52 35.09 3.91 12.14
C PRO K 52 35.49 2.50 12.52
N LYS K 53 36.65 2.01 12.05
CA LYS K 53 37.13 0.69 12.41
C LYS K 53 38.09 0.70 13.59
N HIS K 54 38.32 1.85 14.21
CA HIS K 54 38.99 1.92 15.49
C HIS K 54 37.97 2.15 16.58
N LYS K 55 38.27 1.66 17.77
CA LYS K 55 37.48 1.92 18.96
C LYS K 55 38.44 2.36 20.05
N THR K 56 37.87 2.90 21.12
CA THR K 56 38.70 3.36 22.23
C THR K 56 38.03 3.00 23.53
N LEU K 57 38.79 2.38 24.42
CA LEU K 57 38.37 2.19 25.80
C LEU K 57 38.72 3.46 26.55
N ALA K 58 37.71 4.30 26.80
CA ALA K 58 37.90 5.55 27.50
C ALA K 58 37.80 5.36 29.01
N LEU K 59 38.67 6.04 29.74
CA LEU K 59 38.64 6.09 31.20
C LEU K 59 38.05 7.44 31.63
N ILE K 60 36.80 7.42 32.09
CA ILE K 60 36.05 8.63 32.41
C ILE K 60 36.10 8.89 33.91
N LYS K 61 36.37 10.13 34.29
CA LYS K 61 36.45 10.55 35.69
C LYS K 61 35.57 11.77 35.89
N ASP K 62 34.42 11.59 36.56
CA ASP K 62 33.45 12.66 36.74
C ASP K 62 33.02 13.24 35.39
N GLY K 63 32.75 12.37 34.43
CA GLY K 63 32.36 12.83 33.10
C GLY K 63 33.46 13.44 32.26
N ARG K 64 34.73 13.32 32.68
CA ARG K 64 35.85 13.98 32.03
C ARG K 64 36.89 12.92 31.65
N VAL K 65 37.32 12.93 30.39
CA VAL K 65 38.24 11.90 29.90
C VAL K 65 39.61 12.10 30.52
N ILE K 66 40.10 11.06 31.20
CA ILE K 66 41.43 11.09 31.79
C ILE K 66 42.37 10.06 31.21
N GLY K 67 41.90 9.18 30.33
CA GLY K 67 42.78 8.18 29.77
C GLY K 67 42.02 7.31 28.79
N GLY K 68 42.77 6.49 28.08
CA GLY K 68 42.17 5.57 27.15
C GLY K 68 43.21 4.71 26.46
N ILE K 69 42.70 3.71 25.74
CA ILE K 69 43.48 2.89 24.82
C ILE K 69 42.71 2.83 23.52
N CYS K 70 43.33 3.24 22.43
CA CYS K 70 42.71 3.20 21.11
C CYS K 70 43.22 1.97 20.40
N PHE K 71 42.30 1.12 19.94
CA PHE K 71 42.69 -0.16 19.38
C PHE K 71 41.93 -0.41 18.08
N ARG K 72 42.52 -1.27 17.26
CA ARG K 72 42.01 -1.66 15.94
C ARG K 72 41.82 -3.16 15.96
N MET K 73 40.57 -3.61 16.02
CA MET K 73 40.30 -5.04 16.03
C MET K 73 40.45 -5.63 14.64
N PHE K 74 41.16 -6.74 14.54
CA PHE K 74 41.35 -7.46 13.28
C PHE K 74 40.81 -8.87 13.42
N PRO K 75 39.49 -9.04 13.38
CA PRO K 75 38.93 -10.36 13.67
C PRO K 75 39.26 -11.42 12.63
N THR K 76 39.39 -11.07 11.35
CA THR K 76 39.81 -12.08 10.38
C THR K 76 41.24 -12.53 10.61
N GLN K 77 42.04 -11.73 11.30
CA GLN K 77 43.44 -12.04 11.48
C GLN K 77 43.75 -12.62 12.83
N GLY K 78 42.85 -12.48 13.79
CA GLY K 78 43.01 -13.09 15.10
C GLY K 78 43.67 -12.24 16.14
N PHE K 79 43.79 -10.93 15.94
CA PHE K 79 44.52 -10.10 16.89
C PHE K 79 43.94 -8.69 16.88
N THR K 80 44.42 -7.87 17.80
CA THR K 80 44.04 -6.47 17.90
C THR K 80 45.30 -5.63 17.91
N GLU K 81 45.23 -4.46 17.29
CA GLU K 81 46.32 -3.50 17.28
C GLU K 81 46.05 -2.46 18.35
N ILE K 82 46.98 -2.36 19.31
CA ILE K 82 46.97 -1.29 20.30
C ILE K 82 47.67 -0.09 19.67
N VAL K 83 46.91 0.97 19.41
CA VAL K 83 47.40 2.11 18.66
C VAL K 83 47.98 3.14 19.62
N PHE K 84 47.11 3.71 20.44
CA PHE K 84 47.46 4.75 21.39
C PHE K 84 47.11 4.28 22.80
N CYS K 85 47.87 4.78 23.77
CA CYS K 85 47.77 4.27 25.12
C CYS K 85 48.25 5.36 26.05
N ALA K 86 47.32 6.00 26.76
CA ALA K 86 47.71 7.16 27.54
C ALA K 86 46.78 7.33 28.74
N VAL K 87 47.36 7.80 29.83
CA VAL K 87 46.62 8.32 30.97
C VAL K 87 47.17 9.71 31.27
N THR K 88 46.29 10.68 31.51
CA THR K 88 46.74 12.05 31.66
C THR K 88 47.69 12.20 32.84
N SER K 89 48.56 13.22 32.77
CA SER K 89 49.73 13.26 33.64
C SER K 89 49.35 13.39 35.10
N ASN K 90 48.28 14.14 35.39
CA ASN K 90 47.90 14.31 36.78
C ASN K 90 47.24 13.07 37.38
N GLU K 91 46.69 12.19 36.54
CA GLU K 91 46.04 10.98 37.02
C GLU K 91 46.93 9.75 36.87
N GLN K 92 48.20 9.91 36.52
CA GLN K 92 49.12 8.79 36.50
C GLN K 92 49.49 8.40 37.93
N VAL K 93 50.31 7.35 38.05
CA VAL K 93 50.75 6.84 39.36
C VAL K 93 49.51 6.59 40.21
N LYS K 94 48.53 5.95 39.62
CA LYS K 94 47.35 5.52 40.35
C LYS K 94 46.90 4.13 39.96
N GLY K 95 47.63 3.45 39.08
CA GLY K 95 47.20 2.15 38.58
C GLY K 95 46.09 2.19 37.58
N TYR K 96 45.88 3.32 36.90
CA TYR K 96 44.82 3.40 35.91
C TYR K 96 45.21 2.72 34.61
N GLY K 97 46.50 2.72 34.28
CA GLY K 97 46.95 1.95 33.12
C GLY K 97 46.67 0.47 33.26
N THR K 98 46.75 -0.04 34.49
CA THR K 98 46.52 -1.47 34.70
C THR K 98 45.04 -1.81 34.62
N HIS K 99 44.19 -0.96 35.19
CA HIS K 99 42.75 -1.20 35.07
C HIS K 99 42.30 -1.08 33.62
N LEU K 100 42.91 -0.16 32.88
CA LEU K 100 42.53 0.04 31.48
C LEU K 100 42.87 -1.18 30.64
N MET K 101 44.07 -1.72 30.81
CA MET K 101 44.46 -2.89 30.04
C MET K 101 43.61 -4.10 30.42
N ASN K 102 43.33 -4.26 31.71
CA ASN K 102 42.54 -5.41 32.13
C ASN K 102 41.14 -5.35 31.53
N HIS K 103 40.51 -4.17 31.56
CA HIS K 103 39.22 -4.02 30.91
C HIS K 103 39.31 -4.31 29.43
N LEU K 104 40.40 -3.89 28.80
CA LEU K 104 40.56 -4.20 27.38
C LEU K 104 40.73 -5.70 27.18
N LYS K 105 41.48 -6.34 28.08
CA LYS K 105 41.69 -7.76 27.98
C LYS K 105 40.39 -8.54 28.15
N GLU K 106 39.58 -8.17 29.13
CA GLU K 106 38.33 -8.90 29.28
C GLU K 106 37.38 -8.61 28.13
N TYR K 107 37.40 -7.39 27.58
CA TYR K 107 36.57 -7.08 26.42
C TYR K 107 36.93 -7.98 25.24
N HIS K 108 38.22 -8.25 25.05
CA HIS K 108 38.62 -9.00 23.87
C HIS K 108 38.39 -10.49 24.03
N ILE K 109 38.47 -11.01 25.25
CA ILE K 109 38.20 -12.42 25.46
C ILE K 109 36.75 -12.75 25.16
N LYS K 110 35.82 -11.86 25.51
CA LYS K 110 34.42 -12.04 25.14
C LYS K 110 34.22 -11.96 23.62
N HIS K 111 35.18 -11.41 22.88
CA HIS K 111 35.10 -11.32 21.42
C HIS K 111 36.03 -12.30 20.71
N ASN K 112 36.60 -13.25 21.44
CA ASN K 112 37.45 -14.30 20.86
C ASN K 112 38.67 -13.73 20.13
N ILE K 113 39.26 -12.69 20.70
CA ILE K 113 40.52 -12.15 20.21
C ILE K 113 41.49 -12.25 21.37
N LEU K 114 42.49 -13.12 21.23
CA LEU K 114 43.32 -13.49 22.35
C LEU K 114 44.78 -13.07 22.16
N TYR K 115 45.04 -12.21 21.19
CA TYR K 115 46.39 -11.71 20.96
C TYR K 115 46.32 -10.21 20.71
N PHE K 116 47.23 -9.47 21.33
CA PHE K 116 47.42 -8.06 21.09
C PHE K 116 48.77 -7.86 20.43
N LEU K 117 48.81 -6.97 19.45
CA LEU K 117 50.07 -6.54 18.86
C LEU K 117 50.17 -5.03 19.00
N THR K 118 51.38 -4.54 19.24
CA THR K 118 51.59 -3.11 19.32
C THR K 118 53.04 -2.84 19.00
N TYR K 119 53.30 -1.62 18.52
CA TYR K 119 54.64 -1.08 18.39
C TYR K 119 54.87 -0.10 19.53
N ALA K 120 55.82 -0.41 20.40
CA ALA K 120 56.13 0.42 21.56
C ALA K 120 57.54 0.97 21.44
N ASP K 121 57.70 2.28 21.58
CA ASP K 121 59.03 2.83 21.74
C ASP K 121 59.46 2.78 23.19
N GLU K 122 60.73 3.09 23.44
CA GLU K 122 61.33 2.67 24.71
C GLU K 122 60.75 3.39 25.91
N TYR K 123 59.95 4.43 25.74
CA TYR K 123 59.29 5.00 26.90
C TYR K 123 58.05 4.21 27.30
N ALA K 124 57.47 3.44 26.38
CA ALA K 124 56.27 2.68 26.64
C ALA K 124 56.54 1.20 26.89
N ILE K 125 57.73 0.72 26.53
CA ILE K 125 58.03 -0.70 26.62
C ILE K 125 57.80 -1.21 28.05
N GLY K 126 58.31 -0.47 29.03
CA GLY K 126 58.14 -0.90 30.41
C GLY K 126 56.68 -1.08 30.79
N TYR K 127 55.81 -0.19 30.32
CA TYR K 127 54.41 -0.32 30.66
C TYR K 127 53.81 -1.57 30.03
N PHE K 128 54.14 -1.86 28.78
CA PHE K 128 53.60 -3.05 28.15
C PHE K 128 54.20 -4.31 28.76
N LYS K 129 55.49 -4.30 29.07
CA LYS K 129 56.08 -5.44 29.78
C LYS K 129 55.37 -5.68 31.11
N LYS K 130 55.07 -4.61 31.84
CA LYS K 130 54.40 -4.77 33.13
C LYS K 130 52.99 -5.31 32.95
N GLN K 131 52.38 -5.08 31.78
CA GLN K 131 51.06 -5.60 31.47
C GLN K 131 51.09 -6.95 30.78
N GLY K 132 52.25 -7.59 30.66
CA GLY K 132 52.35 -8.92 30.12
C GLY K 132 52.88 -9.03 28.71
N PHE K 133 53.14 -7.92 28.02
CA PHE K 133 53.57 -7.99 26.64
C PHE K 133 55.00 -8.53 26.55
N SER K 134 55.38 -8.98 25.35
CA SER K 134 56.67 -9.61 25.16
C SER K 134 57.19 -9.33 23.76
N LYS K 135 58.52 -9.38 23.62
CA LYS K 135 59.17 -9.20 22.32
C LYS K 135 59.09 -10.44 21.45
N ASP K 136 58.73 -11.59 22.01
CA ASP K 136 58.61 -12.82 21.22
C ASP K 136 57.24 -12.83 20.58
N ILE K 137 57.19 -12.68 19.27
CA ILE K 137 55.91 -12.58 18.57
C ILE K 137 55.53 -13.97 18.12
N LYS K 138 54.43 -14.50 18.66
CA LYS K 138 53.94 -15.80 18.24
C LYS K 138 53.07 -15.70 16.99
N VAL K 139 52.39 -14.58 16.79
CA VAL K 139 51.56 -14.40 15.60
C VAL K 139 52.47 -14.37 14.38
N PRO K 140 52.22 -15.16 13.34
CA PRO K 140 53.13 -15.21 12.20
C PRO K 140 53.16 -13.90 11.43
N LYS K 141 54.35 -13.58 10.92
CA LYS K 141 54.56 -12.33 10.19
C LYS K 141 53.57 -12.18 9.05
N SER K 142 53.24 -13.29 8.38
CA SER K 142 52.26 -13.24 7.30
C SER K 142 50.89 -12.82 7.79
N ARG K 143 50.64 -12.86 9.09
CA ARG K 143 49.31 -12.56 9.60
C ARG K 143 49.16 -11.13 10.09
N TYR K 144 50.25 -10.43 10.39
CA TYR K 144 50.14 -9.06 10.83
C TYR K 144 50.80 -8.03 9.91
N LEU K 145 51.76 -8.43 9.09
CA LEU K 145 52.47 -7.45 8.26
C LEU K 145 51.53 -6.87 7.22
N GLY K 146 51.51 -5.54 7.15
CA GLY K 146 50.61 -4.85 6.25
C GLY K 146 49.25 -4.59 6.84
N TYR K 147 48.93 -5.17 7.98
CA TYR K 147 47.70 -4.91 8.69
C TYR K 147 47.89 -3.94 9.85
N ILE K 148 48.95 -4.10 10.59
CA ILE K 148 49.27 -3.14 11.63
C ILE K 148 50.26 -2.16 11.07
N LYS K 149 50.07 -0.89 11.41
CA LYS K 149 50.96 0.14 10.94
C LYS K 149 52.30 0.00 11.65
N ASP K 150 53.36 -0.16 10.88
CA ASP K 150 54.69 -0.16 11.46
C ASP K 150 55.10 1.26 11.83
N TYR K 151 55.73 1.39 12.98
CA TYR K 151 56.34 2.64 13.43
C TYR K 151 57.83 2.40 13.51
N GLU K 152 58.57 3.07 12.63
CA GLU K 152 60.02 2.91 12.53
C GLU K 152 60.70 3.24 13.84
N GLY K 153 61.60 2.37 14.27
CA GLY K 153 62.31 2.56 15.53
C GLY K 153 61.66 1.86 16.71
N ALA K 154 60.33 1.89 16.78
CA ALA K 154 59.59 1.22 17.85
C ALA K 154 59.80 -0.29 17.80
N THR K 155 59.38 -0.95 18.87
CA THR K 155 59.58 -2.38 19.03
C THR K 155 58.25 -3.11 19.03
N LEU K 156 58.12 -4.12 18.17
CA LEU K 156 56.92 -4.93 18.15
C LEU K 156 56.85 -5.74 19.43
N MET K 157 55.73 -5.62 20.13
CA MET K 157 55.48 -6.41 21.32
C MET K 157 54.11 -7.03 21.23
N GLU K 158 53.94 -8.13 21.96
CA GLU K 158 52.77 -8.97 21.83
C GLU K 158 52.29 -9.41 23.20
N CYS K 159 50.99 -9.51 23.37
CA CYS K 159 50.42 -10.09 24.56
C CYS K 159 49.41 -11.16 24.17
N GLU K 160 49.50 -12.32 24.83
CA GLU K 160 48.59 -13.43 24.63
C GLU K 160 47.63 -13.50 25.81
N LEU K 161 46.35 -13.60 25.51
CA LEU K 161 45.33 -13.53 26.54
C LEU K 161 44.80 -14.92 26.86
N ASN K 162 44.42 -15.12 28.12
CA ASN K 162 43.91 -16.41 28.56
C ASN K 162 42.39 -16.35 28.65
N PRO K 163 41.66 -17.10 27.82
CA PRO K 163 40.20 -16.92 27.76
C PRO K 163 39.45 -17.45 28.96
N ARG K 164 40.09 -18.27 29.79
CA ARG K 164 39.43 -18.87 30.94
C ARG K 164 39.59 -18.04 32.20
N ILE K 165 40.43 -17.02 32.18
CA ILE K 165 40.63 -16.12 33.30
C ILE K 165 39.90 -14.80 33.00
N PRO K 166 38.84 -14.47 33.73
CA PRO K 166 38.27 -13.13 33.61
C PRO K 166 39.23 -12.10 34.19
N TYR K 167 39.57 -11.08 33.39
CA TYR K 167 40.57 -10.12 33.80
C TYR K 167 40.04 -9.04 34.71
N THR K 168 38.72 -8.85 34.74
CA THR K 168 38.07 -8.00 35.76
C THR K 168 36.81 -8.67 36.28
N ILE L 5 44.13 20.82 -14.32
CA ILE L 5 44.03 19.39 -14.03
C ILE L 5 42.87 19.03 -13.12
N GLU L 6 42.64 17.72 -12.99
CA GLU L 6 41.65 17.17 -12.08
C GLU L 6 42.07 15.73 -11.86
N PHE L 7 42.01 15.27 -10.61
CA PHE L 7 42.29 13.89 -10.27
C PHE L 7 41.00 13.20 -9.89
N HIS L 8 40.77 12.01 -10.44
CA HIS L 8 39.55 11.27 -10.14
C HIS L 8 39.84 9.78 -9.99
N VAL L 9 39.23 9.17 -8.97
CA VAL L 9 39.24 7.72 -8.84
C VAL L 9 37.95 7.21 -9.46
N ILE L 10 38.06 6.65 -10.66
CA ILE L 10 36.90 6.22 -11.41
C ILE L 10 36.97 4.70 -11.59
N GLY L 11 35.83 4.14 -12.00
CA GLY L 11 35.72 2.72 -12.23
C GLY L 11 34.34 2.38 -12.77
N ASN L 12 34.11 1.11 -12.96
CA ASN L 12 32.91 0.62 -13.62
C ASN L 12 31.96 0.02 -12.58
N SER L 13 30.86 0.72 -12.31
CA SER L 13 29.72 0.26 -11.49
C SER L 13 30.06 -0.73 -10.39
N ALA L 18 25.36 3.72 -16.81
CA ALA L 18 25.30 4.59 -15.64
C ALA L 18 25.67 6.01 -16.02
N ASN L 19 26.94 6.36 -15.84
CA ASN L 19 27.45 7.68 -16.18
C ASN L 19 28.32 7.59 -17.40
N ARG L 20 28.11 8.51 -18.34
CA ARG L 20 28.81 8.43 -19.61
C ARG L 20 30.10 9.23 -19.60
N ARG L 21 30.14 10.33 -18.84
CA ARG L 21 31.37 11.08 -18.69
C ARG L 21 32.49 10.19 -18.18
N VAL L 22 32.22 9.43 -17.11
CA VAL L 22 33.22 8.51 -16.59
C VAL L 22 33.57 7.46 -17.65
N LEU L 23 32.57 6.89 -18.28
CA LEU L 23 32.81 5.79 -19.20
C LEU L 23 33.67 6.22 -20.38
N LEU L 24 33.48 7.43 -20.87
CA LEU L 24 34.36 7.92 -21.91
C LEU L 24 35.75 8.22 -21.39
N TRP L 25 35.89 8.46 -20.08
CA TRP L 25 37.21 8.61 -19.48
C TRP L 25 37.94 7.27 -19.47
N LEU L 26 37.22 6.21 -19.12
CA LEU L 26 37.79 4.87 -19.16
C LEU L 26 38.33 4.52 -20.54
N VAL L 27 37.57 4.84 -21.60
CA VAL L 27 38.06 4.58 -22.96
C VAL L 27 39.30 5.40 -23.23
N GLY L 28 39.32 6.64 -22.75
CA GLY L 28 40.52 7.45 -22.90
C GLY L 28 41.71 6.81 -22.22
N LEU L 29 41.53 6.38 -20.97
CA LEU L 29 42.58 5.68 -20.24
C LEU L 29 43.02 4.44 -20.99
N GLN L 30 42.07 3.65 -21.47
CA GLN L 30 42.42 2.43 -22.17
C GLN L 30 43.25 2.72 -23.41
N ASN L 31 42.95 3.80 -24.11
CA ASN L 31 43.76 4.14 -25.26
C ASN L 31 45.15 4.61 -24.86
N VAL L 32 45.28 5.24 -23.70
CA VAL L 32 46.58 5.71 -23.25
C VAL L 32 47.44 4.55 -22.79
N PHE L 33 46.86 3.64 -22.00
CA PHE L 33 47.60 2.45 -21.59
C PHE L 33 48.00 1.61 -22.79
N SER L 34 47.04 1.35 -23.69
CA SER L 34 47.32 0.54 -24.87
C SER L 34 48.38 1.18 -25.76
N HIS L 35 48.39 2.49 -25.82
CA HIS L 35 49.38 3.20 -26.62
C HIS L 35 50.77 3.09 -25.98
N GLN L 36 50.86 3.38 -24.68
CA GLN L 36 52.16 3.45 -24.04
C GLN L 36 52.74 2.08 -23.72
N LEU L 37 51.92 1.03 -23.75
CA LEU L 37 52.39 -0.34 -23.52
C LEU L 37 51.93 -1.20 -24.67
N PRO L 38 52.41 -0.94 -25.88
CA PRO L 38 51.98 -1.73 -27.04
C PRO L 38 52.28 -3.20 -26.84
N ARG L 39 53.24 -3.49 -25.98
CA ARG L 39 53.39 -4.76 -25.29
C ARG L 39 52.05 -5.49 -25.05
N MET L 40 51.15 -4.86 -24.28
CA MET L 40 49.94 -5.52 -23.80
C MET L 40 48.90 -5.59 -24.90
N PRO L 41 48.17 -6.70 -25.00
CA PRO L 41 47.04 -6.75 -25.94
C PRO L 41 45.97 -5.73 -25.59
N LYS L 42 45.49 -5.02 -26.62
CA LYS L 42 44.42 -4.03 -26.45
C LYS L 42 43.24 -4.59 -25.68
N GLU L 43 42.81 -5.81 -26.02
CA GLU L 43 41.62 -6.37 -25.40
C GLU L 43 41.86 -6.72 -23.94
N TYR L 44 43.11 -6.98 -23.58
CA TYR L 44 43.44 -7.27 -22.18
C TYR L 44 43.41 -6.01 -21.34
N ILE L 45 43.96 -4.92 -21.85
CA ILE L 45 43.93 -3.64 -21.15
C ILE L 45 42.50 -3.18 -20.96
N ALA L 46 41.65 -3.42 -21.95
CA ALA L 46 40.25 -3.05 -21.84
C ALA L 46 39.56 -3.87 -20.77
N ARG L 47 39.83 -5.17 -20.75
CA ARG L 47 39.13 -6.05 -19.83
C ARG L 47 39.42 -5.69 -18.38
N LEU L 48 40.64 -5.24 -18.10
CA LEU L 48 40.97 -4.83 -16.74
C LEU L 48 40.41 -3.45 -16.42
N VAL L 49 40.70 -2.45 -17.27
CA VAL L 49 40.25 -1.09 -17.00
C VAL L 49 38.76 -1.06 -16.74
N PHE L 50 37.99 -1.94 -17.38
CA PHE L 50 36.56 -1.99 -17.16
C PHE L 50 36.15 -3.05 -16.15
N ASP L 51 37.11 -3.66 -15.45
CA ASP L 51 36.73 -4.61 -14.41
C ASP L 51 36.29 -3.88 -13.15
N PRO L 52 35.20 -4.31 -12.52
CA PRO L 52 34.66 -3.52 -11.40
C PRO L 52 35.58 -3.51 -10.21
N LYS L 53 36.24 -4.63 -9.92
CA LYS L 53 37.21 -4.66 -8.84
C LYS L 53 38.48 -3.88 -9.17
N HIS L 54 38.68 -3.50 -10.43
CA HIS L 54 39.73 -2.57 -10.79
C HIS L 54 39.17 -1.16 -10.79
N LYS L 55 40.01 -0.21 -10.39
CA LYS L 55 39.65 1.19 -10.49
C LYS L 55 40.89 1.97 -10.90
N THR L 56 40.68 3.22 -11.28
CA THR L 56 41.76 3.98 -11.87
C THR L 56 41.80 5.39 -11.32
N LEU L 57 43.01 5.89 -11.07
CA LEU L 57 43.20 7.29 -10.75
C LEU L 57 43.47 8.00 -12.06
N ALA L 58 42.48 8.72 -12.56
CA ALA L 58 42.57 9.36 -13.85
C ALA L 58 43.12 10.77 -13.72
N LEU L 59 44.09 11.11 -14.56
CA LEU L 59 44.62 12.46 -14.65
C LEU L 59 43.90 13.19 -15.77
N ILE L 60 43.04 14.13 -15.40
CA ILE L 60 42.18 14.84 -16.34
C ILE L 60 42.76 16.22 -16.61
N LYS L 61 42.82 16.61 -17.88
CA LYS L 61 43.11 17.97 -18.29
C LYS L 61 42.02 18.44 -19.23
N ASP L 62 41.16 19.33 -18.75
CA ASP L 62 40.03 19.83 -19.53
C ASP L 62 39.22 18.68 -20.09
N GLY L 63 38.50 18.01 -19.20
CA GLY L 63 37.64 16.89 -19.56
C GLY L 63 38.27 15.82 -20.42
N ARG L 64 39.61 15.74 -20.42
CA ARG L 64 40.33 14.87 -21.36
C ARG L 64 41.36 14.06 -20.58
N VAL L 65 41.37 12.74 -20.78
CA VAL L 65 42.28 11.89 -20.03
C VAL L 65 43.69 12.05 -20.59
N ILE L 66 44.64 12.36 -19.73
CA ILE L 66 46.05 12.50 -20.13
C ILE L 66 46.97 11.57 -19.36
N GLY L 67 46.46 10.85 -18.38
CA GLY L 67 47.28 9.94 -17.61
C GLY L 67 46.40 9.15 -16.67
N GLY L 68 47.02 8.22 -15.96
CA GLY L 68 46.27 7.40 -15.06
C GLY L 68 47.11 6.31 -14.45
N ILE L 69 46.57 5.71 -13.40
CA ILE L 69 47.14 4.57 -12.71
C ILE L 69 45.98 3.63 -12.45
N CYS L 70 45.99 2.49 -13.12
CA CYS L 70 45.00 1.45 -12.90
C CYS L 70 45.54 0.53 -11.80
N PHE L 71 44.76 0.38 -10.74
CA PHE L 71 45.18 -0.40 -9.59
C PHE L 71 44.04 -1.28 -9.14
N ARG L 72 44.36 -2.40 -8.48
CA ARG L 72 43.34 -3.28 -7.91
C ARG L 72 43.62 -3.44 -6.43
N MET L 73 42.74 -2.89 -5.60
CA MET L 73 42.91 -3.03 -4.16
C MET L 73 42.57 -4.44 -3.72
N PHE L 74 43.45 -5.03 -2.93
CA PHE L 74 43.16 -6.26 -2.22
C PHE L 74 43.11 -5.97 -0.73
N PRO L 75 42.07 -5.29 -0.24
CA PRO L 75 42.06 -4.93 1.18
C PRO L 75 42.14 -6.13 2.10
N THR L 76 41.71 -7.30 1.65
CA THR L 76 41.75 -8.47 2.52
C THR L 76 43.18 -8.94 2.70
N GLN L 77 44.03 -8.71 1.71
CA GLN L 77 45.43 -9.10 1.76
C GLN L 77 46.35 -7.97 2.22
N GLY L 78 45.85 -6.75 2.32
CA GLY L 78 46.66 -5.67 2.84
C GLY L 78 47.63 -5.04 1.85
N PHE L 79 47.33 -5.11 0.56
CA PHE L 79 48.17 -4.43 -0.42
C PHE L 79 47.32 -4.07 -1.64
N THR L 80 47.95 -3.31 -2.54
CA THR L 80 47.34 -2.90 -3.79
C THR L 80 48.26 -3.31 -4.93
N GLU L 81 47.66 -3.77 -6.02
CA GLU L 81 48.37 -4.10 -7.24
C GLU L 81 48.38 -2.86 -8.13
N ILE L 82 49.56 -2.38 -8.48
CA ILE L 82 49.69 -1.34 -9.51
C ILE L 82 49.72 -2.04 -10.86
N VAL L 83 48.72 -1.77 -11.69
CA VAL L 83 48.53 -2.52 -12.92
C VAL L 83 49.08 -1.75 -14.11
N PHE L 84 48.61 -0.53 -14.28
CA PHE L 84 48.98 0.30 -15.41
C PHE L 84 49.35 1.69 -14.91
N CYS L 85 50.42 2.24 -15.48
CA CYS L 85 50.85 3.60 -15.18
C CYS L 85 51.19 4.29 -16.48
N ALA L 86 50.55 5.41 -16.75
CA ALA L 86 50.86 6.11 -17.98
C ALA L 86 50.53 7.58 -17.86
N VAL L 87 51.42 8.41 -18.40
CA VAL L 87 51.11 9.78 -18.73
C VAL L 87 51.23 9.90 -20.24
N THR L 88 50.26 10.55 -20.86
CA THR L 88 50.24 10.60 -22.32
C THR L 88 51.51 11.25 -22.86
N SER L 89 51.88 10.85 -24.07
CA SER L 89 53.21 11.13 -24.58
C SER L 89 53.50 12.63 -24.64
N ASN L 90 52.53 13.44 -25.06
CA ASN L 90 52.81 14.85 -25.24
C ASN L 90 52.75 15.64 -23.93
N GLU L 91 52.48 14.99 -22.80
CA GLU L 91 52.34 15.70 -21.52
C GLU L 91 53.33 15.24 -20.47
N GLN L 92 54.30 14.42 -20.80
CA GLN L 92 55.25 13.97 -19.78
C GLN L 92 56.28 15.07 -19.51
N VAL L 93 57.23 14.74 -18.62
CA VAL L 93 58.30 15.63 -18.19
C VAL L 93 57.69 16.95 -17.73
N LYS L 94 56.51 16.88 -17.14
CA LYS L 94 55.91 18.03 -16.47
C LYS L 94 55.67 17.76 -14.99
N GLY L 95 56.04 16.58 -14.50
CA GLY L 95 55.82 16.21 -13.11
C GLY L 95 54.53 15.49 -12.85
N TYR L 96 53.83 15.04 -13.89
CA TYR L 96 52.52 14.44 -13.70
C TYR L 96 52.62 13.01 -13.16
N GLY L 97 53.61 12.25 -13.60
CA GLY L 97 53.78 10.91 -13.07
C GLY L 97 53.96 10.89 -11.57
N THR L 98 54.70 11.86 -11.03
CA THR L 98 54.91 11.91 -9.59
C THR L 98 53.66 12.37 -8.86
N HIS L 99 52.95 13.36 -9.40
CA HIS L 99 51.74 13.82 -8.74
C HIS L 99 50.66 12.76 -8.75
N LEU L 100 50.61 11.93 -9.79
CA LEU L 100 49.62 10.87 -9.85
C LEU L 100 49.91 9.81 -8.80
N MET L 101 51.18 9.37 -8.72
CA MET L 101 51.56 8.37 -7.73
C MET L 101 51.29 8.86 -6.32
N ASN L 102 51.61 10.13 -6.03
CA ASN L 102 51.39 10.64 -4.69
C ASN L 102 49.92 10.66 -4.34
N HIS L 103 49.08 11.18 -5.25
CA HIS L 103 47.64 11.14 -5.01
C HIS L 103 47.19 9.72 -4.72
N LEU L 104 47.78 8.75 -5.39
CA LEU L 104 47.40 7.36 -5.15
C LEU L 104 47.85 6.90 -3.78
N LYS L 105 49.01 7.36 -3.34
CA LYS L 105 49.51 6.97 -2.02
C LYS L 105 48.62 7.54 -0.93
N GLU L 106 48.25 8.81 -1.03
CA GLU L 106 47.36 9.39 -0.02
C GLU L 106 45.98 8.77 -0.07
N TYR L 107 45.54 8.33 -1.25
CA TYR L 107 44.26 7.65 -1.33
C TYR L 107 44.29 6.34 -0.56
N HIS L 108 45.44 5.65 -0.58
CA HIS L 108 45.52 4.35 0.05
C HIS L 108 45.79 4.46 1.54
N ILE L 109 46.52 5.49 1.95
CA ILE L 109 46.71 5.77 3.37
C ILE L 109 45.37 5.96 4.06
N LYS L 110 44.43 6.65 3.41
CA LYS L 110 43.13 6.85 4.00
C LYS L 110 42.28 5.58 4.03
N HIS L 111 42.74 4.49 3.40
CA HIS L 111 42.04 3.21 3.45
C HIS L 111 42.87 2.13 4.14
N ASN L 112 43.91 2.51 4.85
CA ASN L 112 44.76 1.60 5.61
C ASN L 112 45.36 0.52 4.71
N ILE L 113 45.82 0.93 3.54
CA ILE L 113 46.57 0.06 2.64
C ILE L 113 47.90 0.73 2.41
N LEU L 114 48.96 0.16 2.95
CA LEU L 114 50.24 0.84 2.97
C LEU L 114 51.31 0.09 2.19
N TYR L 115 50.93 -0.86 1.36
CA TYR L 115 51.88 -1.61 0.54
C TYR L 115 51.37 -1.64 -0.89
N PHE L 116 52.17 -1.14 -1.82
CA PHE L 116 51.93 -1.31 -3.24
C PHE L 116 52.78 -2.46 -3.75
N LEU L 117 52.24 -3.21 -4.69
CA LEU L 117 53.01 -4.26 -5.36
C LEU L 117 52.83 -4.09 -6.87
N THR L 118 53.91 -4.24 -7.63
CA THR L 118 53.80 -4.07 -9.07
C THR L 118 54.82 -4.95 -9.78
N TYR L 119 54.45 -5.43 -10.95
CA TYR L 119 55.38 -6.06 -11.88
C TYR L 119 55.77 -5.04 -12.94
N ALA L 120 57.06 -4.75 -13.04
CA ALA L 120 57.54 -3.63 -13.83
C ALA L 120 58.46 -4.09 -14.94
N ASP L 121 58.19 -3.64 -16.17
CA ASP L 121 59.20 -3.72 -17.23
C ASP L 121 60.41 -2.90 -16.83
N GLU L 122 61.56 -3.27 -17.38
CA GLU L 122 62.74 -2.46 -17.13
C GLU L 122 62.63 -1.09 -17.79
N TYR L 123 61.66 -0.89 -18.68
CA TYR L 123 61.31 0.44 -19.12
C TYR L 123 60.66 1.24 -18.00
N ALA L 124 59.98 0.54 -17.08
CA ALA L 124 59.25 1.17 -16.00
C ALA L 124 59.98 1.13 -14.67
N ILE L 125 61.01 0.28 -14.54
CA ILE L 125 61.70 0.15 -13.26
C ILE L 125 62.24 1.48 -12.79
N GLY L 126 62.79 2.28 -13.72
CA GLY L 126 63.36 3.55 -13.31
C GLY L 126 62.34 4.46 -12.65
N TYR L 127 61.12 4.48 -13.19
CA TYR L 127 60.06 5.31 -12.64
C TYR L 127 59.67 4.84 -11.24
N PHE L 128 59.49 3.54 -11.05
CA PHE L 128 59.07 3.04 -9.75
C PHE L 128 60.16 3.21 -8.69
N LYS L 129 61.42 3.03 -9.08
CA LYS L 129 62.50 3.24 -8.13
C LYS L 129 62.52 4.68 -7.65
N LYS L 130 62.22 5.63 -8.53
CA LYS L 130 62.21 7.05 -8.17
C LYS L 130 60.92 7.47 -7.48
N GLN L 131 59.88 6.65 -7.53
CA GLN L 131 58.70 6.87 -6.71
C GLN L 131 58.79 6.18 -5.36
N GLY L 132 59.88 5.46 -5.09
CA GLY L 132 60.10 4.86 -3.79
C GLY L 132 59.97 3.35 -3.75
N PHE L 133 59.76 2.70 -4.88
CA PHE L 133 59.62 1.26 -4.89
C PHE L 133 60.98 0.59 -4.78
N SER L 134 60.97 -0.66 -4.35
CA SER L 134 62.18 -1.43 -4.16
C SER L 134 61.92 -2.86 -4.61
N LYS L 135 63.00 -3.57 -4.92
CA LYS L 135 62.93 -4.96 -5.32
C LYS L 135 62.89 -5.92 -4.13
N ASP L 136 63.11 -5.42 -2.91
CA ASP L 136 63.14 -6.27 -1.73
C ASP L 136 61.74 -6.31 -1.13
N ILE L 137 61.09 -7.46 -1.26
CA ILE L 137 59.66 -7.56 -1.01
C ILE L 137 59.46 -7.97 0.44
N LYS L 138 58.85 -7.09 1.22
CA LYS L 138 58.57 -7.44 2.60
C LYS L 138 57.27 -8.24 2.73
N VAL L 139 56.28 -7.98 1.87
CA VAL L 139 55.02 -8.73 1.95
C VAL L 139 55.30 -10.20 1.66
N PRO L 140 54.84 -11.13 2.50
CA PRO L 140 55.14 -12.54 2.29
C PRO L 140 54.61 -13.07 0.97
N LYS L 141 55.36 -13.98 0.39
CA LYS L 141 54.97 -14.57 -0.89
C LYS L 141 53.61 -15.24 -0.80
N SER L 142 53.24 -15.76 0.37
CA SER L 142 51.93 -16.38 0.54
C SER L 142 50.80 -15.37 0.53
N ARG L 143 51.07 -14.09 0.65
CA ARG L 143 50.00 -13.11 0.68
C ARG L 143 49.67 -12.55 -0.69
N TYR L 144 50.59 -12.61 -1.66
CA TYR L 144 50.35 -12.02 -2.96
C TYR L 144 50.31 -13.02 -4.11
N LEU L 145 50.94 -14.19 -3.97
CA LEU L 145 51.03 -15.10 -5.11
C LEU L 145 49.64 -15.58 -5.49
N GLY L 146 49.33 -15.52 -6.78
CA GLY L 146 48.01 -15.85 -7.24
C GLY L 146 46.96 -14.81 -6.93
N TYR L 147 47.33 -13.69 -6.31
CA TYR L 147 46.44 -12.54 -6.24
C TYR L 147 46.83 -11.48 -7.26
N ILE L 148 48.08 -11.10 -7.28
CA ILE L 148 48.56 -10.25 -8.35
C ILE L 148 48.88 -11.11 -9.56
N LYS L 149 48.70 -10.51 -10.73
CA LYS L 149 49.01 -11.19 -11.98
C LYS L 149 50.51 -11.12 -12.22
N ASP L 150 51.12 -12.27 -12.46
CA ASP L 150 52.54 -12.35 -12.72
C ASP L 150 52.79 -12.24 -14.21
N TYR L 151 53.52 -11.20 -14.60
CA TYR L 151 54.00 -11.04 -15.97
C TYR L 151 55.47 -11.41 -15.96
N GLU L 152 55.77 -12.61 -16.47
CA GLU L 152 57.14 -13.09 -16.54
C GLU L 152 57.98 -12.15 -17.40
N GLY L 153 59.28 -12.10 -17.10
CA GLY L 153 60.16 -11.12 -17.69
C GLY L 153 60.15 -9.77 -17.00
N ALA L 154 59.14 -9.48 -16.18
CA ALA L 154 59.13 -8.30 -15.34
C ALA L 154 59.64 -8.67 -13.96
N THR L 155 60.03 -7.64 -13.21
CA THR L 155 60.51 -7.84 -11.84
C THR L 155 59.52 -7.24 -10.86
N LEU L 156 59.26 -7.98 -9.79
CA LEU L 156 58.34 -7.55 -8.75
C LEU L 156 58.98 -6.46 -7.91
N MET L 157 58.21 -5.40 -7.67
CA MET L 157 58.62 -4.24 -6.90
C MET L 157 57.55 -3.95 -5.87
N GLU L 158 57.96 -3.32 -4.77
CA GLU L 158 57.09 -3.07 -3.65
C GLU L 158 57.36 -1.69 -3.09
N CYS L 159 56.31 -1.02 -2.65
CA CYS L 159 56.47 0.26 -1.98
C CYS L 159 55.71 0.22 -0.66
N GLU L 160 56.38 0.62 0.40
CA GLU L 160 55.79 0.77 1.73
C GLU L 160 55.45 2.23 1.98
N LEU L 161 54.26 2.49 2.51
CA LEU L 161 53.77 3.85 2.69
C LEU L 161 53.83 4.28 4.14
N ASN L 162 54.16 5.55 4.37
CA ASN L 162 54.20 6.13 5.71
C ASN L 162 52.89 6.88 5.97
N PRO L 163 52.00 6.35 6.83
CA PRO L 163 50.69 6.99 7.00
C PRO L 163 50.74 8.28 7.79
N ARG L 164 51.90 8.67 8.31
CA ARG L 164 52.01 9.86 9.15
C ARG L 164 52.44 11.08 8.37
N ILE L 165 53.21 10.90 7.30
CA ILE L 165 53.71 12.03 6.52
C ILE L 165 52.75 12.30 5.37
N PRO L 166 52.60 13.56 4.94
CA PRO L 166 51.63 13.87 3.88
C PRO L 166 52.25 13.86 2.49
N TYR L 167 51.46 13.42 1.52
CA TYR L 167 51.91 13.29 0.15
C TYR L 167 51.34 14.35 -0.78
N THR L 168 50.16 14.89 -0.49
CA THR L 168 49.61 15.99 -1.26
C THR L 168 49.18 17.14 -0.36
N ILE M 5 38.90 33.37 -14.48
CA ILE M 5 37.77 33.49 -15.38
C ILE M 5 37.14 32.12 -15.64
N GLU M 6 35.89 31.96 -15.26
CA GLU M 6 35.23 30.66 -15.28
C GLU M 6 34.12 30.63 -16.31
N PHE M 7 33.92 29.46 -16.92
CA PHE M 7 32.90 29.26 -17.95
C PHE M 7 31.87 28.25 -17.45
N HIS M 8 30.60 28.58 -17.59
CA HIS M 8 29.56 27.69 -17.12
C HIS M 8 28.39 27.72 -18.08
N VAL M 9 27.94 26.54 -18.49
CA VAL M 9 26.70 26.40 -19.22
C VAL M 9 25.59 26.27 -18.19
N ILE M 10 24.59 27.15 -18.28
CA ILE M 10 23.53 27.27 -17.28
C ILE M 10 22.24 27.60 -18.00
N GLY M 11 21.15 27.59 -17.24
CA GLY M 11 19.84 27.87 -17.80
C GLY M 11 18.74 27.67 -16.78
N ASN M 19 18.50 26.75 -8.14
CA ASN M 19 19.70 27.21 -7.44
C ASN M 19 19.80 28.73 -7.47
N ARG M 20 20.28 29.30 -6.37
CA ARG M 20 20.38 30.75 -6.22
C ARG M 20 21.44 31.33 -7.17
N ARG M 21 22.68 30.86 -7.02
CA ARG M 21 23.79 31.42 -7.79
C ARG M 21 23.49 31.42 -9.28
N VAL M 22 22.75 30.41 -9.75
CA VAL M 22 22.44 30.36 -11.17
C VAL M 22 21.43 31.43 -11.54
N LEU M 23 20.37 31.56 -10.74
CA LEU M 23 19.36 32.57 -11.04
C LEU M 23 19.97 33.97 -11.07
N LEU M 24 20.74 34.31 -10.06
CA LEU M 24 21.43 35.59 -10.08
C LEU M 24 22.27 35.72 -11.34
N TRP M 25 22.98 34.66 -11.71
CA TRP M 25 23.82 34.67 -12.90
C TRP M 25 23.00 34.93 -14.15
N LEU M 26 21.78 34.40 -14.19
CA LEU M 26 20.96 34.62 -15.37
C LEU M 26 20.39 36.02 -15.41
N VAL M 27 20.14 36.63 -14.26
CA VAL M 27 19.76 38.04 -14.25
C VAL M 27 20.92 38.90 -14.70
N GLY M 28 22.14 38.56 -14.27
CA GLY M 28 23.31 39.27 -14.76
C GLY M 28 23.45 39.15 -16.26
N LEU M 29 23.19 37.96 -16.80
CA LEU M 29 23.24 37.79 -18.25
C LEU M 29 22.16 38.62 -18.92
N GLN M 30 20.96 38.63 -18.37
CA GLN M 30 19.92 39.48 -18.94
C GLN M 30 20.31 40.94 -18.85
N ASN M 31 20.96 41.34 -17.75
CA ASN M 31 21.42 42.73 -17.63
C ASN M 31 22.49 43.05 -18.66
N VAL M 32 23.48 42.17 -18.81
CA VAL M 32 24.55 42.42 -19.76
C VAL M 32 24.01 42.45 -21.19
N PHE M 33 23.16 41.49 -21.54
CA PHE M 33 22.59 41.45 -22.88
C PHE M 33 21.76 42.69 -23.16
N SER M 34 20.86 43.03 -22.23
CA SER M 34 19.96 44.16 -22.46
C SER M 34 20.69 45.48 -22.49
N HIS M 35 21.83 45.57 -21.82
CA HIS M 35 22.60 46.80 -21.93
C HIS M 35 23.41 46.83 -23.22
N GLN M 36 24.16 45.77 -23.49
CA GLN M 36 24.98 45.75 -24.70
C GLN M 36 24.14 45.55 -25.95
N LEU M 37 22.82 45.46 -25.83
CA LEU M 37 21.93 45.31 -26.98
C LEU M 37 20.64 46.04 -26.67
N PRO M 38 20.69 47.38 -26.57
CA PRO M 38 19.53 48.13 -26.08
C PRO M 38 18.39 48.22 -27.06
N ARG M 39 18.54 47.64 -28.24
CA ARG M 39 17.43 47.58 -29.19
C ARG M 39 16.23 46.89 -28.55
N MET M 40 16.40 45.77 -28.20
CA MET M 40 15.33 44.84 -27.93
C MET M 40 14.75 45.02 -26.52
N PRO M 41 13.47 44.69 -26.40
CA PRO M 41 12.80 44.74 -25.10
C PRO M 41 13.52 43.89 -24.06
N LYS M 42 13.75 44.47 -22.89
CA LYS M 42 14.27 43.70 -21.78
C LYS M 42 13.32 42.58 -21.41
N GLU M 43 12.03 42.75 -21.68
CA GLU M 43 11.04 41.71 -21.42
C GLU M 43 11.27 40.51 -22.32
N TYR M 44 11.54 40.77 -23.61
CA TYR M 44 11.82 39.68 -24.53
C TYR M 44 13.14 39.00 -24.18
N ILE M 45 14.20 39.79 -24.00
CA ILE M 45 15.49 39.24 -23.59
C ILE M 45 15.33 38.36 -22.36
N ALA M 46 14.55 38.80 -21.37
CA ALA M 46 14.37 37.99 -20.17
C ALA M 46 13.62 36.70 -20.47
N ARG M 47 12.60 36.77 -21.32
CA ARG M 47 11.85 35.57 -21.70
C ARG M 47 12.78 34.50 -22.25
N LEU M 48 13.65 34.88 -23.20
CA LEU M 48 14.57 33.93 -23.80
C LEU M 48 15.63 33.48 -22.81
N VAL M 49 16.16 34.40 -22.01
CA VAL M 49 17.22 34.03 -21.09
C VAL M 49 16.71 33.00 -20.08
N PHE M 50 15.44 33.11 -19.71
CA PHE M 50 14.90 32.28 -18.64
C PHE M 50 14.09 31.10 -19.16
N ASP M 51 13.98 30.94 -20.48
CA ASP M 51 13.42 29.73 -21.04
C ASP M 51 14.26 28.54 -20.60
N PRO M 52 13.67 27.52 -19.96
CA PRO M 52 14.47 26.36 -19.53
C PRO M 52 15.05 25.56 -20.68
N LYS M 53 14.69 25.87 -21.93
CA LYS M 53 15.26 25.21 -23.10
C LYS M 53 16.39 25.98 -23.75
N HIS M 54 16.38 27.31 -23.65
CA HIS M 54 17.57 28.08 -23.97
C HIS M 54 18.62 27.91 -22.89
N LYS M 55 19.89 27.95 -23.30
CA LYS M 55 21.00 27.82 -22.39
C LYS M 55 21.98 28.96 -22.62
N THR M 56 22.88 29.17 -21.67
CA THR M 56 23.80 30.28 -21.78
C THR M 56 25.18 29.86 -21.29
N LEU M 57 26.15 29.90 -22.19
CA LEU M 57 27.54 29.80 -21.79
C LEU M 57 27.91 31.11 -21.12
N ALA M 58 28.12 31.08 -19.81
CA ALA M 58 28.34 32.28 -19.02
C ALA M 58 29.82 32.45 -18.74
N LEU M 59 30.30 33.69 -18.88
CA LEU M 59 31.70 34.02 -18.65
C LEU M 59 31.78 34.68 -17.28
N ILE M 60 32.37 33.97 -16.33
CA ILE M 60 32.34 34.36 -14.92
C ILE M 60 33.72 34.77 -14.48
N LYS M 61 33.83 35.98 -13.93
CA LYS M 61 35.07 36.47 -13.34
C LYS M 61 34.78 36.99 -11.94
N ASP M 62 35.48 36.44 -10.95
CA ASP M 62 35.26 36.78 -9.56
C ASP M 62 33.81 36.57 -9.17
N GLY M 63 33.21 35.52 -9.72
CA GLY M 63 31.82 35.22 -9.43
C GLY M 63 30.81 36.13 -10.06
N ARG M 64 31.24 37.10 -10.86
CA ARG M 64 30.35 38.06 -11.48
C ARG M 64 30.27 37.78 -12.98
N VAL M 65 29.09 37.97 -13.55
CA VAL M 65 28.91 37.77 -14.98
C VAL M 65 29.51 38.95 -15.73
N ILE M 66 30.42 38.67 -16.65
CA ILE M 66 30.97 39.69 -17.53
C ILE M 66 30.66 39.43 -19.00
N GLY M 67 30.09 38.28 -19.33
CA GLY M 67 29.75 38.01 -20.71
C GLY M 67 29.05 36.69 -20.82
N GLY M 68 28.55 36.41 -22.01
CA GLY M 68 27.90 35.15 -22.25
C GLY M 68 27.45 35.01 -23.69
N ILE M 69 27.06 33.79 -24.03
CA ILE M 69 26.37 33.49 -25.30
C ILE M 69 25.11 32.70 -24.96
N CYS M 70 23.96 33.23 -25.37
CA CYS M 70 22.69 32.56 -25.15
C CYS M 70 22.27 31.82 -26.41
N PHE M 71 22.01 30.53 -26.29
CA PHE M 71 21.77 29.69 -27.45
C PHE M 71 20.66 28.68 -27.17
N ARG M 72 20.13 28.12 -28.26
CA ARG M 72 19.12 27.07 -28.19
C ARG M 72 19.55 25.92 -29.10
N MET M 73 19.94 24.81 -28.49
CA MET M 73 20.26 23.61 -29.23
C MET M 73 19.00 22.93 -29.73
N PHE M 74 19.04 22.42 -30.94
CA PHE M 74 17.96 21.63 -31.52
C PHE M 74 18.52 20.30 -31.98
N PRO M 75 18.93 19.44 -31.02
CA PRO M 75 19.79 18.30 -31.37
C PRO M 75 19.20 17.39 -32.42
N THR M 76 17.88 17.35 -32.54
CA THR M 76 17.25 16.51 -33.57
C THR M 76 17.35 17.12 -34.95
N GLN M 77 17.63 18.42 -35.05
CA GLN M 77 17.80 19.09 -36.33
C GLN M 77 19.25 19.43 -36.64
N GLY M 78 20.17 19.12 -35.72
CA GLY M 78 21.60 19.27 -35.99
C GLY M 78 22.14 20.68 -36.08
N PHE M 79 21.60 21.63 -35.32
CA PHE M 79 22.16 22.97 -35.28
C PHE M 79 21.85 23.60 -33.91
N THR M 80 22.33 24.83 -33.73
CA THR M 80 22.07 25.61 -32.54
C THR M 80 21.89 27.05 -32.99
N GLU M 81 20.92 27.74 -32.42
CA GLU M 81 20.72 29.13 -32.73
C GLU M 81 21.50 29.98 -31.74
N ILE M 82 22.29 30.92 -32.25
CA ILE M 82 23.01 31.86 -31.40
C ILE M 82 22.11 33.06 -31.22
N VAL M 83 21.58 33.22 -30.02
CA VAL M 83 20.62 34.28 -29.75
C VAL M 83 21.31 35.57 -29.36
N PHE M 84 22.17 35.49 -28.34
CA PHE M 84 22.76 36.65 -27.69
C PHE M 84 24.26 36.44 -27.50
N CYS M 85 25.06 37.44 -27.89
CA CYS M 85 26.50 37.45 -27.67
C CYS M 85 26.90 38.80 -27.11
N ALA M 86 27.52 38.80 -25.94
CA ALA M 86 27.86 40.06 -25.31
C ALA M 86 28.96 39.85 -24.31
N VAL M 87 29.92 40.78 -24.32
CA VAL M 87 30.89 40.93 -23.24
C VAL M 87 30.72 42.34 -22.71
N THR M 88 30.72 42.49 -21.39
CA THR M 88 30.45 43.80 -20.84
C THR M 88 31.63 44.75 -21.10
N SER M 89 31.29 46.02 -21.28
CA SER M 89 32.13 46.94 -22.06
C SER M 89 33.53 47.09 -21.49
N ASN M 90 33.67 47.11 -20.17
CA ASN M 90 34.99 47.25 -19.59
C ASN M 90 35.79 45.96 -19.60
N GLU M 91 35.44 44.99 -20.44
CA GLU M 91 36.23 43.77 -20.58
C GLU M 91 36.40 43.37 -22.03
N GLN M 92 36.03 44.23 -22.98
CA GLN M 92 35.83 43.81 -24.36
C GLN M 92 37.15 43.48 -25.05
N VAL M 93 38.06 44.45 -25.09
CA VAL M 93 39.21 44.38 -25.99
C VAL M 93 40.18 43.28 -25.51
N LYS M 94 39.86 42.65 -24.38
CA LYS M 94 40.67 41.57 -23.85
C LYS M 94 40.44 40.23 -24.56
N GLY M 95 39.61 40.19 -25.59
CA GLY M 95 39.46 38.99 -26.39
C GLY M 95 38.63 37.90 -25.76
N TYR M 96 37.82 38.23 -24.76
CA TYR M 96 36.98 37.22 -24.15
C TYR M 96 35.91 36.73 -25.12
N GLY M 97 35.59 37.52 -26.14
CA GLY M 97 34.55 37.11 -27.06
C GLY M 97 34.97 35.89 -27.85
N THR M 98 36.25 35.79 -28.16
CA THR M 98 36.75 34.64 -28.90
C THR M 98 36.78 33.40 -28.03
N HIS M 99 37.27 33.52 -26.79
CA HIS M 99 37.28 32.37 -25.90
C HIS M 99 35.87 31.89 -25.62
N LEU M 100 34.90 32.81 -25.55
CA LEU M 100 33.51 32.41 -25.40
C LEU M 100 33.07 31.55 -26.57
N MET M 101 33.38 31.96 -27.79
CA MET M 101 32.94 31.23 -28.94
C MET M 101 33.65 29.89 -29.06
N ASN M 102 34.94 29.85 -28.72
CA ASN M 102 35.64 28.57 -28.76
C ASN M 102 35.07 27.59 -27.74
N HIS M 103 34.73 28.07 -26.54
CA HIS M 103 34.10 27.18 -25.59
C HIS M 103 32.72 26.72 -26.06
N LEU M 104 32.02 27.54 -26.83
CA LEU M 104 30.71 27.13 -27.30
C LEU M 104 30.82 26.10 -28.41
N LYS M 105 31.76 26.32 -29.34
CA LYS M 105 32.00 25.34 -30.38
C LYS M 105 32.42 24.02 -29.78
N GLU M 106 33.49 24.03 -28.98
CA GLU M 106 33.99 22.81 -28.36
C GLU M 106 32.87 22.08 -27.59
N TYR M 107 32.02 22.84 -26.91
CA TYR M 107 30.92 22.22 -26.17
C TYR M 107 29.93 21.56 -27.12
N HIS M 108 29.75 22.10 -28.31
CA HIS M 108 28.78 21.52 -29.23
C HIS M 108 29.32 20.31 -29.97
N ILE M 109 30.63 20.22 -30.11
CA ILE M 109 31.21 19.01 -30.66
C ILE M 109 31.04 17.85 -29.70
N LYS M 110 31.32 18.09 -28.41
CA LYS M 110 31.11 17.05 -27.41
C LYS M 110 29.67 16.57 -27.42
N HIS M 111 28.73 17.47 -27.68
CA HIS M 111 27.33 17.11 -27.83
C HIS M 111 26.95 16.94 -29.29
N ASN M 112 27.94 16.87 -30.18
CA ASN M 112 27.78 16.53 -31.59
C ASN M 112 26.67 17.34 -32.25
N ILE M 113 26.95 18.62 -32.37
CA ILE M 113 26.18 19.56 -33.18
C ILE M 113 27.17 20.47 -33.87
N LEU M 114 27.07 20.56 -35.20
CA LEU M 114 28.14 21.12 -36.00
C LEU M 114 27.76 22.35 -36.82
N TYR M 115 26.51 22.79 -36.80
CA TYR M 115 26.12 24.03 -37.46
C TYR M 115 25.61 25.02 -36.42
N PHE M 116 26.15 26.24 -36.45
CA PHE M 116 25.62 27.36 -35.68
C PHE M 116 24.83 28.26 -36.62
N LEU M 117 23.67 28.71 -36.16
CA LEU M 117 22.88 29.69 -36.88
C LEU M 117 22.65 30.90 -35.98
N THR M 118 22.69 32.10 -36.57
CA THR M 118 22.39 33.31 -35.81
C THR M 118 21.88 34.40 -36.73
N TYR M 119 20.96 35.19 -36.21
CA TYR M 119 20.55 36.46 -36.80
C TYR M 119 21.32 37.53 -36.07
N ALA M 120 22.07 38.34 -36.79
CA ALA M 120 22.98 39.24 -36.12
C ALA M 120 22.95 40.63 -36.73
N ASP M 121 23.04 41.62 -35.84
CA ASP M 121 23.03 43.02 -36.22
C ASP M 121 24.23 43.35 -37.09
N GLU M 122 24.07 44.35 -37.95
CA GLU M 122 25.26 44.96 -38.55
C GLU M 122 26.24 45.34 -37.47
N TYR M 123 25.74 45.74 -36.31
CA TYR M 123 26.59 46.08 -35.18
C TYR M 123 27.43 44.91 -34.69
N ALA M 124 27.14 43.69 -35.14
CA ALA M 124 27.82 42.52 -34.61
C ALA M 124 28.39 41.58 -35.67
N ILE M 125 28.04 41.75 -36.96
CA ILE M 125 28.47 40.83 -38.02
C ILE M 125 29.97 40.70 -38.06
N GLY M 126 30.67 41.82 -37.90
CA GLY M 126 32.12 41.78 -37.96
C GLY M 126 32.68 40.82 -36.93
N TYR M 127 32.09 40.77 -35.74
CA TYR M 127 32.53 39.80 -34.74
C TYR M 127 32.30 38.38 -35.21
N PHE M 128 31.13 38.09 -35.78
CA PHE M 128 30.83 36.73 -36.21
C PHE M 128 31.73 36.27 -37.34
N LYS M 129 32.32 37.19 -38.12
CA LYS M 129 33.25 36.76 -39.16
C LYS M 129 34.59 36.36 -38.58
N LYS M 130 35.11 37.15 -37.63
CA LYS M 130 36.33 36.77 -36.94
C LYS M 130 36.17 35.44 -36.23
N GLN M 131 34.93 35.07 -35.91
CA GLN M 131 34.63 33.77 -35.32
C GLN M 131 34.31 32.72 -36.38
N GLY M 132 34.27 33.09 -37.65
CA GLY M 132 34.19 32.11 -38.70
C GLY M 132 32.85 31.96 -39.35
N PHE M 133 31.91 32.85 -39.07
CA PHE M 133 30.60 32.74 -39.66
C PHE M 133 30.60 33.34 -41.05
N SER M 134 29.69 32.85 -41.89
CA SER M 134 29.50 33.38 -43.23
C SER M 134 28.02 33.59 -43.49
N LYS M 135 27.74 34.36 -44.54
CA LYS M 135 26.37 34.59 -44.97
C LYS M 135 25.87 33.55 -45.96
N ASP M 136 26.77 32.73 -46.50
CA ASP M 136 26.36 31.63 -47.38
C ASP M 136 25.78 30.50 -46.52
N ILE M 137 24.51 30.19 -46.73
CA ILE M 137 23.76 29.32 -45.84
C ILE M 137 23.65 27.96 -46.49
N LYS M 138 24.49 27.02 -46.06
CA LYS M 138 24.41 25.66 -46.56
C LYS M 138 23.20 24.92 -46.00
N VAL M 139 22.73 25.29 -44.83
CA VAL M 139 21.66 24.55 -44.14
C VAL M 139 20.33 24.78 -44.85
N PRO M 140 19.51 23.74 -45.04
CA PRO M 140 18.23 23.93 -45.74
C PRO M 140 17.26 24.78 -44.92
N LYS M 141 16.43 25.53 -45.62
CA LYS M 141 15.48 26.38 -44.93
C LYS M 141 14.50 25.52 -44.14
N SER M 142 14.05 24.41 -44.73
CA SER M 142 13.10 23.52 -44.06
C SER M 142 13.70 22.86 -42.83
N ARG M 143 14.89 23.29 -42.43
CA ARG M 143 15.53 22.77 -41.22
C ARG M 143 15.34 23.69 -40.03
N TYR M 144 15.56 24.99 -40.23
CA TYR M 144 15.49 25.98 -39.17
C TYR M 144 14.16 26.71 -39.14
N LEU M 145 13.40 26.67 -40.23
CA LEU M 145 12.11 27.34 -40.29
C LEU M 145 11.23 26.91 -39.13
N GLY M 146 10.72 27.89 -38.39
CA GLY M 146 9.84 27.63 -37.28
C GLY M 146 10.54 27.26 -35.99
N TYR M 147 11.86 27.07 -36.01
CA TYR M 147 12.65 26.79 -34.81
C TYR M 147 13.41 28.01 -34.32
N ILE M 148 14.12 28.70 -35.21
CA ILE M 148 14.85 29.91 -34.84
C ILE M 148 13.95 31.11 -35.09
N LYS M 149 14.33 32.25 -34.52
CA LYS M 149 13.50 33.45 -34.58
C LYS M 149 14.16 34.52 -35.46
N ASP M 150 13.39 34.99 -36.43
CA ASP M 150 13.83 35.99 -37.39
C ASP M 150 13.82 37.38 -36.76
N TYR M 151 14.67 38.25 -37.29
CA TYR M 151 14.53 39.69 -37.12
C TYR M 151 14.76 40.30 -38.49
N GLU M 152 14.85 41.62 -38.54
CA GLU M 152 15.90 42.17 -39.40
C GLU M 152 17.15 42.00 -38.53
N GLY M 153 17.55 40.76 -38.39
CA GLY M 153 18.94 40.45 -38.20
C GLY M 153 19.45 40.64 -39.61
N ALA M 154 20.31 41.64 -39.80
CA ALA M 154 20.79 41.99 -41.13
C ALA M 154 21.04 40.75 -41.94
N THR M 155 21.85 39.87 -41.38
CA THR M 155 22.16 38.60 -42.01
C THR M 155 21.73 37.48 -41.09
N LEU M 156 21.05 36.49 -41.67
CA LEU M 156 21.23 35.13 -41.22
C LEU M 156 22.67 34.74 -41.48
N MET M 157 23.31 34.12 -40.50
CA MET M 157 24.69 33.69 -40.67
C MET M 157 24.90 32.30 -40.13
N GLU M 158 25.76 31.57 -40.81
CA GLU M 158 26.03 30.19 -40.50
C GLU M 158 27.50 30.01 -40.17
N CYS M 159 27.78 29.08 -39.28
CA CYS M 159 29.13 28.66 -39.01
C CYS M 159 29.14 27.14 -38.97
N GLU M 160 30.02 26.54 -39.76
CA GLU M 160 30.17 25.09 -39.75
C GLU M 160 31.34 24.73 -38.84
N LEU M 161 31.17 23.65 -38.08
CA LEU M 161 32.15 23.25 -37.09
C LEU M 161 32.87 22.00 -37.54
N ASN M 162 34.16 21.92 -37.26
CA ASN M 162 34.92 20.74 -37.65
C ASN M 162 35.36 19.96 -36.41
N PRO M 163 34.81 18.76 -36.18
CA PRO M 163 35.24 17.97 -35.02
C PRO M 163 36.68 17.50 -35.10
N ARG M 164 37.27 17.44 -36.29
CA ARG M 164 38.64 16.95 -36.47
C ARG M 164 39.65 17.79 -35.69
N ILE M 165 39.18 18.81 -34.98
CA ILE M 165 40.04 19.75 -34.27
C ILE M 165 39.44 20.06 -32.90
N PRO M 166 40.17 19.83 -31.81
CA PRO M 166 39.77 20.41 -30.52
C PRO M 166 39.71 21.92 -30.61
N TYR M 167 38.64 22.50 -30.08
CA TYR M 167 38.45 23.93 -30.20
C TYR M 167 38.98 24.72 -29.00
N THR M 168 39.37 24.06 -27.92
CA THR M 168 39.93 24.76 -26.78
C THR M 168 41.42 24.49 -26.62
N ILE N 4 -14.88 49.10 -10.88
CA ILE N 4 -14.97 47.65 -11.03
C ILE N 4 -16.28 47.12 -10.44
N ILE N 5 -17.12 46.54 -11.29
CA ILE N 5 -18.38 45.93 -10.87
C ILE N 5 -18.26 44.43 -11.14
N GLU N 6 -18.52 43.62 -10.13
CA GLU N 6 -18.47 42.18 -10.25
C GLU N 6 -19.76 41.58 -9.75
N PHE N 7 -20.09 40.41 -10.27
CA PHE N 7 -21.24 39.63 -9.86
C PHE N 7 -20.76 38.25 -9.47
N HIS N 8 -21.12 37.81 -8.26
CA HIS N 8 -20.61 36.55 -7.75
C HIS N 8 -21.72 35.80 -7.05
N VAL N 9 -21.97 34.58 -7.49
CA VAL N 9 -22.87 33.69 -6.75
C VAL N 9 -22.04 32.99 -5.69
N ILE N 10 -22.37 33.25 -4.42
CA ILE N 10 -21.60 32.76 -3.28
C ILE N 10 -22.56 32.15 -2.28
N GLY N 11 -21.99 31.50 -1.28
CA GLY N 11 -22.79 30.82 -0.27
C GLY N 11 -21.91 30.04 0.66
N ASN N 12 -22.54 29.53 1.72
CA ASN N 12 -21.88 28.68 2.70
C ASN N 12 -21.92 27.24 2.20
N SER N 13 -20.77 26.72 1.78
CA SER N 13 -20.71 25.38 1.22
C SER N 13 -21.03 24.33 2.27
N ASN N 19 -11.96 30.21 1.90
CA ASN N 19 -12.97 31.01 1.22
C ASN N 19 -13.31 32.22 2.08
N ARG N 20 -12.31 32.74 2.79
CA ARG N 20 -12.61 33.76 3.78
C ARG N 20 -12.95 35.10 3.13
N ARG N 21 -12.48 35.36 1.92
CA ARG N 21 -13.03 36.46 1.13
C ARG N 21 -14.53 36.29 0.95
N VAL N 22 -14.97 35.05 0.77
CA VAL N 22 -16.40 34.82 0.59
C VAL N 22 -17.13 35.09 1.88
N LEU N 23 -16.61 34.60 3.00
CA LEU N 23 -17.29 34.77 4.28
C LEU N 23 -17.40 36.24 4.66
N LEU N 24 -16.37 37.05 4.40
CA LEU N 24 -16.49 38.48 4.66
C LEU N 24 -17.55 39.10 3.76
N TRP N 25 -17.58 38.70 2.49
CA TRP N 25 -18.68 39.12 1.62
C TRP N 25 -20.02 38.68 2.18
N LEU N 26 -20.07 37.49 2.77
CA LEU N 26 -21.32 37.03 3.36
C LEU N 26 -21.71 37.87 4.57
N VAL N 27 -20.73 38.26 5.39
CA VAL N 27 -21.04 39.15 6.50
C VAL N 27 -21.47 40.51 5.99
N GLY N 28 -20.78 41.03 4.98
CA GLY N 28 -21.21 42.28 4.37
C GLY N 28 -22.60 42.21 3.79
N LEU N 29 -23.01 41.03 3.30
CA LEU N 29 -24.36 40.89 2.78
C LEU N 29 -25.38 40.93 3.91
N GLN N 30 -25.13 40.16 4.98
CA GLN N 30 -26.01 40.20 6.14
C GLN N 30 -26.12 41.61 6.70
N ASN N 31 -25.02 42.37 6.73
CA ASN N 31 -25.09 43.76 7.16
C ASN N 31 -26.00 44.58 6.25
N VAL N 32 -25.78 44.51 4.93
CA VAL N 32 -26.56 45.33 4.01
C VAL N 32 -28.03 44.92 4.01
N PHE N 33 -28.32 43.62 4.04
CA PHE N 33 -29.70 43.18 4.15
C PHE N 33 -30.35 43.75 5.40
N SER N 34 -29.65 43.65 6.54
CA SER N 34 -30.24 44.01 7.82
C SER N 34 -30.60 45.49 7.86
N HIS N 35 -29.70 46.35 7.37
CA HIS N 35 -29.98 47.77 7.38
C HIS N 35 -31.12 48.12 6.44
N GLN N 36 -31.04 47.68 5.18
CA GLN N 36 -32.10 48.01 4.23
C GLN N 36 -33.39 47.25 4.48
N LEU N 37 -33.38 46.25 5.37
CA LEU N 37 -34.57 45.46 5.69
C LEU N 37 -34.84 45.56 7.19
N PRO N 38 -35.32 46.70 7.66
CA PRO N 38 -35.55 46.84 9.11
C PRO N 38 -36.62 45.90 9.62
N ARG N 39 -37.45 45.35 8.74
CA ARG N 39 -38.52 44.42 9.10
C ARG N 39 -38.02 42.97 9.27
N MET N 40 -36.71 42.74 9.29
CA MET N 40 -36.18 41.40 9.41
C MET N 40 -35.16 41.36 10.54
N PRO N 41 -35.29 40.44 11.49
CA PRO N 41 -34.29 40.32 12.54
C PRO N 41 -32.92 39.97 12.00
N LYS N 42 -31.88 40.64 12.51
CA LYS N 42 -30.53 40.36 12.06
C LYS N 42 -30.16 38.89 12.25
N GLU N 43 -30.64 38.28 13.33
CA GLU N 43 -30.33 36.87 13.57
C GLU N 43 -30.93 36.00 12.48
N TYR N 44 -32.14 36.33 12.06
CA TYR N 44 -32.81 35.62 10.97
C TYR N 44 -32.02 35.75 9.68
N ILE N 45 -31.69 36.99 9.30
CA ILE N 45 -30.97 37.24 8.07
C ILE N 45 -29.66 36.46 8.04
N ALA N 46 -28.92 36.50 9.14
CA ALA N 46 -27.66 35.77 9.16
C ALA N 46 -27.90 34.29 8.97
N ARG N 47 -28.92 33.75 9.62
CA ARG N 47 -29.20 32.32 9.51
C ARG N 47 -29.45 31.93 8.07
N LEU N 48 -30.24 32.73 7.34
CA LEU N 48 -30.55 32.38 5.96
C LEU N 48 -29.37 32.64 5.06
N VAL N 49 -28.67 33.76 5.24
CA VAL N 49 -27.54 34.05 4.38
C VAL N 49 -26.48 32.96 4.48
N PHE N 50 -26.26 32.45 5.69
CA PHE N 50 -25.26 31.40 5.89
C PHE N 50 -25.84 29.99 5.80
N ASP N 51 -27.11 29.87 5.43
CA ASP N 51 -27.70 28.56 5.22
C ASP N 51 -27.09 27.91 3.99
N PRO N 52 -26.67 26.65 4.07
CA PRO N 52 -26.05 26.02 2.89
C PRO N 52 -26.98 25.93 1.70
N LYS N 53 -28.27 25.76 1.93
CA LYS N 53 -29.20 25.66 0.83
C LYS N 53 -29.52 27.02 0.22
N HIS N 54 -29.05 28.09 0.82
CA HIS N 54 -29.23 29.41 0.25
C HIS N 54 -27.97 29.82 -0.48
N LYS N 55 -28.16 30.61 -1.53
CA LYS N 55 -27.08 31.17 -2.30
C LYS N 55 -27.39 32.64 -2.48
N THR N 56 -26.34 33.45 -2.59
CA THR N 56 -26.52 34.87 -2.77
C THR N 56 -25.79 35.30 -4.02
N LEU N 57 -26.49 36.04 -4.88
CA LEU N 57 -25.85 36.75 -5.98
C LEU N 57 -25.34 38.06 -5.42
N ALA N 58 -24.02 38.17 -5.30
CA ALA N 58 -23.39 39.32 -4.69
C ALA N 58 -23.06 40.37 -5.73
N LEU N 59 -23.39 41.63 -5.43
CA LEU N 59 -22.99 42.78 -6.25
C LEU N 59 -21.77 43.41 -5.60
N ILE N 60 -20.61 43.19 -6.19
CA ILE N 60 -19.34 43.60 -5.62
C ILE N 60 -18.83 44.80 -6.40
N LYS N 61 -18.35 45.81 -5.69
CA LYS N 61 -17.68 46.95 -6.32
C LYS N 61 -16.34 47.18 -5.64
N ASP N 62 -15.26 46.91 -6.36
CA ASP N 62 -13.89 47.02 -5.85
C ASP N 62 -13.75 46.29 -4.53
N GLY N 63 -14.19 45.04 -4.50
CA GLY N 63 -13.94 44.14 -3.39
C GLY N 63 -14.93 44.22 -2.24
N ARG N 64 -15.88 45.14 -2.26
CA ARG N 64 -16.78 45.30 -1.13
C ARG N 64 -18.23 45.27 -1.57
N VAL N 65 -19.03 44.52 -0.82
CA VAL N 65 -20.43 44.32 -1.16
C VAL N 65 -21.17 45.64 -1.17
N ILE N 66 -21.90 45.89 -2.24
CA ILE N 66 -22.84 47.01 -2.29
C ILE N 66 -24.28 46.57 -2.51
N GLY N 67 -24.53 45.28 -2.69
CA GLY N 67 -25.88 44.82 -2.92
C GLY N 67 -25.88 43.33 -3.19
N GLY N 68 -27.08 42.79 -3.33
CA GLY N 68 -27.17 41.37 -3.63
C GLY N 68 -28.59 40.88 -3.48
N ILE N 69 -28.78 39.65 -3.95
CA ILE N 69 -30.06 38.94 -3.84
C ILE N 69 -29.78 37.58 -3.21
N CYS N 70 -30.44 37.32 -2.08
CA CYS N 70 -30.37 36.01 -1.44
C CYS N 70 -31.57 35.18 -1.84
N PHE N 71 -31.32 33.96 -2.31
CA PHE N 71 -32.36 33.13 -2.88
C PHE N 71 -32.10 31.68 -2.51
N ARG N 72 -33.17 30.87 -2.61
CA ARG N 72 -33.09 29.44 -2.36
C ARG N 72 -33.74 28.72 -3.52
N MET N 73 -32.97 27.93 -4.24
CA MET N 73 -33.49 27.20 -5.38
C MET N 73 -34.22 25.96 -4.90
N PHE N 74 -35.37 25.70 -5.50
CA PHE N 74 -36.13 24.47 -5.30
C PHE N 74 -36.21 23.73 -6.63
N PRO N 75 -35.11 23.12 -7.09
CA PRO N 75 -35.15 22.44 -8.40
C PRO N 75 -36.16 21.32 -8.50
N THR N 76 -36.38 20.56 -7.44
CA THR N 76 -37.42 19.55 -7.50
C THR N 76 -38.80 20.17 -7.68
N GLN N 77 -38.99 21.41 -7.23
CA GLN N 77 -40.31 22.03 -7.36
C GLN N 77 -40.43 22.90 -8.60
N GLY N 78 -39.32 23.26 -9.22
CA GLY N 78 -39.36 24.04 -10.43
C GLY N 78 -39.30 25.54 -10.25
N PHE N 79 -38.89 26.04 -9.09
CA PHE N 79 -38.84 27.47 -8.89
C PHE N 79 -37.76 27.80 -7.88
N THR N 80 -37.53 29.09 -7.71
CA THR N 80 -36.58 29.63 -6.75
C THR N 80 -37.34 30.63 -5.88
N GLU N 81 -36.97 30.69 -4.61
CA GLU N 81 -37.53 31.66 -3.70
C GLU N 81 -36.58 32.84 -3.62
N ILE N 82 -37.08 34.04 -3.93
CA ILE N 82 -36.33 35.27 -3.68
C ILE N 82 -36.52 35.63 -2.22
N VAL N 83 -35.45 35.60 -1.44
CA VAL N 83 -35.55 35.76 0.00
C VAL N 83 -35.26 37.21 0.37
N PHE N 84 -34.03 37.64 0.12
CA PHE N 84 -33.57 38.96 0.48
C PHE N 84 -33.15 39.70 -0.78
N CYS N 85 -33.41 40.99 -0.80
CA CYS N 85 -33.21 41.76 -2.01
C CYS N 85 -32.89 43.19 -1.59
N ALA N 86 -31.66 43.63 -1.77
CA ALA N 86 -31.30 44.94 -1.25
C ALA N 86 -30.06 45.48 -1.93
N VAL N 87 -30.03 46.80 -2.12
CA VAL N 87 -28.83 47.51 -2.52
C VAL N 87 -28.60 48.66 -1.55
N THR N 88 -27.35 48.91 -1.19
CA THR N 88 -27.04 49.94 -0.21
C THR N 88 -27.45 51.31 -0.75
N SER N 89 -27.72 52.24 0.18
CA SER N 89 -28.24 53.55 -0.20
C SER N 89 -27.21 54.36 -0.99
N ASN N 90 -25.92 54.15 -0.70
CA ASN N 90 -24.85 54.75 -1.47
C ASN N 90 -25.04 54.53 -2.96
N GLU N 91 -25.57 53.39 -3.36
CA GLU N 91 -25.61 52.99 -4.75
C GLU N 91 -27.02 52.88 -5.30
N GLN N 92 -28.03 53.28 -4.52
CA GLN N 92 -29.40 53.26 -5.01
C GLN N 92 -29.56 54.20 -6.20
N VAL N 93 -30.77 54.19 -6.77
CA VAL N 93 -31.14 54.89 -8.01
C VAL N 93 -29.98 54.95 -8.99
N LYS N 94 -29.37 53.79 -9.28
CA LYS N 94 -28.35 53.68 -10.31
C LYS N 94 -28.51 52.43 -11.17
N GLY N 95 -29.65 51.76 -11.13
CA GLY N 95 -29.92 50.63 -12.00
C GLY N 95 -29.36 49.31 -11.56
N TYR N 96 -28.68 49.25 -10.41
CA TYR N 96 -28.08 48.01 -9.96
C TYR N 96 -29.13 46.96 -9.58
N GLY N 97 -30.29 47.39 -9.09
CA GLY N 97 -31.34 46.43 -8.81
C GLY N 97 -31.79 45.69 -10.05
N THR N 98 -31.76 46.37 -11.19
CA THR N 98 -32.07 45.73 -12.47
C THR N 98 -30.91 44.87 -12.95
N HIS N 99 -29.68 45.36 -12.84
CA HIS N 99 -28.55 44.53 -13.24
C HIS N 99 -28.48 43.27 -12.39
N LEU N 100 -28.76 43.40 -11.09
CA LEU N 100 -28.78 42.22 -10.23
C LEU N 100 -29.85 41.24 -10.66
N MET N 101 -31.09 41.71 -10.79
CA MET N 101 -32.19 40.84 -11.15
C MET N 101 -31.96 40.16 -12.49
N ASN N 102 -31.33 40.85 -13.44
CA ASN N 102 -31.09 40.24 -14.73
C ASN N 102 -30.00 39.20 -14.65
N HIS N 103 -28.93 39.47 -13.92
CA HIS N 103 -27.90 38.46 -13.73
C HIS N 103 -28.46 37.22 -13.06
N LEU N 104 -29.44 37.40 -12.17
CA LEU N 104 -30.03 36.26 -11.50
C LEU N 104 -30.97 35.50 -12.43
N LYS N 105 -31.69 36.24 -13.26
CA LYS N 105 -32.53 35.59 -14.26
C LYS N 105 -31.70 34.75 -15.19
N GLU N 106 -30.57 35.29 -15.68
CA GLU N 106 -29.72 34.52 -16.55
C GLU N 106 -29.20 33.27 -15.85
N TYR N 107 -28.78 33.42 -14.59
CA TYR N 107 -28.25 32.28 -13.84
C TYR N 107 -29.28 31.16 -13.73
N HIS N 108 -30.55 31.52 -13.61
CA HIS N 108 -31.57 30.50 -13.42
C HIS N 108 -32.00 29.87 -14.72
N ILE N 109 -32.06 30.65 -15.79
CA ILE N 109 -32.30 30.08 -17.11
C ILE N 109 -31.29 28.96 -17.39
N LYS N 110 -30.01 29.22 -17.13
CA LYS N 110 -29.02 28.19 -17.42
C LYS N 110 -29.08 27.03 -16.44
N HIS N 111 -29.83 27.15 -15.35
CA HIS N 111 -30.05 26.03 -14.44
C HIS N 111 -31.45 25.46 -14.57
N ASN N 112 -32.16 25.77 -15.66
CA ASN N 112 -33.45 25.15 -15.97
C ASN N 112 -34.50 25.45 -14.90
N ILE N 113 -34.34 26.56 -14.19
CA ILE N 113 -35.35 27.04 -13.26
C ILE N 113 -35.91 28.33 -13.81
N LEU N 114 -37.21 28.36 -14.09
CA LEU N 114 -37.80 29.41 -14.89
C LEU N 114 -38.94 30.15 -14.19
N TYR N 115 -39.15 29.92 -12.89
CA TYR N 115 -40.13 30.67 -12.13
C TYR N 115 -39.48 31.19 -10.86
N PHE N 116 -39.63 32.49 -10.60
CA PHE N 116 -39.29 33.08 -9.33
C PHE N 116 -40.57 33.24 -8.52
N LEU N 117 -40.47 32.99 -7.23
CA LEU N 117 -41.53 33.31 -6.29
C LEU N 117 -40.95 34.15 -5.17
N THR N 118 -41.71 35.13 -4.70
CA THR N 118 -41.24 36.03 -3.65
C THR N 118 -42.43 36.60 -2.90
N TYR N 119 -42.18 36.96 -1.64
CA TYR N 119 -43.10 37.73 -0.82
C TYR N 119 -42.50 39.12 -0.68
N ALA N 120 -43.22 40.12 -1.16
CA ALA N 120 -42.70 41.48 -1.22
C ALA N 120 -43.44 42.36 -0.23
N ASP N 121 -42.71 43.19 0.50
CA ASP N 121 -43.34 44.24 1.28
C ASP N 121 -43.86 45.34 0.37
N GLU N 122 -44.62 46.27 0.96
CA GLU N 122 -45.13 47.39 0.19
C GLU N 122 -44.01 48.24 -0.40
N TYR N 123 -42.82 48.17 0.18
CA TYR N 123 -41.71 48.98 -0.31
C TYR N 123 -40.99 48.33 -1.48
N ALA N 124 -41.22 47.04 -1.72
CA ALA N 124 -40.54 46.33 -2.78
C ALA N 124 -41.43 46.00 -3.96
N ILE N 125 -42.75 46.02 -3.79
CA ILE N 125 -43.65 45.59 -4.86
C ILE N 125 -43.35 46.36 -6.14
N GLY N 126 -43.13 47.66 -6.03
CA GLY N 126 -42.83 48.43 -7.22
C GLY N 126 -41.55 47.97 -7.88
N TYR N 127 -40.56 47.62 -7.07
CA TYR N 127 -39.32 47.10 -7.62
C TYR N 127 -39.55 45.80 -8.37
N PHE N 128 -40.29 44.88 -7.76
CA PHE N 128 -40.52 43.62 -8.41
C PHE N 128 -41.39 43.79 -9.65
N LYS N 129 -42.39 44.68 -9.59
CA LYS N 129 -43.26 44.87 -10.75
C LYS N 129 -42.47 45.36 -11.95
N LYS N 130 -41.55 46.28 -11.75
CA LYS N 130 -40.73 46.75 -12.85
C LYS N 130 -39.76 45.67 -13.31
N GLN N 131 -39.47 44.70 -12.46
CA GLN N 131 -38.62 43.59 -12.83
C GLN N 131 -39.39 42.45 -13.46
N GLY N 132 -40.70 42.60 -13.65
CA GLY N 132 -41.49 41.62 -14.35
C GLY N 132 -42.41 40.80 -13.49
N PHE N 133 -42.41 41.02 -12.18
CA PHE N 133 -43.21 40.21 -11.28
C PHE N 133 -44.67 40.66 -11.32
N SER N 134 -45.57 39.71 -11.09
CA SER N 134 -46.99 40.03 -11.06
C SER N 134 -47.65 39.29 -9.92
N LYS N 135 -48.84 39.76 -9.55
CA LYS N 135 -49.58 39.15 -8.45
C LYS N 135 -50.28 37.86 -8.86
N ASP N 136 -50.35 37.58 -10.15
CA ASP N 136 -51.01 36.38 -10.65
C ASP N 136 -50.03 35.23 -10.60
N ILE N 137 -50.34 34.22 -9.80
CA ILE N 137 -49.45 33.11 -9.54
C ILE N 137 -49.88 31.94 -10.40
N LYS N 138 -49.07 31.58 -11.40
CA LYS N 138 -49.35 30.37 -12.16
C LYS N 138 -48.83 29.12 -11.46
N VAL N 139 -47.77 29.22 -10.68
CA VAL N 139 -47.30 28.06 -9.92
C VAL N 139 -48.40 27.62 -8.96
N PRO N 140 -48.81 26.36 -8.96
CA PRO N 140 -49.94 25.95 -8.12
C PRO N 140 -49.61 26.03 -6.64
N LYS N 141 -50.66 26.21 -5.83
CA LYS N 141 -50.47 26.37 -4.40
C LYS N 141 -49.82 25.13 -3.80
N SER N 142 -50.17 23.95 -4.32
CA SER N 142 -49.61 22.72 -3.78
C SER N 142 -48.13 22.58 -4.06
N ARG N 143 -47.56 23.45 -4.88
CA ARG N 143 -46.14 23.33 -5.21
C ARG N 143 -45.25 24.21 -4.36
N TYR N 144 -45.76 25.31 -3.82
CA TYR N 144 -44.92 26.23 -3.06
C TYR N 144 -45.31 26.33 -1.59
N LEU N 145 -46.56 26.05 -1.25
CA LEU N 145 -47.01 26.23 0.11
C LEU N 145 -46.26 25.27 1.02
N GLY N 146 -45.61 25.81 2.04
CA GLY N 146 -44.82 25.01 2.93
C GLY N 146 -43.38 24.82 2.52
N TYR N 147 -42.98 25.36 1.38
CA TYR N 147 -41.57 25.40 0.99
C TYR N 147 -40.99 26.79 1.07
N ILE N 148 -41.72 27.77 0.55
CA ILE N 148 -41.33 29.16 0.68
C ILE N 148 -41.97 29.74 1.93
N LYS N 149 -41.20 30.56 2.63
CA LYS N 149 -41.61 31.06 3.94
C LYS N 149 -42.59 32.22 3.75
N ASP N 150 -43.82 32.03 4.20
CA ASP N 150 -44.79 33.12 4.17
C ASP N 150 -44.37 34.21 5.14
N TYR N 151 -44.40 35.46 4.68
CA TYR N 151 -44.16 36.62 5.52
C TYR N 151 -45.44 37.41 5.61
N GLU N 152 -45.94 37.61 6.83
CA GLU N 152 -47.22 38.28 6.99
C GLU N 152 -47.12 39.72 6.48
N GLY N 153 -48.15 40.15 5.77
CA GLY N 153 -48.17 41.47 5.20
C GLY N 153 -47.51 41.61 3.85
N ALA N 154 -46.70 40.64 3.44
CA ALA N 154 -46.14 40.67 2.10
C ALA N 154 -47.10 40.01 1.13
N THR N 155 -47.01 40.41 -0.13
CA THR N 155 -47.83 39.81 -1.18
C THR N 155 -46.98 38.81 -1.96
N LEU N 156 -47.58 37.68 -2.29
CA LEU N 156 -46.89 36.71 -3.12
C LEU N 156 -46.84 37.21 -4.55
N MET N 157 -45.65 37.23 -5.12
CA MET N 157 -45.47 37.65 -6.49
C MET N 157 -44.62 36.62 -7.22
N GLU N 158 -44.75 36.60 -8.53
CA GLU N 158 -44.12 35.57 -9.34
C GLU N 158 -43.57 36.20 -10.61
N CYS N 159 -42.47 35.66 -11.10
CA CYS N 159 -41.93 36.07 -12.38
C CYS N 159 -41.63 34.83 -13.21
N GLU N 160 -42.20 34.77 -14.40
CA GLU N 160 -41.92 33.69 -15.33
C GLU N 160 -40.79 34.11 -16.26
N LEU N 161 -39.83 33.22 -16.47
CA LEU N 161 -38.64 33.54 -17.24
C LEU N 161 -38.74 32.98 -18.66
N ASN N 162 -38.09 33.68 -19.59
CA ASN N 162 -38.07 33.29 -20.99
C ASN N 162 -36.74 32.61 -21.31
N PRO N 163 -36.71 31.29 -21.50
CA PRO N 163 -35.43 30.61 -21.69
C PRO N 163 -34.72 31.00 -22.97
N ARG N 164 -35.46 31.59 -23.91
CA ARG N 164 -34.93 31.97 -25.21
C ARG N 164 -34.60 33.44 -25.28
N ILE N 165 -34.62 34.12 -24.14
CA ILE N 165 -34.24 35.53 -24.01
C ILE N 165 -32.88 35.58 -23.31
N PRO N 166 -31.85 36.14 -23.93
CA PRO N 166 -30.71 36.61 -23.14
C PRO N 166 -31.13 37.78 -22.26
N TYR N 167 -31.34 37.51 -20.96
CA TYR N 167 -31.93 38.53 -20.09
C TYR N 167 -30.94 39.65 -19.77
N THR N 168 -29.69 39.30 -19.45
CA THR N 168 -28.70 40.30 -19.10
C THR N 168 -28.45 41.27 -20.26
N GLY O 3 27.53 -32.32 -34.95
CA GLY O 3 26.28 -31.68 -34.55
C GLY O 3 26.50 -30.40 -33.75
N ILE O 4 25.40 -29.73 -33.40
CA ILE O 4 25.46 -28.58 -32.50
C ILE O 4 26.10 -29.01 -31.20
N ILE O 5 27.13 -28.29 -30.77
CA ILE O 5 27.76 -28.52 -29.46
C ILE O 5 27.79 -27.21 -28.71
N GLU O 6 27.59 -27.28 -27.41
CA GLU O 6 27.53 -26.10 -26.58
C GLU O 6 28.37 -26.30 -25.32
N PHE O 7 28.85 -25.20 -24.78
CA PHE O 7 29.50 -25.15 -23.48
C PHE O 7 28.74 -24.15 -22.61
N HIS O 8 28.32 -24.58 -21.43
CA HIS O 8 27.85 -23.64 -20.41
C HIS O 8 28.31 -24.13 -19.05
N VAL O 9 28.72 -23.17 -18.22
CA VAL O 9 28.99 -23.47 -16.83
C VAL O 9 27.64 -23.52 -16.11
N ILE O 10 27.21 -24.69 -15.72
CA ILE O 10 25.94 -24.86 -15.03
C ILE O 10 26.25 -25.10 -13.56
N GLY O 11 25.84 -24.16 -12.72
CA GLY O 11 26.05 -24.26 -11.30
C GLY O 11 24.79 -24.69 -10.59
N ASN O 12 24.57 -24.11 -9.42
CA ASN O 12 23.36 -24.40 -8.65
C ASN O 12 23.20 -23.30 -7.62
N SER O 13 22.02 -22.70 -7.58
CA SER O 13 21.69 -21.72 -6.56
C SER O 13 20.56 -22.27 -5.70
N LEU O 14 20.35 -21.61 -4.57
CA LEU O 14 19.26 -21.89 -3.61
C LEU O 14 18.77 -23.34 -3.56
N ALA O 18 16.05 -23.59 -10.52
CA ALA O 18 14.65 -23.65 -10.90
C ALA O 18 14.47 -24.16 -12.32
N ASN O 19 15.58 -24.41 -13.01
CA ASN O 19 15.50 -24.78 -14.41
C ASN O 19 15.24 -26.28 -14.58
N ARG O 20 14.72 -26.62 -15.75
CA ARG O 20 14.34 -27.96 -16.15
C ARG O 20 15.54 -28.83 -16.50
N ARG O 21 16.18 -28.55 -17.63
CA ARG O 21 17.17 -29.45 -18.19
C ARG O 21 18.58 -29.22 -17.68
N VAL O 22 18.85 -28.08 -17.04
CA VAL O 22 20.17 -27.95 -16.42
C VAL O 22 20.30 -28.97 -15.31
N LEU O 23 19.20 -29.29 -14.63
CA LEU O 23 19.24 -30.37 -13.66
C LEU O 23 19.48 -31.71 -14.36
N LEU O 24 18.69 -31.99 -15.40
CA LEU O 24 18.86 -33.26 -16.09
C LEU O 24 20.23 -33.35 -16.73
N TRP O 25 20.80 -32.21 -17.15
CA TRP O 25 22.21 -32.19 -17.50
C TRP O 25 23.07 -32.60 -16.30
N LEU O 26 22.68 -32.15 -15.10
CA LEU O 26 23.48 -32.45 -13.90
C LEU O 26 23.48 -33.94 -13.58
N VAL O 27 22.31 -34.60 -13.64
CA VAL O 27 22.30 -36.02 -13.36
C VAL O 27 23.05 -36.79 -14.44
N GLY O 28 22.94 -36.34 -15.69
CA GLY O 28 23.80 -36.88 -16.73
C GLY O 28 25.26 -36.73 -16.37
N LEU O 29 25.67 -35.52 -15.99
CA LEU O 29 27.02 -35.28 -15.52
C LEU O 29 27.36 -36.21 -14.36
N GLN O 30 26.47 -36.30 -13.38
CA GLN O 30 26.65 -37.27 -12.31
C GLN O 30 26.88 -38.66 -12.87
N ASN O 31 26.21 -39.00 -13.96
CA ASN O 31 26.34 -40.35 -14.49
C ASN O 31 27.66 -40.54 -15.25
N VAL O 32 28.03 -39.57 -16.09
CA VAL O 32 29.25 -39.73 -16.87
C VAL O 32 30.48 -39.70 -15.96
N PHE O 33 30.49 -38.84 -14.95
CA PHE O 33 31.59 -38.89 -13.98
C PHE O 33 31.61 -40.25 -13.30
N SER O 34 30.47 -40.65 -12.77
CA SER O 34 30.36 -41.92 -12.06
C SER O 34 30.46 -43.13 -12.98
N HIS O 35 30.41 -42.94 -14.30
CA HIS O 35 30.60 -44.03 -15.24
C HIS O 35 32.06 -44.17 -15.63
N GLN O 36 32.77 -43.05 -15.78
CA GLN O 36 34.18 -43.10 -16.11
C GLN O 36 35.06 -43.08 -14.86
N LEU O 37 34.52 -42.63 -13.72
CA LEU O 37 35.13 -42.77 -12.40
C LEU O 37 34.30 -43.75 -11.59
N PRO O 38 34.25 -45.03 -11.96
CA PRO O 38 33.17 -45.90 -11.45
C PRO O 38 33.53 -46.72 -10.23
N ARG O 39 34.37 -46.18 -9.33
CA ARG O 39 34.61 -46.82 -8.05
C ARG O 39 34.44 -45.90 -6.87
N MET O 40 34.50 -44.59 -7.06
CA MET O 40 34.13 -43.67 -6.00
C MET O 40 32.62 -43.72 -5.79
N PRO O 41 32.16 -43.60 -4.55
CA PRO O 41 30.72 -43.74 -4.28
C PRO O 41 29.89 -42.77 -5.09
N LYS O 42 28.85 -43.29 -5.74
CA LYS O 42 28.04 -42.46 -6.61
C LYS O 42 27.37 -41.34 -5.84
N GLU O 43 27.04 -41.60 -4.57
CA GLU O 43 26.43 -40.56 -3.75
C GLU O 43 27.39 -39.40 -3.55
N TYR O 44 28.67 -39.70 -3.29
CA TYR O 44 29.68 -38.66 -3.17
C TYR O 44 29.73 -37.79 -4.42
N ILE O 45 29.83 -38.44 -5.59
CA ILE O 45 29.79 -37.70 -6.84
C ILE O 45 28.51 -36.88 -6.93
N ALA O 46 27.40 -37.43 -6.44
CA ALA O 46 26.15 -36.68 -6.48
C ALA O 46 26.20 -35.46 -5.58
N ARG O 47 26.68 -35.63 -4.34
CA ARG O 47 26.73 -34.52 -3.40
C ARG O 47 27.62 -33.39 -3.91
N LEU O 48 28.75 -33.74 -4.51
CA LEU O 48 29.62 -32.72 -5.08
C LEU O 48 28.99 -32.08 -6.31
N VAL O 49 28.58 -32.90 -7.27
CA VAL O 49 27.97 -32.38 -8.50
C VAL O 49 26.81 -31.45 -8.18
N PHE O 50 26.00 -31.81 -7.18
CA PHE O 50 24.84 -31.00 -6.82
C PHE O 50 25.12 -30.03 -5.68
N ASP O 51 26.35 -29.94 -5.23
CA ASP O 51 26.69 -28.93 -4.23
C ASP O 51 26.58 -27.54 -4.84
N PRO O 52 26.11 -26.55 -4.07
CA PRO O 52 25.94 -25.20 -4.64
C PRO O 52 27.25 -24.53 -5.02
N LYS O 53 28.28 -24.60 -4.18
CA LYS O 53 29.52 -23.90 -4.47
C LYS O 53 30.40 -24.63 -5.47
N HIS O 54 30.05 -25.87 -5.82
CA HIS O 54 30.68 -26.51 -6.97
C HIS O 54 29.95 -26.12 -8.23
N LYS O 55 30.71 -25.96 -9.31
CA LYS O 55 30.15 -25.74 -10.62
C LYS O 55 30.62 -26.84 -11.56
N THR O 56 30.04 -26.85 -12.75
CA THR O 56 30.39 -27.85 -13.75
C THR O 56 30.38 -27.18 -15.12
N LEU O 57 31.50 -27.28 -15.83
CA LEU O 57 31.52 -26.90 -17.22
C LEU O 57 31.00 -28.09 -18.02
N ALA O 58 29.78 -27.97 -18.53
CA ALA O 58 29.15 -29.06 -19.23
C ALA O 58 29.41 -28.96 -20.72
N LEU O 59 29.79 -30.08 -21.31
CA LEU O 59 29.96 -30.21 -22.76
C LEU O 59 28.74 -30.95 -23.28
N ILE O 60 27.81 -30.23 -23.90
CA ILE O 60 26.54 -30.79 -24.32
C ILE O 60 26.38 -30.60 -25.83
N LYS O 61 25.81 -31.60 -26.49
CA LYS O 61 25.52 -31.53 -27.91
C LYS O 61 24.13 -32.09 -28.14
N ASP O 62 23.30 -31.34 -28.87
CA ASP O 62 21.93 -31.75 -29.15
C ASP O 62 21.21 -32.21 -27.89
N GLY O 63 21.47 -31.52 -26.77
CA GLY O 63 20.75 -31.80 -25.55
C GLY O 63 21.40 -32.83 -24.67
N ARG O 64 21.93 -33.90 -25.26
CA ARG O 64 22.59 -34.91 -24.46
C ARG O 64 23.91 -34.37 -23.90
N VAL O 65 24.26 -34.85 -22.73
CA VAL O 65 25.51 -34.46 -22.09
C VAL O 65 26.58 -35.44 -22.51
N ILE O 66 27.71 -34.91 -22.96
CA ILE O 66 28.83 -35.73 -23.44
C ILE O 66 30.03 -35.62 -22.52
N GLY O 67 30.30 -34.44 -21.99
CA GLY O 67 31.45 -34.26 -21.13
C GLY O 67 31.25 -33.15 -20.13
N GLY O 68 32.14 -33.13 -19.14
CA GLY O 68 32.14 -32.07 -18.18
C GLY O 68 33.37 -32.05 -17.30
N ILE O 69 33.72 -30.86 -16.81
CA ILE O 69 34.70 -30.68 -15.75
C ILE O 69 33.98 -30.06 -14.58
N CYS O 70 34.00 -30.75 -13.44
CA CYS O 70 33.42 -30.25 -12.20
C CYS O 70 34.50 -29.59 -11.37
N PHE O 71 34.24 -28.35 -10.94
CA PHE O 71 35.25 -27.55 -10.24
C PHE O 71 34.63 -26.72 -9.12
N ARG O 72 35.44 -26.42 -8.12
CA ARG O 72 35.05 -25.51 -7.05
C ARG O 72 36.04 -24.37 -6.98
N MET O 73 35.57 -23.17 -7.27
CA MET O 73 36.42 -21.99 -7.20
C MET O 73 36.66 -21.57 -5.76
N PHE O 74 37.89 -21.19 -5.46
CA PHE O 74 38.25 -20.56 -4.19
C PHE O 74 38.83 -19.18 -4.48
N PRO O 75 37.97 -18.19 -4.80
CA PRO O 75 38.51 -16.88 -5.17
C PRO O 75 39.21 -16.15 -4.04
N THR O 76 38.84 -16.40 -2.78
CA THR O 76 39.61 -15.85 -1.67
C THR O 76 41.01 -16.44 -1.59
N GLN O 77 41.19 -17.69 -2.00
CA GLN O 77 42.51 -18.30 -1.90
C GLN O 77 43.29 -18.24 -3.20
N GLY O 78 42.65 -17.86 -4.30
CA GLY O 78 43.35 -17.63 -5.54
C GLY O 78 43.44 -18.81 -6.48
N PHE O 79 42.65 -19.85 -6.28
CA PHE O 79 42.76 -21.02 -7.12
C PHE O 79 41.40 -21.68 -7.24
N THR O 80 41.31 -22.59 -8.19
CA THR O 80 40.16 -23.44 -8.37
C THR O 80 40.60 -24.89 -8.28
N GLU O 81 39.76 -25.71 -7.69
CA GLU O 81 39.97 -27.14 -7.60
C GLU O 81 39.25 -27.80 -8.77
N ILE O 82 39.96 -28.63 -9.51
CA ILE O 82 39.37 -29.46 -10.55
C ILE O 82 39.08 -30.80 -9.90
N VAL O 83 37.80 -31.12 -9.72
CA VAL O 83 37.44 -32.34 -9.01
C VAL O 83 37.16 -33.49 -9.97
N PHE O 84 36.45 -33.24 -11.06
CA PHE O 84 36.04 -34.29 -11.98
C PHE O 84 36.27 -33.84 -13.41
N CYS O 85 36.78 -34.74 -14.23
CA CYS O 85 37.03 -34.49 -15.65
C CYS O 85 36.64 -35.73 -16.43
N ALA O 86 35.67 -35.59 -17.32
CA ALA O 86 35.25 -36.77 -18.06
C ALA O 86 34.62 -36.37 -19.37
N VAL O 87 34.97 -37.11 -20.42
CA VAL O 87 34.19 -37.18 -21.65
C VAL O 87 33.72 -38.63 -21.78
N THR O 88 32.46 -38.80 -22.19
CA THR O 88 31.92 -40.15 -22.30
C THR O 88 32.63 -40.92 -23.42
N SER O 89 32.88 -42.21 -23.17
CA SER O 89 33.70 -43.01 -24.08
C SER O 89 33.12 -43.08 -25.48
N ASN O 90 31.85 -42.69 -25.66
CA ASN O 90 31.24 -42.56 -26.97
C ASN O 90 31.91 -41.48 -27.81
N GLU O 91 32.53 -40.49 -27.19
CA GLU O 91 33.05 -39.32 -27.92
C GLU O 91 34.47 -38.94 -27.51
N GLN O 92 35.27 -39.86 -26.98
CA GLN O 92 36.67 -39.59 -26.70
C GLN O 92 37.45 -39.47 -28.01
N VAL O 93 38.74 -39.15 -27.90
CA VAL O 93 39.66 -39.06 -29.03
C VAL O 93 39.08 -38.12 -30.09
N LYS O 94 38.51 -36.99 -29.65
CA LYS O 94 37.98 -35.99 -30.57
C LYS O 94 38.41 -34.59 -30.17
N GLY O 95 39.41 -34.47 -29.29
CA GLY O 95 39.87 -33.17 -28.84
C GLY O 95 38.88 -32.43 -27.99
N TYR O 96 37.89 -33.14 -27.44
CA TYR O 96 36.92 -32.48 -26.57
C TYR O 96 37.47 -32.29 -25.18
N GLY O 97 38.37 -33.18 -24.73
CA GLY O 97 39.03 -32.95 -23.46
C GLY O 97 39.77 -31.63 -23.45
N THR O 98 40.33 -31.25 -24.58
CA THR O 98 41.09 -30.00 -24.66
C THR O 98 40.17 -28.80 -24.80
N HIS O 99 39.12 -28.92 -25.62
CA HIS O 99 38.18 -27.81 -25.74
C HIS O 99 37.50 -27.54 -24.40
N LEU O 100 37.21 -28.59 -23.64
CA LEU O 100 36.64 -28.40 -22.30
C LEU O 100 37.59 -27.60 -21.42
N MET O 101 38.84 -28.06 -21.32
CA MET O 101 39.79 -27.39 -20.44
C MET O 101 40.06 -25.97 -20.88
N ASN O 102 40.06 -25.71 -22.19
CA ASN O 102 40.31 -24.35 -22.66
C ASN O 102 39.16 -23.43 -22.30
N HIS O 103 37.92 -23.89 -22.45
CA HIS O 103 36.80 -23.06 -22.02
C HIS O 103 36.83 -22.85 -20.52
N LEU O 104 37.30 -23.84 -19.77
CA LEU O 104 37.45 -23.64 -18.34
C LEU O 104 38.53 -22.62 -18.06
N LYS O 105 39.57 -22.60 -18.90
CA LYS O 105 40.66 -21.67 -18.66
C LYS O 105 40.23 -20.24 -18.92
N GLU O 106 39.51 -20.00 -20.02
CA GLU O 106 39.07 -18.64 -20.30
C GLU O 106 38.03 -18.18 -19.29
N TYR O 107 37.14 -19.08 -18.87
CA TYR O 107 36.17 -18.72 -17.85
C TYR O 107 36.86 -18.19 -16.60
N HIS O 108 37.91 -18.88 -16.17
CA HIS O 108 38.56 -18.48 -14.93
C HIS O 108 39.44 -17.24 -15.11
N ILE O 109 39.98 -17.01 -16.30
CA ILE O 109 40.75 -15.80 -16.54
C ILE O 109 39.87 -14.57 -16.39
N LYS O 110 38.64 -14.66 -16.89
CA LYS O 110 37.70 -13.55 -16.78
C LYS O 110 37.25 -13.34 -15.34
N HIS O 111 37.46 -14.32 -14.48
CA HIS O 111 37.16 -14.17 -13.06
C HIS O 111 38.42 -14.01 -12.22
N ASN O 112 39.56 -13.70 -12.83
CA ASN O 112 40.81 -13.41 -12.15
C ASN O 112 41.20 -14.53 -11.19
N ILE O 113 41.09 -15.76 -11.66
CA ILE O 113 41.64 -16.92 -10.98
C ILE O 113 42.60 -17.54 -11.98
N LEU O 114 43.91 -17.48 -11.67
CA LEU O 114 44.92 -17.86 -12.64
C LEU O 114 45.66 -19.14 -12.28
N TYR O 115 45.25 -19.84 -11.22
CA TYR O 115 45.83 -21.13 -10.85
C TYR O 115 44.74 -22.18 -10.73
N PHE O 116 44.95 -23.31 -11.37
CA PHE O 116 44.19 -24.51 -11.11
C PHE O 116 45.02 -25.41 -10.22
N LEU O 117 44.37 -26.08 -9.27
CA LEU O 117 45.00 -27.14 -8.51
C LEU O 117 44.13 -28.38 -8.62
N THR O 118 44.76 -29.55 -8.67
CA THR O 118 44.01 -30.78 -8.76
C THR O 118 44.82 -31.92 -8.16
N TYR O 119 44.10 -32.93 -7.67
CA TYR O 119 44.71 -34.21 -7.32
C TYR O 119 44.31 -35.21 -8.39
N ALA O 120 45.31 -35.76 -9.08
CA ALA O 120 45.08 -36.60 -10.25
C ALA O 120 45.38 -38.05 -9.92
N ASP O 121 44.46 -38.94 -10.27
CA ASP O 121 44.75 -40.36 -10.16
C ASP O 121 45.74 -40.75 -11.24
N GLU O 122 46.05 -42.05 -11.30
CA GLU O 122 47.04 -42.51 -12.26
C GLU O 122 46.56 -42.34 -13.70
N TYR O 123 45.26 -42.45 -13.93
CA TYR O 123 44.69 -42.47 -15.28
C TYR O 123 44.28 -41.10 -15.76
N ALA O 124 44.62 -40.06 -15.00
CA ALA O 124 44.32 -38.72 -15.45
C ALA O 124 45.56 -37.84 -15.53
N ILE O 125 46.70 -38.28 -15.01
CA ILE O 125 47.91 -37.45 -15.08
C ILE O 125 48.26 -37.13 -16.53
N GLY O 126 48.10 -38.11 -17.43
CA GLY O 126 48.41 -37.86 -18.82
C GLY O 126 47.57 -36.74 -19.38
N TYR O 127 46.29 -36.70 -19.01
CA TYR O 127 45.42 -35.66 -19.49
C TYR O 127 45.88 -34.29 -19.00
N PHE O 128 46.37 -34.21 -17.78
CA PHE O 128 46.69 -32.90 -17.25
C PHE O 128 48.01 -32.38 -17.78
N LYS O 129 49.03 -33.25 -17.88
CA LYS O 129 50.24 -32.91 -18.61
C LYS O 129 49.92 -32.40 -20.00
N LYS O 130 48.99 -33.07 -20.67
CA LYS O 130 48.52 -32.67 -21.99
C LYS O 130 47.99 -31.23 -21.96
N GLN O 131 47.37 -30.83 -20.86
CA GLN O 131 46.69 -29.55 -20.80
C GLN O 131 47.49 -28.47 -20.07
N GLY O 132 48.75 -28.75 -19.73
CA GLY O 132 49.60 -27.72 -19.17
C GLY O 132 49.88 -27.82 -17.69
N PHE O 133 49.30 -28.79 -16.99
CA PHE O 133 49.50 -28.95 -15.56
C PHE O 133 50.87 -29.52 -15.26
N SER O 134 51.37 -29.25 -14.06
CA SER O 134 52.70 -29.68 -13.66
C SER O 134 52.70 -30.15 -12.22
N LYS O 135 53.70 -30.96 -11.88
CA LYS O 135 53.86 -31.44 -10.51
C LYS O 135 54.61 -30.46 -9.63
N ASP O 136 55.06 -29.34 -10.17
CA ASP O 136 55.82 -28.35 -9.42
C ASP O 136 54.86 -27.25 -9.00
N ILE O 137 54.54 -27.22 -7.73
CA ILE O 137 53.44 -26.42 -7.22
C ILE O 137 53.98 -25.06 -6.79
N LYS O 138 53.37 -23.99 -7.30
CA LYS O 138 53.77 -22.65 -6.90
C LYS O 138 52.90 -22.10 -5.79
N VAL O 139 51.63 -22.47 -5.75
CA VAL O 139 50.75 -21.97 -4.68
C VAL O 139 51.23 -22.56 -3.36
N PRO O 140 51.43 -21.74 -2.34
CA PRO O 140 51.98 -22.28 -1.09
C PRO O 140 51.04 -23.28 -0.44
N LYS O 141 51.61 -24.20 0.32
CA LYS O 141 50.80 -25.22 0.98
C LYS O 141 49.81 -24.58 1.92
N SER O 142 50.21 -23.51 2.60
CA SER O 142 49.35 -22.83 3.56
C SER O 142 48.11 -22.23 2.91
N ARG O 143 48.01 -22.24 1.59
CA ARG O 143 46.87 -21.64 0.92
C ARG O 143 45.97 -22.63 0.23
N TYR O 144 46.40 -23.86 0.05
CA TYR O 144 45.50 -24.86 -0.48
C TYR O 144 45.15 -25.95 0.51
N LEU O 145 46.01 -26.22 1.48
CA LEU O 145 45.76 -27.33 2.38
C LEU O 145 44.54 -27.04 3.25
N GLY O 146 43.67 -28.03 3.36
CA GLY O 146 42.42 -27.87 4.06
C GLY O 146 41.31 -27.28 3.22
N TYR O 147 41.59 -26.86 2.00
CA TYR O 147 40.57 -26.31 1.12
C TYR O 147 40.21 -27.29 0.01
N ILE O 148 41.18 -27.71 -0.80
CA ILE O 148 40.96 -28.76 -1.78
C ILE O 148 40.86 -30.10 -1.09
N LYS O 149 39.92 -30.92 -1.56
CA LYS O 149 39.76 -32.28 -1.07
C LYS O 149 41.06 -33.03 -1.30
N ASP O 150 41.77 -33.36 -0.23
CA ASP O 150 42.91 -34.22 -0.38
C ASP O 150 42.43 -35.64 -0.64
N TYR O 151 43.19 -36.36 -1.45
CA TYR O 151 42.75 -37.62 -2.05
C TYR O 151 44.02 -38.41 -2.31
N GLU O 152 44.87 -38.50 -1.29
CA GLU O 152 46.29 -38.71 -1.51
C GLU O 152 46.62 -40.20 -1.59
N GLY O 153 46.23 -40.78 -2.72
CA GLY O 153 46.94 -41.88 -3.33
C GLY O 153 47.34 -41.36 -4.69
N ALA O 154 47.34 -40.03 -4.80
CA ALA O 154 47.26 -39.33 -6.07
C ALA O 154 48.24 -38.18 -6.08
N THR O 155 48.30 -37.49 -7.22
CA THR O 155 49.34 -36.52 -7.52
C THR O 155 48.74 -35.12 -7.56
N LEU O 156 49.31 -34.23 -6.75
CA LEU O 156 48.96 -32.83 -6.83
C LEU O 156 49.59 -32.21 -8.06
N MET O 157 48.75 -31.70 -8.96
CA MET O 157 49.22 -31.03 -10.15
C MET O 157 48.63 -29.64 -10.22
N GLU O 158 49.31 -28.76 -10.96
CA GLU O 158 49.02 -27.33 -10.96
C GLU O 158 49.13 -26.79 -12.38
N CYS O 159 48.25 -25.85 -12.71
CA CYS O 159 48.30 -25.16 -13.98
C CYS O 159 48.19 -23.67 -13.73
N GLU O 160 49.19 -22.91 -14.16
CA GLU O 160 49.15 -21.45 -14.09
C GLU O 160 48.64 -20.89 -15.41
N LEU O 161 47.63 -20.03 -15.33
CA LEU O 161 47.04 -19.47 -16.54
C LEU O 161 47.71 -18.15 -16.89
N ASN O 162 47.60 -17.78 -18.15
CA ASN O 162 48.13 -16.51 -18.59
C ASN O 162 46.98 -15.61 -19.03
N PRO O 163 46.73 -14.48 -18.35
CA PRO O 163 45.53 -13.71 -18.64
C PRO O 163 45.57 -13.01 -19.98
N ARG O 164 46.74 -12.92 -20.60
CA ARG O 164 46.82 -12.17 -21.84
C ARG O 164 46.20 -12.93 -23.01
N ILE O 165 46.53 -14.21 -23.14
CA ILE O 165 46.17 -14.95 -24.35
C ILE O 165 44.70 -15.35 -24.35
N PRO O 166 44.06 -15.40 -25.51
CA PRO O 166 42.75 -16.05 -25.61
C PRO O 166 42.93 -17.57 -25.74
N TYR O 167 42.32 -18.32 -24.83
CA TYR O 167 42.36 -19.78 -24.91
C TYR O 167 41.27 -20.35 -25.82
N THR O 168 40.18 -19.62 -26.01
CA THR O 168 39.09 -20.08 -26.88
C THR O 168 38.92 -19.18 -28.11
N GLY P 3 -5.19 49.86 -21.32
CA GLY P 3 -4.80 50.33 -20.00
C GLY P 3 -5.11 49.33 -18.91
N ILE P 4 -4.59 48.12 -19.06
CA ILE P 4 -4.81 47.05 -18.09
C ILE P 4 -3.69 47.11 -17.06
N ILE P 5 -4.01 47.49 -15.82
CA ILE P 5 -2.97 47.58 -14.80
C ILE P 5 -3.32 46.66 -13.63
N GLU P 6 -2.27 46.15 -12.98
CA GLU P 6 -2.40 45.07 -12.01
C GLU P 6 -1.42 45.26 -10.86
N PHE P 7 -1.88 45.01 -9.64
CA PHE P 7 -1.04 45.05 -8.45
C PHE P 7 -0.89 43.62 -7.94
N HIS P 8 0.35 43.15 -7.85
CA HIS P 8 0.62 41.79 -7.41
C HIS P 8 1.78 41.79 -6.44
N VAL P 9 1.65 41.07 -5.34
CA VAL P 9 2.73 40.92 -4.37
C VAL P 9 3.45 39.62 -4.71
N ILE P 10 4.69 39.72 -5.19
CA ILE P 10 5.42 38.54 -5.64
C ILE P 10 6.74 38.45 -4.90
N GLY P 11 7.36 37.29 -5.00
CA GLY P 11 8.62 37.07 -4.32
C GLY P 11 9.15 35.71 -4.69
N ASN P 12 10.40 35.49 -4.29
CA ASN P 12 11.07 34.23 -4.58
C ASN P 12 10.75 33.21 -3.51
N SER P 13 10.32 32.02 -3.92
CA SER P 13 10.22 30.92 -2.97
C SER P 13 11.60 30.59 -2.43
N LEU P 14 11.66 30.20 -1.17
CA LEU P 14 12.95 29.97 -0.52
C LEU P 14 13.67 28.79 -1.16
N ASN P 19 7.36 29.92 -9.72
CA ASN P 19 6.71 29.91 -11.04
C ASN P 19 7.25 31.08 -11.85
N ARG P 20 7.19 30.98 -13.17
CA ARG P 20 8.15 31.69 -14.00
C ARG P 20 7.72 33.08 -14.45
N ARG P 21 6.42 33.38 -14.52
CA ARG P 21 6.14 34.80 -14.78
C ARG P 21 6.27 35.65 -13.52
N VAL P 22 6.44 35.02 -12.36
CA VAL P 22 7.02 35.71 -11.22
C VAL P 22 8.50 35.97 -11.46
N LEU P 23 9.20 35.00 -12.04
CA LEU P 23 10.62 35.21 -12.35
C LEU P 23 10.79 36.32 -13.36
N LEU P 24 9.92 36.40 -14.37
CA LEU P 24 10.10 37.44 -15.38
C LEU P 24 9.70 38.80 -14.84
N TRP P 25 8.67 38.84 -14.00
CA TRP P 25 8.29 40.09 -13.36
C TRP P 25 9.37 40.57 -12.41
N LEU P 26 9.98 39.66 -11.64
CA LEU P 26 11.09 40.03 -10.80
C LEU P 26 12.23 40.65 -11.60
N VAL P 27 12.53 40.08 -12.77
CA VAL P 27 13.65 40.61 -13.53
C VAL P 27 13.34 42.00 -14.04
N GLY P 28 12.10 42.22 -14.47
CA GLY P 28 11.70 43.56 -14.85
C GLY P 28 11.82 44.55 -13.71
N LEU P 29 11.44 44.11 -12.51
CA LEU P 29 11.58 44.98 -11.34
C LEU P 29 13.04 45.27 -11.04
N GLN P 30 13.89 44.25 -11.10
CA GLN P 30 15.32 44.49 -10.94
C GLN P 30 15.83 45.44 -12.00
N ASN P 31 15.29 45.34 -13.23
CA ASN P 31 15.70 46.28 -14.27
C ASN P 31 15.25 47.68 -13.95
N VAL P 32 14.05 47.82 -13.38
CA VAL P 32 13.53 49.13 -13.01
C VAL P 32 14.40 49.77 -11.94
N PHE P 33 14.64 49.05 -10.85
CA PHE P 33 15.44 49.61 -9.77
C PHE P 33 16.87 49.87 -10.24
N SER P 34 17.38 49.01 -11.11
CA SER P 34 18.75 49.17 -11.56
C SER P 34 18.90 50.43 -12.40
N HIS P 35 17.89 50.75 -13.19
CA HIS P 35 17.94 51.94 -14.01
C HIS P 35 17.85 53.20 -13.16
N GLN P 36 16.91 53.21 -12.21
CA GLN P 36 16.70 54.35 -11.32
C GLN P 36 17.86 54.59 -10.37
N LEU P 37 18.68 53.58 -10.09
CA LEU P 37 19.79 53.70 -9.15
C LEU P 37 21.07 53.26 -9.82
N PRO P 38 21.52 53.97 -10.85
CA PRO P 38 22.69 53.51 -11.61
C PRO P 38 23.96 53.42 -10.80
N ARG P 39 23.99 53.97 -9.59
CA ARG P 39 25.18 53.90 -8.78
C ARG P 39 25.13 52.80 -7.73
N MET P 40 24.00 52.19 -7.54
CA MET P 40 24.08 50.94 -6.80
C MET P 40 24.50 49.81 -7.74
N PRO P 41 25.25 48.84 -7.25
CA PRO P 41 25.56 47.68 -8.08
C PRO P 41 24.29 46.91 -8.41
N LYS P 42 24.14 46.54 -9.69
CA LYS P 42 22.95 45.83 -10.13
C LYS P 42 22.90 44.42 -9.55
N GLU P 43 24.04 43.86 -9.19
CA GLU P 43 24.07 42.58 -8.51
C GLU P 43 23.44 42.67 -7.14
N TYR P 44 23.71 43.75 -6.41
CA TYR P 44 23.07 43.96 -5.11
C TYR P 44 21.56 44.11 -5.25
N ILE P 45 21.11 44.83 -6.26
CA ILE P 45 19.68 44.96 -6.47
C ILE P 45 19.07 43.62 -6.81
N ALA P 46 19.82 42.78 -7.51
CA ALA P 46 19.33 41.46 -7.87
C ALA P 46 19.21 40.58 -6.63
N ARG P 47 20.30 40.48 -5.88
CA ARG P 47 20.33 39.71 -4.64
C ARG P 47 19.19 40.10 -3.71
N LEU P 48 18.81 41.38 -3.66
CA LEU P 48 17.69 41.74 -2.80
C LEU P 48 16.35 41.37 -3.45
N VAL P 49 16.15 41.74 -4.72
CA VAL P 49 14.87 41.49 -5.35
C VAL P 49 14.52 40.01 -5.34
N PHE P 50 15.53 39.16 -5.46
CA PHE P 50 15.35 37.71 -5.48
C PHE P 50 15.59 37.05 -4.12
N ASP P 51 15.82 37.84 -3.08
CA ASP P 51 15.80 37.30 -1.72
C ASP P 51 14.39 36.85 -1.37
N PRO P 52 14.21 35.65 -0.82
CA PRO P 52 12.85 35.24 -0.40
C PRO P 52 12.31 36.09 0.74
N LYS P 53 13.15 36.47 1.69
CA LYS P 53 12.74 37.37 2.77
C LYS P 53 12.31 38.73 2.27
N HIS P 54 12.57 39.07 1.01
CA HIS P 54 12.07 40.30 0.42
C HIS P 54 10.89 39.98 -0.48
N LYS P 55 9.92 40.88 -0.52
CA LYS P 55 8.79 40.79 -1.41
C LYS P 55 8.71 42.07 -2.21
N THR P 56 7.90 42.04 -3.26
CA THR P 56 7.78 43.23 -4.09
C THR P 56 6.34 43.38 -4.53
N LEU P 57 5.73 44.50 -4.18
CA LEU P 57 4.45 44.85 -4.74
C LEU P 57 4.67 45.31 -6.17
N ALA P 58 4.30 44.48 -7.13
CA ALA P 58 4.57 44.75 -8.53
C ALA P 58 3.44 45.57 -9.13
N LEU P 59 3.81 46.65 -9.81
CA LEU P 59 2.87 47.39 -10.64
C LEU P 59 2.97 46.86 -12.06
N ILE P 60 1.87 46.31 -12.56
CA ILE P 60 1.83 45.68 -13.87
C ILE P 60 0.94 46.49 -14.79
N LYS P 61 1.35 46.63 -16.05
CA LYS P 61 0.44 47.13 -17.07
C LYS P 61 0.68 46.33 -18.34
N ASP P 62 -0.40 45.80 -18.90
CA ASP P 62 -0.35 44.95 -20.08
C ASP P 62 0.70 43.86 -19.91
N GLY P 63 0.68 43.22 -18.73
CA GLY P 63 1.57 42.11 -18.46
C GLY P 63 3.02 42.46 -18.34
N ARG P 64 3.34 43.73 -18.09
CA ARG P 64 4.71 44.21 -18.09
C ARG P 64 4.93 45.11 -16.87
N VAL P 65 5.94 44.76 -16.07
CA VAL P 65 6.27 45.53 -14.86
C VAL P 65 6.64 46.94 -15.25
N ILE P 66 5.84 47.91 -14.81
CA ILE P 66 6.17 49.32 -15.00
C ILE P 66 6.56 50.02 -13.71
N GLY P 67 6.42 49.36 -12.58
CA GLY P 67 6.81 49.96 -11.31
C GLY P 67 6.76 48.91 -10.23
N GLY P 68 7.09 49.34 -9.01
CA GLY P 68 7.04 48.44 -7.89
C GLY P 68 7.66 48.99 -6.63
N ILE P 69 7.36 48.35 -5.51
CA ILE P 69 7.93 48.67 -4.21
C ILE P 69 8.50 47.39 -3.62
N CYS P 70 9.80 47.36 -3.45
CA CYS P 70 10.47 46.23 -2.82
C CYS P 70 10.61 46.49 -1.33
N PHE P 71 10.09 45.58 -0.51
CA PHE P 71 10.07 45.73 0.94
C PHE P 71 10.41 44.42 1.63
N ARG P 72 10.77 44.51 2.91
CA ARG P 72 10.97 43.33 3.76
C ARG P 72 10.14 43.46 5.03
N MET P 73 9.25 42.49 5.25
CA MET P 73 8.41 42.49 6.45
C MET P 73 9.15 41.90 7.64
N PHE P 74 9.06 42.59 8.77
CA PHE P 74 9.59 42.11 10.05
C PHE P 74 8.43 41.92 11.01
N PRO P 75 7.62 40.88 10.82
CA PRO P 75 6.44 40.71 11.69
C PRO P 75 6.79 40.49 13.14
N THR P 76 7.97 39.93 13.42
CA THR P 76 8.41 39.81 14.80
C THR P 76 8.66 41.18 15.43
N GLN P 77 9.08 42.15 14.63
CA GLN P 77 9.40 43.48 15.11
C GLN P 77 8.27 44.48 14.89
N GLY P 78 7.25 44.12 14.13
CA GLY P 78 6.08 44.96 13.96
C GLY P 78 6.21 46.08 12.95
N PHE P 79 7.08 45.94 11.96
CA PHE P 79 7.25 46.99 10.96
C PHE P 79 7.79 46.37 9.69
N THR P 80 7.73 47.14 8.63
CA THR P 80 8.28 46.74 7.34
C THR P 80 9.26 47.81 6.88
N GLU P 81 10.29 47.38 6.16
CA GLU P 81 11.23 48.28 5.53
C GLU P 81 10.89 48.40 4.07
N ILE P 82 10.68 49.62 3.59
CA ILE P 82 10.65 49.88 2.15
C ILE P 82 12.08 50.01 1.67
N VAL P 83 12.48 49.15 0.75
CA VAL P 83 13.85 49.19 0.26
C VAL P 83 13.93 49.97 -1.04
N PHE P 84 13.21 49.50 -2.07
CA PHE P 84 13.20 50.13 -3.37
C PHE P 84 11.78 50.57 -3.69
N CYS P 85 11.68 51.58 -4.53
CA CYS P 85 10.38 52.20 -4.75
C CYS P 85 10.49 52.99 -6.06
N ALA P 86 9.78 52.57 -7.10
CA ALA P 86 10.00 53.20 -8.39
C ALA P 86 8.84 53.00 -9.35
N VAL P 87 8.65 53.98 -10.22
CA VAL P 87 7.78 53.89 -11.38
C VAL P 87 8.60 54.22 -12.61
N THR P 88 8.53 53.38 -13.64
CA THR P 88 9.31 53.62 -14.84
C THR P 88 8.99 54.99 -15.41
N SER P 89 10.00 55.61 -16.02
CA SER P 89 10.04 57.06 -16.12
C SER P 89 9.15 57.64 -17.20
N ASN P 90 8.46 56.84 -18.00
CA ASN P 90 7.48 57.38 -18.92
C ASN P 90 6.05 57.10 -18.48
N GLU P 91 5.87 56.25 -17.48
CA GLU P 91 4.59 56.07 -16.82
C GLU P 91 4.50 56.92 -15.55
N GLN P 92 5.42 57.85 -15.35
CA GLN P 92 5.37 58.68 -14.16
C GLN P 92 4.30 59.75 -14.31
N VAL P 93 4.11 60.51 -13.23
CA VAL P 93 3.09 61.55 -13.09
C VAL P 93 1.78 61.08 -13.69
N LYS P 94 1.33 59.90 -13.26
CA LYS P 94 0.01 59.41 -13.60
C LYS P 94 -0.75 58.95 -12.38
N GLY P 95 -0.26 59.28 -11.18
CA GLY P 95 -0.88 58.81 -9.97
C GLY P 95 -0.54 57.39 -9.60
N TYR P 96 0.34 56.73 -10.35
CA TYR P 96 0.66 55.34 -10.08
C TYR P 96 1.53 55.19 -8.84
N GLY P 97 2.33 56.20 -8.51
CA GLY P 97 3.14 56.12 -7.31
C GLY P 97 2.29 56.15 -6.06
N THR P 98 1.22 56.95 -6.07
CA THR P 98 0.29 56.96 -4.96
C THR P 98 -0.42 55.62 -4.81
N HIS P 99 -0.99 55.11 -5.90
CA HIS P 99 -1.73 53.87 -5.81
C HIS P 99 -0.84 52.70 -5.46
N LEU P 100 0.43 52.75 -5.86
CA LEU P 100 1.36 51.70 -5.46
C LEU P 100 1.55 51.69 -3.96
N MET P 101 1.73 52.85 -3.36
CA MET P 101 1.91 52.91 -1.91
C MET P 101 0.62 52.61 -1.17
N ASN P 102 -0.53 52.97 -1.74
CA ASN P 102 -1.80 52.69 -1.07
C ASN P 102 -2.08 51.19 -1.04
N HIS P 103 -1.89 50.51 -2.17
CA HIS P 103 -2.06 49.06 -2.19
C HIS P 103 -1.13 48.38 -1.21
N LEU P 104 0.06 48.95 -1.00
CA LEU P 104 0.99 48.42 -0.02
C LEU P 104 0.47 48.63 1.40
N LYS P 105 -0.18 49.76 1.65
CA LYS P 105 -0.76 50.02 2.96
C LYS P 105 -1.89 49.03 3.25
N GLU P 106 -2.80 48.84 2.29
CA GLU P 106 -3.88 47.87 2.50
C GLU P 106 -3.33 46.48 2.76
N TYR P 107 -2.33 46.08 1.99
CA TYR P 107 -1.76 44.75 2.18
C TYR P 107 -1.24 44.58 3.60
N HIS P 108 -0.61 45.63 4.14
CA HIS P 108 0.05 45.49 5.44
C HIS P 108 -0.92 45.58 6.60
N ILE P 109 -2.04 46.30 6.47
CA ILE P 109 -2.98 46.29 7.57
C ILE P 109 -3.73 44.97 7.62
N LYS P 110 -3.94 44.33 6.46
CA LYS P 110 -4.53 43.00 6.46
C LYS P 110 -3.53 41.93 6.91
N HIS P 111 -2.26 42.30 7.09
CA HIS P 111 -1.26 41.44 7.69
C HIS P 111 -0.78 41.96 9.04
N ASN P 112 -1.53 42.89 9.64
CA ASN P 112 -1.31 43.34 11.02
C ASN P 112 0.05 44.02 11.21
N ILE P 113 0.55 44.72 10.18
CA ILE P 113 1.74 45.56 10.29
C ILE P 113 1.33 47.00 10.08
N LEU P 114 1.65 47.85 11.06
CA LEU P 114 1.14 49.22 11.09
C LEU P 114 2.20 50.27 10.89
N TYR P 115 3.47 49.90 10.74
CA TYR P 115 4.55 50.85 10.61
C TYR P 115 5.39 50.52 9.39
N PHE P 116 5.60 51.50 8.53
CA PHE P 116 6.61 51.47 7.49
C PHE P 116 7.83 52.24 7.98
N LEU P 117 9.01 51.65 7.80
CA LEU P 117 10.25 52.38 7.97
C LEU P 117 11.03 52.37 6.66
N THR P 118 11.78 53.43 6.43
CA THR P 118 12.59 53.50 5.23
C THR P 118 13.73 54.47 5.46
N TYR P 119 14.89 54.14 4.92
CA TYR P 119 15.99 55.08 4.78
C TYR P 119 15.98 55.61 3.36
N ALA P 120 15.80 56.92 3.21
CA ALA P 120 15.45 57.55 1.95
C ALA P 120 16.60 58.37 1.37
N ASP P 121 16.74 58.31 0.03
CA ASP P 121 17.58 59.25 -0.70
C ASP P 121 17.12 60.67 -0.47
N GLU P 122 18.05 61.58 -0.70
CA GLU P 122 17.68 62.97 -0.93
C GLU P 122 16.60 63.08 -2.01
N TYR P 123 16.71 62.27 -3.05
CA TYR P 123 15.78 62.35 -4.17
C TYR P 123 14.45 61.66 -3.90
N ALA P 124 14.34 60.89 -2.82
CA ALA P 124 13.11 60.17 -2.53
C ALA P 124 12.29 60.77 -1.41
N ILE P 125 12.83 61.71 -0.63
CA ILE P 125 12.12 62.17 0.56
C ILE P 125 10.77 62.79 0.20
N GLY P 126 10.71 63.53 -0.90
CA GLY P 126 9.50 64.26 -1.21
C GLY P 126 8.37 63.36 -1.62
N TYR P 127 8.68 62.26 -2.28
CA TYR P 127 7.65 61.26 -2.55
C TYR P 127 7.10 60.68 -1.25
N PHE P 128 7.99 60.26 -0.34
CA PHE P 128 7.52 59.71 0.91
C PHE P 128 6.69 60.71 1.70
N LYS P 129 7.17 61.96 1.80
CA LYS P 129 6.38 62.99 2.46
C LYS P 129 5.00 63.10 1.84
N LYS P 130 4.93 63.07 0.51
CA LYS P 130 3.63 63.11 -0.16
C LYS P 130 2.74 61.95 0.25
N GLN P 131 3.35 60.83 0.69
CA GLN P 131 2.62 59.62 1.03
C GLN P 131 2.41 59.47 2.52
N GLY P 132 2.68 60.50 3.30
CA GLY P 132 2.43 60.48 4.72
C GLY P 132 3.59 60.02 5.57
N PHE P 133 4.79 59.97 5.02
CA PHE P 133 5.92 59.60 5.84
C PHE P 133 6.43 60.80 6.60
N SER P 134 7.11 60.54 7.72
CA SER P 134 7.54 61.59 8.62
C SER P 134 8.96 61.30 9.11
N LYS P 135 9.71 62.36 9.36
CA LYS P 135 11.03 62.20 9.97
C LYS P 135 10.97 61.93 11.48
N ASP P 136 9.79 61.96 12.11
CA ASP P 136 9.66 61.74 13.54
C ASP P 136 9.35 60.28 13.79
N ILE P 137 10.33 59.56 14.33
CA ILE P 137 10.29 58.11 14.40
C ILE P 137 9.75 57.70 15.76
N LYS P 138 8.56 57.13 15.78
CA LYS P 138 7.98 56.73 17.05
C LYS P 138 8.45 55.34 17.46
N VAL P 139 8.75 54.48 16.51
CA VAL P 139 9.30 53.16 16.80
C VAL P 139 10.61 53.34 17.56
N PRO P 140 10.86 52.59 18.62
CA PRO P 140 12.09 52.81 19.38
C PRO P 140 13.28 52.24 18.63
N LYS P 141 14.43 52.87 18.87
CA LYS P 141 15.62 52.49 18.12
C LYS P 141 15.99 51.04 18.38
N SER P 142 15.66 50.54 19.57
CA SER P 142 15.90 49.14 19.91
C SER P 142 15.10 48.18 19.07
N ARG P 143 14.18 48.66 18.25
CA ARG P 143 13.29 47.76 17.52
C ARG P 143 13.63 47.64 16.05
N TYR P 144 14.45 48.52 15.49
CA TYR P 144 14.74 48.42 14.08
C TYR P 144 16.24 48.44 13.80
N LEU P 145 17.03 49.07 14.67
CA LEU P 145 18.44 49.28 14.39
C LEU P 145 19.16 47.95 14.26
N GLY P 146 19.88 47.78 13.15
CA GLY P 146 20.59 46.55 12.88
C GLY P 146 19.80 45.57 12.05
N TYR P 147 18.47 45.69 12.02
CA TYR P 147 17.68 44.91 11.09
C TYR P 147 17.64 45.58 9.73
N ILE P 148 17.39 46.88 9.72
CA ILE P 148 17.55 47.70 8.56
C ILE P 148 18.89 48.43 8.64
N LYS P 149 19.44 48.79 7.48
CA LYS P 149 20.77 49.40 7.41
C LYS P 149 20.68 50.92 7.34
N ASP P 150 21.37 51.58 8.27
CA ASP P 150 21.42 53.04 8.35
C ASP P 150 22.52 53.54 7.41
N TYR P 151 22.18 53.71 6.15
CA TYR P 151 23.16 54.18 5.19
C TYR P 151 23.50 55.64 5.47
N GLU P 152 24.78 55.89 5.72
CA GLU P 152 25.27 57.24 5.99
C GLU P 152 24.83 58.20 4.92
N GLY P 153 24.02 59.18 5.31
CA GLY P 153 23.47 60.14 4.37
C GLY P 153 22.03 59.91 4.02
N ALA P 154 21.47 58.78 4.41
CA ALA P 154 20.05 58.57 4.21
C ALA P 154 19.28 59.22 5.36
N THR P 155 18.00 59.45 5.12
CA THR P 155 17.11 59.99 6.14
C THR P 155 16.09 58.93 6.51
N LEU P 156 16.10 58.53 7.77
CA LEU P 156 15.12 57.59 8.26
C LEU P 156 13.76 58.28 8.32
N MET P 157 12.76 57.61 7.78
CA MET P 157 11.41 58.10 7.71
C MET P 157 10.45 56.97 8.06
N GLU P 158 9.27 57.35 8.54
CA GLU P 158 8.31 56.41 9.08
C GLU P 158 6.92 56.75 8.58
N CYS P 159 6.08 55.74 8.47
CA CYS P 159 4.67 55.95 8.17
C CYS P 159 3.84 55.12 9.12
N GLU P 160 2.94 55.75 9.86
CA GLU P 160 2.04 55.05 10.75
C GLU P 160 0.72 54.81 10.05
N LEU P 161 0.28 53.56 10.01
CA LEU P 161 -0.89 53.18 9.25
C LEU P 161 -2.10 53.12 10.15
N ASN P 162 -3.28 53.22 9.55
CA ASN P 162 -4.53 53.12 10.31
C ASN P 162 -5.36 51.97 9.76
N PRO P 163 -5.71 50.98 10.57
CA PRO P 163 -6.54 49.89 10.06
C PRO P 163 -7.99 50.28 9.83
N ARG P 164 -8.43 51.36 10.47
CA ARG P 164 -9.79 51.84 10.27
C ARG P 164 -9.94 52.58 8.95
N ILE P 165 -8.84 53.03 8.38
CA ILE P 165 -8.88 53.74 7.10
C ILE P 165 -8.94 52.72 5.97
N PRO P 166 -9.80 52.90 4.98
CA PRO P 166 -9.70 52.09 3.76
C PRO P 166 -8.77 52.74 2.76
N TYR P 167 -7.58 52.16 2.57
CA TYR P 167 -6.59 52.79 1.72
C TYR P 167 -6.84 52.56 0.24
N THR P 168 -7.53 51.47 -0.13
CA THR P 168 -7.97 51.28 -1.49
C THR P 168 -9.48 51.29 -1.58
N ILE Q 4 46.85 25.74 -2.07
CA ILE Q 4 45.48 25.94 -2.53
C ILE Q 4 44.52 26.01 -1.34
N ILE Q 5 43.67 27.04 -1.34
CA ILE Q 5 42.97 27.50 -0.15
C ILE Q 5 41.48 27.40 -0.37
N GLU Q 6 40.77 26.95 0.66
CA GLU Q 6 39.32 26.88 0.66
C GLU Q 6 38.78 27.56 1.90
N PHE Q 7 37.57 28.10 1.76
CA PHE Q 7 36.81 28.64 2.88
C PHE Q 7 35.49 27.88 2.93
N HIS Q 8 35.23 27.20 4.05
CA HIS Q 8 33.99 26.48 4.22
C HIS Q 8 33.38 26.88 5.55
N VAL Q 9 32.10 27.22 5.52
CA VAL Q 9 31.35 27.35 6.77
C VAL Q 9 30.86 25.97 7.14
N ILE Q 10 31.24 25.48 8.31
CA ILE Q 10 30.92 24.15 8.78
C ILE Q 10 30.36 24.26 10.21
N GLY Q 11 29.81 23.16 10.69
CA GLY Q 11 29.29 23.12 12.04
C GLY Q 11 28.66 21.78 12.33
N ASN Q 12 28.33 21.58 13.60
CA ASN Q 12 27.68 20.37 14.02
C ASN Q 12 26.16 20.46 13.91
N ASN Q 19 30.23 13.67 5.38
CA ASN Q 19 31.38 14.53 5.21
C ASN Q 19 32.17 14.60 6.50
N ARG Q 20 32.67 13.48 7.03
CA ARG Q 20 33.37 13.65 8.29
C ARG Q 20 34.75 14.25 8.11
N ARG Q 21 35.06 14.66 6.87
CA ARG Q 21 35.96 15.75 6.58
C ARG Q 21 35.69 16.88 7.58
N VAL Q 22 34.42 17.18 7.82
CA VAL Q 22 34.08 18.31 8.67
C VAL Q 22 34.33 17.98 10.13
N LEU Q 23 34.04 16.74 10.55
CA LEU Q 23 34.28 16.40 11.94
C LEU Q 23 35.77 16.45 12.26
N LEU Q 24 36.61 16.06 11.31
CA LEU Q 24 38.05 16.18 11.56
C LEU Q 24 38.47 17.64 11.51
N TRP Q 25 37.86 18.42 10.63
CA TRP Q 25 38.11 19.85 10.62
C TRP Q 25 37.68 20.49 11.93
N LEU Q 26 36.64 19.96 12.57
CA LEU Q 26 36.22 20.51 13.85
C LEU Q 26 37.25 20.22 14.94
N VAL Q 27 37.84 19.02 14.91
CA VAL Q 27 38.91 18.72 15.85
C VAL Q 27 40.09 19.63 15.60
N GLY Q 28 40.45 19.83 14.34
CA GLY Q 28 41.57 20.70 14.03
C GLY Q 28 41.34 22.10 14.54
N LEU Q 29 40.18 22.66 14.23
CA LEU Q 29 39.85 24.00 14.73
C LEU Q 29 39.91 24.05 16.24
N GLN Q 30 39.37 23.05 16.90
CA GLN Q 30 39.46 23.00 18.36
C GLN Q 30 40.92 23.00 18.80
N ASN Q 31 41.78 22.28 18.08
CA ASN Q 31 43.19 22.26 18.43
C ASN Q 31 43.81 23.64 18.30
N VAL Q 32 43.55 24.30 17.17
CA VAL Q 32 44.09 25.63 16.92
C VAL Q 32 43.65 26.59 18.01
N PHE Q 33 42.34 26.68 18.22
CA PHE Q 33 41.81 27.58 19.22
C PHE Q 33 42.42 27.29 20.59
N SER Q 34 42.45 26.01 20.96
CA SER Q 34 42.96 25.63 22.26
C SER Q 34 44.41 26.03 22.42
N HIS Q 35 45.20 25.86 21.37
CA HIS Q 35 46.63 26.15 21.43
C HIS Q 35 46.87 27.65 21.57
N GLN Q 36 46.15 28.47 20.80
CA GLN Q 36 46.35 29.91 20.82
C GLN Q 36 45.56 30.59 21.94
N LEU Q 37 45.01 29.83 22.88
CA LEU Q 37 44.39 30.38 24.09
C LEU Q 37 44.69 29.43 25.22
N PRO Q 38 45.83 29.58 25.88
CA PRO Q 38 46.35 28.45 26.66
C PRO Q 38 45.60 28.21 27.95
N ARG Q 39 45.18 29.26 28.64
CA ARG Q 39 44.63 29.12 29.98
C ARG Q 39 43.19 28.68 29.99
N MET Q 40 42.45 28.93 28.93
CA MET Q 40 41.03 28.64 28.93
C MET Q 40 40.79 27.16 28.67
N PRO Q 41 39.87 26.51 29.42
CA PRO Q 41 39.76 25.06 29.36
C PRO Q 41 39.58 24.52 27.95
N LYS Q 42 40.25 23.39 27.70
CA LYS Q 42 40.22 22.76 26.39
C LYS Q 42 38.87 22.13 26.09
N GLU Q 43 38.18 21.65 27.14
CA GLU Q 43 36.83 21.09 26.99
C GLU Q 43 35.80 22.16 26.66
N TYR Q 44 35.97 23.36 27.21
CA TYR Q 44 35.08 24.47 26.89
C TYR Q 44 35.15 24.81 25.41
N ILE Q 45 36.36 24.93 24.87
CA ILE Q 45 36.50 25.20 23.45
C ILE Q 45 35.87 24.09 22.64
N ALA Q 46 36.11 22.84 23.04
CA ALA Q 46 35.53 21.71 22.31
C ALA Q 46 34.02 21.76 22.34
N ARG Q 47 33.44 22.04 23.52
CA ARG Q 47 32.00 22.07 23.67
C ARG Q 47 31.35 23.08 22.72
N LEU Q 48 31.94 24.27 22.59
CA LEU Q 48 31.37 25.29 21.72
C LEU Q 48 31.60 25.00 20.24
N VAL Q 49 32.79 24.55 19.87
CA VAL Q 49 33.04 24.26 18.46
C VAL Q 49 32.10 23.17 17.96
N PHE Q 50 31.76 22.21 18.81
CA PHE Q 50 30.86 21.14 18.43
C PHE Q 50 29.41 21.44 18.75
N ASP Q 51 29.09 22.64 19.23
CA ASP Q 51 27.72 23.05 19.51
C ASP Q 51 27.00 23.42 18.22
N PRO Q 52 25.77 22.94 18.02
CA PRO Q 52 25.09 23.22 16.74
C PRO Q 52 24.72 24.69 16.58
N LYS Q 53 24.49 25.42 17.67
CA LYS Q 53 24.19 26.83 17.51
C LYS Q 53 25.41 27.63 17.05
N HIS Q 54 26.61 27.09 17.21
CA HIS Q 54 27.83 27.74 16.74
C HIS Q 54 28.22 27.21 15.36
N LYS Q 55 28.88 28.06 14.58
CA LYS Q 55 29.42 27.69 13.30
C LYS Q 55 30.86 28.15 13.23
N THR Q 56 31.60 27.62 12.26
CA THR Q 56 32.99 28.01 12.10
C THR Q 56 33.27 28.20 10.62
N LEU Q 57 33.79 29.38 10.28
CA LEU Q 57 34.35 29.57 8.95
C LEU Q 57 35.77 29.03 9.01
N ALA Q 58 35.97 27.87 8.41
CA ALA Q 58 37.26 27.20 8.48
C ALA Q 58 38.12 27.63 7.31
N LEU Q 59 39.39 27.93 7.60
CA LEU Q 59 40.38 28.25 6.57
C LEU Q 59 41.18 26.99 6.30
N ILE Q 60 41.01 26.42 5.12
CA ILE Q 60 41.60 25.14 4.77
C ILE Q 60 42.69 25.35 3.73
N LYS Q 61 43.87 24.79 3.99
CA LYS Q 61 44.93 24.68 3.00
C LYS Q 61 45.38 23.23 2.92
N ASP Q 62 45.41 22.67 1.71
CA ASP Q 62 45.83 21.28 1.51
C ASP Q 62 45.02 20.33 2.39
N GLY Q 63 43.71 20.55 2.44
CA GLY Q 63 42.85 19.76 3.29
C GLY Q 63 43.10 19.90 4.78
N ARG Q 64 44.05 20.73 5.19
CA ARG Q 64 44.36 20.90 6.60
C ARG Q 64 43.73 22.19 7.12
N VAL Q 65 43.23 22.14 8.35
CA VAL Q 65 42.74 23.35 9.02
C VAL Q 65 43.94 24.19 9.42
N ILE Q 66 44.02 25.41 8.90
CA ILE Q 66 45.06 26.36 9.30
C ILE Q 66 44.51 27.60 10.01
N GLY Q 67 43.20 27.76 10.10
CA GLY Q 67 42.65 28.87 10.86
C GLY Q 67 41.14 28.87 10.72
N GLY Q 68 40.51 29.73 11.49
CA GLY Q 68 39.07 29.78 11.46
C GLY Q 68 38.52 30.89 12.33
N ILE Q 69 37.24 31.16 12.12
CA ILE Q 69 36.47 32.05 12.97
C ILE Q 69 35.25 31.28 13.46
N CYS Q 70 35.13 31.13 14.77
CA CYS Q 70 33.96 30.48 15.34
C CYS Q 70 32.98 31.55 15.77
N PHE Q 71 31.76 31.48 15.23
CA PHE Q 71 30.74 32.48 15.50
C PHE Q 71 29.42 31.82 15.85
N ARG Q 72 28.52 32.63 16.41
CA ARG Q 72 27.14 32.23 16.63
C ARG Q 72 26.21 33.29 16.09
N MET Q 73 25.31 32.90 15.19
CA MET Q 73 24.33 33.82 14.63
C MET Q 73 23.11 33.96 15.52
N PHE Q 74 22.75 35.18 15.81
CA PHE Q 74 21.50 35.49 16.49
C PHE Q 74 20.56 36.18 15.54
N PRO Q 75 19.97 35.46 14.57
CA PRO Q 75 19.22 36.14 13.50
C PRO Q 75 17.99 36.87 13.99
N THR Q 76 17.38 36.45 15.10
CA THR Q 76 16.25 37.21 15.59
C THR Q 76 16.69 38.46 16.29
N GLN Q 77 17.92 38.51 16.77
CA GLN Q 77 18.46 39.71 17.37
C GLN Q 77 19.16 40.61 16.37
N GLY Q 78 19.50 40.11 15.20
CA GLY Q 78 20.06 40.95 14.18
C GLY Q 78 21.56 41.00 14.13
N PHE Q 79 22.27 40.24 14.96
CA PHE Q 79 23.72 40.29 14.99
C PHE Q 79 24.31 38.89 15.09
N THR Q 80 25.64 38.84 15.02
CA THR Q 80 26.42 37.62 15.18
C THR Q 80 27.55 37.87 16.16
N GLU Q 81 27.80 36.88 17.01
CA GLU Q 81 28.87 36.93 17.98
C GLU Q 81 30.11 36.24 17.42
N ILE Q 82 31.22 36.95 17.37
CA ILE Q 82 32.51 36.34 17.04
C ILE Q 82 33.10 35.77 18.32
N VAL Q 83 33.27 34.46 18.37
CA VAL Q 83 33.73 33.84 19.60
C VAL Q 83 35.23 33.60 19.54
N PHE Q 84 35.68 32.85 18.53
CA PHE Q 84 37.09 32.53 18.35
C PHE Q 84 37.56 32.97 16.99
N CYS Q 85 38.74 33.59 16.95
CA CYS Q 85 39.45 33.95 15.73
C CYS Q 85 40.87 33.47 15.86
N ALA Q 86 41.35 32.72 14.88
CA ALA Q 86 42.73 32.29 14.96
C ALA Q 86 43.22 31.87 13.59
N VAL Q 87 44.50 32.12 13.38
CA VAL Q 87 45.28 31.50 12.32
C VAL Q 87 46.48 30.82 12.98
N THR Q 88 46.79 29.61 12.53
CA THR Q 88 47.95 28.90 13.08
C THR Q 88 49.21 29.73 12.87
N SER Q 89 50.13 29.63 13.82
CA SER Q 89 51.27 30.55 13.85
C SER Q 89 52.11 30.45 12.58
N ASN Q 90 52.18 29.27 11.96
CA ASN Q 90 53.00 29.10 10.76
C ASN Q 90 52.43 29.80 9.53
N GLU Q 91 51.16 30.17 9.55
CA GLU Q 91 50.53 30.80 8.40
C GLU Q 91 50.16 32.26 8.64
N GLN Q 92 50.65 32.86 9.72
CA GLN Q 92 50.32 34.25 9.98
C GLN Q 92 51.16 35.16 9.09
N VAL Q 93 50.85 36.45 9.17
CA VAL Q 93 51.47 37.52 8.38
C VAL Q 93 51.43 37.17 6.89
N LYS Q 94 50.30 36.64 6.43
CA LYS Q 94 50.11 36.35 5.02
C LYS Q 94 48.74 36.82 4.52
N GLY Q 95 48.08 37.70 5.27
CA GLY Q 95 46.78 38.22 4.88
C GLY Q 95 45.66 37.22 4.99
N TYR Q 96 45.83 36.17 5.79
CA TYR Q 96 44.81 35.15 5.92
C TYR Q 96 43.70 35.58 6.85
N GLY Q 97 44.06 36.26 7.95
CA GLY Q 97 43.05 36.76 8.85
C GLY Q 97 42.07 37.72 8.19
N THR Q 98 42.52 38.43 7.16
CA THR Q 98 41.66 39.37 6.47
C THR Q 98 40.75 38.67 5.48
N HIS Q 99 41.28 37.70 4.75
CA HIS Q 99 40.41 36.94 3.87
C HIS Q 99 39.35 36.18 4.66
N LEU Q 100 39.70 35.73 5.86
CA LEU Q 100 38.74 35.02 6.69
C LEU Q 100 37.62 35.94 7.12
N MET Q 101 37.96 37.11 7.64
CA MET Q 101 36.94 38.03 8.11
C MET Q 101 36.07 38.49 6.96
N ASN Q 102 36.67 38.73 5.79
CA ASN Q 102 35.90 39.18 4.63
C ASN Q 102 34.92 38.11 4.17
N HIS Q 103 35.35 36.85 4.14
CA HIS Q 103 34.43 35.77 3.77
C HIS Q 103 33.29 35.69 4.76
N LEU Q 104 33.59 35.88 6.04
CA LEU Q 104 32.54 35.89 7.04
C LEU Q 104 31.60 37.07 6.83
N LYS Q 105 32.12 38.20 6.35
CA LYS Q 105 31.26 39.35 6.09
C LYS Q 105 30.33 39.07 4.91
N GLU Q 106 30.87 38.52 3.82
CA GLU Q 106 30.00 38.23 2.70
C GLU Q 106 29.00 37.16 3.06
N TYR Q 107 29.40 36.20 3.90
CA TYR Q 107 28.48 35.15 4.26
C TYR Q 107 27.28 35.70 5.00
N HIS Q 108 27.51 36.67 5.88
CA HIS Q 108 26.44 37.19 6.71
C HIS Q 108 25.57 38.18 5.95
N ILE Q 109 26.12 38.90 4.99
CA ILE Q 109 25.28 39.77 4.19
C ILE Q 109 24.33 38.95 3.34
N LYS Q 110 24.77 37.80 2.87
CA LYS Q 110 23.87 36.91 2.16
C LYS Q 110 22.81 36.31 3.08
N HIS Q 111 23.01 36.39 4.39
CA HIS Q 111 22.04 35.87 5.36
C HIS Q 111 21.35 36.98 6.14
N ASN Q 112 21.49 38.23 5.68
CA ASN Q 112 20.75 39.36 6.22
C ASN Q 112 21.12 39.65 7.66
N ILE Q 113 22.40 39.51 7.99
CA ILE Q 113 22.94 39.92 9.27
C ILE Q 113 24.00 40.96 9.00
N LEU Q 114 23.83 42.14 9.57
CA LEU Q 114 24.66 43.29 9.25
C LEU Q 114 25.51 43.77 10.41
N TYR Q 115 25.47 43.09 11.56
CA TYR Q 115 26.22 43.51 12.73
C TYR Q 115 26.95 42.34 13.37
N PHE Q 116 28.26 42.50 13.55
CA PHE Q 116 29.09 41.63 14.35
C PHE Q 116 29.27 42.23 15.73
N LEU Q 117 29.39 41.38 16.73
CA LEU Q 117 29.73 41.80 18.07
C LEU Q 117 30.73 40.81 18.64
N THR Q 118 31.60 41.31 19.50
CA THR Q 118 32.65 40.45 20.02
C THR Q 118 33.19 41.08 21.28
N TYR Q 119 33.54 40.24 22.23
CA TYR Q 119 34.27 40.64 23.42
C TYR Q 119 35.71 40.20 23.23
N ALA Q 120 36.62 41.16 23.12
CA ALA Q 120 37.96 40.90 22.63
C ALA Q 120 39.02 40.98 23.73
N ASP Q 121 40.04 40.13 23.63
CA ASP Q 121 41.23 40.22 24.46
C ASP Q 121 41.90 41.57 24.24
N GLU Q 122 42.89 41.86 25.09
CA GLU Q 122 43.84 42.88 24.68
C GLU Q 122 44.56 42.46 23.42
N TYR Q 123 44.83 41.17 23.29
CA TYR Q 123 45.63 40.67 22.19
C TYR Q 123 44.85 40.52 20.91
N ALA Q 124 43.54 40.77 20.95
CA ALA Q 124 42.71 40.66 19.76
C ALA Q 124 42.19 42.00 19.27
N ILE Q 125 42.24 43.05 20.11
CA ILE Q 125 41.70 44.35 19.74
C ILE Q 125 42.34 44.88 18.46
N GLY Q 126 43.66 44.74 18.35
CA GLY Q 126 44.34 45.23 17.16
C GLY Q 126 43.84 44.57 15.89
N TYR Q 127 43.72 43.25 15.91
CA TYR Q 127 43.16 42.56 14.75
C TYR Q 127 41.77 43.08 14.42
N PHE Q 128 40.89 43.18 15.41
CA PHE Q 128 39.54 43.61 15.12
C PHE Q 128 39.52 45.04 14.61
N LYS Q 129 40.36 45.89 15.19
CA LYS Q 129 40.47 47.27 14.71
C LYS Q 129 40.90 47.31 13.26
N LYS Q 130 41.86 46.46 12.88
CA LYS Q 130 42.27 46.33 11.49
C LYS Q 130 41.15 45.79 10.60
N GLN Q 131 40.14 45.18 11.17
CA GLN Q 131 39.07 44.61 10.37
C GLN Q 131 37.82 45.48 10.33
N GLY Q 132 37.87 46.66 10.93
CA GLY Q 132 36.74 47.56 10.85
C GLY Q 132 35.83 47.54 12.06
N PHE Q 133 36.29 47.05 13.18
CA PHE Q 133 35.47 47.03 14.38
C PHE Q 133 35.72 48.30 15.18
N SER Q 134 34.74 48.64 16.02
CA SER Q 134 34.79 49.87 16.78
C SER Q 134 34.36 49.59 18.21
N LYS Q 135 34.85 50.41 19.13
CA LYS Q 135 34.44 50.36 20.53
C LYS Q 135 33.14 51.11 20.79
N ASP Q 136 32.56 51.73 19.77
CA ASP Q 136 31.31 52.46 19.89
C ASP Q 136 30.18 51.58 19.37
N ILE Q 137 29.33 51.11 20.26
CA ILE Q 137 28.35 50.08 19.94
C ILE Q 137 27.06 50.76 19.51
N LYS Q 138 26.70 50.59 18.24
CA LYS Q 138 25.44 51.16 17.77
C LYS Q 138 24.25 50.37 18.31
N VAL Q 139 24.35 49.05 18.32
CA VAL Q 139 23.32 48.11 18.79
C VAL Q 139 22.92 48.48 20.21
N PRO Q 140 21.63 48.52 20.51
CA PRO Q 140 21.23 48.89 21.88
C PRO Q 140 21.48 47.76 22.86
N LYS Q 141 21.88 48.14 24.07
CA LYS Q 141 22.31 47.16 25.06
C LYS Q 141 21.24 46.12 25.33
N SER Q 142 19.96 46.52 25.23
CA SER Q 142 18.88 45.57 25.44
C SER Q 142 18.87 44.45 24.42
N ARG Q 143 19.63 44.57 23.34
CA ARG Q 143 19.52 43.59 22.27
C ARG Q 143 20.57 42.50 22.36
N TYR Q 144 21.68 42.75 23.01
CA TYR Q 144 22.72 41.76 23.11
C TYR Q 144 23.00 41.31 24.54
N LEU Q 145 22.68 42.11 25.54
CA LEU Q 145 23.01 41.76 26.90
C LEU Q 145 22.30 40.47 27.31
N GLY Q 146 23.06 39.49 27.76
CA GLY Q 146 22.51 38.24 28.17
C GLY Q 146 22.58 37.16 27.11
N TYR Q 147 22.66 37.54 25.84
CA TYR Q 147 22.82 36.58 24.75
C TYR Q 147 24.27 36.21 24.52
N ILE Q 148 25.14 37.21 24.46
CA ILE Q 148 26.58 37.01 24.43
C ILE Q 148 27.07 37.21 25.84
N LYS Q 149 28.22 36.61 26.16
CA LYS Q 149 28.76 36.69 27.52
C LYS Q 149 29.82 37.78 27.63
N ASP Q 150 29.64 38.70 28.58
CA ASP Q 150 30.44 39.92 28.71
C ASP Q 150 31.45 39.75 29.84
N TYR Q 151 32.51 39.01 29.55
CA TYR Q 151 33.52 38.74 30.57
C TYR Q 151 34.16 40.02 31.06
N GLU Q 152 34.36 40.09 32.37
CA GLU Q 152 34.97 41.25 32.97
C GLU Q 152 36.35 41.49 32.35
N GLY Q 153 36.62 42.73 31.99
CA GLY Q 153 37.87 43.10 31.37
C GLY Q 153 37.88 43.00 29.85
N ALA Q 154 37.06 42.13 29.27
CA ALA Q 154 36.94 42.08 27.82
C ALA Q 154 36.37 43.38 27.29
N THR Q 155 36.65 43.64 26.02
CA THR Q 155 36.24 44.87 25.36
C THR Q 155 35.22 44.54 24.29
N LEU Q 156 34.00 45.06 24.47
CA LEU Q 156 32.96 44.89 23.47
C LEU Q 156 33.32 45.72 22.25
N MET Q 157 33.35 45.07 21.10
CA MET Q 157 33.58 45.76 19.84
C MET Q 157 32.53 45.34 18.83
N GLU Q 158 32.29 46.22 17.86
CA GLU Q 158 31.21 46.03 16.91
C GLU Q 158 31.72 46.33 15.52
N CYS Q 159 31.19 45.62 14.54
CA CYS Q 159 31.45 45.92 13.15
C CYS Q 159 30.13 46.01 12.41
N GLU Q 160 29.94 47.11 11.70
CA GLU Q 160 28.72 47.33 10.93
C GLU Q 160 29.00 47.00 9.48
N LEU Q 161 28.19 46.13 8.90
CA LEU Q 161 28.46 45.61 7.56
C LEU Q 161 27.70 46.40 6.52
N ASN Q 162 28.24 46.42 5.30
CA ASN Q 162 27.63 47.16 4.19
C ASN Q 162 27.18 46.23 3.09
N PRO Q 163 25.87 46.04 2.88
CA PRO Q 163 25.39 45.09 1.87
C PRO Q 163 25.76 45.45 0.45
N ARG Q 164 26.03 46.72 0.16
CA ARG Q 164 26.33 47.15 -1.19
C ARG Q 164 27.79 46.95 -1.54
N ILE Q 165 28.60 46.52 -0.59
CA ILE Q 165 30.04 46.36 -0.78
C ILE Q 165 30.33 44.91 -1.18
N PRO Q 166 31.16 44.67 -2.17
CA PRO Q 166 31.66 43.30 -2.43
C PRO Q 166 32.89 43.01 -1.60
N TYR Q 167 32.71 42.19 -0.57
CA TYR Q 167 33.82 41.93 0.35
C TYR Q 167 34.80 40.90 -0.22
N THR Q 168 34.29 39.91 -0.97
CA THR Q 168 35.13 38.94 -1.65
C THR Q 168 35.01 39.05 -3.17
N ILE R 4 -29.85 29.91 30.51
CA ILE R 4 -28.69 29.02 30.39
C ILE R 4 -27.59 29.79 29.68
N ILE R 5 -26.36 29.65 30.15
CA ILE R 5 -25.31 30.59 29.80
C ILE R 5 -23.96 29.88 29.77
N GLU R 6 -23.24 30.04 28.66
CA GLU R 6 -21.95 29.43 28.44
C GLU R 6 -20.94 30.49 28.03
N PHE R 7 -19.66 30.15 28.16
CA PHE R 7 -18.54 30.99 27.73
C PHE R 7 -17.69 30.17 26.77
N HIS R 8 -17.49 30.68 25.55
CA HIS R 8 -16.72 29.95 24.55
C HIS R 8 -15.68 30.88 23.95
N VAL R 9 -14.43 30.43 23.95
CA VAL R 9 -13.37 31.11 23.20
C VAL R 9 -13.40 30.56 21.78
N ILE R 10 -13.77 31.40 20.83
CA ILE R 10 -13.94 30.98 19.44
C ILE R 10 -13.14 31.91 18.53
N GLY R 11 -13.09 31.53 17.26
CA GLY R 11 -12.34 32.28 16.29
C GLY R 11 -12.27 31.55 14.97
N ASN R 12 -11.42 32.07 14.09
CA ASN R 12 -11.12 31.44 12.82
C ASN R 12 -9.70 30.92 12.87
N SER R 13 -9.53 29.60 12.74
CA SER R 13 -8.19 29.02 12.63
C SER R 13 -7.92 28.69 11.16
N LEU R 14 -7.72 29.77 10.40
CA LEU R 14 -7.48 29.72 8.96
C LEU R 14 -8.59 28.97 8.24
N ASN R 19 -16.99 25.08 11.45
CA ASN R 19 -18.20 24.92 12.26
C ASN R 19 -19.22 25.98 11.89
N ARG R 20 -20.43 25.54 11.59
CA ARG R 20 -21.47 26.47 11.17
C ARG R 20 -22.08 27.23 12.34
N ARG R 21 -22.20 26.56 13.50
CA ARG R 21 -22.76 27.23 14.67
C ARG R 21 -21.85 28.35 15.14
N VAL R 22 -20.55 28.16 15.02
CA VAL R 22 -19.60 29.15 15.49
C VAL R 22 -19.64 30.39 14.60
N LEU R 23 -19.60 30.20 13.29
CA LEU R 23 -19.50 31.41 12.49
C LEU R 23 -20.77 32.23 12.49
N LEU R 24 -21.89 31.70 12.98
CA LEU R 24 -23.02 32.57 13.24
C LEU R 24 -22.85 33.31 14.55
N TRP R 25 -22.22 32.68 15.52
CA TRP R 25 -21.83 33.42 16.71
C TRP R 25 -20.87 34.54 16.34
N LEU R 26 -19.94 34.26 15.43
CA LEU R 26 -19.03 35.31 14.96
C LEU R 26 -19.79 36.42 14.25
N VAL R 27 -20.83 36.07 13.49
CA VAL R 27 -21.65 37.10 12.87
C VAL R 27 -22.38 37.89 13.93
N GLY R 28 -22.79 37.22 15.00
CA GLY R 28 -23.52 37.90 16.06
C GLY R 28 -22.65 38.88 16.80
N LEU R 29 -21.42 38.47 17.11
CA LEU R 29 -20.48 39.36 17.77
C LEU R 29 -20.13 40.54 16.88
N GLN R 30 -20.09 40.32 15.57
CA GLN R 30 -19.84 41.41 14.65
C GLN R 30 -20.99 42.40 14.66
N ASN R 31 -22.23 41.91 14.70
CA ASN R 31 -23.36 42.82 14.76
C ASN R 31 -23.42 43.56 16.10
N VAL R 32 -23.00 42.89 17.18
CA VAL R 32 -23.01 43.53 18.49
C VAL R 32 -21.93 44.59 18.56
N PHE R 33 -20.71 44.23 18.16
CA PHE R 33 -19.63 45.20 18.14
C PHE R 33 -19.95 46.36 17.21
N SER R 34 -20.51 46.06 16.04
CA SER R 34 -20.77 47.14 15.10
C SER R 34 -21.91 48.03 15.57
N HIS R 35 -22.83 47.50 16.36
CA HIS R 35 -23.93 48.33 16.86
C HIS R 35 -23.45 49.27 17.96
N GLN R 36 -22.48 48.84 18.76
CA GLN R 36 -21.91 49.66 19.83
C GLN R 36 -21.00 50.74 19.28
N LEU R 37 -20.34 50.49 18.16
CA LEU R 37 -19.42 51.44 17.53
C LEU R 37 -19.93 51.77 16.13
N PRO R 38 -21.00 52.54 16.04
CA PRO R 38 -21.58 52.85 14.73
C PRO R 38 -20.68 53.67 13.83
N ARG R 39 -19.62 54.26 14.35
CA ARG R 39 -18.80 55.12 13.51
C ARG R 39 -17.51 54.44 13.06
N MET R 40 -17.27 53.27 13.51
CA MET R 40 -16.25 52.50 12.84
C MET R 40 -16.86 51.75 11.67
N PRO R 41 -16.12 51.55 10.58
CA PRO R 41 -16.68 50.78 9.47
C PRO R 41 -16.93 49.34 9.89
N LYS R 42 -18.12 48.84 9.50
CA LYS R 42 -18.48 47.46 9.81
C LYS R 42 -17.54 46.48 9.15
N GLU R 43 -16.99 46.82 7.98
CA GLU R 43 -16.06 45.95 7.29
C GLU R 43 -14.77 45.77 8.06
N TYR R 44 -14.41 46.78 8.87
CA TYR R 44 -13.22 46.68 9.71
C TYR R 44 -13.46 45.76 10.88
N ILE R 45 -14.61 45.90 11.55
CA ILE R 45 -14.94 45.02 12.66
C ILE R 45 -15.03 43.58 12.18
N ALA R 46 -15.66 43.37 11.03
CA ALA R 46 -15.78 42.03 10.49
C ALA R 46 -14.42 41.46 10.16
N ARG R 47 -13.54 42.28 9.60
CA ARG R 47 -12.20 41.80 9.29
C ARG R 47 -11.46 41.40 10.56
N LEU R 48 -11.72 42.09 11.67
CA LEU R 48 -11.04 41.74 12.91
C LEU R 48 -11.66 40.52 13.57
N VAL R 49 -12.99 40.49 13.66
CA VAL R 49 -13.65 39.38 14.31
C VAL R 49 -13.37 38.06 13.60
N PHE R 50 -13.20 38.10 12.28
CA PHE R 50 -12.93 36.90 11.50
C PHE R 50 -11.46 36.71 11.18
N ASP R 51 -10.58 37.49 11.80
CA ASP R 51 -9.15 37.32 11.62
C ASP R 51 -8.66 36.10 12.40
N PRO R 52 -7.74 35.32 11.82
CA PRO R 52 -7.20 34.17 12.57
C PRO R 52 -6.46 34.55 13.84
N LYS R 53 -5.71 35.65 13.81
CA LYS R 53 -4.94 36.04 14.97
C LYS R 53 -5.77 36.79 16.02
N HIS R 54 -7.09 36.87 15.85
CA HIS R 54 -7.98 37.45 16.85
C HIS R 54 -8.98 36.39 17.28
N LYS R 55 -9.11 36.21 18.58
CA LYS R 55 -10.08 35.29 19.16
C LYS R 55 -11.14 36.09 19.90
N THR R 56 -12.28 35.46 20.13
CA THR R 56 -13.37 36.12 20.82
C THR R 56 -13.92 35.18 21.88
N LEU R 57 -13.87 35.62 23.12
CA LEU R 57 -14.55 34.94 24.21
C LEU R 57 -16.01 35.34 24.13
N ALA R 58 -16.84 34.46 23.59
CA ALA R 58 -18.24 34.75 23.36
C ALA R 58 -19.06 34.44 24.60
N LEU R 59 -19.97 35.35 24.95
CA LEU R 59 -20.95 35.15 26.01
C LEU R 59 -22.26 34.67 25.39
N ILE R 60 -22.58 33.40 25.59
CA ILE R 60 -23.72 32.73 24.95
C ILE R 60 -24.83 32.52 25.96
N LYS R 61 -26.05 32.91 25.59
CA LYS R 61 -27.23 32.66 26.41
C LYS R 61 -28.32 32.04 25.56
N ASP R 62 -28.70 30.81 25.90
CA ASP R 62 -29.75 30.11 25.16
C ASP R 62 -29.39 29.96 23.69
N GLY R 63 -28.11 29.70 23.43
CA GLY R 63 -27.62 29.48 22.09
C GLY R 63 -27.24 30.73 21.32
N ARG R 64 -27.50 31.92 21.85
CA ARG R 64 -27.32 33.18 21.16
C ARG R 64 -26.15 33.96 21.74
N VAL R 65 -25.53 34.78 20.89
CA VAL R 65 -24.49 35.70 21.33
C VAL R 65 -25.16 36.90 21.96
N ILE R 66 -24.87 37.13 23.24
CA ILE R 66 -25.30 38.37 23.90
C ILE R 66 -24.13 39.26 24.29
N GLY R 67 -22.91 38.79 24.16
CA GLY R 67 -21.77 39.65 24.41
C GLY R 67 -20.49 38.95 24.04
N GLY R 68 -19.39 39.64 24.27
CA GLY R 68 -18.10 39.01 24.04
C GLY R 68 -16.98 40.01 24.21
N ILE R 69 -15.78 39.47 24.25
CA ILE R 69 -14.55 40.24 24.25
C ILE R 69 -13.70 39.75 23.09
N CYS R 70 -13.43 40.63 22.14
CA CYS R 70 -12.49 40.33 21.06
C CYS R 70 -11.09 40.75 21.49
N PHE R 71 -10.14 39.82 21.40
CA PHE R 71 -8.78 40.07 21.86
C PHE R 71 -7.79 39.44 20.89
N ARG R 72 -6.54 39.87 21.00
CA ARG R 72 -5.44 39.27 20.26
C ARG R 72 -4.30 38.95 21.20
N MET R 73 -3.89 37.68 21.26
CA MET R 73 -2.81 37.28 22.13
C MET R 73 -1.46 37.54 21.47
N PHE R 74 -0.55 38.16 22.20
CA PHE R 74 0.81 38.36 21.74
C PHE R 74 1.73 37.62 22.70
N PRO R 75 1.77 36.28 22.63
CA PRO R 75 2.62 35.53 23.55
C PRO R 75 4.08 35.91 23.45
N THR R 76 4.57 36.23 22.26
CA THR R 76 5.94 36.67 22.10
C THR R 76 6.20 37.96 22.85
N GLN R 77 5.18 38.81 22.98
CA GLN R 77 5.33 40.10 23.62
C GLN R 77 4.90 40.09 25.07
N GLY R 78 4.22 39.04 25.51
CA GLY R 78 3.84 38.93 26.90
C GLY R 78 2.55 39.62 27.26
N PHE R 79 1.72 39.96 26.30
CA PHE R 79 0.50 40.67 26.63
C PHE R 79 -0.59 40.31 25.63
N THR R 80 -1.80 40.68 25.97
CA THR R 80 -2.97 40.54 25.11
C THR R 80 -3.63 41.90 24.96
N GLU R 81 -4.13 42.17 23.77
CA GLU R 81 -4.81 43.41 23.45
C GLU R 81 -6.31 43.19 23.47
N ILE R 82 -7.01 43.82 24.39
CA ILE R 82 -8.47 43.83 24.39
C ILE R 82 -8.92 44.80 23.31
N VAL R 83 -9.64 44.29 22.32
CA VAL R 83 -10.04 45.09 21.17
C VAL R 83 -11.47 45.55 21.34
N PHE R 84 -12.40 44.62 21.32
CA PHE R 84 -13.81 44.93 21.46
C PHE R 84 -14.34 44.26 22.72
N CYS R 85 -15.37 44.87 23.29
CA CYS R 85 -15.84 44.48 24.62
C CYS R 85 -17.27 44.96 24.74
N ALA R 86 -18.21 44.03 24.71
CA ALA R 86 -19.59 44.46 24.63
C ALA R 86 -20.53 43.40 25.19
N VAL R 87 -21.60 43.87 25.81
CA VAL R 87 -22.77 43.07 26.13
C VAL R 87 -23.95 43.78 25.52
N THR R 88 -24.83 43.03 24.86
CA THR R 88 -25.92 43.66 24.16
C THR R 88 -26.86 44.34 25.15
N SER R 89 -27.49 45.42 24.70
CA SER R 89 -28.10 46.37 25.63
C SER R 89 -29.15 45.70 26.51
N ASN R 90 -29.92 44.78 25.94
CA ASN R 90 -30.97 44.11 26.70
C ASN R 90 -30.45 43.21 27.81
N GLU R 91 -29.13 43.04 27.94
CA GLU R 91 -28.56 42.18 28.97
C GLU R 91 -27.53 42.91 29.82
N GLN R 92 -27.51 44.23 29.77
CA GLN R 92 -26.56 44.96 30.59
C GLN R 92 -27.08 45.11 32.01
N VAL R 93 -26.17 45.50 32.90
CA VAL R 93 -26.43 45.60 34.34
C VAL R 93 -27.01 44.27 34.81
N LYS R 94 -26.27 43.18 34.56
CA LYS R 94 -26.59 41.88 35.12
C LYS R 94 -25.34 41.18 35.61
N GLY R 95 -24.19 41.85 35.57
CA GLY R 95 -22.95 41.25 35.96
C GLY R 95 -22.27 40.46 34.88
N TYR R 96 -22.79 40.51 33.65
CA TYR R 96 -22.19 39.73 32.59
C TYR R 96 -20.84 40.31 32.17
N GLY R 97 -20.69 41.63 32.23
CA GLY R 97 -19.42 42.22 31.88
C GLY R 97 -18.28 41.73 32.76
N THR R 98 -18.55 41.63 34.06
CA THR R 98 -17.53 41.15 34.98
C THR R 98 -17.28 39.67 34.81
N HIS R 99 -18.33 38.89 34.57
CA HIS R 99 -18.12 37.47 34.36
C HIS R 99 -17.33 37.23 33.08
N LEU R 100 -17.56 38.05 32.06
CA LEU R 100 -16.82 37.91 30.82
C LEU R 100 -15.33 38.10 31.04
N MET R 101 -14.93 39.22 31.64
CA MET R 101 -13.50 39.47 31.76
C MET R 101 -12.85 38.51 32.74
N ASN R 102 -13.58 38.08 33.77
CA ASN R 102 -13.04 37.11 34.69
C ASN R 102 -12.75 35.78 33.99
N HIS R 103 -13.64 35.33 33.11
CA HIS R 103 -13.35 34.15 32.32
C HIS R 103 -12.16 34.38 31.40
N LEU R 104 -11.98 35.60 30.92
CA LEU R 104 -10.83 35.92 30.08
C LEU R 104 -9.57 35.96 30.91
N LYS R 105 -9.65 36.45 32.13
CA LYS R 105 -8.49 36.45 33.01
C LYS R 105 -8.06 35.04 33.37
N GLU R 106 -9.00 34.14 33.64
CA GLU R 106 -8.61 32.77 33.94
C GLU R 106 -8.02 32.09 32.70
N TYR R 107 -8.63 32.32 31.55
CA TYR R 107 -8.10 31.75 30.32
C TYR R 107 -6.66 32.17 30.07
N HIS R 108 -6.31 33.38 30.50
CA HIS R 108 -4.99 33.88 30.18
C HIS R 108 -3.92 33.45 31.17
N ILE R 109 -4.26 33.21 32.43
CA ILE R 109 -3.22 32.74 33.35
C ILE R 109 -2.88 31.28 33.08
N LYS R 110 -3.83 30.53 32.52
CA LYS R 110 -3.51 29.20 32.04
C LYS R 110 -2.48 29.25 30.92
N HIS R 111 -2.43 30.35 30.18
CA HIS R 111 -1.50 30.51 29.06
C HIS R 111 -0.29 31.37 29.41
N ASN R 112 -0.09 31.70 30.68
CA ASN R 112 1.08 32.46 31.12
C ASN R 112 1.16 33.81 30.39
N ILE R 113 0.00 34.43 30.19
CA ILE R 113 -0.08 35.81 29.77
C ILE R 113 -0.74 36.56 30.91
N LEU R 114 -0.01 37.49 31.51
CA LEU R 114 -0.45 38.10 32.75
C LEU R 114 -0.66 39.60 32.64
N TYR R 115 -0.60 40.16 31.43
CA TYR R 115 -0.86 41.57 31.22
C TYR R 115 -1.86 41.72 30.08
N PHE R 116 -2.95 42.45 30.34
CA PHE R 116 -3.85 42.95 29.32
C PHE R 116 -3.49 44.39 29.01
N LEU R 117 -3.46 44.73 27.72
CA LEU R 117 -3.36 46.11 27.28
C LEU R 117 -4.58 46.44 26.42
N THR R 118 -5.05 47.68 26.54
CA THR R 118 -6.21 48.11 25.75
C THR R 118 -6.11 49.60 25.51
N TYR R 119 -6.61 50.04 24.37
CA TYR R 119 -6.74 51.46 24.06
C TYR R 119 -8.22 51.80 24.15
N ALA R 120 -8.60 52.42 25.26
CA ALA R 120 -10.00 52.58 25.63
C ALA R 120 -10.51 53.94 25.19
N ASP R 121 -11.70 53.95 24.63
CA ASP R 121 -12.32 55.22 24.29
C ASP R 121 -12.89 55.84 25.55
N GLU R 122 -13.43 57.05 25.38
CA GLU R 122 -13.95 57.84 26.49
C GLU R 122 -15.02 57.08 27.26
N TYR R 123 -15.75 56.20 26.59
CA TYR R 123 -16.91 55.55 27.20
C TYR R 123 -16.61 54.19 27.79
N ALA R 124 -15.45 53.62 27.51
CA ALA R 124 -15.09 52.32 28.07
C ALA R 124 -14.24 52.41 29.33
N ILE R 125 -13.78 53.60 29.70
CA ILE R 125 -12.78 53.71 30.76
C ILE R 125 -13.32 53.22 32.09
N GLY R 126 -14.53 53.62 32.43
CA GLY R 126 -15.09 53.23 33.71
C GLY R 126 -15.24 51.73 33.85
N TYR R 127 -15.56 51.07 32.74
CA TYR R 127 -15.66 49.62 32.76
C TYR R 127 -14.31 48.98 33.04
N PHE R 128 -13.26 49.48 32.40
CA PHE R 128 -11.94 48.91 32.63
C PHE R 128 -11.43 49.24 34.02
N LYS R 129 -11.72 50.44 34.53
CA LYS R 129 -11.36 50.75 35.90
C LYS R 129 -12.02 49.80 36.88
N LYS R 130 -13.26 49.39 36.60
CA LYS R 130 -13.94 48.45 37.48
C LYS R 130 -13.41 47.03 37.34
N GLN R 131 -12.72 46.72 36.27
CA GLN R 131 -12.18 45.39 36.08
C GLN R 131 -10.73 45.27 36.51
N GLY R 132 -10.15 46.33 37.04
CA GLY R 132 -8.79 46.28 37.53
C GLY R 132 -7.78 47.00 36.68
N PHE R 133 -8.20 47.65 35.61
CA PHE R 133 -7.27 48.31 34.70
C PHE R 133 -6.80 49.62 35.28
N SER R 134 -5.61 50.02 34.86
CA SER R 134 -4.99 51.22 35.38
C SER R 134 -4.41 51.99 34.20
N LYS R 135 -4.26 53.30 34.38
CA LYS R 135 -3.55 54.12 33.41
C LYS R 135 -2.05 54.09 33.59
N ASP R 136 -1.54 53.42 34.63
CA ASP R 136 -0.10 53.33 34.86
C ASP R 136 0.39 52.05 34.20
N ILE R 137 1.21 52.20 33.17
CA ILE R 137 1.57 51.10 32.29
C ILE R 137 2.90 50.56 32.75
N LYS R 138 2.95 49.27 33.08
CA LYS R 138 4.22 48.69 33.45
C LYS R 138 4.91 48.02 32.27
N VAL R 139 4.15 47.59 31.27
CA VAL R 139 4.80 47.04 30.07
C VAL R 139 5.59 48.15 29.40
N PRO R 140 6.83 47.91 29.02
CA PRO R 140 7.63 48.99 28.42
C PRO R 140 7.13 49.36 27.04
N LYS R 141 7.30 50.64 26.71
CA LYS R 141 6.77 51.15 25.46
C LYS R 141 7.35 50.39 24.28
N SER R 142 8.61 49.97 24.37
CA SER R 142 9.24 49.22 23.30
C SER R 142 8.61 47.87 23.02
N ARG R 143 7.66 47.40 23.83
CA ARG R 143 7.12 46.07 23.63
C ARG R 143 5.69 46.02 23.14
N TYR R 144 4.98 47.14 23.14
CA TYR R 144 3.65 47.19 22.54
C TYR R 144 3.53 48.21 21.43
N LEU R 145 4.35 49.24 21.39
CA LEU R 145 4.25 50.23 20.34
C LEU R 145 4.41 49.57 18.98
N GLY R 146 3.40 49.74 18.13
CA GLY R 146 3.42 49.16 16.81
C GLY R 146 2.76 47.82 16.69
N TYR R 147 2.62 47.10 17.80
CA TYR R 147 1.86 45.87 17.77
C TYR R 147 0.37 46.14 17.97
N ILE R 148 0.05 47.07 18.87
CA ILE R 148 -1.30 47.58 19.07
C ILE R 148 -1.35 49.00 18.50
N LYS R 149 -2.54 49.40 18.02
CA LYS R 149 -2.70 50.70 17.39
C LYS R 149 -2.97 51.77 18.43
N ASP R 150 -2.12 52.81 18.43
CA ASP R 150 -2.24 53.96 19.31
C ASP R 150 -3.17 54.98 18.67
N TYR R 151 -4.47 54.77 18.86
CA TYR R 151 -5.43 55.68 18.28
C TYR R 151 -5.44 57.00 19.05
N GLU R 152 -5.37 58.10 18.32
CA GLU R 152 -5.45 59.42 18.94
C GLU R 152 -6.73 59.53 19.77
N GLY R 153 -6.59 60.07 20.98
CA GLY R 153 -7.71 60.26 21.86
C GLY R 153 -8.08 59.04 22.67
N ALA R 154 -7.59 57.87 22.29
CA ALA R 154 -7.77 56.69 23.11
C ALA R 154 -6.79 56.73 24.26
N THR R 155 -7.19 56.11 25.36
CA THR R 155 -6.42 56.09 26.59
C THR R 155 -5.92 54.67 26.82
N LEU R 156 -4.61 54.52 26.91
CA LEU R 156 -4.02 53.22 27.11
C LEU R 156 -4.24 52.79 28.55
N MET R 157 -4.70 51.58 28.74
CA MET R 157 -4.90 51.05 30.07
C MET R 157 -4.39 49.63 30.12
N GLU R 158 -4.07 49.18 31.33
CA GLU R 158 -3.35 47.92 31.51
C GLU R 158 -3.89 47.20 32.73
N CYS R 159 -3.92 45.88 32.66
CA CYS R 159 -4.32 45.05 33.78
C CYS R 159 -3.23 44.03 34.05
N GLU R 160 -2.78 43.93 35.30
CA GLU R 160 -1.84 42.90 35.70
C GLU R 160 -2.60 41.79 36.40
N LEU R 161 -2.45 40.57 35.92
CA LEU R 161 -3.17 39.42 36.45
C LEU R 161 -2.34 38.68 37.50
N ASN R 162 -3.02 38.15 38.51
CA ASN R 162 -2.36 37.35 39.52
C ASN R 162 -2.56 35.88 39.18
N PRO R 163 -1.49 35.12 38.89
CA PRO R 163 -1.67 33.73 38.48
C PRO R 163 -1.90 32.78 39.65
N ARG R 164 -1.74 33.24 40.88
CA ARG R 164 -1.93 32.40 42.05
C ARG R 164 -3.34 32.47 42.58
N ILE R 165 -4.27 33.06 41.84
CA ILE R 165 -5.56 33.39 42.43
C ILE R 165 -6.72 32.96 41.53
N PRO R 166 -7.83 32.52 42.12
CA PRO R 166 -9.04 32.25 41.34
C PRO R 166 -9.63 33.52 40.74
N TYR R 167 -10.18 33.38 39.54
CA TYR R 167 -11.04 34.41 38.97
C TYR R 167 -12.44 33.92 38.64
N THR R 168 -12.58 32.65 38.28
CA THR R 168 -13.89 32.07 37.94
C THR R 168 -14.30 30.92 38.87
N ILE S 4 22.64 -23.27 -42.83
CA ILE S 4 22.04 -23.60 -41.55
C ILE S 4 20.73 -24.34 -41.74
N ILE S 5 20.35 -25.13 -40.74
CA ILE S 5 18.97 -25.61 -40.58
C ILE S 5 18.64 -25.54 -39.11
N GLU S 6 17.48 -24.97 -38.79
CA GLU S 6 17.02 -24.88 -37.42
C GLU S 6 15.70 -25.64 -37.29
N PHE S 7 15.43 -26.16 -36.10
CA PHE S 7 14.13 -26.71 -35.76
C PHE S 7 13.60 -25.95 -34.56
N HIS S 8 12.41 -25.41 -34.68
CA HIS S 8 11.78 -24.69 -33.58
C HIS S 8 10.32 -25.10 -33.49
N VAL S 9 9.89 -25.48 -32.29
CA VAL S 9 8.48 -25.72 -32.05
C VAL S 9 7.85 -24.38 -31.69
N ILE S 10 6.96 -23.89 -32.55
CA ILE S 10 6.38 -22.56 -32.39
C ILE S 10 4.87 -22.66 -32.36
N GLY S 11 4.23 -21.53 -32.10
CA GLY S 11 2.77 -21.47 -32.00
C GLY S 11 2.36 -20.16 -31.37
N ASN S 12 1.13 -20.10 -30.88
CA ASN S 12 0.63 -18.90 -30.23
C ASN S 12 0.43 -19.10 -28.74
N SER S 13 0.26 -17.96 -28.05
CA SER S 13 0.12 -17.94 -26.59
C SER S 13 -1.07 -17.11 -26.14
N ALA S 18 2.34 -13.87 -30.94
CA ALA S 18 3.13 -14.37 -29.81
C ALA S 18 4.41 -13.56 -29.71
N ASN S 19 4.98 -13.41 -30.89
CA ASN S 19 6.19 -12.67 -31.24
C ASN S 19 5.88 -12.20 -32.64
N ARG S 20 6.85 -11.73 -33.40
CA ARG S 20 6.53 -11.75 -34.81
C ARG S 20 7.62 -12.29 -35.72
N ARG S 21 8.83 -12.53 -35.22
CA ARG S 21 9.64 -13.53 -35.91
C ARG S 21 8.90 -14.86 -35.94
N VAL S 22 8.14 -15.14 -34.89
CA VAL S 22 7.29 -16.32 -34.87
C VAL S 22 6.10 -16.13 -35.82
N LEU S 23 5.43 -14.98 -35.75
CA LEU S 23 4.26 -14.80 -36.61
C LEU S 23 4.64 -14.88 -38.08
N LEU S 24 5.76 -14.28 -38.46
CA LEU S 24 6.19 -14.39 -39.84
C LEU S 24 6.61 -15.82 -40.18
N TRP S 25 7.16 -16.55 -39.21
CA TRP S 25 7.41 -17.96 -39.42
C TRP S 25 6.11 -18.73 -39.61
N LEU S 26 5.08 -18.39 -38.85
CA LEU S 26 3.80 -19.06 -39.03
C LEU S 26 3.19 -18.73 -40.37
N VAL S 27 3.37 -17.49 -40.85
CA VAL S 27 2.85 -17.14 -42.18
C VAL S 27 3.62 -17.89 -43.24
N GLY S 28 4.94 -17.99 -43.08
CA GLY S 28 5.71 -18.84 -43.97
C GLY S 28 5.22 -20.26 -43.97
N LEU S 29 4.95 -20.81 -42.78
CA LEU S 29 4.44 -22.17 -42.68
C LEU S 29 3.08 -22.30 -43.36
N GLN S 30 2.19 -21.33 -43.09
CA GLN S 30 0.88 -21.35 -43.72
C GLN S 30 1.01 -21.31 -45.23
N ASN S 31 1.87 -20.44 -45.75
CA ASN S 31 2.08 -20.37 -47.20
C ASN S 31 2.58 -21.70 -47.74
N VAL S 32 3.53 -22.33 -47.05
CA VAL S 32 4.06 -23.57 -47.56
C VAL S 32 3.00 -24.67 -47.50
N PHE S 33 2.27 -24.76 -46.39
CA PHE S 33 1.23 -25.78 -46.29
C PHE S 33 0.19 -25.60 -47.37
N SER S 34 -0.13 -24.35 -47.70
CA SER S 34 -1.19 -24.08 -48.67
C SER S 34 -0.74 -24.40 -50.09
N HIS S 35 0.51 -24.10 -50.42
CA HIS S 35 0.99 -24.43 -51.76
C HIS S 35 1.09 -25.93 -51.94
N GLN S 36 1.63 -26.65 -50.95
CA GLN S 36 1.84 -28.08 -51.12
C GLN S 36 0.57 -28.89 -50.91
N LEU S 37 -0.46 -28.29 -50.30
CA LEU S 37 -1.74 -28.95 -50.09
C LEU S 37 -2.84 -28.10 -50.71
N PRO S 38 -2.88 -27.99 -52.05
CA PRO S 38 -3.96 -27.23 -52.69
C PRO S 38 -5.32 -27.84 -52.44
N ARG S 39 -5.32 -29.05 -51.90
CA ARG S 39 -6.51 -29.70 -51.36
C ARG S 39 -7.21 -28.83 -50.32
N MET S 40 -6.48 -28.39 -49.31
CA MET S 40 -7.04 -27.67 -48.18
C MET S 40 -7.28 -26.21 -48.55
N PRO S 41 -8.41 -25.63 -48.15
CA PRO S 41 -8.60 -24.18 -48.30
C PRO S 41 -7.56 -23.40 -47.51
N LYS S 42 -7.21 -22.22 -48.04
CA LYS S 42 -6.18 -21.40 -47.42
C LYS S 42 -6.62 -20.84 -46.06
N GLU S 43 -7.90 -20.53 -45.91
CA GLU S 43 -8.33 -19.99 -44.63
C GLU S 43 -8.42 -21.09 -43.58
N TYR S 44 -8.69 -22.32 -44.01
CA TYR S 44 -8.68 -23.44 -43.09
C TYR S 44 -7.27 -23.70 -42.55
N ILE S 45 -6.28 -23.75 -43.45
CA ILE S 45 -4.91 -23.95 -43.01
C ILE S 45 -4.47 -22.86 -42.06
N ALA S 46 -4.89 -21.62 -42.32
CA ALA S 46 -4.47 -20.51 -41.46
C ALA S 46 -5.08 -20.64 -40.09
N ARG S 47 -6.35 -21.06 -40.02
CA ARG S 47 -7.03 -21.20 -38.75
C ARG S 47 -6.34 -22.23 -37.88
N LEU S 48 -5.94 -23.35 -38.46
CA LEU S 48 -5.31 -24.40 -37.66
C LEU S 48 -3.88 -24.05 -37.31
N VAL S 49 -3.11 -23.58 -38.30
CA VAL S 49 -1.73 -23.20 -38.00
C VAL S 49 -1.69 -22.13 -36.91
N PHE S 50 -2.68 -21.24 -36.87
CA PHE S 50 -2.79 -20.22 -35.83
C PHE S 50 -3.76 -20.61 -34.73
N ASP S 51 -4.04 -21.82 -34.59
CA ASP S 51 -4.86 -22.12 -33.42
C ASP S 51 -3.97 -22.33 -32.19
N PRO S 52 -4.35 -21.80 -31.03
CA PRO S 52 -3.46 -21.94 -29.85
C PRO S 52 -3.20 -23.37 -29.47
N LYS S 53 -4.23 -24.22 -29.46
CA LYS S 53 -4.04 -25.62 -29.15
C LYS S 53 -3.29 -26.38 -30.23
N HIS S 54 -2.84 -25.72 -31.30
CA HIS S 54 -2.02 -26.36 -32.31
C HIS S 54 -0.59 -25.84 -32.21
N LYS S 55 0.35 -26.71 -32.54
CA LYS S 55 1.76 -26.34 -32.58
C LYS S 55 2.33 -26.77 -33.91
N THR S 56 3.46 -26.17 -34.27
CA THR S 56 4.13 -26.50 -35.52
C THR S 56 5.62 -26.63 -35.29
N LEU S 57 6.20 -27.76 -35.70
CA LEU S 57 7.64 -27.91 -35.74
C LEU S 57 8.13 -27.30 -37.03
N ALA S 58 8.78 -26.14 -36.94
CA ALA S 58 9.15 -25.36 -38.11
C ALA S 58 10.58 -25.68 -38.51
N LEU S 59 10.77 -25.98 -39.79
CA LEU S 59 12.10 -26.19 -40.36
C LEU S 59 12.55 -24.88 -40.99
N ILE S 60 13.57 -24.26 -40.40
CA ILE S 60 14.03 -22.94 -40.80
C ILE S 60 15.41 -23.07 -41.44
N LYS S 61 15.59 -22.44 -42.59
CA LYS S 61 16.90 -22.34 -43.22
C LYS S 61 17.12 -20.89 -43.63
N ASP S 62 18.29 -20.35 -43.27
CA ASP S 62 18.61 -18.95 -43.53
C ASP S 62 17.56 -18.02 -42.93
N GLY S 63 17.05 -18.40 -41.76
CA GLY S 63 15.97 -17.64 -41.16
C GLY S 63 14.67 -17.67 -41.93
N ARG S 64 14.52 -18.59 -42.87
CA ARG S 64 13.36 -18.65 -43.76
C ARG S 64 12.69 -20.01 -43.67
N VAL S 65 11.36 -20.01 -43.59
CA VAL S 65 10.61 -21.25 -43.44
C VAL S 65 10.71 -22.07 -44.73
N ILE S 66 11.11 -23.34 -44.59
CA ILE S 66 11.16 -24.25 -45.72
C ILE S 66 10.36 -25.52 -45.48
N GLY S 67 9.90 -25.77 -44.26
CA GLY S 67 9.13 -26.97 -44.01
C GLY S 67 8.61 -26.96 -42.58
N GLY S 68 7.68 -27.87 -42.33
CA GLY S 68 7.10 -27.94 -41.02
C GLY S 68 6.10 -29.07 -40.91
N ILE S 69 5.85 -29.45 -39.66
CA ILE S 69 4.82 -30.42 -39.32
C ILE S 69 3.93 -29.77 -38.27
N CYS S 70 2.71 -29.46 -38.65
CA CYS S 70 1.74 -28.89 -37.74
C CYS S 70 0.97 -30.02 -37.09
N PHE S 71 0.89 -29.99 -35.76
CA PHE S 71 0.30 -31.07 -35.00
C PHE S 71 -0.50 -30.52 -33.84
N ARG S 72 -1.51 -31.29 -33.43
CA ARG S 72 -2.31 -30.97 -32.25
C ARG S 72 -2.17 -32.10 -31.25
N MET S 73 -1.68 -31.78 -30.06
CA MET S 73 -1.46 -32.77 -29.03
C MET S 73 -2.74 -32.98 -28.22
N PHE S 74 -3.03 -34.25 -27.96
CA PHE S 74 -4.15 -34.67 -27.12
C PHE S 74 -3.59 -35.45 -25.93
N PRO S 75 -3.03 -34.77 -24.93
CA PRO S 75 -2.44 -35.50 -23.81
C PRO S 75 -3.45 -36.30 -23.00
N THR S 76 -4.67 -35.78 -22.83
CA THR S 76 -5.68 -36.53 -22.10
C THR S 76 -6.05 -37.81 -22.84
N GLN S 77 -6.10 -37.76 -24.17
CA GLN S 77 -6.47 -38.93 -24.95
C GLN S 77 -5.30 -39.82 -25.28
N GLY S 78 -4.08 -39.35 -25.08
CA GLY S 78 -2.90 -40.21 -25.18
C GLY S 78 -2.28 -40.33 -26.54
N PHE S 79 -2.56 -39.41 -27.46
CA PHE S 79 -1.96 -39.44 -28.79
C PHE S 79 -1.83 -38.01 -29.30
N THR S 80 -1.21 -37.88 -30.46
CA THR S 80 -1.07 -36.60 -31.15
C THR S 80 -1.63 -36.74 -32.55
N GLU S 81 -2.26 -35.68 -33.03
CA GLU S 81 -2.75 -35.62 -34.40
C GLU S 81 -1.75 -34.89 -35.26
N ILE S 82 -1.32 -35.54 -36.35
CA ILE S 82 -0.52 -34.90 -37.38
C ILE S 82 -1.47 -34.26 -38.38
N VAL S 83 -1.41 -32.94 -38.51
CA VAL S 83 -2.38 -32.18 -39.28
C VAL S 83 -1.84 -31.79 -40.66
N PHE S 84 -0.74 -31.04 -40.69
CA PHE S 84 -0.14 -30.58 -41.93
C PHE S 84 1.33 -30.96 -41.93
N CYS S 85 1.84 -31.34 -43.09
CA CYS S 85 3.18 -31.91 -43.17
C CYS S 85 3.73 -31.57 -44.54
N ALA S 86 4.75 -30.72 -44.61
CA ALA S 86 5.18 -30.23 -45.90
C ALA S 86 6.63 -29.79 -45.88
N VAL S 87 7.28 -29.92 -47.03
CA VAL S 87 8.59 -29.33 -47.28
C VAL S 87 8.51 -28.63 -48.63
N THR S 88 9.00 -27.40 -48.70
CA THR S 88 8.87 -26.65 -49.93
C THR S 88 9.60 -27.37 -51.07
N SER S 89 9.09 -27.17 -52.29
CA SER S 89 9.46 -28.02 -53.41
C SER S 89 10.97 -27.99 -53.68
N ASN S 90 11.60 -26.84 -53.52
CA ASN S 90 13.03 -26.73 -53.82
C ASN S 90 13.88 -27.60 -52.91
N GLU S 91 13.38 -27.95 -51.73
CA GLU S 91 14.17 -28.67 -50.74
C GLU S 91 13.70 -30.09 -50.49
N GLN S 92 12.59 -30.52 -51.10
CA GLN S 92 12.23 -31.93 -51.07
C GLN S 92 13.41 -32.73 -51.59
N VAL S 93 13.35 -34.06 -51.39
CA VAL S 93 14.33 -35.06 -51.84
C VAL S 93 15.70 -34.66 -51.30
N LYS S 94 15.75 -34.21 -50.04
CA LYS S 94 17.01 -33.90 -49.37
C LYS S 94 16.96 -34.57 -48.00
N GLY S 95 15.95 -35.38 -47.72
CA GLY S 95 15.86 -36.01 -46.42
C GLY S 95 15.43 -35.10 -45.28
N TYR S 96 14.84 -33.94 -45.61
CA TYR S 96 14.36 -33.05 -44.57
C TYR S 96 13.03 -33.51 -43.99
N GLY S 97 12.23 -34.24 -44.75
CA GLY S 97 10.98 -34.75 -44.20
C GLY S 97 11.18 -35.77 -43.11
N THR S 98 12.30 -36.50 -43.16
CA THR S 98 12.55 -37.51 -42.15
C THR S 98 13.23 -36.90 -40.93
N HIS S 99 14.11 -35.94 -41.14
CA HIS S 99 14.65 -35.18 -40.02
C HIS S 99 13.53 -34.46 -39.27
N LEU S 100 12.55 -33.94 -40.01
CA LEU S 100 11.42 -33.25 -39.38
C LEU S 100 10.64 -34.20 -38.48
N MET S 101 10.23 -35.34 -39.02
CA MET S 101 9.49 -36.30 -38.22
C MET S 101 10.32 -36.83 -37.08
N ASN S 102 11.61 -37.04 -37.30
CA ASN S 102 12.47 -37.50 -36.21
C ASN S 102 12.43 -36.53 -35.04
N HIS S 103 12.69 -35.25 -35.31
CA HIS S 103 12.65 -34.27 -34.25
C HIS S 103 11.26 -34.21 -33.62
N LEU S 104 10.22 -34.53 -34.38
CA LEU S 104 8.87 -34.51 -33.83
C LEU S 104 8.65 -35.68 -32.90
N LYS S 105 9.17 -36.85 -33.28
CA LYS S 105 9.06 -38.00 -32.41
C LYS S 105 9.82 -37.77 -31.11
N GLU S 106 11.01 -37.18 -31.20
CA GLU S 106 11.76 -36.87 -30.00
C GLU S 106 10.99 -35.91 -29.12
N TYR S 107 10.45 -34.85 -29.71
CA TYR S 107 9.67 -33.89 -28.95
C TYR S 107 8.55 -34.59 -28.17
N HIS S 108 7.97 -35.62 -28.77
CA HIS S 108 6.81 -36.27 -28.15
C HIS S 108 7.22 -37.33 -27.14
N ILE S 109 8.38 -37.95 -27.32
CA ILE S 109 8.87 -38.88 -26.30
C ILE S 109 9.01 -38.17 -24.97
N LYS S 110 9.51 -36.94 -24.98
CA LYS S 110 9.75 -36.19 -23.77
C LYS S 110 8.48 -35.58 -23.20
N HIS S 111 7.33 -35.80 -23.81
CA HIS S 111 6.06 -35.39 -23.25
C HIS S 111 5.14 -36.57 -22.97
N ASN S 112 5.65 -37.79 -23.01
CA ASN S 112 4.89 -39.02 -22.79
C ASN S 112 3.70 -39.13 -23.74
N ILE S 113 3.95 -38.82 -25.00
CA ILE S 113 3.00 -39.12 -26.05
C ILE S 113 3.71 -40.03 -27.03
N LEU S 114 3.18 -41.25 -27.20
CA LEU S 114 3.88 -42.26 -27.96
C LEU S 114 3.06 -42.78 -29.14
N TYR S 115 1.96 -42.12 -29.46
CA TYR S 115 1.09 -42.54 -30.54
C TYR S 115 0.77 -41.34 -31.42
N PHE S 116 1.12 -41.45 -32.69
CA PHE S 116 0.75 -40.49 -33.71
C PHE S 116 -0.45 -41.01 -34.50
N LEU S 117 -1.42 -40.14 -34.74
CA LEU S 117 -2.54 -40.44 -35.62
C LEU S 117 -2.58 -39.40 -36.73
N THR S 118 -2.91 -39.85 -37.94
CA THR S 118 -2.99 -38.92 -39.06
C THR S 118 -3.95 -39.48 -40.10
N TYR S 119 -4.50 -38.58 -40.89
CA TYR S 119 -5.23 -38.93 -42.10
C TYR S 119 -4.36 -38.55 -43.27
N ALA S 120 -4.00 -39.54 -44.08
CA ALA S 120 -3.11 -39.33 -45.21
C ALA S 120 -3.92 -39.42 -46.49
N ASP S 121 -3.79 -38.41 -47.35
CA ASP S 121 -4.44 -38.47 -48.65
C ASP S 121 -3.80 -39.54 -49.51
N GLU S 122 -4.33 -39.72 -50.71
CA GLU S 122 -3.77 -40.70 -51.62
C GLU S 122 -2.28 -40.47 -51.81
N TYR S 123 -1.86 -39.21 -51.82
CA TYR S 123 -0.51 -38.86 -52.21
C TYR S 123 0.50 -38.90 -51.06
N ALA S 124 0.04 -38.84 -49.82
CA ALA S 124 0.93 -38.78 -48.68
C ALA S 124 1.13 -40.13 -48.00
N ILE S 125 0.37 -41.15 -48.39
CA ILE S 125 0.42 -42.42 -47.68
C ILE S 125 1.83 -43.02 -47.74
N GLY S 126 2.46 -42.95 -48.91
CA GLY S 126 3.81 -43.51 -49.03
C GLY S 126 4.77 -42.90 -48.03
N TYR S 127 4.77 -41.57 -47.93
CA TYR S 127 5.66 -40.87 -47.02
C TYR S 127 5.50 -41.37 -45.59
N PHE S 128 4.26 -41.44 -45.10
CA PHE S 128 4.03 -41.90 -43.74
C PHE S 128 4.44 -43.35 -43.56
N LYS S 129 4.30 -44.17 -44.61
CA LYS S 129 4.85 -45.51 -44.54
C LYS S 129 6.34 -45.46 -44.25
N LYS S 130 7.06 -44.58 -44.96
CA LYS S 130 8.52 -44.51 -44.79
C LYS S 130 8.90 -44.05 -43.40
N GLN S 131 7.98 -43.43 -42.68
CA GLN S 131 8.28 -42.88 -41.36
C GLN S 131 7.75 -43.75 -40.24
N GLY S 132 7.26 -44.95 -40.55
CA GLY S 132 6.86 -45.87 -39.52
C GLY S 132 5.38 -45.99 -39.28
N PHE S 133 4.56 -45.30 -40.06
CA PHE S 133 3.12 -45.34 -39.86
C PHE S 133 2.54 -46.59 -40.51
N SER S 134 1.40 -47.02 -40.00
CA SER S 134 0.69 -48.20 -40.49
C SER S 134 -0.79 -47.90 -40.63
N LYS S 135 -1.47 -48.74 -41.40
CA LYS S 135 -2.91 -48.63 -41.51
C LYS S 135 -3.66 -49.40 -40.43
N ASP S 136 -2.94 -50.07 -39.53
CA ASP S 136 -3.57 -50.82 -38.45
C ASP S 136 -3.52 -49.98 -37.18
N ILE S 137 -4.69 -49.63 -36.67
CA ILE S 137 -4.82 -48.61 -35.64
C ILE S 137 -5.17 -49.31 -34.34
N LYS S 138 -4.21 -49.40 -33.43
CA LYS S 138 -4.47 -50.00 -32.14
C LYS S 138 -5.07 -49.03 -31.13
N VAL S 139 -4.98 -47.73 -31.38
CA VAL S 139 -5.71 -46.79 -30.53
C VAL S 139 -7.21 -47.04 -30.67
N PRO S 140 -7.96 -47.20 -29.58
CA PRO S 140 -9.38 -47.53 -29.71
C PRO S 140 -10.14 -46.42 -30.41
N LYS S 141 -11.05 -46.82 -31.30
CA LYS S 141 -11.84 -45.85 -32.03
C LYS S 141 -12.60 -44.94 -31.08
N SER S 142 -12.91 -45.44 -29.87
CA SER S 142 -13.62 -44.63 -28.89
C SER S 142 -12.77 -43.48 -28.37
N ARG S 143 -11.47 -43.48 -28.65
CA ARG S 143 -10.60 -42.45 -28.10
C ARG S 143 -10.09 -41.46 -29.12
N TYR S 144 -10.23 -41.75 -30.43
CA TYR S 144 -9.86 -40.76 -31.42
C TYR S 144 -11.04 -40.17 -32.19
N LEU S 145 -12.16 -40.88 -32.28
CA LEU S 145 -13.29 -40.35 -33.04
C LEU S 145 -13.87 -39.13 -32.34
N GLY S 146 -14.09 -38.06 -33.10
CA GLY S 146 -14.50 -36.81 -32.54
C GLY S 146 -13.37 -35.93 -32.08
N TYR S 147 -12.16 -36.45 -31.97
CA TYR S 147 -11.03 -35.64 -31.55
C TYR S 147 -10.13 -35.25 -32.71
N ILE S 148 -9.69 -36.22 -33.50
CA ILE S 148 -9.00 -35.92 -34.75
C ILE S 148 -10.04 -35.69 -35.84
N LYS S 149 -9.72 -34.80 -36.76
CA LYS S 149 -10.63 -34.46 -37.83
C LYS S 149 -10.53 -35.51 -38.94
N ASP S 150 -11.67 -36.02 -39.37
CA ASP S 150 -11.71 -36.89 -40.54
C ASP S 150 -11.63 -36.03 -41.80
N TYR S 151 -10.89 -36.54 -42.78
CA TYR S 151 -10.82 -35.93 -44.11
C TYR S 151 -11.33 -36.94 -45.13
N GLU S 152 -12.14 -36.44 -46.06
CA GLU S 152 -12.83 -37.28 -47.02
C GLU S 152 -11.86 -38.19 -47.79
N GLY S 153 -12.14 -39.49 -47.77
CA GLY S 153 -11.44 -40.44 -48.59
C GLY S 153 -9.99 -40.70 -48.24
N ALA S 154 -9.43 -39.98 -47.27
CA ALA S 154 -8.08 -40.26 -46.80
C ALA S 154 -8.06 -41.57 -46.03
N THR S 155 -6.90 -41.91 -45.49
CA THR S 155 -6.73 -43.17 -44.78
C THR S 155 -6.16 -42.92 -43.39
N LEU S 156 -6.81 -43.47 -42.38
CA LEU S 156 -6.32 -43.33 -41.01
C LEU S 156 -5.06 -44.16 -40.84
N MET S 157 -4.00 -43.52 -40.36
CA MET S 157 -2.72 -44.18 -40.17
C MET S 157 -2.12 -43.77 -38.83
N GLU S 158 -1.32 -44.68 -38.26
CA GLU S 158 -0.88 -44.57 -36.89
C GLU S 158 0.58 -44.97 -36.75
N CYS S 159 1.28 -44.28 -35.87
CA CYS S 159 2.68 -44.58 -35.58
C CYS S 159 2.86 -44.71 -34.08
N GLU S 160 3.49 -45.79 -33.65
CA GLU S 160 3.80 -46.01 -32.24
C GLU S 160 5.28 -45.70 -32.01
N LEU S 161 5.55 -44.99 -30.93
CA LEU S 161 6.91 -44.52 -30.65
C LEU S 161 7.54 -45.35 -29.53
N ASN S 162 8.86 -45.45 -29.57
CA ASN S 162 9.62 -46.20 -28.57
C ASN S 162 10.39 -45.22 -27.69
N PRO S 163 10.07 -45.13 -26.40
CA PRO S 163 10.69 -44.10 -25.55
C PRO S 163 12.17 -44.30 -25.30
N ARG S 164 12.75 -45.42 -25.71
CA ARG S 164 14.16 -45.69 -25.44
C ARG S 164 15.06 -45.37 -26.61
N ILE S 165 14.52 -45.20 -27.80
CA ILE S 165 15.25 -44.66 -28.94
C ILE S 165 15.26 -43.14 -28.79
N PRO S 166 16.42 -42.49 -28.75
CA PRO S 166 16.46 -41.07 -29.11
C PRO S 166 16.58 -40.90 -30.61
N TYR S 167 15.41 -40.78 -31.29
CA TYR S 167 15.38 -40.59 -32.74
C TYR S 167 16.28 -39.45 -33.21
N THR S 168 16.54 -38.46 -32.35
CA THR S 168 17.43 -37.34 -32.69
C THR S 168 18.74 -37.42 -31.92
N GLY T 3 -41.12 -35.29 13.92
CA GLY T 3 -41.18 -34.30 14.98
C GLY T 3 -40.77 -32.94 14.47
N ILE T 4 -39.51 -32.85 14.06
CA ILE T 4 -39.02 -31.89 13.08
C ILE T 4 -38.02 -32.65 12.23
N ILE T 5 -38.17 -32.58 10.90
CA ILE T 5 -37.41 -33.45 10.00
C ILE T 5 -36.67 -32.58 9.00
N GLU T 6 -35.36 -32.69 8.99
CA GLU T 6 -34.51 -31.90 8.10
C GLU T 6 -33.75 -32.81 7.15
N PHE T 7 -33.61 -32.38 5.91
CA PHE T 7 -32.68 -32.98 4.97
C PHE T 7 -31.57 -31.97 4.68
N HIS T 8 -30.33 -32.39 4.86
CA HIS T 8 -29.18 -31.53 4.64
C HIS T 8 -28.10 -32.31 3.92
N VAL T 9 -27.53 -31.72 2.88
CA VAL T 9 -26.36 -32.29 2.23
C VAL T 9 -25.15 -31.65 2.86
N ILE T 10 -24.29 -32.47 3.48
CA ILE T 10 -23.15 -32.00 4.24
C ILE T 10 -21.95 -32.84 3.86
N GLY T 11 -20.77 -32.32 4.17
CA GLY T 11 -19.52 -33.00 3.92
C GLY T 11 -18.41 -32.25 4.60
N ASN T 12 -17.18 -32.70 4.36
CA ASN T 12 -16.00 -32.06 4.93
C ASN T 12 -15.46 -31.09 3.89
N SER T 13 -15.80 -29.82 4.04
CA SER T 13 -15.46 -28.80 3.03
C SER T 13 -14.01 -28.37 3.11
N LYS T 17 -13.26 -24.78 7.66
CA LYS T 17 -13.53 -26.07 7.05
C LYS T 17 -14.99 -26.45 7.23
N ALA T 18 -15.28 -27.31 8.19
CA ALA T 18 -16.64 -27.77 8.49
C ALA T 18 -17.02 -27.29 9.89
N ASN T 19 -17.96 -26.35 9.97
CA ASN T 19 -18.45 -25.89 11.26
C ASN T 19 -18.99 -27.07 12.07
N ARG T 20 -18.89 -26.98 13.39
CA ARG T 20 -18.96 -28.19 14.19
C ARG T 20 -20.34 -28.85 14.17
N ARG T 21 -21.42 -28.08 14.09
CA ARG T 21 -22.74 -28.71 14.02
C ARG T 21 -22.77 -29.75 12.90
N VAL T 22 -22.18 -29.41 11.75
CA VAL T 22 -21.97 -30.40 10.71
C VAL T 22 -21.05 -31.51 11.20
N LEU T 23 -19.94 -31.12 11.84
CA LEU T 23 -18.95 -32.10 12.26
C LEU T 23 -19.55 -33.12 13.22
N LEU T 24 -20.41 -32.68 14.13
CA LEU T 24 -21.09 -33.63 14.99
C LEU T 24 -22.12 -34.45 14.23
N TRP T 25 -22.76 -33.86 13.21
CA TRP T 25 -23.64 -34.63 12.33
C TRP T 25 -22.87 -35.68 11.55
N LEU T 26 -21.66 -35.34 11.10
CA LEU T 26 -20.86 -36.32 10.38
C LEU T 26 -20.49 -37.48 11.29
N VAL T 27 -20.18 -37.20 12.55
CA VAL T 27 -19.89 -38.26 13.49
C VAL T 27 -21.14 -39.09 13.76
N GLY T 28 -22.27 -38.41 13.93
CA GLY T 28 -23.53 -39.12 14.06
C GLY T 28 -23.81 -40.02 12.86
N LEU T 29 -23.54 -39.52 11.66
CA LEU T 29 -23.71 -40.35 10.47
C LEU T 29 -22.79 -41.57 10.54
N GLN T 30 -21.54 -41.35 10.95
CA GLN T 30 -20.58 -42.44 11.00
C GLN T 30 -21.01 -43.48 12.02
N ASN T 31 -21.60 -43.04 13.13
CA ASN T 31 -22.15 -43.99 14.08
C ASN T 31 -23.28 -44.80 13.48
N VAL T 32 -24.26 -44.12 12.89
CA VAL T 32 -25.43 -44.80 12.37
C VAL T 32 -25.05 -45.75 11.24
N PHE T 33 -24.15 -45.34 10.36
CA PHE T 33 -23.68 -46.26 9.33
C PHE T 33 -22.99 -47.46 9.93
N SER T 34 -22.16 -47.26 10.96
CA SER T 34 -21.35 -48.35 11.50
C SER T 34 -22.21 -49.41 12.17
N HIS T 35 -23.19 -48.99 12.94
CA HIS T 35 -24.07 -49.96 13.59
C HIS T 35 -24.97 -50.64 12.55
N GLN T 36 -25.51 -49.88 11.62
CA GLN T 36 -26.50 -50.43 10.70
C GLN T 36 -25.85 -51.33 9.63
N LEU T 37 -24.58 -51.11 9.32
CA LEU T 37 -23.89 -51.84 8.27
C LEU T 37 -22.72 -52.60 8.88
N PRO T 38 -23.00 -53.62 9.70
CA PRO T 38 -21.95 -54.20 10.54
C PRO T 38 -20.79 -54.78 9.74
N ARG T 39 -20.97 -55.00 8.45
CA ARG T 39 -19.97 -55.65 7.62
C ARG T 39 -18.92 -54.68 7.09
N MET T 40 -19.16 -53.38 7.17
CA MET T 40 -18.18 -52.40 6.74
C MET T 40 -17.24 -52.08 7.89
N PRO T 41 -15.93 -52.23 7.72
CA PRO T 41 -15.00 -51.82 8.77
C PRO T 41 -15.23 -50.38 9.21
N LYS T 42 -15.34 -50.24 10.52
CA LYS T 42 -15.70 -49.00 11.19
C LYS T 42 -14.78 -47.84 10.82
N GLU T 43 -13.47 -48.08 10.81
CA GLU T 43 -12.53 -47.02 10.46
C GLU T 43 -12.68 -46.62 9.00
N TYR T 44 -13.10 -47.57 8.16
CA TYR T 44 -13.28 -47.31 6.74
C TYR T 44 -14.47 -46.40 6.52
N ILE T 45 -15.58 -46.70 7.18
CA ILE T 45 -16.74 -45.81 7.11
C ILE T 45 -16.34 -44.39 7.46
N ALA T 46 -15.59 -44.22 8.54
CA ALA T 46 -15.20 -42.88 8.97
C ALA T 46 -14.33 -42.20 7.94
N ARG T 47 -13.46 -42.98 7.30
CA ARG T 47 -12.55 -42.43 6.31
C ARG T 47 -13.31 -41.89 5.11
N LEU T 48 -14.37 -42.58 4.69
CA LEU T 48 -15.10 -42.14 3.50
C LEU T 48 -16.12 -41.06 3.85
N VAL T 49 -16.77 -41.18 5.00
CA VAL T 49 -17.69 -40.13 5.43
C VAL T 49 -16.95 -38.81 5.57
N PHE T 50 -15.71 -38.85 6.01
CA PHE T 50 -14.93 -37.64 6.22
C PHE T 50 -14.02 -37.33 5.05
N ASP T 51 -14.01 -38.17 4.02
CA ASP T 51 -13.28 -37.87 2.80
C ASP T 51 -13.88 -36.63 2.12
N PRO T 52 -13.05 -35.70 1.64
CA PRO T 52 -13.61 -34.46 1.10
C PRO T 52 -14.30 -34.64 -0.23
N LYS T 53 -14.09 -35.75 -0.92
CA LYS T 53 -14.78 -36.02 -2.18
C LYS T 53 -16.08 -36.78 -1.99
N HIS T 54 -16.51 -37.01 -0.76
CA HIS T 54 -17.79 -37.64 -0.47
C HIS T 54 -18.70 -36.63 0.23
N LYS T 55 -20.00 -36.77 -0.01
CA LYS T 55 -21.00 -35.98 0.68
C LYS T 55 -22.04 -36.92 1.25
N THR T 56 -22.83 -36.41 2.19
CA THR T 56 -23.88 -37.21 2.78
C THR T 56 -25.16 -36.40 2.85
N LEU T 57 -26.26 -37.00 2.37
CA LEU T 57 -27.59 -36.48 2.64
C LEU T 57 -28.00 -36.98 4.01
N ALA T 58 -27.99 -36.10 4.99
CA ALA T 58 -28.33 -36.47 6.36
C ALA T 58 -29.81 -36.27 6.62
N LEU T 59 -30.39 -37.24 7.33
CA LEU T 59 -31.77 -37.16 7.79
C LEU T 59 -31.74 -36.81 9.27
N ILE T 60 -32.21 -35.61 9.59
CA ILE T 60 -32.11 -35.02 10.91
C ILE T 60 -33.49 -35.05 11.57
N LYS T 61 -33.55 -35.50 12.82
CA LYS T 61 -34.76 -35.41 13.64
C LYS T 61 -34.43 -34.64 14.91
N ASP T 62 -35.13 -33.53 15.11
CA ASP T 62 -34.92 -32.66 16.27
C ASP T 62 -33.44 -32.41 16.51
N GLY T 63 -32.67 -32.26 15.43
CA GLY T 63 -31.27 -31.92 15.53
C GLY T 63 -30.32 -33.10 15.51
N ARG T 64 -30.82 -34.33 15.50
CA ARG T 64 -29.97 -35.51 15.58
C ARG T 64 -30.12 -36.38 14.35
N VAL T 65 -29.02 -36.98 13.93
CA VAL T 65 -28.96 -37.82 12.74
C VAL T 65 -29.68 -39.13 13.00
N ILE T 66 -30.67 -39.46 12.17
CA ILE T 66 -31.36 -40.74 12.23
C ILE T 66 -31.18 -41.57 10.97
N GLY T 67 -30.49 -41.05 9.97
CA GLY T 67 -30.20 -41.82 8.77
C GLY T 67 -29.48 -40.95 7.77
N GLY T 68 -29.03 -41.57 6.71
CA GLY T 68 -28.41 -40.80 5.65
C GLY T 68 -27.98 -41.67 4.49
N ILE T 69 -27.60 -41.01 3.41
CA ILE T 69 -27.01 -41.67 2.25
C ILE T 69 -25.69 -40.98 1.95
N CYS T 70 -24.61 -41.75 1.98
CA CYS T 70 -23.28 -41.23 1.68
C CYS T 70 -22.96 -41.55 0.23
N PHE T 71 -22.69 -40.52 -0.55
CA PHE T 71 -22.46 -40.67 -1.97
C PHE T 71 -21.18 -39.95 -2.37
N ARG T 72 -20.56 -40.43 -3.46
CA ARG T 72 -19.47 -39.73 -4.10
C ARG T 72 -19.85 -39.43 -5.54
N MET T 73 -19.83 -38.16 -5.91
CA MET T 73 -20.11 -37.78 -7.29
C MET T 73 -18.90 -38.01 -8.17
N PHE T 74 -19.16 -38.48 -9.39
CA PHE T 74 -18.16 -38.60 -10.45
C PHE T 74 -18.68 -37.83 -11.65
N PRO T 75 -18.67 -36.50 -11.60
CA PRO T 75 -19.24 -35.74 -12.70
C PRO T 75 -18.50 -35.89 -14.03
N THR T 76 -17.19 -36.11 -14.01
CA THR T 76 -16.51 -36.40 -15.27
C THR T 76 -16.94 -37.73 -15.87
N GLN T 77 -17.46 -38.65 -15.06
CA GLN T 77 -17.95 -39.93 -15.57
C GLN T 77 -19.45 -39.96 -15.76
N GLY T 78 -20.18 -38.97 -15.25
CA GLY T 78 -21.61 -38.90 -15.44
C GLY T 78 -22.46 -39.66 -14.43
N PHE T 79 -21.89 -40.10 -13.31
CA PHE T 79 -22.66 -40.86 -12.36
C PHE T 79 -22.23 -40.54 -10.93
N THR T 80 -23.00 -41.06 -9.99
CA THR T 80 -22.72 -40.97 -8.57
C THR T 80 -22.64 -42.37 -7.98
N GLU T 81 -21.68 -42.57 -7.08
CA GLU T 81 -21.56 -43.81 -6.33
C GLU T 81 -22.33 -43.65 -5.02
N ILE T 82 -23.28 -44.55 -4.76
CA ILE T 82 -23.92 -44.64 -3.46
C ILE T 82 -23.06 -45.55 -2.60
N VAL T 83 -22.44 -44.99 -1.56
CA VAL T 83 -21.52 -45.76 -0.76
C VAL T 83 -22.23 -46.32 0.47
N PHE T 84 -22.81 -45.45 1.29
CA PHE T 84 -23.42 -45.85 2.55
C PHE T 84 -24.85 -45.38 2.60
N CYS T 85 -25.72 -46.25 3.11
CA CYS T 85 -27.16 -46.02 3.03
C CYS T 85 -27.79 -46.68 4.26
N ALA T 86 -28.33 -45.87 5.18
CA ALA T 86 -28.81 -46.46 6.42
C ALA T 86 -29.84 -45.55 7.08
N VAL T 87 -30.76 -46.17 7.82
CA VAL T 87 -31.69 -45.48 8.70
C VAL T 87 -31.66 -46.16 10.05
N THR T 88 -31.64 -45.36 11.12
CA THR T 88 -31.48 -45.94 12.45
C THR T 88 -32.66 -46.85 12.78
N SER T 89 -32.41 -47.80 13.69
CA SER T 89 -33.40 -48.84 13.94
C SER T 89 -34.69 -48.28 14.52
N ASN T 90 -34.60 -47.23 15.34
CA ASN T 90 -35.79 -46.68 15.97
C ASN T 90 -36.76 -46.12 14.93
N GLU T 91 -36.23 -45.55 13.85
CA GLU T 91 -37.03 -44.80 12.88
C GLU T 91 -37.24 -45.54 11.57
N GLN T 92 -37.05 -46.86 11.55
CA GLN T 92 -37.31 -47.62 10.35
C GLN T 92 -38.82 -47.83 10.17
N VAL T 93 -39.18 -48.42 9.03
CA VAL T 93 -40.55 -48.81 8.68
C VAL T 93 -41.44 -47.57 8.76
N LYS T 94 -40.92 -46.42 8.31
CA LYS T 94 -41.75 -45.22 8.23
C LYS T 94 -41.46 -44.40 6.98
N GLY T 95 -41.10 -45.06 5.88
CA GLY T 95 -40.89 -44.35 4.63
C GLY T 95 -39.77 -43.33 4.65
N TYR T 96 -38.84 -43.46 5.59
CA TYR T 96 -37.70 -42.56 5.64
C TYR T 96 -36.64 -42.93 4.61
N GLY T 97 -36.46 -44.22 4.36
CA GLY T 97 -35.51 -44.64 3.34
C GLY T 97 -35.87 -44.10 1.97
N THR T 98 -37.16 -44.08 1.65
CA THR T 98 -37.56 -43.58 0.34
C THR T 98 -37.44 -42.07 0.28
N HIS T 99 -37.83 -41.37 1.34
CA HIS T 99 -37.72 -39.91 1.31
C HIS T 99 -36.28 -39.47 1.13
N LEU T 100 -35.36 -40.19 1.76
CA LEU T 100 -33.95 -39.91 1.57
C LEU T 100 -33.56 -40.10 0.10
N MET T 101 -33.91 -41.23 -0.49
CA MET T 101 -33.52 -41.49 -1.86
C MET T 101 -34.16 -40.49 -2.82
N ASN T 102 -35.40 -40.09 -2.55
CA ASN T 102 -36.04 -39.09 -3.40
C ASN T 102 -35.31 -37.76 -3.33
N HIS T 103 -34.95 -37.32 -2.11
CA HIS T 103 -34.17 -36.10 -1.96
C HIS T 103 -32.81 -36.21 -2.63
N LEU T 104 -32.22 -37.40 -2.61
CA LEU T 104 -30.94 -37.57 -3.28
C LEU T 104 -31.11 -37.52 -4.80
N LYS T 105 -32.22 -38.06 -5.30
CA LYS T 105 -32.52 -37.98 -6.73
C LYS T 105 -32.71 -36.53 -7.16
N GLU T 106 -33.50 -35.77 -6.40
CA GLU T 106 -33.74 -34.38 -6.77
C GLU T 106 -32.47 -33.57 -6.71
N TYR T 107 -31.66 -33.80 -5.68
CA TYR T 107 -30.38 -33.11 -5.59
C TYR T 107 -29.55 -33.38 -6.83
N HIS T 108 -29.57 -34.61 -7.31
CA HIS T 108 -28.67 -34.95 -8.39
C HIS T 108 -29.21 -34.54 -9.76
N ILE T 109 -30.53 -34.42 -9.89
CA ILE T 109 -31.06 -33.81 -11.11
C ILE T 109 -30.52 -32.40 -11.27
N LYS T 110 -30.66 -31.58 -10.23
CA LYS T 110 -30.18 -30.22 -10.27
C LYS T 110 -28.71 -30.12 -10.62
N HIS T 111 -27.95 -31.21 -10.52
CA HIS T 111 -26.52 -31.19 -10.81
C HIS T 111 -26.18 -31.95 -12.09
N ASN T 112 -27.18 -32.26 -12.89
CA ASN T 112 -27.06 -33.06 -14.11
C ASN T 112 -26.17 -34.28 -13.90
N ILE T 113 -26.59 -35.11 -12.96
CA ILE T 113 -26.09 -36.47 -12.84
C ILE T 113 -27.32 -37.35 -12.79
N LEU T 114 -27.44 -38.25 -13.76
CA LEU T 114 -28.69 -38.97 -13.91
C LEU T 114 -28.49 -40.46 -13.78
N TYR T 115 -27.35 -40.89 -13.27
CA TYR T 115 -27.08 -42.31 -13.07
C TYR T 115 -26.51 -42.50 -11.68
N PHE T 116 -27.19 -43.32 -10.88
CA PHE T 116 -26.66 -43.83 -9.63
C PHE T 116 -26.08 -45.20 -9.89
N LEU T 117 -24.90 -45.46 -9.32
CA LEU T 117 -24.33 -46.80 -9.26
C LEU T 117 -24.07 -47.17 -7.80
N THR T 118 -24.26 -48.44 -7.46
CA THR T 118 -24.00 -48.87 -6.09
C THR T 118 -23.82 -50.38 -6.06
N TYR T 119 -23.11 -50.84 -5.02
CA TYR T 119 -23.00 -52.26 -4.72
C TYR T 119 -23.82 -52.57 -3.47
N ALA T 120 -24.67 -53.57 -3.55
CA ALA T 120 -25.71 -53.79 -2.55
C ALA T 120 -25.62 -55.20 -1.97
N ASP T 121 -25.70 -55.29 -0.64
CA ASP T 121 -25.86 -56.58 0.02
C ASP T 121 -27.22 -57.17 -0.32
N GLU T 122 -27.36 -58.47 -0.06
CA GLU T 122 -28.68 -59.08 -0.22
C GLU T 122 -29.70 -58.42 0.69
N TYR T 123 -29.23 -57.84 1.81
CA TYR T 123 -30.13 -57.10 2.69
C TYR T 123 -30.71 -55.88 2.00
N ALA T 124 -29.98 -55.31 1.04
CA ALA T 124 -30.30 -54.03 0.45
C ALA T 124 -30.91 -54.12 -0.93
N ILE T 125 -30.77 -55.25 -1.63
CA ILE T 125 -31.31 -55.36 -2.98
C ILE T 125 -32.79 -55.05 -3.01
N GLY T 126 -33.53 -55.55 -2.02
CA GLY T 126 -34.95 -55.22 -1.94
C GLY T 126 -35.18 -53.74 -1.77
N TYR T 127 -34.33 -53.08 -1.00
CA TYR T 127 -34.45 -51.63 -0.84
C TYR T 127 -34.19 -50.90 -2.15
N PHE T 128 -33.04 -51.15 -2.78
CA PHE T 128 -32.73 -50.44 -4.02
C PHE T 128 -33.71 -50.78 -5.13
N LYS T 129 -34.23 -52.00 -5.17
CA LYS T 129 -35.25 -52.33 -6.15
C LYS T 129 -36.49 -51.48 -5.95
N LYS T 130 -36.91 -51.30 -4.71
CA LYS T 130 -38.09 -50.48 -4.45
C LYS T 130 -37.88 -49.05 -4.86
N GLN T 131 -36.63 -48.61 -4.98
CA GLN T 131 -36.34 -47.23 -5.31
C GLN T 131 -36.05 -47.02 -6.77
N GLY T 132 -36.13 -48.07 -7.59
CA GLY T 132 -35.93 -47.96 -9.01
C GLY T 132 -34.63 -48.54 -9.52
N PHE T 133 -33.85 -49.20 -8.68
CA PHE T 133 -32.57 -49.71 -9.14
C PHE T 133 -32.76 -51.03 -9.87
N SER T 134 -31.74 -51.39 -10.67
CA SER T 134 -31.81 -52.57 -11.51
C SER T 134 -30.42 -53.19 -11.62
N LYS T 135 -30.40 -54.48 -11.95
CA LYS T 135 -29.17 -55.19 -12.20
C LYS T 135 -28.60 -54.93 -13.59
N ASP T 136 -29.38 -54.28 -14.46
CA ASP T 136 -28.97 -54.01 -15.83
C ASP T 136 -28.24 -52.68 -15.88
N ILE T 137 -26.94 -52.73 -16.14
CA ILE T 137 -26.07 -51.58 -16.00
C ILE T 137 -25.86 -50.99 -17.38
N LYS T 138 -26.64 -49.96 -17.71
CA LYS T 138 -26.48 -49.29 -19.00
C LYS T 138 -25.14 -48.58 -19.10
N VAL T 139 -24.65 -48.02 -18.00
CA VAL T 139 -23.33 -47.38 -17.99
C VAL T 139 -22.27 -48.39 -18.37
N PRO T 140 -21.32 -48.05 -19.22
CA PRO T 140 -20.33 -49.05 -19.66
C PRO T 140 -19.38 -49.43 -18.54
N LYS T 141 -18.90 -50.67 -18.59
CA LYS T 141 -17.92 -51.12 -17.62
C LYS T 141 -16.64 -50.29 -17.70
N SER T 142 -16.36 -49.71 -18.85
CA SER T 142 -15.21 -48.82 -18.96
C SER T 142 -15.42 -47.50 -18.25
N ARG T 143 -16.63 -47.19 -17.82
CA ARG T 143 -16.88 -45.91 -17.19
C ARG T 143 -16.92 -45.98 -15.67
N TYR T 144 -17.13 -47.16 -15.09
CA TYR T 144 -17.19 -47.26 -13.64
C TYR T 144 -16.10 -48.11 -13.04
N LEU T 145 -15.54 -49.05 -13.79
CA LEU T 145 -14.58 -49.96 -13.20
C LEU T 145 -13.32 -49.21 -12.80
N GLY T 146 -12.98 -49.29 -11.52
CA GLY T 146 -11.86 -48.55 -10.99
C GLY T 146 -12.22 -47.17 -10.50
N TYR T 147 -13.47 -46.74 -10.70
CA TYR T 147 -13.96 -45.51 -10.11
C TYR T 147 -14.84 -45.79 -8.90
N ILE T 148 -15.83 -46.64 -9.07
CA ILE T 148 -16.56 -47.16 -7.93
C ILE T 148 -15.80 -48.35 -7.37
N LYS T 149 -15.73 -48.42 -6.05
CA LYS T 149 -15.00 -49.49 -5.40
C LYS T 149 -15.84 -50.75 -5.44
N ASP T 150 -15.33 -51.79 -6.10
CA ASP T 150 -16.01 -53.07 -6.03
C ASP T 150 -15.97 -53.58 -4.60
N TYR T 151 -16.98 -54.35 -4.22
CA TYR T 151 -17.10 -54.72 -2.82
C TYR T 151 -17.04 -56.23 -2.62
N GLU T 152 -17.52 -56.68 -1.47
CA GLU T 152 -17.93 -58.06 -1.25
C GLU T 152 -18.77 -58.50 -2.45
N GLY T 153 -18.89 -59.80 -2.63
CA GLY T 153 -19.80 -60.30 -3.62
C GLY T 153 -21.16 -59.69 -3.40
N ALA T 154 -21.53 -58.79 -4.31
CA ALA T 154 -22.76 -58.02 -4.17
C ALA T 154 -23.21 -57.65 -5.56
N THR T 155 -24.49 -57.35 -5.69
CA THR T 155 -25.04 -56.98 -6.98
C THR T 155 -24.79 -55.49 -7.23
N LEU T 156 -24.04 -55.20 -8.28
CA LEU T 156 -23.97 -53.84 -8.79
C LEU T 156 -25.34 -53.40 -9.28
N MET T 157 -25.74 -52.21 -8.89
CA MET T 157 -27.07 -51.72 -9.19
C MET T 157 -26.96 -50.35 -9.85
N GLU T 158 -27.92 -50.06 -10.72
CA GLU T 158 -27.96 -48.81 -11.43
C GLU T 158 -29.33 -48.20 -11.28
N CYS T 159 -29.37 -46.88 -11.27
CA CYS T 159 -30.63 -46.15 -11.31
C CYS T 159 -30.50 -45.02 -12.31
N GLU T 160 -31.38 -44.99 -13.30
CA GLU T 160 -31.44 -43.89 -14.24
C GLU T 160 -32.48 -42.89 -13.77
N LEU T 161 -32.11 -41.62 -13.74
CA LEU T 161 -32.92 -40.58 -13.15
C LEU T 161 -33.64 -39.80 -14.25
N ASN T 162 -34.91 -39.50 -14.01
CA ASN T 162 -35.72 -38.82 -15.01
C ASN T 162 -35.68 -37.32 -14.77
N PRO T 163 -35.08 -36.54 -15.66
CA PRO T 163 -34.80 -35.13 -15.34
C PRO T 163 -36.01 -34.23 -15.20
N ARG T 164 -37.22 -34.66 -15.55
CA ARG T 164 -38.38 -33.81 -15.34
C ARG T 164 -39.08 -34.07 -14.02
N ILE T 165 -39.30 -35.33 -13.71
CA ILE T 165 -40.00 -35.75 -12.50
C ILE T 165 -39.45 -34.96 -11.31
N PRO T 166 -40.24 -34.07 -10.68
CA PRO T 166 -39.87 -33.63 -9.35
C PRO T 166 -39.96 -34.79 -8.36
N TYR T 167 -38.82 -35.42 -8.04
CA TYR T 167 -38.85 -36.51 -7.06
C TYR T 167 -39.27 -36.01 -5.68
N THR T 168 -38.96 -34.75 -5.35
CA THR T 168 -39.45 -34.12 -4.13
C THR T 168 -40.41 -32.98 -4.45
N GLY U 3 -22.94 -10.26 -49.77
CA GLY U 3 -23.31 -10.47 -48.39
C GLY U 3 -22.41 -9.78 -47.39
N ILE U 4 -23.02 -9.05 -46.46
CA ILE U 4 -22.39 -8.43 -45.29
C ILE U 4 -21.00 -7.88 -45.61
N ILE U 5 -20.95 -6.91 -46.53
CA ILE U 5 -19.67 -6.32 -46.90
C ILE U 5 -19.22 -5.39 -45.78
N GLU U 6 -18.01 -5.63 -45.25
CA GLU U 6 -17.44 -4.83 -44.18
C GLU U 6 -16.11 -4.25 -44.62
N PHE U 7 -15.76 -3.10 -44.04
CA PHE U 7 -14.48 -2.46 -44.26
C PHE U 7 -13.85 -2.18 -42.91
N HIS U 8 -12.64 -2.67 -42.70
CA HIS U 8 -11.93 -2.53 -41.44
C HIS U 8 -10.50 -2.12 -41.70
N VAL U 9 -10.06 -1.06 -41.04
CA VAL U 9 -8.67 -0.66 -41.09
C VAL U 9 -7.92 -1.44 -40.02
N ILE U 10 -7.15 -2.42 -40.43
CA ILE U 10 -6.47 -3.28 -39.46
C ILE U 10 -4.97 -3.12 -39.63
N GLY U 11 -4.21 -3.81 -38.81
CA GLY U 11 -2.77 -3.70 -38.84
C GLY U 11 -2.18 -4.29 -37.58
N ASN U 12 -0.87 -4.51 -37.64
CA ASN U 12 -0.17 -5.07 -36.49
C ASN U 12 0.19 -3.98 -35.49
N SER U 13 0.27 -4.37 -34.22
CA SER U 13 0.75 -3.53 -33.14
C SER U 13 2.04 -4.12 -32.58
N LEU U 14 2.71 -3.36 -31.73
CA LEU U 14 3.81 -3.95 -30.97
C LEU U 14 3.29 -4.90 -29.90
N THR U 15 2.13 -4.60 -29.33
CA THR U 15 1.45 -5.48 -28.38
C THR U 15 0.01 -5.65 -28.83
N PRO U 16 -0.39 -6.91 -29.07
CA PRO U 16 -1.72 -7.28 -29.56
C PRO U 16 -1.97 -6.78 -30.98
N ASN U 19 -5.59 -9.24 -30.57
CA ASN U 19 -6.72 -9.73 -31.34
C ASN U 19 -6.24 -10.78 -32.32
N ARG U 20 -7.14 -11.72 -32.64
CA ARG U 20 -6.84 -12.91 -33.43
C ARG U 20 -7.61 -12.97 -34.73
N ARG U 21 -8.90 -12.62 -34.71
CA ARG U 21 -9.65 -12.39 -35.95
C ARG U 21 -8.87 -11.47 -36.86
N VAL U 22 -8.20 -10.47 -36.30
CA VAL U 22 -7.35 -9.58 -37.07
C VAL U 22 -6.17 -10.33 -37.65
N LEU U 23 -5.55 -11.21 -36.86
CA LEU U 23 -4.37 -11.92 -37.35
C LEU U 23 -4.73 -12.78 -38.55
N LEU U 24 -5.85 -13.50 -38.49
CA LEU U 24 -6.25 -14.32 -39.62
C LEU U 24 -6.63 -13.48 -40.82
N TRP U 25 -7.21 -12.30 -40.59
CA TRP U 25 -7.43 -11.37 -41.68
C TRP U 25 -6.12 -10.90 -42.28
N LEU U 26 -5.11 -10.68 -41.45
CA LEU U 26 -3.82 -10.28 -41.98
C LEU U 26 -3.18 -11.39 -42.80
N VAL U 27 -3.39 -12.64 -42.40
CA VAL U 27 -2.86 -13.74 -43.19
C VAL U 27 -3.60 -13.84 -44.52
N GLY U 28 -4.92 -13.68 -44.49
CA GLY U 28 -5.66 -13.67 -45.75
C GLY U 28 -5.16 -12.61 -46.69
N LEU U 29 -5.03 -11.39 -46.19
CA LEU U 29 -4.54 -10.30 -47.03
C LEU U 29 -3.18 -10.63 -47.61
N GLN U 30 -2.29 -11.16 -46.79
CA GLN U 30 -1.00 -11.62 -47.28
C GLN U 30 -1.16 -12.69 -48.36
N ASN U 31 -2.20 -13.53 -48.26
CA ASN U 31 -2.40 -14.55 -49.27
C ASN U 31 -2.92 -13.96 -50.57
N VAL U 32 -3.80 -12.96 -50.47
CA VAL U 32 -4.34 -12.36 -51.68
C VAL U 32 -3.29 -11.56 -52.39
N PHE U 33 -2.61 -10.66 -51.67
CA PHE U 33 -1.53 -9.87 -52.26
C PHE U 33 -0.47 -10.75 -52.87
N SER U 34 -0.06 -11.81 -52.16
CA SER U 34 1.01 -12.66 -52.66
C SER U 34 0.59 -13.40 -53.92
N HIS U 35 -0.60 -13.97 -53.89
CA HIS U 35 -1.09 -14.73 -55.04
C HIS U 35 -1.18 -13.84 -56.27
N GLN U 36 -1.73 -12.65 -56.09
CA GLN U 36 -1.89 -11.69 -57.18
C GLN U 36 -0.56 -11.08 -57.64
N LEU U 37 0.57 -11.50 -57.07
CA LEU U 37 1.83 -10.78 -57.24
C LEU U 37 2.99 -11.74 -57.03
N PRO U 38 3.13 -12.75 -57.89
CA PRO U 38 3.85 -13.96 -57.50
C PRO U 38 5.35 -13.91 -57.69
N ARG U 39 5.88 -12.91 -58.38
CA ARG U 39 7.33 -12.80 -58.44
C ARG U 39 7.90 -12.01 -57.28
N MET U 40 7.10 -11.23 -56.58
CA MET U 40 7.60 -10.65 -55.35
C MET U 40 7.65 -11.73 -54.27
N PRO U 41 8.71 -11.75 -53.48
CA PRO U 41 8.80 -12.77 -52.42
C PRO U 41 7.60 -12.70 -51.50
N LYS U 42 7.09 -13.88 -51.14
CA LYS U 42 6.02 -13.94 -50.16
C LYS U 42 6.47 -13.39 -48.81
N GLU U 43 7.75 -13.57 -48.47
CA GLU U 43 8.24 -13.14 -47.17
C GLU U 43 8.26 -11.62 -47.06
N TYR U 44 8.52 -10.95 -48.18
CA TYR U 44 8.47 -9.49 -48.19
C TYR U 44 7.05 -9.00 -48.07
N ILE U 45 6.11 -9.65 -48.74
CA ILE U 45 4.72 -9.27 -48.60
C ILE U 45 4.25 -9.49 -47.18
N ALA U 46 4.68 -10.59 -46.56
CA ALA U 46 4.36 -10.83 -45.16
C ALA U 46 4.98 -9.76 -44.27
N ARG U 47 6.24 -9.42 -44.50
CA ARG U 47 6.89 -8.45 -43.64
C ARG U 47 6.21 -7.09 -43.73
N LEU U 48 5.59 -6.76 -44.86
CA LEU U 48 4.94 -5.46 -44.97
C LEU U 48 3.55 -5.49 -44.33
N VAL U 49 2.75 -6.49 -44.69
CA VAL U 49 1.40 -6.59 -44.12
C VAL U 49 1.46 -6.62 -42.60
N PHE U 50 2.51 -7.20 -42.03
CA PHE U 50 2.64 -7.30 -40.59
C PHE U 50 3.52 -6.22 -39.98
N ASP U 51 3.93 -5.24 -40.76
CA ASP U 51 4.66 -4.12 -40.18
C ASP U 51 3.72 -3.17 -39.44
N PRO U 52 4.07 -2.74 -38.24
CA PRO U 52 3.16 -1.88 -37.47
C PRO U 52 2.94 -0.53 -38.11
N LYS U 53 3.95 0.02 -38.77
CA LYS U 53 3.81 1.29 -39.47
C LYS U 53 3.04 1.17 -40.78
N HIS U 54 2.62 -0.04 -41.16
CA HIS U 54 1.74 -0.25 -42.29
C HIS U 54 0.36 -0.63 -41.79
N LYS U 55 -0.66 -0.13 -42.46
CA LYS U 55 -2.03 -0.51 -42.16
C LYS U 55 -2.70 -1.02 -43.43
N THR U 56 -3.76 -1.79 -43.26
CA THR U 56 -4.49 -2.31 -44.40
C THR U 56 -5.98 -2.12 -44.19
N LEU U 57 -6.66 -1.68 -45.24
CA LEU U 57 -8.11 -1.61 -45.24
C LEU U 57 -8.59 -2.93 -45.82
N ALA U 58 -9.11 -3.80 -44.97
CA ALA U 58 -9.50 -5.13 -45.39
C ALA U 58 -10.93 -5.12 -45.87
N LEU U 59 -11.16 -5.73 -47.04
CA LEU U 59 -12.50 -5.92 -47.56
C LEU U 59 -13.01 -7.27 -47.08
N ILE U 60 -14.11 -7.26 -46.33
CA ILE U 60 -14.60 -8.43 -45.61
C ILE U 60 -15.97 -8.82 -46.15
N LYS U 61 -16.11 -10.09 -46.56
CA LYS U 61 -17.40 -10.67 -46.92
C LYS U 61 -17.57 -11.97 -46.13
N ASP U 62 -18.63 -12.03 -45.32
CA ASP U 62 -18.89 -13.19 -44.47
C ASP U 62 -17.75 -13.48 -43.51
N GLY U 63 -17.03 -12.44 -43.09
CA GLY U 63 -15.86 -12.63 -42.25
C GLY U 63 -14.62 -13.08 -42.98
N ARG U 64 -14.73 -13.45 -44.26
CA ARG U 64 -13.58 -13.87 -45.05
C ARG U 64 -13.03 -12.67 -45.81
N VAL U 65 -11.71 -12.52 -45.81
CA VAL U 65 -11.09 -11.42 -46.53
C VAL U 65 -11.16 -11.72 -48.02
N ILE U 66 -11.71 -10.78 -48.79
CA ILE U 66 -11.76 -10.90 -50.24
C ILE U 66 -11.04 -9.78 -50.95
N GLY U 67 -10.43 -8.87 -50.22
CA GLY U 67 -9.70 -7.80 -50.87
C GLY U 67 -9.16 -6.85 -49.83
N GLY U 68 -8.30 -5.95 -50.28
CA GLY U 68 -7.69 -5.02 -49.38
C GLY U 68 -6.80 -4.03 -50.09
N ILE U 69 -6.49 -2.96 -49.37
CA ILE U 69 -5.51 -1.97 -49.77
C ILE U 69 -4.50 -1.81 -48.64
N CYS U 70 -3.26 -2.16 -48.90
CA CYS U 70 -2.20 -1.99 -47.90
C CYS U 70 -1.49 -0.67 -48.13
N PHE U 71 -1.40 0.14 -47.08
CA PHE U 71 -0.91 1.50 -47.22
C PHE U 71 -0.08 1.88 -45.99
N ARG U 72 0.75 2.90 -46.17
CA ARG U 72 1.52 3.47 -45.07
C ARG U 72 1.31 4.97 -45.07
N MET U 73 0.91 5.51 -43.92
CA MET U 73 0.67 6.94 -43.78
C MET U 73 1.96 7.63 -43.38
N PHE U 74 2.25 8.75 -44.03
CA PHE U 74 3.38 9.60 -43.68
C PHE U 74 2.83 10.96 -43.25
N PRO U 75 2.20 11.04 -42.08
CA PRO U 75 1.58 12.31 -41.68
C PRO U 75 2.55 13.47 -41.57
N THR U 76 3.81 13.20 -41.24
CA THR U 76 4.79 14.27 -41.15
C THR U 76 5.02 14.96 -42.48
N GLN U 77 4.79 14.25 -43.59
CA GLN U 77 5.02 14.80 -44.92
C GLN U 77 3.74 15.16 -45.64
N GLY U 78 2.61 14.60 -45.22
CA GLY U 78 1.35 14.97 -45.81
C GLY U 78 0.88 14.14 -46.98
N PHE U 79 1.25 12.87 -47.04
CA PHE U 79 0.73 11.96 -48.05
C PHE U 79 0.75 10.56 -47.47
N THR U 80 0.05 9.65 -48.14
CA THR U 80 0.06 8.24 -47.81
C THR U 80 0.47 7.43 -49.03
N GLU U 81 1.27 6.40 -48.81
CA GLU U 81 1.69 5.51 -49.87
C GLU U 81 0.76 4.31 -49.98
N ILE U 82 0.23 4.05 -51.17
CA ILE U 82 -0.53 2.84 -51.43
C ILE U 82 0.45 1.76 -51.82
N VAL U 83 0.47 0.67 -51.06
CA VAL U 83 1.48 -0.36 -51.24
C VAL U 83 0.94 -1.49 -52.09
N PHE U 84 -0.11 -2.13 -51.60
CA PHE U 84 -0.70 -3.27 -52.26
C PHE U 84 -2.19 -3.02 -52.40
N CYS U 85 -2.77 -3.55 -53.45
CA CYS U 85 -4.13 -3.21 -53.81
C CYS U 85 -4.71 -4.35 -54.62
N ALA U 86 -5.63 -5.11 -54.03
CA ALA U 86 -6.07 -6.33 -54.68
C ALA U 86 -7.49 -6.68 -54.27
N VAL U 87 -8.18 -7.39 -55.15
CA VAL U 87 -9.47 -8.03 -54.86
C VAL U 87 -9.41 -9.46 -55.37
N THR U 88 -10.00 -10.38 -54.59
CA THR U 88 -9.97 -11.80 -54.94
C THR U 88 -10.55 -12.00 -56.33
N SER U 89 -9.96 -12.97 -57.06
CA SER U 89 -10.35 -13.22 -58.44
C SER U 89 -11.86 -13.38 -58.58
N ASN U 90 -12.44 -14.35 -57.84
CA ASN U 90 -13.88 -14.63 -58.00
C ASN U 90 -14.78 -13.51 -57.44
N GLU U 91 -14.26 -12.38 -56.97
CA GLU U 91 -15.09 -11.26 -56.51
C GLU U 91 -14.81 -9.99 -57.30
N GLN U 92 -14.02 -10.06 -58.36
CA GLN U 92 -13.72 -8.89 -59.17
C GLN U 92 -14.92 -8.53 -60.04
N VAL U 93 -14.78 -7.40 -60.74
CA VAL U 93 -15.80 -6.79 -61.61
C VAL U 93 -17.15 -6.72 -60.90
N LYS U 94 -17.13 -6.67 -59.57
CA LYS U 94 -18.32 -6.48 -58.77
C LYS U 94 -18.36 -5.10 -58.12
N GLY U 95 -17.49 -4.18 -58.55
CA GLY U 95 -17.47 -2.83 -58.02
C GLY U 95 -16.91 -2.70 -56.62
N TYR U 96 -16.25 -3.74 -56.11
CA TYR U 96 -15.69 -3.70 -54.78
C TYR U 96 -14.43 -2.84 -54.72
N GLY U 97 -13.64 -2.82 -55.80
CA GLY U 97 -12.43 -2.01 -55.79
C GLY U 97 -12.72 -0.55 -55.56
N THR U 98 -13.77 -0.04 -56.21
CA THR U 98 -14.15 1.36 -56.03
C THR U 98 -14.61 1.63 -54.60
N HIS U 99 -15.39 0.71 -54.03
CA HIS U 99 -15.83 0.90 -52.65
C HIS U 99 -14.65 0.87 -51.70
N LEU U 100 -13.68 0.00 -51.98
CA LEU U 100 -12.50 -0.07 -51.14
C LEU U 100 -11.74 1.25 -51.16
N MET U 101 -11.54 1.81 -52.35
CA MET U 101 -10.77 3.04 -52.47
C MET U 101 -11.52 4.20 -51.81
N ASN U 102 -12.85 4.22 -51.92
CA ASN U 102 -13.62 5.31 -51.35
C ASN U 102 -13.54 5.31 -49.82
N HIS U 103 -13.63 4.15 -49.19
CA HIS U 103 -13.48 4.12 -47.75
C HIS U 103 -12.09 4.57 -47.32
N LEU U 104 -11.08 4.23 -48.13
CA LEU U 104 -9.73 4.70 -47.84
C LEU U 104 -9.64 6.21 -47.98
N LYS U 105 -10.30 6.77 -49.00
CA LYS U 105 -10.33 8.21 -49.16
C LYS U 105 -11.00 8.87 -47.96
N GLU U 106 -12.18 8.38 -47.57
CA GLU U 106 -12.83 8.91 -46.39
C GLU U 106 -11.93 8.79 -45.15
N TYR U 107 -11.32 7.63 -44.96
CA TYR U 107 -10.45 7.43 -43.81
C TYR U 107 -9.31 8.44 -43.79
N HIS U 108 -8.76 8.77 -44.95
CA HIS U 108 -7.62 9.69 -44.98
C HIS U 108 -8.04 11.15 -44.88
N ILE U 109 -9.24 11.50 -45.34
CA ILE U 109 -9.74 12.84 -45.07
C ILE U 109 -9.83 13.08 -43.58
N LYS U 110 -10.50 12.17 -42.87
CA LYS U 110 -10.66 12.32 -41.42
C LYS U 110 -9.33 12.49 -40.70
N HIS U 111 -8.22 12.03 -41.28
CA HIS U 111 -6.93 12.12 -40.61
C HIS U 111 -6.04 13.22 -41.16
N ASN U 112 -6.57 14.11 -41.99
CA ASN U 112 -5.83 15.27 -42.47
C ASN U 112 -4.70 14.86 -43.42
N ILE U 113 -4.93 13.83 -44.22
CA ILE U 113 -3.97 13.41 -45.24
C ILE U 113 -4.74 13.43 -46.55
N LEU U 114 -4.36 14.33 -47.44
CA LEU U 114 -5.16 14.58 -48.62
C LEU U 114 -4.44 14.26 -49.92
N TYR U 115 -3.32 13.53 -49.86
CA TYR U 115 -2.61 13.07 -51.05
C TYR U 115 -2.24 11.61 -50.92
N PHE U 116 -2.60 10.82 -51.93
CA PHE U 116 -2.18 9.43 -52.06
C PHE U 116 -1.10 9.33 -53.11
N LEU U 117 0.01 8.68 -52.77
CA LEU U 117 1.04 8.34 -53.74
C LEU U 117 1.13 6.84 -53.90
N THR U 118 1.59 6.41 -55.07
CA THR U 118 1.70 4.99 -55.35
C THR U 118 2.61 4.81 -56.54
N TYR U 119 3.37 3.75 -56.53
CA TYR U 119 4.16 3.35 -57.69
C TYR U 119 3.42 2.17 -58.30
N ALA U 120 2.74 2.41 -59.41
CA ALA U 120 1.87 1.42 -60.02
C ALA U 120 2.62 0.60 -61.06
N ASP U 121 2.46 -0.71 -61.00
CA ASP U 121 2.87 -1.54 -62.12
C ASP U 121 1.88 -1.36 -63.26
N GLU U 122 2.25 -1.86 -64.44
CA GLU U 122 1.43 -1.59 -65.60
C GLU U 122 0.07 -2.24 -65.51
N TYR U 123 -0.07 -3.26 -64.68
CA TYR U 123 -1.35 -3.94 -64.55
C TYR U 123 -2.28 -3.26 -63.57
N ALA U 124 -1.80 -2.26 -62.84
CA ALA U 124 -2.62 -1.54 -61.89
C ALA U 124 -3.04 -0.17 -62.37
N ILE U 125 -2.38 0.35 -63.42
CA ILE U 125 -2.57 1.74 -63.79
C ILE U 125 -4.01 2.02 -64.16
N GLY U 126 -4.65 1.10 -64.87
CA GLY U 126 -6.02 1.31 -65.26
C GLY U 126 -6.93 1.47 -64.07
N TYR U 127 -6.75 0.63 -63.07
CA TYR U 127 -7.52 0.75 -61.83
C TYR U 127 -7.31 2.11 -61.19
N PHE U 128 -6.06 2.56 -61.09
CA PHE U 128 -5.79 3.83 -60.44
C PHE U 128 -6.31 5.01 -61.24
N LYS U 129 -6.29 4.91 -62.58
CA LYS U 129 -6.88 5.96 -63.39
C LYS U 129 -8.38 6.09 -63.12
N LYS U 130 -9.08 4.96 -63.06
CA LYS U 130 -10.51 5.00 -62.81
C LYS U 130 -10.85 5.45 -61.39
N GLN U 131 -9.91 5.38 -60.46
CA GLN U 131 -10.17 5.79 -59.09
C GLN U 131 -9.73 7.21 -58.83
N GLY U 132 -9.32 7.94 -59.87
CA GLY U 132 -8.97 9.34 -59.74
C GLY U 132 -7.51 9.66 -59.58
N PHE U 133 -6.62 8.76 -59.94
CA PHE U 133 -5.18 9.02 -59.87
C PHE U 133 -4.69 9.61 -61.18
N SER U 134 -3.55 10.29 -61.10
CA SER U 134 -2.96 10.96 -62.25
C SER U 134 -1.46 10.74 -62.24
N LYS U 135 -0.85 10.85 -63.43
CA LYS U 135 0.59 10.85 -63.54
C LYS U 135 1.20 12.22 -63.32
N ASP U 136 0.39 13.25 -63.06
CA ASP U 136 0.89 14.60 -62.83
C ASP U 136 1.02 14.81 -61.34
N ILE U 137 2.24 14.80 -60.84
CA ILE U 137 2.51 14.75 -59.41
C ILE U 137 2.61 16.17 -58.88
N LYS U 138 1.69 16.55 -58.01
CA LYS U 138 1.80 17.86 -57.39
C LYS U 138 2.68 17.84 -56.16
N VAL U 139 2.80 16.70 -55.50
CA VAL U 139 3.69 16.62 -54.33
C VAL U 139 5.12 16.78 -54.80
N PRO U 140 5.93 17.62 -54.15
CA PRO U 140 7.31 17.82 -54.60
C PRO U 140 8.18 16.59 -54.38
N LYS U 141 9.10 16.38 -55.32
CA LYS U 141 10.05 15.28 -55.21
C LYS U 141 10.82 15.35 -53.91
N SER U 142 11.10 16.55 -53.42
CA SER U 142 11.88 16.73 -52.20
C SER U 142 11.16 16.17 -50.97
N ARG U 143 9.93 15.69 -51.17
CA ARG U 143 9.08 15.27 -50.06
C ARG U 143 8.84 13.78 -49.98
N TYR U 144 8.71 13.09 -51.11
CA TYR U 144 8.44 11.65 -51.09
C TYR U 144 9.67 10.80 -51.36
N LEU U 145 10.69 11.35 -52.03
CA LEU U 145 11.89 10.60 -52.35
C LEU U 145 12.54 10.05 -51.09
N GLY U 146 12.83 8.76 -51.09
CA GLY U 146 13.37 8.10 -49.93
C GLY U 146 12.34 7.67 -48.91
N TYR U 147 11.16 8.25 -48.93
CA TYR U 147 10.13 7.73 -48.03
C TYR U 147 9.37 6.59 -48.68
N ILE U 148 9.02 6.75 -49.93
CA ILE U 148 8.30 5.71 -50.64
C ILE U 148 9.31 4.92 -51.48
N LYS U 149 9.11 3.61 -51.51
CA LYS U 149 9.95 2.69 -52.25
C LYS U 149 9.79 2.97 -53.74
N ASP U 150 10.74 3.68 -54.33
CA ASP U 150 10.79 3.83 -55.77
C ASP U 150 11.21 2.52 -56.42
N TYR U 151 10.93 2.38 -57.71
CA TYR U 151 11.34 1.21 -58.48
C TYR U 151 11.46 1.59 -59.95
N GLU U 152 12.50 1.07 -60.61
CA GLU U 152 12.85 1.60 -61.92
C GLU U 152 11.93 1.12 -63.04
N GLY U 153 10.77 0.56 -62.73
CA GLY U 153 9.83 0.26 -63.79
C GLY U 153 8.48 0.91 -63.55
N ALA U 154 8.18 1.20 -62.29
CA ALA U 154 6.87 1.63 -61.90
C ALA U 154 6.57 3.04 -62.40
N THR U 155 5.30 3.43 -62.30
CA THR U 155 4.79 4.73 -62.72
C THR U 155 4.22 5.42 -61.49
N LEU U 156 4.87 6.49 -61.05
CA LEU U 156 4.40 7.25 -59.91
C LEU U 156 3.09 7.93 -60.24
N MET U 157 2.07 7.67 -59.43
CA MET U 157 0.76 8.26 -59.63
C MET U 157 0.30 8.90 -58.34
N GLU U 158 -0.53 9.93 -58.47
CA GLU U 158 -0.97 10.74 -57.35
C GLU U 158 -2.48 10.89 -57.40
N CYS U 159 -3.09 10.97 -56.23
CA CYS U 159 -4.51 11.24 -56.12
C CYS U 159 -4.71 12.36 -55.13
N GLU U 160 -5.38 13.43 -55.54
CA GLU U 160 -5.70 14.52 -54.63
C GLU U 160 -7.09 14.32 -54.07
N LEU U 161 -7.24 14.51 -52.77
CA LEU U 161 -8.49 14.25 -52.06
C LEU U 161 -9.19 15.55 -51.69
N ASN U 162 -10.51 15.58 -51.91
CA ASN U 162 -11.34 16.71 -51.55
C ASN U 162 -11.89 16.50 -50.15
N PRO U 163 -11.50 17.31 -49.16
CA PRO U 163 -11.91 17.06 -47.78
C PRO U 163 -13.30 17.56 -47.43
N ARG U 164 -13.98 18.24 -48.36
CA ARG U 164 -15.28 18.80 -48.09
C ARG U 164 -16.42 17.95 -48.62
N ILE U 165 -16.24 17.29 -49.75
CA ILE U 165 -17.25 16.36 -50.24
C ILE U 165 -17.12 15.06 -49.47
N PRO U 166 -18.17 14.25 -49.37
CA PRO U 166 -18.04 12.93 -48.74
C PRO U 166 -17.84 11.83 -49.76
N TYR U 167 -16.75 11.09 -49.65
CA TYR U 167 -16.47 10.04 -50.62
C TYR U 167 -17.27 8.77 -50.36
N THR U 168 -17.99 8.67 -49.25
CA THR U 168 -18.83 7.51 -49.00
C THR U 168 -20.30 7.85 -49.18
N GLY V 3 3.60 -52.43 17.09
CA GLY V 3 3.85 -51.58 15.94
C GLY V 3 4.57 -50.33 16.36
N ILE V 4 4.33 -49.24 15.62
CA ILE V 4 4.97 -47.96 15.87
C ILE V 4 4.00 -47.12 16.70
N ILE V 5 4.23 -47.05 18.02
CA ILE V 5 3.31 -46.37 18.93
C ILE V 5 3.71 -44.90 19.09
N GLU V 6 2.70 -44.02 19.11
CA GLU V 6 2.89 -42.59 19.32
C GLU V 6 1.86 -42.09 20.32
N PHE V 7 2.12 -40.91 20.89
CA PHE V 7 1.22 -40.24 21.81
C PHE V 7 1.04 -38.81 21.37
N HIS V 8 -0.20 -38.39 21.19
CA HIS V 8 -0.47 -37.05 20.70
C HIS V 8 -1.59 -36.45 21.53
N VAL V 9 -1.42 -35.22 21.96
CA VAL V 9 -2.47 -34.47 22.61
C VAL V 9 -3.19 -33.70 21.51
N ILE V 10 -4.43 -34.09 21.23
CA ILE V 10 -5.19 -33.53 20.13
C ILE V 10 -6.49 -32.96 20.66
N GLY V 11 -7.17 -32.19 19.82
CA GLY V 11 -8.36 -31.49 20.24
C GLY V 11 -9.07 -30.81 19.08
N ASN V 12 -9.56 -29.59 19.30
CA ASN V 12 -10.35 -28.94 18.26
C ASN V 12 -10.27 -27.43 18.49
N SER V 13 -9.55 -26.74 17.61
CA SER V 13 -9.31 -25.30 17.76
C SER V 13 -10.58 -24.47 17.60
N ARG V 20 -8.80 -34.19 7.84
CA ARG V 20 -7.53 -34.10 8.55
C ARG V 20 -7.25 -35.35 9.36
N ARG V 21 -5.98 -35.55 9.69
CA ARG V 21 -5.58 -36.76 10.41
C ARG V 21 -6.10 -36.76 11.84
N VAL V 22 -6.25 -35.59 12.44
CA VAL V 22 -6.71 -35.56 13.82
C VAL V 22 -8.20 -35.79 13.92
N LEU V 23 -8.97 -35.39 12.91
CA LEU V 23 -10.40 -35.61 12.97
C LEU V 23 -10.71 -37.09 12.93
N LEU V 24 -10.02 -37.85 12.07
CA LEU V 24 -10.25 -39.29 12.06
C LEU V 24 -9.84 -39.91 13.38
N TRP V 25 -8.83 -39.33 14.04
CA TRP V 25 -8.41 -39.82 15.35
C TRP V 25 -9.48 -39.55 16.39
N LEU V 26 -10.00 -38.33 16.43
CA LEU V 26 -11.13 -38.02 17.31
C LEU V 26 -12.31 -38.95 17.05
N VAL V 27 -12.61 -39.22 15.77
CA VAL V 27 -13.71 -40.14 15.46
C VAL V 27 -13.43 -41.51 16.03
N GLY V 28 -12.19 -41.99 15.87
CA GLY V 28 -11.82 -43.26 16.48
C GLY V 28 -11.90 -43.22 17.99
N LEU V 29 -11.57 -42.06 18.58
CA LEU V 29 -11.61 -41.95 20.02
C LEU V 29 -13.05 -41.97 20.52
N GLN V 30 -13.91 -41.13 19.94
CA GLN V 30 -15.33 -41.17 20.27
C GLN V 30 -15.88 -42.56 20.09
N ASN V 31 -15.39 -43.27 19.10
CA ASN V 31 -15.94 -44.59 18.88
C ASN V 31 -15.47 -45.58 19.93
N VAL V 32 -14.23 -45.44 20.38
CA VAL V 32 -13.73 -46.32 21.44
C VAL V 32 -14.42 -46.03 22.76
N PHE V 33 -14.57 -44.75 23.12
CA PHE V 33 -15.25 -44.44 24.38
C PHE V 33 -16.69 -44.90 24.33
N SER V 34 -17.36 -44.69 23.20
CA SER V 34 -18.74 -45.12 23.06
C SER V 34 -18.88 -46.64 23.14
N HIS V 35 -17.90 -47.39 22.64
CA HIS V 35 -18.01 -48.83 22.74
C HIS V 35 -17.90 -49.28 24.19
N GLN V 36 -17.07 -48.60 24.97
CA GLN V 36 -16.83 -48.98 26.35
C GLN V 36 -17.95 -48.53 27.28
N LEU V 37 -18.70 -47.50 26.90
CA LEU V 37 -19.82 -46.98 27.66
C LEU V 37 -21.10 -47.09 26.83
N PRO V 38 -21.64 -48.30 26.69
CA PRO V 38 -22.80 -48.47 25.80
C PRO V 38 -24.05 -47.76 26.29
N ARG V 39 -24.17 -47.52 27.58
CA ARG V 39 -25.37 -46.92 28.11
C ARG V 39 -25.36 -45.39 28.04
N MET V 40 -24.18 -44.77 27.91
CA MET V 40 -24.12 -43.33 27.72
C MET V 40 -24.55 -42.97 26.30
N PRO V 41 -25.16 -41.81 26.12
CA PRO V 41 -25.58 -41.40 24.78
C PRO V 41 -24.38 -41.15 23.87
N LYS V 42 -24.35 -41.86 22.74
CA LYS V 42 -23.30 -41.69 21.74
C LYS V 42 -23.09 -40.22 21.40
N GLU V 43 -24.18 -39.46 21.33
CA GLU V 43 -24.10 -38.04 20.99
C GLU V 43 -23.41 -37.24 22.07
N TYR V 44 -23.56 -37.63 23.33
CA TYR V 44 -22.89 -36.94 24.44
C TYR V 44 -21.39 -37.13 24.35
N ILE V 45 -20.94 -38.35 24.07
CA ILE V 45 -19.51 -38.60 23.95
C ILE V 45 -18.91 -37.80 22.81
N ALA V 46 -19.58 -37.77 21.66
CA ALA V 46 -19.09 -36.98 20.53
C ALA V 46 -19.05 -35.49 20.86
N ARG V 47 -20.07 -35.01 21.56
CA ARG V 47 -20.09 -33.63 22.02
C ARG V 47 -18.85 -33.31 22.86
N LEU V 48 -18.47 -34.19 23.79
CA LEU V 48 -17.33 -33.87 24.65
C LEU V 48 -16.00 -34.03 23.90
N VAL V 49 -15.83 -35.15 23.21
CA VAL V 49 -14.58 -35.40 22.51
C VAL V 49 -14.27 -34.26 21.54
N PHE V 50 -15.29 -33.71 20.88
CA PHE V 50 -15.09 -32.65 19.91
C PHE V 50 -15.29 -31.27 20.49
N ASP V 51 -15.43 -31.18 21.80
CA ASP V 51 -15.49 -29.89 22.45
C ASP V 51 -14.11 -29.26 22.49
N PRO V 52 -14.01 -27.94 22.31
CA PRO V 52 -12.68 -27.31 22.31
C PRO V 52 -12.04 -27.28 23.68
N LYS V 53 -12.81 -26.99 24.73
CA LYS V 53 -12.32 -27.01 26.10
C LYS V 53 -11.93 -28.40 26.57
N HIS V 54 -12.12 -29.45 25.77
CA HIS V 54 -11.63 -30.78 26.08
C HIS V 54 -10.50 -31.14 25.14
N LYS V 55 -9.53 -31.89 25.64
CA LYS V 55 -8.45 -32.39 24.82
C LYS V 55 -8.34 -33.89 25.06
N THR V 56 -7.63 -34.56 24.18
CA THR V 56 -7.51 -36.00 24.29
C THR V 56 -6.07 -36.38 24.01
N LEU V 57 -5.52 -37.25 24.85
CA LEU V 57 -4.18 -37.79 24.65
C LEU V 57 -4.35 -39.11 23.92
N ALA V 58 -4.11 -39.09 22.61
CA ALA V 58 -4.42 -40.24 21.78
C ALA V 58 -3.27 -41.23 21.77
N LEU V 59 -3.61 -42.51 21.80
CA LEU V 59 -2.64 -43.58 21.74
C LEU V 59 -2.71 -44.18 20.35
N ILE V 60 -1.68 -43.93 19.56
CA ILE V 60 -1.67 -44.26 18.13
C ILE V 60 -0.68 -45.38 17.90
N LYS V 61 -1.08 -46.40 17.18
CA LYS V 61 -0.14 -47.43 16.76
C LYS V 61 -0.36 -47.70 15.28
N ASP V 62 0.73 -47.68 14.52
CA ASP V 62 0.72 -47.83 13.07
C ASP V 62 -0.22 -46.85 12.40
N GLY V 63 -0.54 -45.76 13.08
CA GLY V 63 -1.38 -44.72 12.53
C GLY V 63 -2.82 -44.73 12.98
N ARG V 64 -3.28 -45.79 13.63
CA ARG V 64 -4.68 -45.93 14.00
C ARG V 64 -4.84 -45.76 15.50
N VAL V 65 -5.93 -45.08 15.90
CA VAL V 65 -6.22 -44.89 17.31
C VAL V 65 -6.52 -46.22 17.98
N ILE V 66 -5.81 -46.54 19.05
CA ILE V 66 -6.12 -47.70 19.86
C ILE V 66 -6.48 -47.36 21.30
N GLY V 67 -6.47 -46.09 21.66
CA GLY V 67 -6.85 -45.70 23.01
C GLY V 67 -6.57 -44.23 23.23
N GLY V 68 -6.99 -43.75 24.39
CA GLY V 68 -6.78 -42.33 24.70
C GLY V 68 -7.36 -41.98 26.05
N ILE V 69 -7.03 -40.76 26.49
CA ILE V 69 -7.60 -40.17 27.70
C ILE V 69 -8.17 -38.80 27.35
N CYS V 70 -9.48 -38.63 27.53
CA CYS V 70 -10.12 -37.36 27.30
C CYS V 70 -10.24 -36.62 28.63
N PHE V 71 -9.74 -35.39 28.64
CA PHE V 71 -9.62 -34.62 29.87
C PHE V 71 -9.88 -33.15 29.57
N ARG V 72 -10.19 -32.40 30.62
CA ARG V 72 -10.38 -30.96 30.52
C ARG V 72 -9.52 -30.26 31.56
N MET V 73 -8.62 -29.39 31.11
CA MET V 73 -7.76 -28.64 32.00
C MET V 73 -8.48 -27.42 32.57
N PHE V 74 -8.32 -27.21 33.87
CA PHE V 74 -8.87 -26.05 34.57
C PHE V 74 -7.73 -25.26 35.20
N PRO V 75 -6.90 -24.60 34.38
CA PRO V 75 -5.75 -23.88 34.93
C PRO V 75 -6.11 -22.87 36.02
N THR V 76 -7.26 -22.22 35.92
CA THR V 76 -7.67 -21.30 36.99
C THR V 76 -7.85 -22.02 38.31
N GLN V 77 -8.22 -23.29 38.29
CA GLN V 77 -8.57 -24.01 39.50
C GLN V 77 -7.48 -24.93 39.98
N GLY V 78 -6.51 -25.25 39.12
CA GLY V 78 -5.37 -26.02 39.55
C GLY V 78 -5.46 -27.51 39.33
N PHE V 79 -6.42 -27.96 38.54
CA PHE V 79 -6.55 -29.39 38.29
C PHE V 79 -7.04 -29.57 36.86
N THR V 80 -7.06 -30.82 36.41
CA THR V 80 -7.81 -31.19 35.23
C THR V 80 -8.69 -32.39 35.57
N GLU V 81 -9.79 -32.50 34.83
CA GLU V 81 -10.72 -33.60 35.00
C GLU V 81 -10.39 -34.71 34.01
N ILE V 82 -10.21 -35.92 34.52
CA ILE V 82 -10.17 -37.11 33.67
C ILE V 82 -11.60 -37.48 33.31
N VAL V 83 -11.90 -37.50 32.03
CA VAL V 83 -13.27 -37.72 31.59
C VAL V 83 -13.43 -39.15 31.12
N PHE V 84 -12.83 -39.45 29.97
CA PHE V 84 -12.87 -40.77 29.37
C PHE V 84 -11.47 -41.34 29.35
N CYS V 85 -11.41 -42.66 29.38
CA CYS V 85 -10.14 -43.33 29.60
C CYS V 85 -10.31 -44.76 29.12
N ALA V 86 -9.61 -45.13 28.04
CA ALA V 86 -9.92 -46.40 27.41
C ALA V 86 -8.79 -46.84 26.48
N VAL V 87 -8.63 -48.15 26.39
CA VAL V 87 -7.78 -48.83 25.44
C VAL V 87 -8.61 -49.96 24.82
N THR V 88 -8.65 -50.03 23.51
CA THR V 88 -9.58 -50.96 22.87
C THR V 88 -9.14 -52.40 23.11
N SER V 89 -10.12 -53.30 23.16
CA SER V 89 -9.91 -54.64 23.72
C SER V 89 -8.72 -55.36 23.07
N ASN V 90 -8.62 -55.30 21.74
CA ASN V 90 -7.55 -56.03 21.05
C ASN V 90 -6.17 -55.71 21.61
N GLU V 91 -5.99 -54.51 22.15
CA GLU V 91 -4.67 -54.01 22.55
C GLU V 91 -4.54 -53.80 24.06
N GLN V 92 -5.41 -54.41 24.86
CA GLN V 92 -5.27 -54.23 26.30
C GLN V 92 -4.31 -55.25 26.89
N VAL V 93 -4.00 -55.04 28.16
CA VAL V 93 -2.99 -55.77 28.91
C VAL V 93 -1.71 -55.86 28.08
N LYS V 94 -1.29 -54.73 27.52
CA LYS V 94 0.08 -54.59 27.04
C LYS V 94 0.79 -53.43 27.73
N GLY V 95 0.24 -52.92 28.83
CA GLY V 95 0.81 -51.79 29.52
C GLY V 95 0.52 -50.45 28.90
N TYR V 96 -0.35 -50.40 27.89
CA TYR V 96 -0.63 -49.15 27.19
C TYR V 96 -1.36 -48.16 28.07
N GLY V 97 -2.19 -48.65 29.00
CA GLY V 97 -2.95 -47.76 29.85
C GLY V 97 -2.07 -47.00 30.82
N THR V 98 -1.00 -47.65 31.28
CA THR V 98 -0.03 -46.98 32.15
C THR V 98 0.84 -46.01 31.36
N HIS V 99 1.30 -46.41 30.17
CA HIS V 99 2.02 -45.48 29.33
C HIS V 99 1.16 -44.26 29.03
N LEU V 100 -0.13 -44.49 28.78
CA LEU V 100 -1.02 -43.37 28.50
C LEU V 100 -1.12 -42.43 29.68
N MET V 101 -1.30 -42.97 30.88
CA MET V 101 -1.48 -42.11 32.04
C MET V 101 -0.21 -41.37 32.38
N ASN V 102 0.94 -42.02 32.23
CA ASN V 102 2.21 -41.37 32.53
C ASN V 102 2.52 -40.25 31.55
N HIS V 103 2.25 -40.47 30.27
CA HIS V 103 2.40 -39.38 29.31
C HIS V 103 1.55 -38.19 29.71
N LEU V 104 0.34 -38.44 30.19
CA LEU V 104 -0.56 -37.37 30.61
C LEU V 104 0.01 -36.60 31.80
N LYS V 105 0.67 -37.29 32.72
CA LYS V 105 1.25 -36.60 33.86
C LYS V 105 2.38 -35.70 33.42
N GLU V 106 3.30 -36.22 32.61
CA GLU V 106 4.37 -35.37 32.09
C GLU V 106 3.77 -34.17 31.40
N TYR V 107 2.77 -34.40 30.56
CA TYR V 107 2.15 -33.28 29.86
C TYR V 107 1.64 -32.24 30.83
N HIS V 108 1.14 -32.67 31.98
CA HIS V 108 0.57 -31.73 32.92
C HIS V 108 1.63 -31.11 33.83
N ILE V 109 2.72 -31.81 34.09
CA ILE V 109 3.84 -31.19 34.79
C ILE V 109 4.39 -30.02 33.98
N LYS V 110 4.59 -30.24 32.68
CA LYS V 110 5.05 -29.18 31.80
C LYS V 110 4.08 -28.03 31.72
N HIS V 111 2.81 -28.24 32.10
CA HIS V 111 1.81 -27.18 32.06
C HIS V 111 1.41 -26.70 33.44
N ASN V 112 2.18 -27.04 34.47
CA ASN V 112 2.03 -26.46 35.79
C ASN V 112 0.63 -26.74 36.37
N ILE V 113 0.15 -27.95 36.15
CA ILE V 113 -1.07 -28.44 36.78
C ILE V 113 -0.70 -29.71 37.54
N LEU V 114 -1.05 -29.76 38.82
CA LEU V 114 -0.48 -30.75 39.72
C LEU V 114 -1.50 -31.72 40.29
N TYR V 115 -2.76 -31.63 39.88
CA TYR V 115 -3.81 -32.51 40.41
C TYR V 115 -4.72 -32.98 39.28
N PHE V 116 -5.01 -34.26 39.27
CA PHE V 116 -6.10 -34.82 38.48
C PHE V 116 -7.31 -35.01 39.39
N LEU V 117 -8.50 -34.78 38.84
CA LEU V 117 -9.73 -35.18 39.50
C LEU V 117 -10.54 -36.05 38.55
N THR V 118 -11.21 -37.07 39.07
CA THR V 118 -12.05 -37.89 38.23
C THR V 118 -13.22 -38.42 39.05
N TYR V 119 -14.35 -38.58 38.40
CA TYR V 119 -15.45 -39.36 38.93
C TYR V 119 -15.50 -40.67 38.17
N ALA V 120 -15.41 -41.78 38.90
CA ALA V 120 -15.08 -43.08 38.32
C ALA V 120 -16.21 -44.08 38.53
N ASP V 121 -16.50 -44.87 37.48
CA ASP V 121 -17.35 -46.05 37.55
C ASP V 121 -16.83 -47.04 38.59
N GLU V 122 -17.65 -48.03 38.92
CA GLU V 122 -17.12 -49.27 39.47
C GLU V 122 -15.91 -49.73 38.66
N TYR V 123 -16.10 -49.88 37.36
CA TYR V 123 -15.18 -50.62 36.53
C TYR V 123 -13.88 -49.88 36.27
N ALA V 124 -13.73 -48.66 36.79
CA ALA V 124 -12.54 -47.85 36.56
C ALA V 124 -11.72 -47.60 37.82
N ILE V 125 -12.28 -47.83 39.01
CA ILE V 125 -11.58 -47.53 40.26
C ILE V 125 -10.26 -48.30 40.34
N GLY V 126 -10.26 -49.56 39.91
CA GLY V 126 -9.04 -50.34 39.95
C GLY V 126 -7.94 -49.77 39.10
N TYR V 127 -8.26 -49.38 37.87
CA TYR V 127 -7.28 -48.75 37.01
C TYR V 127 -6.73 -47.49 37.65
N PHE V 128 -7.61 -46.62 38.13
CA PHE V 128 -7.17 -45.39 38.76
C PHE V 128 -6.37 -45.66 40.02
N LYS V 129 -6.71 -46.72 40.78
CA LYS V 129 -5.89 -47.06 41.94
C LYS V 129 -4.50 -47.50 41.52
N LYS V 130 -4.41 -48.29 40.46
CA LYS V 130 -3.10 -48.73 40.01
C LYS V 130 -2.31 -47.60 39.41
N GLN V 131 -2.94 -46.48 39.10
CA GLN V 131 -2.24 -45.33 38.56
C GLN V 131 -1.97 -44.28 39.62
N GLY V 132 -2.24 -44.58 40.89
CA GLY V 132 -1.91 -43.70 41.98
C GLY V 132 -3.01 -42.80 42.46
N PHE V 133 -4.24 -42.96 41.97
CA PHE V 133 -5.33 -42.13 42.44
C PHE V 133 -5.82 -42.63 43.79
N SER V 134 -6.39 -41.72 44.56
CA SER V 134 -6.90 -42.05 45.88
C SER V 134 -8.28 -41.46 46.07
N LYS V 135 -9.05 -42.03 47.00
CA LYS V 135 -10.34 -41.49 47.37
C LYS V 135 -10.23 -40.36 48.38
N ASP V 136 -9.02 -40.03 48.81
CA ASP V 136 -8.79 -38.94 49.76
C ASP V 136 -8.47 -37.68 48.97
N ILE V 137 -9.38 -36.71 49.02
CA ILE V 137 -9.38 -35.56 48.13
C ILE V 137 -8.79 -34.38 48.88
N LYS V 138 -7.56 -33.99 48.53
CA LYS V 138 -6.94 -32.83 49.19
C LYS V 138 -7.46 -31.51 48.66
N VAL V 139 -7.81 -31.45 47.37
CA VAL V 139 -8.35 -30.24 46.76
C VAL V 139 -9.65 -29.89 47.48
N PRO V 140 -9.78 -28.67 47.99
CA PRO V 140 -10.97 -28.34 48.78
C PRO V 140 -12.21 -28.26 47.91
N LYS V 141 -13.33 -28.59 48.54
CA LYS V 141 -14.56 -28.74 47.79
C LYS V 141 -14.93 -27.47 47.03
N SER V 142 -14.60 -26.31 47.59
CA SER V 142 -14.92 -25.04 46.91
C SER V 142 -14.22 -24.91 45.58
N ARG V 143 -13.17 -25.68 45.33
CA ARG V 143 -12.36 -25.51 44.15
C ARG V 143 -12.78 -26.38 42.98
N TYR V 144 -13.55 -27.44 43.21
CA TYR V 144 -13.96 -28.28 42.10
C TYR V 144 -15.45 -28.46 41.97
N LEU V 145 -16.21 -28.29 43.05
CA LEU V 145 -17.64 -28.52 42.99
C LEU V 145 -18.28 -27.58 42.00
N GLY V 146 -19.02 -28.14 41.05
CA GLY V 146 -19.67 -27.36 40.03
C GLY V 146 -18.88 -27.25 38.74
N TYR V 147 -17.55 -27.29 38.80
CA TYR V 147 -16.76 -27.28 37.56
C TYR V 147 -16.73 -28.65 36.92
N ILE V 148 -16.77 -29.70 37.72
CA ILE V 148 -16.92 -31.07 37.25
C ILE V 148 -18.19 -31.62 37.86
N LYS V 149 -18.81 -32.56 37.15
CA LYS V 149 -20.14 -33.02 37.49
C LYS V 149 -20.07 -34.27 38.36
N ASP V 150 -20.69 -34.19 39.53
CA ASP V 150 -20.77 -35.26 40.52
C ASP V 150 -22.00 -36.11 40.22
N TYR V 151 -21.82 -37.11 39.35
CA TYR V 151 -22.93 -38.02 39.06
C TYR V 151 -23.21 -38.90 40.26
N GLU V 152 -24.48 -39.02 40.61
CA GLU V 152 -24.85 -39.86 41.73
C GLU V 152 -24.36 -41.29 41.51
N GLY V 153 -23.57 -41.79 42.46
CA GLY V 153 -23.05 -43.13 42.38
C GLY V 153 -21.63 -43.24 41.90
N ALA V 154 -21.00 -42.15 41.53
CA ALA V 154 -19.61 -42.18 41.09
C ALA V 154 -18.68 -41.86 42.24
N THR V 155 -17.47 -42.35 42.16
CA THR V 155 -16.50 -42.19 43.23
C THR V 155 -15.49 -41.13 42.83
N LEU V 156 -15.44 -40.06 43.59
CA LEU V 156 -14.44 -39.04 43.33
C LEU V 156 -13.08 -39.55 43.77
N MET V 157 -12.09 -39.44 42.87
CA MET V 157 -10.74 -39.87 43.11
C MET V 157 -9.77 -38.82 42.57
N GLU V 158 -8.63 -38.69 43.24
CA GLU V 158 -7.68 -37.63 42.95
C GLU V 158 -6.27 -38.18 42.89
N CYS V 159 -5.47 -37.61 42.00
CA CYS V 159 -4.07 -37.96 41.88
C CYS V 159 -3.24 -36.69 42.09
N GLU V 160 -2.22 -36.80 42.93
CA GLU V 160 -1.30 -35.70 43.17
C GLU V 160 0.00 -36.01 42.45
N LEU V 161 0.47 -35.07 41.63
CA LEU V 161 1.60 -35.29 40.74
C LEU V 161 2.86 -34.68 41.33
N ASN V 162 3.98 -35.33 41.08
CA ASN V 162 5.26 -34.86 41.62
C ASN V 162 6.08 -34.26 40.49
N PRO V 163 6.35 -32.95 40.51
CA PRO V 163 7.06 -32.33 39.41
C PRO V 163 8.50 -32.77 39.30
N ARG V 164 9.08 -33.28 40.37
CA ARG V 164 10.47 -33.71 40.29
C ARG V 164 10.60 -35.08 39.66
N ILE V 165 9.53 -35.84 39.64
CA ILE V 165 9.59 -37.20 39.12
C ILE V 165 9.57 -37.15 37.60
N PRO V 166 10.47 -37.86 36.91
CA PRO V 166 10.34 -38.02 35.46
C PRO V 166 9.36 -39.14 35.17
N TYR V 167 8.18 -38.77 34.68
CA TYR V 167 7.12 -39.75 34.52
C TYR V 167 7.28 -40.56 33.23
N THR V 168 7.87 -39.95 32.21
CA THR V 168 8.20 -40.65 30.97
C THR V 168 9.71 -40.64 30.73
N ILE W 4 34.17 -19.15 -37.30
CA ILE W 4 33.57 -18.72 -36.04
C ILE W 4 33.29 -17.22 -36.12
N ILE W 5 32.41 -16.85 -37.05
CA ILE W 5 32.12 -15.47 -37.38
C ILE W 5 30.64 -15.21 -37.14
N GLU W 6 30.34 -14.15 -36.40
CA GLU W 6 28.96 -13.74 -36.18
C GLU W 6 28.87 -12.22 -36.29
N PHE W 7 27.64 -11.74 -36.52
CA PHE W 7 27.37 -10.33 -36.72
C PHE W 7 26.40 -9.85 -35.65
N HIS W 8 26.73 -8.74 -35.00
CA HIS W 8 25.93 -8.22 -33.91
C HIS W 8 25.70 -6.73 -34.11
N VAL W 9 24.45 -6.31 -33.99
CA VAL W 9 24.10 -4.88 -34.01
C VAL W 9 24.00 -4.44 -32.55
N ILE W 10 24.99 -3.68 -32.10
CA ILE W 10 25.08 -3.31 -30.70
C ILE W 10 25.06 -1.79 -30.58
N GLY W 11 25.12 -1.29 -29.35
CA GLY W 11 25.09 0.13 -29.11
C GLY W 11 24.90 0.41 -27.63
N ASN W 12 25.18 1.65 -27.26
CA ASN W 12 25.10 2.07 -25.87
C ASN W 12 23.66 2.43 -25.52
N SER W 13 23.09 1.69 -24.57
CA SER W 13 21.72 1.95 -24.14
C SER W 13 21.64 3.16 -23.20
N LEU W 14 22.55 3.22 -22.24
CA LEU W 14 22.53 4.23 -21.18
C LEU W 14 22.89 5.62 -21.69
N ALA W 18 24.65 -2.20 -19.62
CA ALA W 18 24.25 -3.39 -18.89
C ALA W 18 25.24 -4.54 -19.12
N ASN W 19 25.31 -4.99 -20.36
CA ASN W 19 26.21 -6.08 -20.70
C ASN W 19 27.64 -5.56 -20.74
N ARG W 20 28.57 -6.38 -20.28
CA ARG W 20 29.98 -6.02 -20.35
C ARG W 20 30.58 -6.31 -21.71
N ARG W 21 30.22 -7.47 -22.26
CA ARG W 21 30.76 -7.87 -23.55
C ARG W 21 30.48 -6.81 -24.60
N VAL W 22 29.32 -6.16 -24.49
CA VAL W 22 29.01 -5.06 -25.38
C VAL W 22 29.97 -3.90 -25.15
N LEU W 23 30.11 -3.48 -23.89
CA LEU W 23 31.02 -2.39 -23.57
C LEU W 23 32.43 -2.69 -24.06
N LEU W 24 32.91 -3.90 -23.85
CA LEU W 24 34.23 -4.24 -24.34
C LEU W 24 34.27 -4.28 -25.86
N TRP W 25 33.20 -4.77 -26.48
CA TRP W 25 33.09 -4.73 -27.94
C TRP W 25 33.18 -3.29 -28.44
N LEU W 26 32.42 -2.40 -27.82
CA LEU W 26 32.47 -1.00 -28.23
C LEU W 26 33.84 -0.38 -28.00
N VAL W 27 34.58 -0.84 -27.00
CA VAL W 27 35.96 -0.37 -26.88
C VAL W 27 36.81 -0.96 -27.99
N GLY W 28 36.54 -2.21 -28.38
CA GLY W 28 37.26 -2.79 -29.50
C GLY W 28 36.97 -2.06 -30.79
N LEU W 29 35.70 -1.76 -31.04
CA LEU W 29 35.34 -1.01 -32.23
C LEU W 29 36.02 0.35 -32.23
N GLN W 30 35.97 1.05 -31.09
CA GLN W 30 36.64 2.34 -31.01
C GLN W 30 38.13 2.21 -31.28
N ASN W 31 38.76 1.17 -30.75
CA ASN W 31 40.17 0.91 -31.06
C ASN W 31 40.37 0.73 -32.56
N VAL W 32 39.60 -0.16 -33.17
CA VAL W 32 39.74 -0.43 -34.60
C VAL W 32 39.58 0.85 -35.39
N PHE W 33 38.42 1.51 -35.26
CA PHE W 33 38.17 2.73 -36.02
C PHE W 33 39.26 3.77 -35.76
N SER W 34 39.65 3.93 -34.49
CA SER W 34 40.57 5.01 -34.18
C SER W 34 41.92 4.78 -34.83
N HIS W 35 42.34 3.53 -34.94
CA HIS W 35 43.62 3.24 -35.56
C HIS W 35 43.57 3.51 -37.07
N GLN W 36 42.66 2.83 -37.78
CA GLN W 36 42.57 2.98 -39.23
C GLN W 36 42.37 4.43 -39.67
N LEU W 37 42.02 5.33 -38.76
CA LEU W 37 41.61 6.68 -39.10
C LEU W 37 42.32 7.66 -38.16
N PRO W 38 43.64 7.75 -38.26
CA PRO W 38 44.42 8.35 -37.15
C PRO W 38 44.07 9.79 -36.86
N ARG W 39 44.06 10.65 -37.87
CA ARG W 39 43.99 12.08 -37.61
C ARG W 39 42.67 12.49 -36.97
N MET W 40 41.69 11.61 -36.95
CA MET W 40 40.47 11.91 -36.22
C MET W 40 40.68 11.64 -34.73
N PRO W 41 40.40 12.62 -33.86
CA PRO W 41 40.70 12.46 -32.43
C PRO W 41 40.06 11.23 -31.83
N LYS W 42 40.87 10.48 -31.06
CA LYS W 42 40.37 9.31 -30.37
C LYS W 42 39.14 9.65 -29.53
N GLU W 43 39.16 10.81 -28.91
CA GLU W 43 38.04 11.22 -28.05
C GLU W 43 36.77 11.34 -28.86
N TYR W 44 36.89 11.73 -30.12
CA TYR W 44 35.74 11.97 -30.98
C TYR W 44 35.16 10.67 -31.49
N ILE W 45 36.01 9.74 -31.91
CA ILE W 45 35.54 8.43 -32.33
C ILE W 45 34.83 7.73 -31.18
N ALA W 46 35.32 7.90 -29.96
CA ALA W 46 34.69 7.26 -28.81
C ALA W 46 33.31 7.85 -28.55
N ARG W 47 33.21 9.18 -28.55
CA ARG W 47 31.92 9.84 -28.34
C ARG W 47 30.90 9.37 -29.36
N LEU W 48 31.34 9.08 -30.59
CA LEU W 48 30.40 8.63 -31.61
C LEU W 48 30.02 7.18 -31.39
N VAL W 49 31.01 6.32 -31.18
CA VAL W 49 30.71 4.91 -30.94
C VAL W 49 29.86 4.73 -29.69
N PHE W 50 30.07 5.57 -28.67
CA PHE W 50 29.32 5.42 -27.42
C PHE W 50 28.11 6.33 -27.33
N ASP W 51 27.77 7.03 -28.42
CA ASP W 51 26.52 7.77 -28.51
C ASP W 51 25.37 6.79 -28.72
N PRO W 52 24.30 6.87 -27.93
CA PRO W 52 23.20 5.91 -28.08
C PRO W 52 22.54 5.96 -29.45
N LYS W 53 22.44 7.16 -30.04
CA LYS W 53 21.81 7.28 -31.35
C LYS W 53 22.64 6.68 -32.46
N HIS W 54 23.89 6.32 -32.19
CA HIS W 54 24.69 5.54 -33.12
C HIS W 54 24.63 4.06 -32.74
N LYS W 55 24.70 3.22 -33.74
CA LYS W 55 24.76 1.78 -33.54
C LYS W 55 25.93 1.24 -34.34
N THR W 56 26.40 0.06 -33.96
CA THR W 56 27.50 -0.58 -34.68
C THR W 56 27.13 -2.02 -35.01
N LEU W 57 27.27 -2.37 -36.28
CA LEU W 57 27.25 -3.77 -36.68
C LEU W 57 28.66 -4.30 -36.51
N ALA W 58 28.87 -5.17 -35.53
CA ALA W 58 30.21 -5.60 -35.16
C ALA W 58 30.54 -6.93 -35.82
N LEU W 59 31.75 -7.01 -36.38
CA LEU W 59 32.26 -8.25 -36.96
C LEU W 59 33.05 -8.98 -35.88
N ILE W 60 32.53 -10.12 -35.45
CA ILE W 60 33.05 -10.87 -34.30
C ILE W 60 33.66 -12.17 -34.79
N LYS W 61 34.88 -12.47 -34.34
CA LYS W 61 35.46 -13.78 -34.53
C LYS W 61 36.00 -14.27 -33.18
N ASP W 62 35.48 -15.41 -32.73
CA ASP W 62 35.87 -15.99 -31.45
C ASP W 62 35.69 -14.98 -30.33
N GLY W 63 34.50 -14.39 -30.26
CA GLY W 63 34.20 -13.39 -29.26
C GLY W 63 35.03 -12.12 -29.36
N ARG W 64 35.65 -11.89 -30.50
CA ARG W 64 36.64 -10.81 -30.64
C ARG W 64 36.27 -9.91 -31.82
N VAL W 65 36.33 -8.61 -31.60
CA VAL W 65 36.00 -7.62 -32.62
C VAL W 65 37.14 -7.55 -33.63
N ILE W 66 36.84 -7.81 -34.89
CA ILE W 66 37.79 -7.63 -35.98
C ILE W 66 37.33 -6.60 -37.01
N GLY W 67 36.12 -6.07 -36.88
CA GLY W 67 35.65 -5.07 -37.81
C GLY W 67 34.23 -4.68 -37.47
N GLY W 68 33.74 -3.67 -38.17
CA GLY W 68 32.36 -3.29 -38.01
C GLY W 68 32.04 -2.06 -38.84
N ILE W 69 30.77 -1.67 -38.79
CA ILE W 69 30.26 -0.46 -39.41
C ILE W 69 29.52 0.33 -38.35
N CYS W 70 29.96 1.55 -38.10
CA CYS W 70 29.23 2.45 -37.23
C CYS W 70 28.28 3.30 -38.07
N PHE W 71 26.99 3.20 -37.79
CA PHE W 71 25.98 3.89 -38.58
C PHE W 71 24.98 4.61 -37.68
N ARG W 72 24.29 5.58 -38.28
CA ARG W 72 23.35 6.45 -37.58
C ARG W 72 22.05 6.49 -38.38
N MET W 73 21.00 5.89 -37.82
CA MET W 73 19.71 5.85 -38.50
C MET W 73 18.93 7.13 -38.29
N PHE W 74 18.28 7.57 -39.36
CA PHE W 74 17.43 8.76 -39.35
C PHE W 74 16.06 8.36 -39.87
N PRO W 75 15.35 7.48 -39.17
CA PRO W 75 14.07 6.99 -39.70
C PRO W 75 13.07 8.12 -39.96
N THR W 76 13.29 9.28 -39.35
CA THR W 76 12.48 10.44 -39.70
C THR W 76 12.76 10.91 -41.12
N GLN W 77 13.99 10.74 -41.61
CA GLN W 77 14.37 11.25 -42.91
C GLN W 77 14.46 10.19 -44.00
N GLY W 78 14.44 8.92 -43.66
CA GLY W 78 14.45 7.87 -44.66
C GLY W 78 15.82 7.39 -45.11
N PHE W 79 16.87 7.62 -44.33
CA PHE W 79 18.20 7.16 -44.70
C PHE W 79 19.02 6.87 -43.45
N THR W 80 20.08 6.09 -43.63
CA THR W 80 21.05 5.87 -42.59
C THR W 80 22.40 6.44 -43.02
N GLU W 81 23.07 7.12 -42.10
CA GLU W 81 24.42 7.60 -42.33
C GLU W 81 25.42 6.50 -42.00
N ILE W 82 26.35 6.25 -42.91
CA ILE W 82 27.47 5.34 -42.64
C ILE W 82 28.61 6.17 -42.10
N VAL W 83 29.02 5.90 -40.88
CA VAL W 83 29.96 6.77 -40.20
C VAL W 83 31.36 6.18 -40.28
N PHE W 84 31.52 5.01 -39.68
CA PHE W 84 32.81 4.33 -39.60
C PHE W 84 32.69 2.95 -40.20
N CYS W 85 33.76 2.52 -40.84
CA CYS W 85 33.69 1.36 -41.72
C CYS W 85 35.10 0.79 -41.81
N ALA W 86 35.36 -0.29 -41.09
CA ALA W 86 36.73 -0.76 -41.03
C ALA W 86 36.79 -2.24 -40.69
N VAL W 87 37.77 -2.92 -41.26
CA VAL W 87 38.15 -4.27 -40.88
C VAL W 87 39.61 -4.21 -40.49
N THR W 88 39.96 -4.87 -39.40
CA THR W 88 41.33 -4.74 -38.90
C THR W 88 42.31 -5.30 -39.92
N SER W 89 43.52 -4.73 -39.92
CA SER W 89 44.46 -4.94 -41.03
C SER W 89 44.83 -6.42 -41.21
N ASN W 90 44.83 -7.21 -40.14
CA ASN W 90 45.21 -8.61 -40.27
C ASN W 90 44.12 -9.43 -40.95
N GLU W 91 42.87 -9.03 -40.81
CA GLU W 91 41.76 -9.82 -41.33
C GLU W 91 41.17 -9.24 -42.61
N GLN W 92 41.91 -8.38 -43.30
CA GLN W 92 41.43 -7.83 -44.55
C GLN W 92 41.63 -8.84 -45.68
N VAL W 93 41.07 -8.49 -46.84
CA VAL W 93 41.17 -9.30 -48.05
C VAL W 93 40.76 -10.74 -47.77
N LYS W 94 39.67 -10.90 -47.02
CA LYS W 94 39.08 -12.20 -46.77
C LYS W 94 37.58 -12.20 -47.07
N GLY W 95 37.08 -11.13 -47.69
CA GLY W 95 35.66 -11.01 -47.98
C GLY W 95 34.83 -10.50 -46.84
N TYR W 96 35.46 -9.99 -45.78
CA TYR W 96 34.71 -9.59 -44.59
C TYR W 96 34.00 -8.26 -44.79
N GLY W 97 34.62 -7.34 -45.53
CA GLY W 97 34.01 -6.05 -45.75
C GLY W 97 32.71 -6.13 -46.51
N THR W 98 32.57 -7.11 -47.38
CA THR W 98 31.33 -7.27 -48.13
C THR W 98 30.25 -7.89 -47.26
N HIS W 99 30.59 -8.95 -46.53
CA HIS W 99 29.63 -9.55 -45.61
C HIS W 99 29.11 -8.51 -44.63
N LEU W 100 30.00 -7.65 -44.14
CA LEU W 100 29.57 -6.61 -43.22
C LEU W 100 28.53 -5.71 -43.85
N MET W 101 28.78 -5.26 -45.07
CA MET W 101 27.86 -4.35 -45.73
C MET W 101 26.54 -5.04 -46.06
N ASN W 102 26.61 -6.26 -46.57
CA ASN W 102 25.38 -6.97 -46.91
C ASN W 102 24.52 -7.20 -45.67
N HIS W 103 25.15 -7.59 -44.56
CA HIS W 103 24.38 -7.76 -43.34
C HIS W 103 23.76 -6.45 -42.87
N LEU W 104 24.42 -5.32 -43.15
CA LEU W 104 23.82 -4.04 -42.80
C LEU W 104 22.69 -3.69 -43.74
N LYS W 105 22.75 -4.14 -44.97
CA LYS W 105 21.68 -3.83 -45.90
C LYS W 105 20.42 -4.59 -45.54
N GLU W 106 20.55 -5.87 -45.20
CA GLU W 106 19.36 -6.62 -44.83
C GLU W 106 18.82 -6.15 -43.50
N TYR W 107 19.70 -5.76 -42.58
CA TYR W 107 19.22 -5.16 -41.34
C TYR W 107 18.34 -3.95 -41.62
N HIS W 108 18.68 -3.20 -42.67
CA HIS W 108 18.02 -1.94 -42.92
C HIS W 108 16.74 -2.06 -43.72
N ILE W 109 16.64 -3.04 -44.62
CA ILE W 109 15.38 -3.20 -45.32
C ILE W 109 14.31 -3.72 -44.37
N LYS W 110 14.71 -4.55 -43.40
CA LYS W 110 13.76 -5.01 -42.42
C LYS W 110 13.33 -3.91 -41.46
N HIS W 111 13.94 -2.72 -41.55
CA HIS W 111 13.52 -1.56 -40.77
C HIS W 111 12.97 -0.45 -41.67
N ASN W 112 12.66 -0.77 -42.92
CA ASN W 112 12.03 0.17 -43.86
C ASN W 112 12.86 1.45 -43.99
N ILE W 113 14.16 1.26 -44.13
CA ILE W 113 15.10 2.29 -44.53
C ILE W 113 15.83 1.76 -45.75
N LEU W 114 15.78 2.51 -46.85
CA LEU W 114 16.27 1.98 -48.12
C LEU W 114 17.36 2.83 -48.73
N TYR W 115 17.92 3.79 -48.01
CA TYR W 115 18.97 4.65 -48.53
C TYR W 115 20.11 4.73 -47.53
N PHE W 116 21.33 4.44 -47.98
CA PHE W 116 22.52 4.77 -47.21
C PHE W 116 23.12 6.05 -47.77
N LEU W 117 23.65 6.89 -46.87
CA LEU W 117 24.41 8.06 -47.27
C LEU W 117 25.70 8.10 -46.46
N THR W 118 26.78 8.52 -47.10
CA THR W 118 28.04 8.59 -46.39
C THR W 118 28.88 9.66 -47.04
N TYR W 119 29.74 10.28 -46.25
CA TYR W 119 30.82 11.13 -46.74
C TYR W 119 32.12 10.34 -46.63
N ALA W 120 32.80 10.15 -47.75
CA ALA W 120 33.94 9.25 -47.83
C ALA W 120 35.22 10.00 -48.19
N ASP W 121 36.32 9.55 -47.60
CA ASP W 121 37.66 9.97 -48.01
C ASP W 121 37.92 9.56 -49.44
N GLU W 122 39.05 10.01 -49.97
CA GLU W 122 39.53 9.41 -51.20
C GLU W 122 39.94 7.97 -50.99
N TYR W 123 40.25 7.59 -49.76
CA TYR W 123 40.72 6.25 -49.47
C TYR W 123 39.60 5.27 -49.26
N ALA W 124 38.37 5.75 -49.09
CA ALA W 124 37.24 4.87 -48.90
C ALA W 124 36.37 4.71 -50.13
N ILE W 125 36.51 5.62 -51.11
CA ILE W 125 35.59 5.64 -52.24
C ILE W 125 35.54 4.28 -52.93
N GLY W 126 36.68 3.60 -53.02
CA GLY W 126 36.72 2.34 -53.73
C GLY W 126 35.89 1.27 -53.06
N TYR W 127 35.95 1.19 -51.73
CA TYR W 127 35.15 0.21 -51.01
C TYR W 127 33.67 0.51 -51.17
N PHE W 128 33.29 1.77 -51.08
CA PHE W 128 31.88 2.10 -51.24
C PHE W 128 31.42 1.86 -52.68
N LYS W 129 32.28 2.15 -53.66
CA LYS W 129 31.97 1.80 -55.04
C LYS W 129 31.75 0.30 -55.18
N LYS W 130 32.65 -0.51 -54.63
CA LYS W 130 32.49 -1.95 -54.71
C LYS W 130 31.18 -2.40 -54.09
N GLN W 131 30.74 -1.74 -53.03
CA GLN W 131 29.54 -2.18 -52.35
C GLN W 131 28.27 -1.62 -52.96
N GLY W 132 28.36 -0.94 -54.09
CA GLY W 132 27.18 -0.46 -54.76
C GLY W 132 26.81 0.97 -54.48
N PHE W 133 27.71 1.75 -53.93
CA PHE W 133 27.41 3.14 -53.66
C PHE W 133 27.76 3.99 -54.87
N SER W 134 27.05 5.09 -55.03
CA SER W 134 27.16 5.91 -56.23
C SER W 134 27.25 7.38 -55.86
N LYS W 135 27.87 8.17 -56.72
CA LYS W 135 27.97 9.60 -56.52
C LYS W 135 26.74 10.37 -56.97
N ASP W 136 25.74 9.68 -57.50
CA ASP W 136 24.50 10.34 -57.93
C ASP W 136 23.51 10.25 -56.79
N ILE W 137 23.30 11.37 -56.11
CA ILE W 137 22.49 11.41 -54.91
C ILE W 137 21.05 11.69 -55.33
N LYS W 138 20.18 10.69 -55.20
CA LYS W 138 18.77 10.88 -55.46
C LYS W 138 18.08 11.65 -54.34
N VAL W 139 18.50 11.43 -53.10
CA VAL W 139 17.97 12.20 -51.97
C VAL W 139 18.25 13.69 -52.20
N PRO W 140 17.29 14.58 -51.95
CA PRO W 140 17.57 16.01 -52.06
C PRO W 140 18.46 16.48 -50.93
N LYS W 141 19.17 17.58 -51.20
CA LYS W 141 20.07 18.11 -50.17
C LYS W 141 19.28 18.61 -48.96
N SER W 142 18.06 19.06 -49.17
CA SER W 142 17.26 19.56 -48.04
C SER W 142 16.84 18.47 -47.07
N ARG W 143 17.18 17.21 -47.31
CA ARG W 143 16.74 16.12 -46.43
C ARG W 143 17.86 15.52 -45.61
N TYR W 144 19.10 15.60 -46.06
CA TYR W 144 20.21 15.08 -45.29
C TYR W 144 21.11 16.15 -44.72
N LEU W 145 21.23 17.29 -45.40
CA LEU W 145 22.16 18.31 -44.93
C LEU W 145 21.76 18.79 -43.55
N GLY W 146 22.75 18.92 -42.68
CA GLY W 146 22.51 19.23 -41.29
C GLY W 146 22.35 18.04 -40.39
N TYR W 147 22.04 16.87 -40.93
CA TYR W 147 22.01 15.64 -40.14
C TYR W 147 23.32 14.88 -40.29
N ILE W 148 23.70 14.58 -41.50
CA ILE W 148 24.99 13.96 -41.74
C ILE W 148 26.06 15.04 -41.76
N LYS W 149 27.24 14.69 -41.27
CA LYS W 149 28.32 15.64 -41.06
C LYS W 149 28.97 15.93 -42.41
N ASP W 150 28.66 17.08 -42.98
CA ASP W 150 29.26 17.49 -44.23
C ASP W 150 30.63 18.11 -43.99
N TYR W 151 31.57 17.80 -44.88
CA TYR W 151 32.91 18.34 -44.79
C TYR W 151 33.44 18.70 -46.16
N GLU W 152 34.14 19.82 -46.24
CA GLU W 152 34.78 20.22 -47.48
C GLU W 152 35.80 19.16 -47.91
N GLY W 153 35.71 18.75 -49.17
CA GLY W 153 36.61 17.75 -49.71
C GLY W 153 36.15 16.33 -49.59
N ALA W 154 35.01 16.09 -48.95
CA ALA W 154 34.49 14.74 -48.83
C ALA W 154 33.52 14.46 -49.96
N THR W 155 33.48 13.21 -50.38
CA THR W 155 32.63 12.79 -51.50
C THR W 155 31.39 12.11 -50.95
N LEU W 156 30.24 12.79 -51.09
CA LEU W 156 28.98 12.18 -50.71
C LEU W 156 28.62 11.04 -51.66
N MET W 157 28.34 9.88 -51.08
CA MET W 157 28.00 8.70 -51.85
C MET W 157 26.74 8.07 -51.29
N GLU W 158 26.00 7.42 -52.17
CA GLU W 158 24.65 6.95 -51.89
C GLU W 158 24.54 5.50 -52.33
N CYS W 159 23.77 4.73 -51.57
CA CYS W 159 23.42 3.38 -51.94
C CYS W 159 21.91 3.22 -51.80
N GLU W 160 21.27 2.74 -52.86
CA GLU W 160 19.83 2.50 -52.85
C GLU W 160 19.59 1.01 -52.64
N LEU W 161 18.75 0.68 -51.66
CA LEU W 161 18.52 -0.70 -51.26
C LEU W 161 17.23 -1.22 -51.86
N ASN W 162 17.29 -2.39 -52.44
CA ASN W 162 16.11 -3.00 -53.03
C ASN W 162 15.46 -3.91 -52.01
N PRO W 163 14.37 -3.49 -51.39
CA PRO W 163 13.79 -4.30 -50.32
C PRO W 163 13.14 -5.56 -50.82
N ARG W 164 13.25 -5.86 -52.10
CA ARG W 164 12.68 -7.07 -52.66
C ARG W 164 13.70 -8.18 -52.83
N ILE W 165 14.98 -7.90 -52.64
CA ILE W 165 16.01 -8.94 -52.76
C ILE W 165 16.58 -9.22 -51.37
N PRO W 166 16.78 -10.48 -51.01
CA PRO W 166 17.39 -10.81 -49.70
C PRO W 166 18.90 -10.68 -49.77
N TYR W 167 19.44 -9.72 -49.00
CA TYR W 167 20.88 -9.52 -48.97
C TYR W 167 21.58 -10.59 -48.16
N THR W 168 20.90 -11.17 -47.17
CA THR W 168 21.39 -12.32 -46.41
C THR W 168 20.26 -13.27 -46.03
N ILE X 5 -45.00 -24.58 2.64
CA ILE X 5 -45.18 -23.25 2.07
C ILE X 5 -44.34 -22.24 2.86
N GLU X 6 -43.82 -21.21 2.16
CA GLU X 6 -43.10 -20.13 2.80
C GLU X 6 -43.01 -18.95 1.84
N PHE X 7 -43.37 -17.76 2.31
CA PHE X 7 -43.48 -16.56 1.49
C PHE X 7 -42.20 -15.74 1.57
N HIS X 8 -41.62 -15.42 0.42
CA HIS X 8 -40.41 -14.60 0.36
C HIS X 8 -40.63 -13.41 -0.56
N VAL X 9 -40.14 -12.25 -0.15
CA VAL X 9 -40.16 -11.07 -1.01
C VAL X 9 -38.89 -11.10 -1.85
N ILE X 10 -39.06 -11.15 -3.17
CA ILE X 10 -37.94 -11.27 -4.10
C ILE X 10 -38.13 -10.30 -5.26
N GLY X 11 -37.05 -10.13 -6.01
CA GLY X 11 -37.05 -9.25 -7.16
C GLY X 11 -35.65 -9.02 -7.68
N ASN X 12 -35.47 -9.14 -8.99
CA ASN X 12 -34.19 -8.80 -9.59
C ASN X 12 -33.82 -7.37 -9.20
N SER X 13 -32.54 -7.16 -8.87
CA SER X 13 -32.08 -5.84 -8.48
C SER X 13 -30.83 -5.42 -9.25
N ALA X 18 -30.64 -11.44 -8.15
CA ALA X 18 -29.40 -11.72 -8.86
C ALA X 18 -28.87 -13.10 -8.52
N ASN X 19 -29.39 -13.69 -7.45
CA ASN X 19 -28.91 -15.02 -7.06
C ASN X 19 -29.67 -16.09 -7.84
N ARG X 20 -29.28 -17.34 -7.58
CA ARG X 20 -29.62 -18.42 -8.50
C ARG X 20 -31.08 -18.84 -8.36
N ARG X 21 -31.52 -19.13 -7.14
CA ARG X 21 -32.84 -19.74 -7.00
C ARG X 21 -33.98 -18.74 -7.16
N VAL X 22 -33.75 -17.46 -6.82
CA VAL X 22 -34.81 -16.47 -7.02
C VAL X 22 -34.89 -16.09 -8.49
N LEU X 23 -33.78 -16.20 -9.22
CA LEU X 23 -33.82 -16.02 -10.67
C LEU X 23 -34.80 -17.01 -11.29
N LEU X 24 -34.65 -18.29 -10.95
CA LEU X 24 -35.59 -19.30 -11.43
C LEU X 24 -36.99 -19.08 -10.85
N TRP X 25 -37.08 -18.60 -9.61
CA TRP X 25 -38.39 -18.30 -9.04
C TRP X 25 -39.07 -17.18 -9.80
N LEU X 26 -38.31 -16.18 -10.26
CA LEU X 26 -38.91 -15.11 -11.03
C LEU X 26 -39.38 -15.62 -12.38
N VAL X 27 -38.60 -16.50 -13.00
CA VAL X 27 -39.01 -17.10 -14.26
C VAL X 27 -40.33 -17.84 -14.07
N GLY X 28 -40.39 -18.72 -13.07
CA GLY X 28 -41.63 -19.41 -12.78
C GLY X 28 -42.78 -18.45 -12.54
N LEU X 29 -42.52 -17.36 -11.81
CA LEU X 29 -43.54 -16.34 -11.62
C LEU X 29 -44.01 -15.80 -12.95
N GLN X 30 -43.08 -15.47 -13.83
CA GLN X 30 -43.44 -14.96 -15.14
C GLN X 30 -44.25 -15.98 -15.93
N ASN X 31 -44.01 -17.27 -15.70
CA ASN X 31 -44.83 -18.28 -16.36
C ASN X 31 -46.23 -18.32 -15.78
N VAL X 32 -46.33 -18.29 -14.45
CA VAL X 32 -47.64 -18.39 -13.81
C VAL X 32 -48.47 -17.18 -14.15
N PHE X 33 -47.88 -15.98 -14.09
CA PHE X 33 -48.60 -14.78 -14.48
C PHE X 33 -49.08 -14.88 -15.92
N SER X 34 -48.19 -15.28 -16.83
CA SER X 34 -48.50 -15.24 -18.25
C SER X 34 -49.66 -16.16 -18.60
N HIS X 35 -49.60 -17.41 -18.16
CA HIS X 35 -50.65 -18.35 -18.49
C HIS X 35 -51.95 -17.99 -17.79
N GLN X 36 -51.88 -17.68 -16.49
CA GLN X 36 -53.06 -17.29 -15.74
C GLN X 36 -53.60 -15.94 -16.18
N LEU X 37 -52.88 -15.19 -17.00
CA LEU X 37 -53.35 -13.93 -17.56
C LEU X 37 -53.16 -14.00 -19.07
N PRO X 38 -54.08 -14.66 -19.77
CA PRO X 38 -53.89 -14.97 -21.19
C PRO X 38 -53.69 -13.74 -22.07
N ARG X 39 -54.14 -12.56 -21.63
CA ARG X 39 -54.23 -11.43 -22.55
C ARG X 39 -52.86 -10.86 -22.89
N MET X 40 -52.06 -10.58 -21.88
CA MET X 40 -50.95 -9.67 -22.05
C MET X 40 -49.70 -10.39 -22.54
N PRO X 41 -48.95 -9.72 -23.42
CA PRO X 41 -47.73 -10.32 -23.96
C PRO X 41 -46.78 -10.72 -22.87
N LYS X 42 -46.18 -11.90 -23.01
CA LYS X 42 -45.24 -12.38 -22.02
C LYS X 42 -44.00 -11.48 -21.95
N GLU X 43 -43.59 -10.90 -23.08
CA GLU X 43 -42.49 -9.94 -23.04
C GLU X 43 -42.77 -8.86 -22.01
N TYR X 44 -44.02 -8.40 -21.96
CA TYR X 44 -44.39 -7.35 -21.02
C TYR X 44 -44.40 -7.86 -19.59
N ILE X 45 -44.95 -9.06 -19.38
CA ILE X 45 -44.98 -9.62 -18.04
C ILE X 45 -43.55 -9.88 -17.54
N ALA X 46 -42.66 -10.32 -18.42
CA ALA X 46 -41.29 -10.57 -17.98
C ALA X 46 -40.59 -9.27 -17.64
N ARG X 47 -40.75 -8.27 -18.50
CA ARG X 47 -40.07 -7.00 -18.27
C ARG X 47 -40.46 -6.40 -16.93
N LEU X 48 -41.73 -6.54 -16.53
CA LEU X 48 -42.14 -6.00 -15.24
C LEU X 48 -41.66 -6.89 -14.10
N VAL X 49 -41.82 -8.20 -14.23
CA VAL X 49 -41.37 -9.10 -13.17
C VAL X 49 -39.87 -8.97 -12.94
N PHE X 50 -39.13 -8.73 -14.01
CA PHE X 50 -37.68 -8.60 -13.91
C PHE X 50 -37.23 -7.15 -13.85
N ASP X 51 -38.17 -6.21 -13.74
CA ASP X 51 -37.78 -4.83 -13.51
C ASP X 51 -37.14 -4.70 -12.13
N PRO X 52 -36.07 -3.92 -12.00
CA PRO X 52 -35.42 -3.80 -10.67
C PRO X 52 -36.32 -3.19 -9.61
N LYS X 53 -37.16 -2.22 -9.96
CA LYS X 53 -37.96 -1.53 -8.97
C LYS X 53 -39.31 -2.19 -8.72
N HIS X 54 -39.68 -3.19 -9.50
CA HIS X 54 -40.78 -4.07 -9.13
C HIS X 54 -40.28 -5.14 -8.19
N LYS X 55 -41.19 -5.66 -7.38
CA LYS X 55 -40.85 -6.78 -6.50
C LYS X 55 -41.97 -7.80 -6.56
N THR X 56 -41.68 -8.98 -6.04
CA THR X 56 -42.67 -10.03 -5.98
C THR X 56 -42.61 -10.75 -4.65
N LEU X 57 -43.78 -10.93 -4.05
CA LEU X 57 -43.95 -11.82 -2.91
C LEU X 57 -44.31 -13.19 -3.46
N ALA X 58 -43.47 -14.18 -3.17
CA ALA X 58 -43.53 -15.47 -3.83
C ALA X 58 -44.16 -16.51 -2.91
N LEU X 59 -45.08 -17.30 -3.47
CA LEU X 59 -45.66 -18.47 -2.83
C LEU X 59 -44.85 -19.69 -3.25
N ILE X 60 -44.22 -20.38 -2.28
CA ILE X 60 -43.25 -21.41 -2.59
C ILE X 60 -43.56 -22.68 -1.80
N LYS X 61 -43.74 -23.80 -2.50
CA LYS X 61 -43.88 -25.12 -1.90
C LYS X 61 -42.84 -26.04 -2.51
N ASP X 62 -42.15 -26.79 -1.65
CA ASP X 62 -41.13 -27.75 -2.09
C ASP X 62 -40.11 -27.08 -3.01
N GLY X 63 -39.91 -25.77 -2.83
CA GLY X 63 -38.94 -25.05 -3.61
C GLY X 63 -39.43 -24.45 -4.91
N ARG X 64 -40.63 -24.77 -5.37
CA ARG X 64 -41.14 -24.14 -6.58
C ARG X 64 -42.19 -23.08 -6.25
N VAL X 65 -42.44 -22.24 -7.24
CA VAL X 65 -43.34 -21.12 -7.11
C VAL X 65 -44.77 -21.60 -7.28
N ILE X 66 -45.54 -21.60 -6.19
CA ILE X 66 -46.98 -21.81 -6.27
C ILE X 66 -47.66 -20.59 -6.87
N GLY X 67 -47.24 -19.41 -6.46
CA GLY X 67 -47.90 -18.20 -6.89
C GLY X 67 -47.11 -16.99 -6.46
N GLY X 68 -47.72 -15.83 -6.64
CA GLY X 68 -47.02 -14.60 -6.34
C GLY X 68 -47.90 -13.39 -6.57
N ILE X 69 -47.46 -12.29 -6.01
CA ILE X 69 -48.06 -10.98 -6.21
C ILE X 69 -46.94 -10.04 -6.63
N CYS X 70 -47.00 -9.57 -7.86
CA CYS X 70 -45.98 -8.66 -8.37
C CYS X 70 -46.43 -7.23 -8.12
N PHE X 71 -45.65 -6.49 -7.35
CA PHE X 71 -46.01 -5.14 -6.99
C PHE X 71 -44.86 -4.20 -7.30
N ARG X 72 -45.19 -2.92 -7.35
CA ARG X 72 -44.25 -1.86 -7.67
C ARG X 72 -44.40 -0.76 -6.64
N MET X 73 -43.33 -0.54 -5.87
CA MET X 73 -43.37 0.38 -4.74
C MET X 73 -43.19 1.82 -5.19
N PHE X 74 -44.05 2.70 -4.69
CA PHE X 74 -43.92 4.14 -4.88
C PHE X 74 -43.82 4.80 -3.52
N PRO X 75 -42.64 4.79 -2.90
CA PRO X 75 -42.50 5.35 -1.55
C PRO X 75 -42.67 6.86 -1.49
N THR X 76 -42.51 7.56 -2.63
CA THR X 76 -42.60 9.02 -2.62
C THR X 76 -44.02 9.53 -2.58
N GLN X 77 -45.02 8.68 -2.81
CA GLN X 77 -46.42 9.07 -2.61
C GLN X 77 -47.18 8.16 -1.68
N GLY X 78 -46.56 7.14 -1.12
CA GLY X 78 -47.24 6.36 -0.10
C GLY X 78 -48.24 5.36 -0.63
N PHE X 79 -48.11 4.95 -1.88
CA PHE X 79 -48.88 3.82 -2.40
C PHE X 79 -47.93 2.88 -3.12
N THR X 80 -48.43 1.66 -3.33
CA THR X 80 -47.76 0.65 -4.13
C THR X 80 -48.75 0.13 -5.16
N GLU X 81 -48.35 0.09 -6.42
CA GLU X 81 -49.13 -0.54 -7.45
C GLU X 81 -48.82 -2.02 -7.45
N ILE X 82 -49.84 -2.85 -7.26
CA ILE X 82 -49.69 -4.29 -7.45
C ILE X 82 -50.07 -4.58 -8.90
N VAL X 83 -49.28 -5.41 -9.55
CA VAL X 83 -49.39 -5.57 -10.99
C VAL X 83 -50.00 -6.90 -11.36
N PHE X 84 -49.53 -7.98 -10.74
CA PHE X 84 -49.92 -9.33 -11.12
C PHE X 84 -50.30 -10.13 -9.89
N CYS X 85 -51.40 -10.87 -10.01
CA CYS X 85 -51.95 -11.73 -8.96
C CYS X 85 -52.23 -13.10 -9.54
N ALA X 86 -51.51 -14.11 -9.07
CA ALA X 86 -51.73 -15.41 -9.65
C ALA X 86 -51.36 -16.51 -8.67
N VAL X 87 -52.18 -17.56 -8.68
CA VAL X 87 -51.86 -18.85 -8.09
C VAL X 87 -52.11 -19.90 -9.16
N THR X 88 -51.26 -20.92 -9.22
CA THR X 88 -51.47 -22.02 -10.14
C THR X 88 -52.83 -22.66 -9.87
N SER X 89 -53.58 -22.94 -10.94
CA SER X 89 -54.86 -23.63 -10.75
C SER X 89 -54.65 -24.99 -10.11
N ASN X 90 -53.46 -25.56 -10.24
CA ASN X 90 -53.09 -26.77 -9.48
C ASN X 90 -53.30 -26.58 -7.99
N GLU X 91 -53.13 -25.36 -7.49
CA GLU X 91 -53.28 -25.06 -6.07
C GLU X 91 -54.31 -23.98 -5.81
N GLN X 92 -55.03 -23.53 -6.84
CA GLN X 92 -56.16 -22.65 -6.65
C GLN X 92 -57.24 -23.38 -5.84
N VAL X 93 -58.21 -22.60 -5.33
CA VAL X 93 -59.28 -23.05 -4.43
C VAL X 93 -58.70 -23.93 -3.34
N LYS X 94 -57.51 -23.58 -2.90
CA LYS X 94 -56.97 -24.03 -1.63
C LYS X 94 -57.14 -22.95 -0.57
N GLY X 95 -57.63 -21.78 -0.98
CA GLY X 95 -58.12 -20.75 -0.09
C GLY X 95 -57.16 -19.62 0.15
N TYR X 96 -55.91 -19.75 -0.29
CA TYR X 96 -54.84 -18.93 0.26
C TYR X 96 -54.22 -18.00 -0.75
N GLY X 97 -54.97 -17.62 -1.79
CA GLY X 97 -54.71 -16.36 -2.45
C GLY X 97 -54.92 -15.20 -1.50
N THR X 98 -55.73 -15.41 -0.47
CA THR X 98 -55.92 -14.41 0.57
C THR X 98 -54.63 -14.18 1.35
N HIS X 99 -54.01 -15.26 1.86
CA HIS X 99 -52.86 -15.12 2.75
C HIS X 99 -51.61 -14.70 2.02
N LEU X 100 -51.56 -14.87 0.71
CA LEU X 100 -50.53 -14.20 -0.07
C LEU X 100 -50.70 -12.68 0.02
N MET X 101 -51.92 -12.18 -0.24
CA MET X 101 -52.18 -10.74 -0.16
C MET X 101 -52.14 -10.27 1.30
N ASN X 102 -52.57 -11.13 2.23
CA ASN X 102 -52.47 -10.84 3.65
C ASN X 102 -51.01 -10.63 4.08
N HIS X 103 -50.12 -11.52 3.64
CA HIS X 103 -48.70 -11.39 3.93
C HIS X 103 -48.12 -10.12 3.30
N LEU X 104 -48.71 -9.66 2.19
CA LEU X 104 -48.18 -8.49 1.49
C LEU X 104 -48.52 -7.20 2.23
N LYS X 105 -49.77 -7.07 2.67
CA LYS X 105 -50.17 -5.89 3.42
C LYS X 105 -49.22 -5.63 4.57
N GLU X 106 -48.89 -6.67 5.33
CA GLU X 106 -48.04 -6.49 6.50
C GLU X 106 -46.66 -6.04 6.10
N TYR X 107 -46.09 -6.64 5.05
CA TYR X 107 -44.78 -6.22 4.58
C TYR X 107 -44.77 -4.73 4.23
N HIS X 108 -45.92 -4.19 3.86
CA HIS X 108 -45.98 -2.79 3.46
C HIS X 108 -46.26 -1.85 4.63
N ILE X 109 -46.96 -2.32 5.66
CA ILE X 109 -47.22 -1.48 6.82
C ILE X 109 -45.92 -1.16 7.54
N LYS X 110 -45.02 -2.14 7.64
CA LYS X 110 -43.70 -1.86 8.21
C LYS X 110 -42.87 -0.99 7.29
N HIS X 111 -43.11 -1.04 5.98
CA HIS X 111 -42.38 -0.21 5.03
C HIS X 111 -43.01 1.16 4.83
N ASN X 112 -44.02 1.50 5.63
CA ASN X 112 -44.66 2.82 5.64
C ASN X 112 -45.45 3.11 4.37
N ILE X 113 -45.81 2.10 3.60
CA ILE X 113 -46.78 2.25 2.53
C ILE X 113 -48.07 1.61 2.99
N LEU X 114 -49.17 2.35 2.89
CA LEU X 114 -50.42 1.86 3.42
C LEU X 114 -51.46 1.55 2.37
N TYR X 115 -51.27 1.99 1.12
CA TYR X 115 -52.34 1.88 0.13
C TYR X 115 -51.88 1.10 -1.10
N PHE X 116 -52.76 0.23 -1.58
CA PHE X 116 -52.50 -0.62 -2.74
C PHE X 116 -53.43 -0.21 -3.89
N LEU X 117 -52.88 -0.18 -5.10
CA LEU X 117 -53.60 0.25 -6.30
C LEU X 117 -53.46 -0.78 -7.41
N THR X 118 -54.58 -1.13 -8.04
CA THR X 118 -54.61 -1.91 -9.28
C THR X 118 -55.63 -1.34 -10.24
N TYR X 119 -55.40 -1.60 -11.52
CA TYR X 119 -56.48 -1.69 -12.49
C TYR X 119 -56.84 -3.15 -12.56
N ALA X 120 -57.93 -3.52 -11.93
CA ALA X 120 -58.24 -4.94 -11.83
C ALA X 120 -59.32 -5.27 -12.84
N ASP X 121 -58.89 -5.88 -13.93
CA ASP X 121 -59.80 -6.51 -14.88
C ASP X 121 -60.77 -7.40 -14.11
N GLU X 122 -62.06 -7.15 -14.28
CA GLU X 122 -63.05 -7.64 -13.35
C GLU X 122 -63.09 -9.16 -13.26
N TYR X 123 -62.30 -9.83 -14.11
CA TYR X 123 -61.81 -11.15 -13.74
C TYR X 123 -61.17 -11.11 -12.37
N ALA X 124 -60.47 -10.04 -12.06
CA ALA X 124 -59.68 -9.93 -10.86
C ALA X 124 -60.38 -9.17 -9.73
N ILE X 125 -61.36 -8.33 -10.05
CA ILE X 125 -62.21 -7.75 -8.99
C ILE X 125 -62.85 -8.84 -8.18
N GLY X 126 -63.44 -9.80 -8.91
CA GLY X 126 -63.88 -11.04 -8.32
C GLY X 126 -62.84 -11.59 -7.39
N TYR X 127 -61.57 -11.56 -7.80
CA TYR X 127 -60.67 -11.73 -6.68
C TYR X 127 -60.67 -10.49 -5.78
N PHE X 128 -60.38 -9.30 -6.32
CA PHE X 128 -59.77 -8.15 -5.63
C PHE X 128 -60.53 -7.68 -4.38
N LYS X 129 -61.81 -7.30 -4.43
CA LYS X 129 -62.34 -6.73 -3.17
C LYS X 129 -62.47 -7.73 -2.02
N LYS X 130 -62.27 -9.02 -2.25
CA LYS X 130 -62.41 -9.94 -1.12
C LYS X 130 -61.44 -9.54 0.00
N GLN X 131 -60.32 -8.91 -0.36
CA GLN X 131 -59.24 -8.64 0.58
C GLN X 131 -59.17 -7.17 0.98
N GLY X 132 -60.24 -6.43 0.75
CA GLY X 132 -60.61 -5.33 1.60
C GLY X 132 -60.55 -3.95 0.98
N PHE X 133 -60.44 -3.82 -0.33
CA PHE X 133 -60.37 -2.45 -0.81
C PHE X 133 -61.65 -2.03 -1.50
N SER X 134 -61.56 -0.94 -2.27
CA SER X 134 -62.76 -0.29 -2.74
C SER X 134 -62.59 0.19 -4.17
N LYS X 135 -63.73 0.19 -4.88
CA LYS X 135 -63.78 0.73 -6.24
C LYS X 135 -63.68 2.24 -6.21
N ASP X 136 -64.41 2.88 -5.29
CA ASP X 136 -64.20 4.30 -5.09
C ASP X 136 -63.00 4.48 -4.19
N ILE X 137 -62.22 5.50 -4.52
CA ILE X 137 -60.88 5.62 -3.98
C ILE X 137 -60.55 7.09 -4.10
N LYS X 138 -59.68 7.58 -3.22
CA LYS X 138 -59.04 8.86 -3.47
C LYS X 138 -57.76 9.06 -2.68
N VAL X 139 -56.74 8.32 -3.07
CA VAL X 139 -55.42 8.91 -3.19
C VAL X 139 -55.69 9.90 -4.31
N PRO X 140 -55.30 11.15 -4.16
CA PRO X 140 -55.59 12.14 -5.21
C PRO X 140 -54.97 11.71 -6.53
N LYS X 141 -55.67 12.07 -7.63
CA LYS X 141 -55.23 11.64 -8.95
C LYS X 141 -54.01 12.42 -9.40
N SER X 142 -53.76 13.57 -8.77
CA SER X 142 -52.48 14.27 -8.83
C SER X 142 -51.32 13.30 -8.67
N ARG X 143 -51.53 12.27 -7.85
CA ARG X 143 -50.46 11.34 -7.54
C ARG X 143 -50.67 9.95 -8.12
N TYR X 144 -51.40 9.80 -9.23
CA TYR X 144 -51.24 8.50 -9.88
C TYR X 144 -51.08 8.51 -11.40
N LEU X 145 -51.60 9.49 -12.12
CA LEU X 145 -51.47 9.42 -13.58
C LEU X 145 -50.02 9.53 -13.98
N GLY X 146 -49.57 8.54 -14.72
CA GLY X 146 -48.20 8.46 -15.10
C GLY X 146 -47.40 7.53 -14.24
N TYR X 147 -47.90 7.16 -13.07
CA TYR X 147 -47.28 6.13 -12.25
C TYR X 147 -47.92 4.78 -12.49
N ILE X 148 -49.19 4.65 -12.13
CA ILE X 148 -49.93 3.45 -12.41
C ILE X 148 -50.19 3.38 -13.91
N LYS X 149 -50.13 2.17 -14.44
CA LYS X 149 -50.30 1.94 -15.86
C LYS X 149 -51.78 1.68 -16.12
N ASP X 150 -52.34 2.40 -17.08
CA ASP X 150 -53.77 2.38 -17.34
C ASP X 150 -54.12 1.11 -18.12
N TYR X 151 -54.64 0.10 -17.41
CA TYR X 151 -55.19 -1.08 -18.05
C TYR X 151 -56.57 -0.73 -18.56
N GLU X 152 -56.68 -0.52 -19.87
CA GLU X 152 -57.97 -0.15 -20.46
C GLU X 152 -58.95 -1.31 -20.40
N GLY X 153 -60.19 -1.00 -20.02
CA GLY X 153 -61.21 -2.01 -19.84
C GLY X 153 -61.33 -2.44 -18.39
N ALA X 154 -60.20 -2.48 -17.68
CA ALA X 154 -60.21 -2.81 -16.27
C ALA X 154 -60.82 -1.65 -15.48
N THR X 155 -60.92 -1.85 -14.17
CA THR X 155 -61.48 -0.84 -13.27
C THR X 155 -60.53 -0.65 -12.11
N LEU X 156 -60.16 0.58 -11.84
CA LEU X 156 -59.08 0.81 -10.89
C LEU X 156 -59.60 0.92 -9.45
N MET X 157 -58.75 0.56 -8.48
CA MET X 157 -59.20 0.38 -7.10
C MET X 157 -58.04 0.56 -6.14
N GLU X 158 -58.39 0.59 -4.85
CA GLU X 158 -57.43 1.06 -3.85
C GLU X 158 -57.76 0.53 -2.47
N CYS X 159 -56.76 -0.08 -1.85
CA CYS X 159 -56.79 -0.53 -0.47
C CYS X 159 -56.12 0.48 0.44
N GLU X 160 -56.56 0.49 1.68
CA GLU X 160 -55.91 1.19 2.78
C GLU X 160 -55.63 0.23 3.91
N LEU X 161 -54.37 0.21 4.38
CA LEU X 161 -53.93 -0.62 5.48
C LEU X 161 -53.95 0.18 6.78
N ASN X 162 -54.31 -0.48 7.88
CA ASN X 162 -54.28 0.09 9.23
C ASN X 162 -53.30 -0.69 10.07
N PRO X 163 -52.39 -0.04 10.81
CA PRO X 163 -51.23 -0.77 11.35
C PRO X 163 -51.51 -1.65 12.55
N ARG X 164 -52.59 -1.45 13.31
CA ARG X 164 -52.79 -2.30 14.49
C ARG X 164 -53.34 -3.67 14.16
N ILE X 165 -53.71 -3.93 12.92
CA ILE X 165 -54.14 -5.27 12.50
C ILE X 165 -52.89 -6.06 12.13
N PRO X 166 -52.52 -7.05 12.92
CA PRO X 166 -51.40 -7.90 12.50
C PRO X 166 -51.99 -8.76 11.40
N TYR X 167 -51.66 -8.43 10.15
CA TYR X 167 -52.11 -9.19 8.99
C TYR X 167 -51.28 -10.47 8.93
N THR X 168 -50.45 -10.70 9.95
CA THR X 168 -49.68 -11.94 10.11
C THR X 168 -50.46 -13.18 9.68
#